data_8EAH
#
_entry.id   8EAH
#
loop_
_entity.id
_entity.type
_entity.pdbx_description
1 polymer 'Minichromosome maintenance protein MCM'
2 polymer '16-mer oligo-dT'
3 non-polymer 'ZINC ION'
4 non-polymer 'MAGNESIUM ION'
5 non-polymer [[[(2R,3S,4R,5R)-5-(6-aminopurin-9-yl)-3,4-bis(oxidanyl)oxolan-2-yl]methoxy-oxidanyl-phosphoryl]oxy-oxidanyl-phosphoryl]oxy-tris(fluoranyl)beryllium
6 water water
#
loop_
_entity_poly.entity_id
_entity_poly.type
_entity_poly.pdbx_seq_one_letter_code
_entity_poly.pdbx_strand_id
1 'polypeptide(L)'
;SLEIPSKQIDYRDVFIEFLTTFKGNNNQNKYIERINELVAYRKKSLIIEFSDVLSFNENLAYEIINNTKIILPILEGALY
DHILQLDPTYQRDIEKVHVRIVGIPRVIELRKIRSTDIGKLITIDGILVKVTPVKERIYKATYKHIHPDCMQEFEWPEDE
EMPEVLEMPTICPKCGKPGQFRLIPEKTKLIDWQKAVIQERPEEVPSGQLPRQLEIILEDDLVDSARPGDRVKVTGILDI
KQDSPVKRGSRAVFDIYMKVSSIEVSGGSGGSSEEDEKKIKDLAKDPWIRDRIISSIAPSIYGHWELKEALALALFGGVP
KVLEDTRIRGDIHILIIGDPGTAKSQMLQFISRVAPRAVYTTGKGSTAAGLTAAVVREKGTGEYYLEAGALVLADGGIAV
IDEIDKMRDEDRVAIHEAMEQQTVSIAKAGIVAKLNARAAVIAAGNPKFGRYISERPVSDNINLPPTILSRFDLIFILKD
QPGEQDRELANYILDVHSGKSTKNIIDIDTLRKYIAYARKYVTPKITSEAKNLITDFFVEMRKKSSETPDSPILITPRQL
EALIRISEAYAKMALKAEVTREDAERAINIMRLFLESVGVDMESGKIDID
;
A,B,C,D,E,F
2 'polydeoxyribonucleotide' (DT)(DT)(DT)(DT)(DT)(DT)(DT)(DT)(DT)(DT)(DT)(DT)(DT)(DT)(DT)(DT) X
#
loop_
_chem_comp.id
_chem_comp.type
_chem_comp.name
_chem_comp.formula
08T non-polymer [[[(2R,3S,4R,5R)-5-(6-aminopurin-9-yl)-3,4-bis(oxidanyl)oxolan-2-yl]methoxy-oxidanyl-phosphoryl]oxy-oxidanyl-phosphoryl]oxy-tris(fluoranyl)beryllium 'C10 H14 Be F3 N5 O10 P2'
DT DNA linking THYMIDINE-5'-MONOPHOSPHATE 'C10 H15 N2 O8 P'
MG non-polymer 'MAGNESIUM ION' 'Mg 2'
ZN non-polymer 'ZINC ION' 'Zn 2'
#
# COMPACT_ATOMS: atom_id res chain seq x y z
N GLN A 8 26.04 -9.94 -58.15
CA GLN A 8 26.16 -10.38 -59.53
C GLN A 8 26.77 -11.77 -59.62
N ILE A 9 28.02 -11.90 -59.19
CA ILE A 9 28.72 -13.18 -59.21
C ILE A 9 28.21 -14.04 -58.06
N ASP A 10 27.79 -15.26 -58.37
CA ASP A 10 27.30 -16.17 -57.35
C ASP A 10 28.46 -16.65 -56.48
N TYR A 11 28.33 -16.45 -55.17
CA TYR A 11 29.38 -16.83 -54.22
C TYR A 11 29.18 -18.23 -53.65
N ARG A 12 28.14 -18.95 -54.08
CA ARG A 12 27.93 -20.31 -53.56
C ARG A 12 29.05 -21.24 -54.03
N ASP A 13 29.65 -20.97 -55.19
CA ASP A 13 30.71 -21.81 -55.69
C ASP A 13 31.97 -21.69 -54.85
N VAL A 14 32.39 -20.46 -54.55
CA VAL A 14 33.58 -20.27 -53.72
C VAL A 14 33.31 -20.70 -52.29
N PHE A 15 32.10 -20.47 -51.80
CA PHE A 15 31.77 -20.84 -50.43
C PHE A 15 31.82 -22.35 -50.22
N ILE A 16 31.26 -23.11 -51.16
CA ILE A 16 31.16 -24.55 -50.95
C ILE A 16 32.54 -25.20 -50.97
N GLU A 17 33.43 -24.73 -51.84
CA GLU A 17 34.79 -25.26 -51.84
C GLU A 17 35.59 -24.73 -50.66
N PHE A 18 35.23 -23.56 -50.13
CA PHE A 18 35.89 -23.05 -48.93
C PHE A 18 35.65 -23.98 -47.76
N LEU A 19 34.42 -24.48 -47.60
CA LEU A 19 34.13 -25.42 -46.54
C LEU A 19 34.92 -26.71 -46.70
N THR A 20 34.98 -27.23 -47.92
CA THR A 20 35.69 -28.48 -48.15
C THR A 20 37.21 -28.30 -48.09
N THR A 21 37.71 -27.14 -48.52
CA THR A 21 39.15 -26.89 -48.59
C THR A 21 39.48 -25.69 -47.70
N PHE A 22 39.95 -25.98 -46.49
CA PHE A 22 40.47 -24.94 -45.61
C PHE A 22 41.34 -25.61 -44.55
N LYS A 23 42.58 -25.14 -44.41
CA LYS A 23 43.54 -25.71 -43.49
C LYS A 23 43.69 -24.81 -42.27
N GLY A 24 43.63 -25.39 -41.09
CA GLY A 24 43.75 -24.67 -39.84
C GLY A 24 45.18 -24.57 -39.36
N ASN A 25 45.31 -24.30 -38.06
CA ASN A 25 46.64 -24.14 -37.46
C ASN A 25 47.45 -25.43 -37.52
N ASN A 26 46.81 -26.58 -37.23
CA ASN A 26 47.48 -27.86 -37.16
C ASN A 26 47.20 -28.73 -38.39
N ASN A 27 46.72 -28.14 -39.48
CA ASN A 27 46.45 -28.87 -40.72
C ASN A 27 45.45 -30.00 -40.48
N GLN A 28 44.23 -29.60 -40.09
CA GLN A 28 43.22 -30.55 -39.65
C GLN A 28 41.92 -30.49 -40.43
N ASN A 29 41.69 -29.43 -41.21
CA ASN A 29 40.44 -29.26 -41.95
C ASN A 29 39.23 -29.26 -41.00
N LYS A 30 39.19 -28.22 -40.17
CA LYS A 30 38.19 -28.15 -39.10
C LYS A 30 36.78 -28.14 -39.67
N TYR A 31 36.55 -27.41 -40.76
CA TYR A 31 35.19 -27.18 -41.24
C TYR A 31 34.54 -28.47 -41.72
N ILE A 32 35.30 -29.33 -42.42
CA ILE A 32 34.74 -30.63 -42.80
C ILE A 32 34.55 -31.49 -41.55
N GLU A 33 35.41 -31.33 -40.54
CA GLU A 33 35.18 -32.01 -39.28
C GLU A 33 34.00 -31.40 -38.53
N ARG A 34 33.85 -30.08 -38.58
CA ARG A 34 32.72 -29.42 -37.93
C ARG A 34 31.40 -29.80 -38.60
N ILE A 35 31.42 -29.94 -39.92
CA ILE A 35 30.20 -30.32 -40.65
C ILE A 35 29.83 -31.78 -40.44
N ASN A 36 30.71 -32.57 -39.85
CA ASN A 36 30.45 -33.99 -39.66
C ASN A 36 29.34 -34.22 -38.64
N GLU A 37 29.54 -33.75 -37.41
CA GLU A 37 28.52 -33.95 -36.38
C GLU A 37 27.28 -33.10 -36.61
N LEU A 38 27.34 -32.13 -37.53
CA LEU A 38 26.13 -31.39 -37.89
C LEU A 38 25.08 -32.32 -38.49
N VAL A 39 25.51 -33.26 -39.32
CA VAL A 39 24.59 -34.25 -39.87
C VAL A 39 24.50 -35.49 -38.96
N ALA A 40 25.55 -35.77 -38.18
CA ALA A 40 25.52 -36.94 -37.30
C ALA A 40 24.58 -36.72 -36.13
N TYR A 41 24.69 -35.56 -35.47
CA TYR A 41 23.86 -35.25 -34.31
C TYR A 41 22.70 -34.33 -34.65
N ARG A 42 22.55 -33.94 -35.93
CA ARG A 42 21.44 -33.11 -36.39
C ARG A 42 21.41 -31.75 -35.68
N LYS A 43 22.52 -31.02 -35.82
CA LYS A 43 22.62 -29.70 -35.20
C LYS A 43 21.78 -28.65 -35.92
N LYS A 44 21.78 -28.68 -37.26
CA LYS A 44 21.08 -27.74 -38.14
C LYS A 44 21.69 -26.35 -38.13
N SER A 45 22.69 -26.09 -37.28
CA SER A 45 23.35 -24.79 -37.21
C SER A 45 24.84 -24.96 -37.41
N LEU A 46 25.45 -24.03 -38.15
CA LEU A 46 26.88 -24.05 -38.42
C LEU A 46 27.51 -22.74 -38.01
N ILE A 47 28.74 -22.81 -37.51
CA ILE A 47 29.48 -21.65 -37.03
C ILE A 47 30.72 -21.49 -37.89
N ILE A 48 30.91 -20.29 -38.45
CA ILE A 48 32.06 -19.98 -39.28
C ILE A 48 32.70 -18.70 -38.76
N GLU A 49 34.03 -18.70 -38.66
CA GLU A 49 34.76 -17.52 -38.23
C GLU A 49 34.94 -16.56 -39.40
N PHE A 50 34.79 -15.26 -39.12
CA PHE A 50 34.95 -14.26 -40.18
C PHE A 50 36.40 -14.16 -40.64
N SER A 51 37.35 -14.33 -39.72
CA SER A 51 38.76 -14.25 -40.10
C SER A 51 39.13 -15.37 -41.06
N ASP A 52 38.59 -16.57 -40.83
CA ASP A 52 38.88 -17.69 -41.72
C ASP A 52 38.37 -17.44 -43.13
N VAL A 53 37.16 -16.91 -43.26
CA VAL A 53 36.61 -16.65 -44.58
C VAL A 53 37.26 -15.41 -45.20
N LEU A 54 37.84 -14.54 -44.37
CA LEU A 54 38.51 -13.36 -44.90
C LEU A 54 39.84 -13.74 -45.55
N SER A 55 40.61 -14.60 -44.90
CA SER A 55 41.88 -15.05 -45.48
C SER A 55 41.66 -15.85 -46.75
N PHE A 56 40.62 -16.69 -46.77
CA PHE A 56 40.35 -17.52 -47.94
C PHE A 56 39.95 -16.66 -49.14
N ASN A 57 38.99 -15.76 -48.94
CA ASN A 57 38.54 -14.88 -50.02
C ASN A 57 37.89 -13.66 -49.40
N GLU A 58 38.54 -12.50 -49.55
CA GLU A 58 38.00 -11.28 -48.97
C GLU A 58 36.71 -10.84 -49.66
N ASN A 59 36.56 -11.19 -50.95
CA ASN A 59 35.33 -10.82 -51.66
C ASN A 59 34.11 -11.47 -51.03
N LEU A 60 34.22 -12.76 -50.67
CA LEU A 60 33.13 -13.43 -49.99
C LEU A 60 32.92 -12.85 -48.59
N ALA A 61 34.00 -12.52 -47.89
CA ALA A 61 33.88 -12.03 -46.52
C ALA A 61 33.16 -10.69 -46.48
N TYR A 62 33.52 -9.77 -47.38
CA TYR A 62 32.91 -8.44 -47.36
C TYR A 62 31.49 -8.44 -47.90
N GLU A 63 31.12 -9.43 -48.72
CA GLU A 63 29.74 -9.53 -49.17
C GLU A 63 28.81 -9.95 -48.05
N ILE A 64 29.29 -10.79 -47.13
CA ILE A 64 28.46 -11.23 -46.01
C ILE A 64 28.11 -10.05 -45.11
N ILE A 65 29.09 -9.21 -44.79
CA ILE A 65 28.86 -8.09 -43.88
C ILE A 65 27.87 -7.10 -44.48
N ASN A 66 28.04 -6.76 -45.76
CA ASN A 66 27.23 -5.70 -46.35
C ASN A 66 25.86 -6.21 -46.79
N ASN A 67 25.84 -7.15 -47.72
CA ASN A 67 24.58 -7.68 -48.26
C ASN A 67 24.16 -8.94 -47.51
N THR A 68 24.02 -8.79 -46.19
CA THR A 68 23.72 -9.94 -45.34
C THR A 68 22.33 -10.49 -45.60
N LYS A 69 21.34 -9.61 -45.80
CA LYS A 69 19.96 -10.04 -45.93
C LYS A 69 19.67 -10.79 -47.22
N ILE A 70 20.61 -10.80 -48.16
CA ILE A 70 20.41 -11.45 -49.45
C ILE A 70 21.35 -12.64 -49.63
N ILE A 71 22.62 -12.49 -49.28
CA ILE A 71 23.57 -13.59 -49.48
C ILE A 71 23.30 -14.73 -48.51
N LEU A 72 22.82 -14.43 -47.30
CA LEU A 72 22.64 -15.48 -46.30
C LEU A 72 21.64 -16.54 -46.71
N PRO A 73 20.43 -16.22 -47.19
CA PRO A 73 19.54 -17.29 -47.66
C PRO A 73 20.13 -18.08 -48.82
N ILE A 74 20.90 -17.43 -49.70
CA ILE A 74 21.53 -18.14 -50.80
C ILE A 74 22.58 -19.11 -50.29
N LEU A 75 23.41 -18.67 -49.34
CA LEU A 75 24.44 -19.54 -48.79
C LEU A 75 23.84 -20.72 -48.04
N GLU A 76 22.72 -20.48 -47.34
CA GLU A 76 22.08 -21.56 -46.60
C GLU A 76 21.58 -22.66 -47.53
N GLY A 77 21.01 -22.27 -48.67
CA GLY A 77 20.53 -23.27 -49.62
C GLY A 77 21.65 -24.14 -50.16
N ALA A 78 22.81 -23.54 -50.44
CA ALA A 78 23.94 -24.32 -50.94
C ALA A 78 24.42 -25.33 -49.91
N LEU A 79 24.47 -24.94 -48.64
CA LEU A 79 24.89 -25.86 -47.59
C LEU A 79 23.91 -27.01 -47.43
N TYR A 80 22.61 -26.72 -47.53
CA TYR A 80 21.60 -27.77 -47.40
C TYR A 80 21.77 -28.83 -48.48
N ASP A 81 22.05 -28.41 -49.71
CA ASP A 81 22.28 -29.37 -50.80
C ASP A 81 23.52 -30.21 -50.53
N HIS A 82 24.57 -29.59 -49.99
CA HIS A 82 25.78 -30.34 -49.68
C HIS A 82 25.53 -31.42 -48.65
N ILE A 83 24.73 -31.11 -47.62
CA ILE A 83 24.39 -32.11 -46.61
C ILE A 83 23.50 -33.19 -47.20
N LEU A 84 22.57 -32.80 -48.07
CA LEU A 84 21.63 -33.76 -48.64
C LEU A 84 22.35 -34.85 -49.42
N GLN A 85 23.31 -34.46 -50.26
CA GLN A 85 24.07 -35.46 -51.02
C GLN A 85 25.02 -36.24 -50.12
N LEU A 86 25.54 -35.61 -49.07
CA LEU A 86 26.45 -36.31 -48.17
C LEU A 86 25.70 -37.34 -47.33
N ASP A 87 24.45 -37.04 -46.96
CA ASP A 87 23.63 -37.96 -46.17
C ASP A 87 22.17 -37.68 -46.49
N PRO A 88 21.54 -38.54 -47.30
CA PRO A 88 20.11 -38.32 -47.60
C PRO A 88 19.20 -38.41 -46.39
N THR A 89 19.65 -39.03 -45.30
CA THR A 89 18.80 -39.16 -44.12
C THR A 89 18.47 -37.81 -43.48
N TYR A 90 19.23 -36.76 -43.79
CA TYR A 90 18.91 -35.44 -43.27
C TYR A 90 17.56 -34.97 -43.77
N GLN A 91 17.15 -35.38 -44.96
CA GLN A 91 15.82 -35.06 -45.46
C GLN A 91 14.76 -35.73 -44.59
N ARG A 92 13.59 -35.09 -44.52
CA ARG A 92 12.48 -35.47 -43.66
C ARG A 92 12.82 -35.37 -42.18
N ASP A 93 14.01 -34.88 -41.84
CA ASP A 93 14.41 -34.65 -40.46
C ASP A 93 14.58 -33.18 -40.14
N ILE A 94 15.42 -32.48 -40.92
CA ILE A 94 15.61 -31.04 -40.80
C ILE A 94 15.50 -30.43 -42.19
N GLU A 95 14.59 -29.48 -42.35
CA GLU A 95 14.31 -28.88 -43.64
C GLU A 95 15.00 -27.54 -43.85
N LYS A 96 15.78 -27.07 -42.89
CA LYS A 96 16.44 -25.78 -43.02
C LYS A 96 17.69 -25.76 -42.13
N VAL A 97 18.77 -25.23 -42.68
CA VAL A 97 20.06 -25.17 -41.99
C VAL A 97 20.48 -23.72 -41.89
N HIS A 98 20.86 -23.30 -40.69
CA HIS A 98 21.30 -21.93 -40.43
C HIS A 98 22.82 -21.88 -40.34
N VAL A 99 23.42 -20.89 -41.00
CA VAL A 99 24.84 -20.63 -40.91
C VAL A 99 25.02 -19.30 -40.17
N ARG A 100 25.81 -19.33 -39.11
CA ARG A 100 25.99 -18.17 -38.23
C ARG A 100 27.44 -17.72 -38.30
N ILE A 101 27.63 -16.41 -38.50
CA ILE A 101 28.94 -15.81 -38.67
C ILE A 101 29.31 -15.08 -37.39
N VAL A 102 30.55 -15.28 -36.93
CA VAL A 102 31.04 -14.66 -35.72
C VAL A 102 32.35 -13.94 -36.02
N GLY A 103 32.74 -13.04 -35.12
CA GLY A 103 33.97 -12.29 -35.29
C GLY A 103 33.86 -11.11 -36.23
N ILE A 104 32.68 -10.53 -36.37
CA ILE A 104 32.51 -9.37 -37.24
C ILE A 104 33.34 -8.20 -36.71
N PRO A 105 34.16 -7.55 -37.52
CA PRO A 105 34.98 -6.43 -37.00
C PRO A 105 34.16 -5.24 -36.56
N ARG A 106 32.92 -5.09 -37.01
CA ARG A 106 32.11 -3.92 -36.68
C ARG A 106 31.51 -4.11 -35.30
N VAL A 107 32.25 -3.66 -34.28
CA VAL A 107 31.82 -3.73 -32.89
C VAL A 107 31.50 -2.32 -32.42
N ILE A 108 30.29 -2.14 -31.91
CA ILE A 108 29.80 -0.83 -31.50
C ILE A 108 29.37 -0.89 -30.04
N GLU A 109 29.76 0.11 -29.27
CA GLU A 109 29.31 0.21 -27.89
C GLU A 109 27.81 0.43 -27.83
N LEU A 110 27.19 -0.04 -26.75
CA LEU A 110 25.74 0.02 -26.62
C LEU A 110 25.26 1.47 -26.59
N ARG A 111 26.00 2.35 -25.91
CA ARG A 111 25.58 3.74 -25.78
C ARG A 111 25.74 4.53 -27.07
N LYS A 112 26.54 4.06 -28.01
CA LYS A 112 26.91 4.83 -29.19
C LYS A 112 26.12 4.42 -30.43
N ILE A 113 25.06 3.64 -30.27
CA ILE A 113 24.25 3.23 -31.42
C ILE A 113 23.42 4.41 -31.90
N ARG A 114 23.47 4.67 -33.20
CA ARG A 114 22.71 5.76 -33.82
C ARG A 114 21.89 5.21 -34.98
N SER A 115 21.17 6.10 -35.66
CA SER A 115 20.27 5.69 -36.72
C SER A 115 21.01 5.14 -37.93
N THR A 116 22.29 5.49 -38.10
CA THR A 116 23.04 5.02 -39.26
C THR A 116 23.34 3.53 -39.21
N ASP A 117 23.21 2.89 -38.05
CA ASP A 117 23.51 1.48 -37.90
C ASP A 117 22.30 0.58 -38.06
N ILE A 118 21.12 1.14 -38.33
CA ILE A 118 19.93 0.33 -38.48
C ILE A 118 20.01 -0.45 -39.79
N GLY A 119 19.73 -1.75 -39.71
CA GLY A 119 19.75 -2.59 -40.89
C GLY A 119 21.11 -3.10 -41.30
N LYS A 120 22.09 -3.08 -40.41
CA LYS A 120 23.44 -3.55 -40.71
C LYS A 120 23.86 -4.58 -39.68
N LEU A 121 24.81 -5.43 -40.07
CA LEU A 121 25.30 -6.48 -39.18
C LEU A 121 26.35 -5.89 -38.25
N ILE A 122 26.07 -5.91 -36.95
CA ILE A 122 26.95 -5.33 -35.93
C ILE A 122 27.06 -6.31 -34.77
N THR A 123 28.06 -6.07 -33.93
CA THR A 123 28.32 -6.91 -32.76
C THR A 123 28.33 -6.05 -31.51
N ILE A 124 27.73 -6.55 -30.45
CA ILE A 124 27.61 -5.82 -29.19
C ILE A 124 28.05 -6.74 -28.05
N ASP A 125 28.87 -6.21 -27.15
CA ASP A 125 29.32 -6.94 -25.96
C ASP A 125 28.62 -6.37 -24.74
N GLY A 126 28.06 -7.24 -23.91
CA GLY A 126 27.32 -6.79 -22.76
C GLY A 126 27.05 -7.90 -21.77
N ILE A 127 26.09 -7.65 -20.88
CA ILE A 127 25.73 -8.57 -19.82
C ILE A 127 24.26 -8.93 -19.98
N LEU A 128 23.95 -10.21 -19.91
CA LEU A 128 22.58 -10.69 -19.98
C LEU A 128 21.91 -10.53 -18.62
N VAL A 129 20.78 -9.82 -18.58
CA VAL A 129 20.16 -9.50 -17.30
C VAL A 129 18.78 -10.13 -17.18
N LYS A 130 18.10 -10.33 -18.32
CA LYS A 130 16.75 -10.86 -18.29
C LYS A 130 16.56 -11.87 -19.41
N VAL A 131 15.83 -12.94 -19.11
CA VAL A 131 15.49 -13.97 -20.10
C VAL A 131 14.05 -14.37 -19.88
N THR A 132 13.27 -14.44 -20.95
CA THR A 132 11.88 -14.84 -20.90
C THR A 132 11.74 -16.32 -21.29
N PRO A 133 10.66 -16.97 -20.86
CA PRO A 133 10.44 -18.36 -21.27
C PRO A 133 10.23 -18.48 -22.77
N VAL A 134 10.59 -19.64 -23.31
CA VAL A 134 10.48 -19.87 -24.74
C VAL A 134 9.02 -19.86 -25.16
N LYS A 135 8.73 -19.19 -26.28
CA LYS A 135 7.39 -19.10 -26.83
C LYS A 135 7.43 -19.40 -28.31
N GLU A 136 6.25 -19.47 -28.92
CA GLU A 136 6.10 -19.84 -30.32
C GLU A 136 5.57 -18.66 -31.11
N ARG A 137 6.20 -18.37 -32.25
CA ARG A 137 5.81 -17.27 -33.11
C ARG A 137 5.29 -17.80 -34.44
N ILE A 138 4.18 -17.25 -34.90
CA ILE A 138 3.59 -17.64 -36.17
C ILE A 138 4.31 -16.91 -37.30
N TYR A 139 4.80 -17.66 -38.29
CA TYR A 139 5.36 -17.07 -39.49
C TYR A 139 4.58 -17.42 -40.75
N LYS A 140 3.60 -18.31 -40.66
CA LYS A 140 2.74 -18.61 -41.81
C LYS A 140 1.43 -19.16 -41.26
N ALA A 141 0.37 -18.37 -41.33
CA ALA A 141 -0.91 -18.72 -40.73
C ALA A 141 -1.81 -19.41 -41.74
N THR A 142 -2.93 -19.93 -41.24
CA THR A 142 -3.95 -20.57 -42.07
C THR A 142 -5.32 -20.22 -41.51
N TYR A 143 -6.09 -19.46 -42.27
CA TYR A 143 -7.41 -19.01 -41.84
C TYR A 143 -8.50 -19.73 -42.61
N LYS A 144 -9.70 -19.76 -42.03
CA LYS A 144 -10.89 -20.27 -42.69
C LYS A 144 -11.96 -19.20 -42.66
N HIS A 145 -12.59 -18.95 -43.80
CA HIS A 145 -13.60 -17.90 -43.90
C HIS A 145 -14.93 -18.40 -43.36
N ILE A 146 -15.45 -17.71 -42.34
CA ILE A 146 -16.71 -18.08 -41.73
C ILE A 146 -17.80 -17.33 -42.49
N HIS A 147 -18.25 -17.93 -43.58
CA HIS A 147 -19.34 -17.40 -44.40
C HIS A 147 -20.02 -18.56 -45.10
N PRO A 148 -21.30 -18.83 -44.81
CA PRO A 148 -21.93 -20.10 -45.21
C PRO A 148 -21.66 -20.53 -46.64
N ASP A 149 -21.35 -19.56 -47.51
CA ASP A 149 -20.98 -19.88 -48.87
C ASP A 149 -19.55 -20.39 -48.98
N CYS A 150 -18.62 -19.86 -48.18
CA CYS A 150 -17.20 -20.07 -48.46
C CYS A 150 -16.69 -21.42 -47.93
N MET A 151 -16.63 -21.58 -46.62
CA MET A 151 -15.96 -22.74 -46.00
C MET A 151 -14.66 -23.09 -46.72
N GLN A 152 -13.77 -22.10 -46.81
CA GLN A 152 -12.51 -22.27 -47.52
C GLN A 152 -11.35 -21.92 -46.59
N GLU A 153 -10.22 -22.58 -46.81
CA GLU A 153 -9.02 -22.39 -46.02
C GLU A 153 -7.89 -21.90 -46.92
N PHE A 154 -7.04 -21.03 -46.38
CA PHE A 154 -5.95 -20.45 -47.14
C PHE A 154 -4.87 -19.97 -46.19
N GLU A 155 -3.67 -19.81 -46.72
CA GLU A 155 -2.55 -19.26 -45.97
C GLU A 155 -2.53 -17.75 -46.20
N TRP A 156 -2.88 -16.99 -45.15
CA TRP A 156 -3.06 -15.55 -45.33
C TRP A 156 -1.79 -14.82 -45.74
N PRO A 157 -0.66 -14.96 -45.06
CA PRO A 157 0.50 -14.17 -45.54
C PRO A 157 1.14 -14.80 -46.76
N GLU A 158 0.40 -14.79 -47.86
CA GLU A 158 0.87 -15.42 -49.09
C GLU A 158 2.02 -14.62 -49.69
N ASP A 159 2.91 -15.33 -50.37
CA ASP A 159 4.05 -14.78 -51.11
C ASP A 159 5.04 -14.06 -50.22
N GLU A 160 4.90 -14.17 -48.89
CA GLU A 160 5.84 -13.54 -47.96
C GLU A 160 5.68 -14.21 -46.60
N GLU A 161 6.29 -13.62 -45.59
CA GLU A 161 6.23 -14.11 -44.22
C GLU A 161 5.35 -13.19 -43.39
N MET A 162 4.72 -13.77 -42.37
CA MET A 162 3.91 -12.97 -41.47
C MET A 162 4.79 -11.94 -40.76
N PRO A 163 4.43 -10.66 -40.79
CA PRO A 163 5.28 -9.65 -40.14
C PRO A 163 5.24 -9.77 -38.62
N GLU A 164 6.03 -8.94 -37.93
CA GLU A 164 6.02 -8.97 -36.48
C GLU A 164 4.67 -8.59 -35.90
N VAL A 165 3.84 -7.88 -36.66
CA VAL A 165 2.50 -7.53 -36.25
C VAL A 165 1.54 -8.51 -36.90
N LEU A 166 0.73 -9.18 -36.08
CA LEU A 166 -0.25 -10.13 -36.60
C LEU A 166 -1.37 -9.40 -37.32
N GLU A 167 -1.49 -9.64 -38.62
CA GLU A 167 -2.53 -9.03 -39.43
C GLU A 167 -3.48 -10.10 -39.93
N MET A 168 -4.77 -9.85 -39.76
CA MET A 168 -5.86 -10.73 -40.19
C MET A 168 -6.41 -10.28 -41.53
N PRO A 169 -6.68 -11.21 -42.44
CA PRO A 169 -7.22 -10.83 -43.74
C PRO A 169 -8.58 -10.14 -43.60
N THR A 170 -8.81 -9.16 -44.47
CA THR A 170 -10.08 -8.45 -44.51
C THR A 170 -10.98 -8.90 -45.66
N ILE A 171 -10.39 -9.37 -46.76
CA ILE A 171 -11.13 -9.86 -47.91
C ILE A 171 -10.70 -11.30 -48.16
N CYS A 172 -11.67 -12.19 -48.31
CA CYS A 172 -11.35 -13.59 -48.55
C CYS A 172 -10.75 -13.74 -49.95
N PRO A 173 -9.51 -14.22 -50.06
CA PRO A 173 -8.91 -14.36 -51.41
C PRO A 173 -9.59 -15.40 -52.26
N LYS A 174 -10.34 -16.34 -51.68
CA LYS A 174 -10.99 -17.39 -52.43
C LYS A 174 -12.41 -17.04 -52.86
N CYS A 175 -13.00 -16.01 -52.26
CA CYS A 175 -14.35 -15.61 -52.65
C CYS A 175 -14.53 -14.11 -52.82
N GLY A 176 -13.58 -13.28 -52.40
CA GLY A 176 -13.69 -11.85 -52.59
C GLY A 176 -14.61 -11.14 -51.62
N LYS A 177 -15.15 -11.84 -50.63
CA LYS A 177 -16.07 -11.22 -49.69
C LYS A 177 -15.41 -11.08 -48.32
N PRO A 178 -15.74 -10.03 -47.58
CA PRO A 178 -15.25 -9.89 -46.20
C PRO A 178 -16.07 -10.75 -45.26
N GLY A 179 -15.78 -10.63 -43.97
CA GLY A 179 -16.51 -11.38 -42.97
C GLY A 179 -15.66 -11.86 -41.81
N GLN A 180 -15.97 -13.07 -41.33
CA GLN A 180 -15.29 -13.64 -40.18
C GLN A 180 -14.28 -14.68 -40.65
N PHE A 181 -13.08 -14.63 -40.09
CA PHE A 181 -12.02 -15.58 -40.41
C PHE A 181 -11.55 -16.26 -39.13
N ARG A 182 -11.40 -17.56 -39.17
CA ARG A 182 -11.01 -18.36 -38.01
C ARG A 182 -9.63 -18.95 -38.23
N LEU A 183 -8.76 -18.77 -37.25
CA LEU A 183 -7.41 -19.33 -37.34
C LEU A 183 -7.45 -20.85 -37.21
N ILE A 184 -6.60 -21.51 -37.99
CA ILE A 184 -6.51 -22.97 -37.96
C ILE A 184 -5.13 -23.35 -37.44
N PRO A 185 -4.98 -23.63 -36.14
CA PRO A 185 -3.65 -23.94 -35.61
C PRO A 185 -3.04 -25.21 -36.15
N GLU A 186 -3.85 -26.14 -36.68
CA GLU A 186 -3.31 -27.39 -37.17
C GLU A 186 -2.39 -27.19 -38.37
N LYS A 187 -2.76 -26.30 -39.27
CA LYS A 187 -1.99 -26.03 -40.47
C LYS A 187 -1.11 -24.78 -40.34
N THR A 188 -1.06 -24.18 -39.16
CA THR A 188 -0.25 -22.99 -38.96
C THR A 188 1.20 -23.36 -38.71
N LYS A 189 2.12 -22.58 -39.29
CA LYS A 189 3.54 -22.82 -39.14
C LYS A 189 4.08 -21.96 -38.00
N LEU A 190 4.83 -22.59 -37.09
CA LEU A 190 5.36 -21.92 -35.91
C LEU A 190 6.88 -21.95 -35.91
N ILE A 191 7.45 -21.16 -35.01
CA ILE A 191 8.90 -21.12 -34.82
C ILE A 191 9.18 -20.70 -33.39
N ASP A 192 10.26 -21.25 -32.82
CA ASP A 192 10.61 -20.94 -31.45
C ASP A 192 11.04 -19.49 -31.32
N TRP A 193 10.70 -18.87 -30.18
CA TRP A 193 10.89 -17.45 -30.00
C TRP A 193 11.18 -17.16 -28.54
N GLN A 194 12.25 -16.40 -28.28
CA GLN A 194 12.63 -16.01 -26.95
C GLN A 194 13.13 -14.57 -26.96
N LYS A 195 12.91 -13.87 -25.86
CA LYS A 195 13.30 -12.48 -25.71
C LYS A 195 14.23 -12.32 -24.52
N ALA A 196 15.32 -11.57 -24.70
CA ALA A 196 16.29 -11.33 -23.65
C ALA A 196 16.68 -9.87 -23.66
N VAL A 197 17.23 -9.41 -22.53
CA VAL A 197 17.66 -8.03 -22.37
C VAL A 197 19.15 -8.04 -22.06
N ILE A 198 19.91 -7.21 -22.77
CA ILE A 198 21.35 -7.09 -22.58
C ILE A 198 21.65 -5.71 -22.01
N GLN A 199 22.68 -5.64 -21.17
CA GLN A 199 23.06 -4.41 -20.50
C GLN A 199 24.54 -4.15 -20.71
N GLU A 200 24.90 -2.87 -20.84
CA GLU A 200 26.29 -2.51 -21.05
C GLU A 200 27.12 -2.78 -19.80
N ARG A 201 28.39 -3.14 -20.02
CA ARG A 201 29.27 -3.47 -18.93
C ARG A 201 29.55 -2.23 -18.07
N PRO A 202 29.75 -2.41 -16.76
CA PRO A 202 29.95 -1.24 -15.89
C PRO A 202 31.20 -0.43 -16.22
N GLU A 203 32.17 -1.03 -16.91
CA GLU A 203 33.38 -0.28 -17.28
C GLU A 203 33.11 0.75 -18.36
N GLU A 204 31.97 0.65 -19.06
CA GLU A 204 31.67 1.54 -20.17
C GLU A 204 30.70 2.66 -19.79
N VAL A 205 30.09 2.59 -18.61
CA VAL A 205 29.13 3.64 -18.22
C VAL A 205 29.89 4.94 -17.95
N PRO A 206 29.48 6.04 -18.56
CA PRO A 206 30.17 7.32 -18.29
C PRO A 206 29.86 7.82 -16.88
N SER A 207 30.65 8.80 -16.46
CA SER A 207 30.53 9.33 -15.11
C SER A 207 29.17 9.98 -14.90
N GLY A 208 28.53 9.65 -13.78
CA GLY A 208 27.26 10.25 -13.41
C GLY A 208 26.06 9.74 -14.16
N GLN A 209 26.20 8.67 -14.93
CA GLN A 209 25.12 8.13 -15.73
C GLN A 209 24.74 6.73 -15.23
N LEU A 210 23.59 6.27 -15.69
CA LEU A 210 23.10 4.94 -15.39
C LEU A 210 23.26 4.03 -16.58
N PRO A 211 23.44 2.72 -16.36
CA PRO A 211 23.67 1.80 -17.49
C PRO A 211 22.45 1.72 -18.39
N ARG A 212 22.71 1.55 -19.68
CA ARG A 212 21.68 1.41 -20.70
C ARG A 212 21.40 -0.06 -20.99
N GLN A 213 20.27 -0.32 -21.61
CA GLN A 213 19.83 -1.66 -21.91
C GLN A 213 19.36 -1.76 -23.35
N LEU A 214 19.47 -2.96 -23.92
CA LEU A 214 19.00 -3.24 -25.26
C LEU A 214 18.24 -4.55 -25.26
N GLU A 215 17.21 -4.62 -26.10
CA GLU A 215 16.37 -5.80 -26.22
C GLU A 215 16.81 -6.63 -27.42
N ILE A 216 16.96 -7.93 -27.21
CA ILE A 216 17.39 -8.85 -28.25
C ILE A 216 16.37 -9.97 -28.38
N ILE A 217 16.31 -10.58 -29.56
CA ILE A 217 15.35 -11.63 -29.86
C ILE A 217 16.12 -12.85 -30.34
N LEU A 218 15.90 -13.99 -29.69
CA LEU A 218 16.50 -15.25 -30.08
C LEU A 218 15.41 -16.16 -30.63
N GLU A 219 15.70 -16.78 -31.78
CA GLU A 219 14.71 -17.59 -32.48
C GLU A 219 15.33 -18.92 -32.90
N ASP A 220 14.46 -19.93 -33.03
CA ASP A 220 14.83 -21.26 -33.51
C ASP A 220 15.82 -21.88 -32.53
N ASP A 221 16.99 -22.34 -32.98
CA ASP A 221 17.90 -23.09 -32.12
C ASP A 221 18.72 -22.20 -31.18
N LEU A 222 18.61 -20.88 -31.30
CA LEU A 222 19.36 -19.99 -30.44
C LEU A 222 18.76 -19.84 -29.05
N VAL A 223 17.56 -20.38 -28.83
CA VAL A 223 16.91 -20.21 -27.53
C VAL A 223 17.66 -20.99 -26.46
N ASP A 224 17.61 -20.47 -25.23
CA ASP A 224 18.22 -21.10 -24.07
C ASP A 224 19.72 -21.36 -24.28
N SER A 225 20.39 -20.43 -24.95
CA SER A 225 21.81 -20.53 -25.20
C SER A 225 22.66 -19.82 -24.15
N ALA A 226 22.03 -19.14 -23.18
CA ALA A 226 22.77 -18.44 -22.16
C ALA A 226 21.88 -18.26 -20.93
N ARG A 227 22.51 -17.95 -19.81
CA ARG A 227 21.81 -17.74 -18.56
C ARG A 227 22.02 -16.30 -18.09
N PRO A 228 21.10 -15.76 -17.29
CA PRO A 228 21.25 -14.39 -16.82
C PRO A 228 22.52 -14.22 -15.98
N GLY A 229 23.12 -13.04 -16.11
CA GLY A 229 24.37 -12.75 -15.45
C GLY A 229 25.61 -13.07 -16.24
N ASP A 230 25.48 -13.71 -17.40
CA ASP A 230 26.62 -14.05 -18.22
C ASP A 230 27.02 -12.89 -19.11
N ARG A 231 28.33 -12.78 -19.36
CA ARG A 231 28.85 -11.81 -20.31
C ARG A 231 28.87 -12.45 -21.69
N VAL A 232 28.21 -11.81 -22.65
CA VAL A 232 28.01 -12.39 -23.97
C VAL A 232 28.39 -11.40 -25.05
N LYS A 233 28.72 -11.93 -26.22
CA LYS A 233 28.93 -11.16 -27.43
C LYS A 233 27.90 -11.60 -28.45
N VAL A 234 27.11 -10.66 -28.96
CA VAL A 234 25.95 -10.96 -29.79
C VAL A 234 26.08 -10.22 -31.12
N THR A 235 25.72 -10.90 -32.20
CA THR A 235 25.80 -10.35 -33.55
C THR A 235 24.46 -10.49 -34.24
N GLY A 236 24.06 -9.45 -34.97
CA GLY A 236 22.81 -9.51 -35.68
C GLY A 236 22.48 -8.16 -36.31
N ILE A 237 21.19 -7.98 -36.60
CA ILE A 237 20.69 -6.79 -37.30
C ILE A 237 19.79 -6.01 -36.36
N LEU A 238 19.94 -4.69 -36.36
CA LEU A 238 19.10 -3.81 -35.58
C LEU A 238 17.83 -3.45 -36.34
N ASP A 239 16.75 -3.24 -35.60
CA ASP A 239 15.48 -2.85 -36.20
C ASP A 239 14.65 -2.11 -35.16
N ILE A 240 13.69 -1.33 -35.64
CA ILE A 240 12.80 -0.60 -34.75
C ILE A 240 11.71 -1.53 -34.24
N LYS A 241 11.24 -1.26 -33.02
CA LYS A 241 10.30 -2.12 -32.34
C LYS A 241 8.90 -1.51 -32.41
N GLN A 242 7.94 -2.30 -32.88
CA GLN A 242 6.53 -1.93 -32.91
C GLN A 242 5.77 -2.85 -31.97
N ASP A 243 5.09 -2.27 -31.00
CA ASP A 243 4.41 -3.05 -29.99
C ASP A 243 2.92 -2.75 -29.88
N SER A 244 2.52 -1.50 -30.03
CA SER A 244 1.12 -1.09 -29.94
C SER A 244 0.75 -0.23 -31.14
N PRO A 245 0.65 -0.83 -32.32
CA PRO A 245 0.27 -0.06 -33.52
C PRO A 245 -1.11 0.57 -33.40
N VAL A 246 -2.04 -0.07 -32.70
CA VAL A 246 -3.39 0.45 -32.57
C VAL A 246 -3.43 1.69 -31.67
N LYS A 247 -2.38 1.93 -30.87
CA LYS A 247 -2.34 3.07 -29.97
C LYS A 247 -2.05 4.33 -30.79
N ARG A 248 -3.10 4.83 -31.43
CA ARG A 248 -2.98 6.06 -32.20
C ARG A 248 -2.88 7.25 -31.27
N GLY A 249 -2.27 8.32 -31.77
CA GLY A 249 -2.12 9.54 -31.02
C GLY A 249 -0.68 9.85 -30.64
N SER A 250 -0.06 10.75 -31.41
CA SER A 250 1.32 11.17 -31.18
C SER A 250 2.28 9.99 -31.11
N ARG A 251 3.46 10.23 -30.55
CA ARG A 251 4.46 9.19 -30.30
C ARG A 251 4.85 8.49 -31.61
N ALA A 252 5.46 9.26 -32.50
CA ALA A 252 6.10 8.71 -33.69
C ALA A 252 7.52 8.25 -33.40
N VAL A 253 7.82 7.98 -32.13
CA VAL A 253 9.15 7.62 -31.66
C VAL A 253 9.16 6.14 -31.32
N PHE A 254 10.17 5.43 -31.78
CA PHE A 254 10.26 3.99 -31.61
C PHE A 254 11.57 3.61 -30.93
N ASP A 255 11.56 2.45 -30.28
CA ASP A 255 12.75 1.86 -29.70
C ASP A 255 13.35 0.85 -30.66
N ILE A 256 14.63 0.59 -30.49
CA ILE A 256 15.37 -0.32 -31.35
C ILE A 256 15.56 -1.65 -30.64
N TYR A 257 15.52 -2.73 -31.40
CA TYR A 257 15.79 -4.06 -30.87
C TYR A 257 16.69 -4.80 -31.85
N MET A 258 17.39 -5.80 -31.33
CA MET A 258 18.41 -6.52 -32.07
C MET A 258 17.88 -7.89 -32.46
N LYS A 259 18.05 -8.26 -33.72
CA LYS A 259 17.65 -9.57 -34.22
C LYS A 259 18.90 -10.46 -34.26
N VAL A 260 18.99 -11.38 -33.31
CA VAL A 260 20.22 -12.11 -33.09
C VAL A 260 20.43 -13.14 -34.20
N SER A 261 21.66 -13.18 -34.74
CA SER A 261 22.06 -14.22 -35.67
C SER A 261 23.13 -15.14 -35.11
N SER A 262 23.90 -14.69 -34.12
CA SER A 262 24.90 -15.52 -33.48
C SER A 262 25.22 -14.93 -32.11
N ILE A 263 25.52 -15.80 -31.15
CA ILE A 263 25.79 -15.39 -29.78
C ILE A 263 26.97 -16.20 -29.25
N GLU A 264 27.87 -15.52 -28.55
CA GLU A 264 29.02 -16.14 -27.93
C GLU A 264 29.04 -15.82 -26.44
N VAL A 265 29.47 -16.77 -25.63
CA VAL A 265 29.53 -16.63 -24.18
C VAL A 265 30.98 -16.41 -23.77
N SER A 266 31.20 -15.43 -22.89
CA SER A 266 32.52 -15.08 -22.41
C SER A 266 33.45 -14.70 -23.56
N SER A 273 41.19 -21.67 -27.62
CA SER A 273 40.68 -22.57 -26.61
C SER A 273 41.58 -23.79 -26.46
N GLU A 274 42.47 -23.99 -27.43
CA GLU A 274 43.41 -25.11 -27.38
C GLU A 274 44.77 -24.68 -26.84
N GLU A 275 45.26 -23.52 -27.28
CA GLU A 275 46.51 -23.00 -26.72
C GLU A 275 46.35 -22.67 -25.25
N ASP A 276 45.19 -22.17 -24.85
CA ASP A 276 44.93 -21.92 -23.44
C ASP A 276 44.96 -23.21 -22.64
N GLU A 277 44.38 -24.28 -23.18
CA GLU A 277 44.43 -25.56 -22.50
C GLU A 277 45.86 -26.06 -22.37
N LYS A 278 46.67 -25.89 -23.43
CA LYS A 278 48.07 -26.25 -23.34
C LYS A 278 48.80 -25.38 -22.31
N LYS A 279 48.49 -24.09 -22.28
CA LYS A 279 49.12 -23.19 -21.31
C LYS A 279 48.78 -23.58 -19.88
N ILE A 280 47.54 -23.99 -19.64
CA ILE A 280 47.13 -24.40 -18.31
C ILE A 280 47.91 -25.63 -17.86
N LYS A 281 48.08 -26.61 -18.76
CA LYS A 281 48.79 -27.82 -18.41
C LYS A 281 50.24 -27.55 -18.05
N ASP A 282 50.88 -26.61 -18.77
CA ASP A 282 52.27 -26.26 -18.47
C ASP A 282 52.40 -25.67 -17.07
N LEU A 283 51.43 -24.85 -16.67
CA LEU A 283 51.48 -24.25 -15.34
C LEU A 283 51.39 -25.31 -14.25
N ALA A 284 50.54 -26.31 -14.45
CA ALA A 284 50.37 -27.37 -13.46
C ALA A 284 51.60 -28.25 -13.33
N LYS A 285 52.53 -28.20 -14.27
CA LYS A 285 53.73 -29.02 -14.19
C LYS A 285 54.70 -28.53 -13.14
N ASP A 286 54.61 -27.27 -12.75
CA ASP A 286 55.53 -26.73 -11.75
C ASP A 286 55.23 -27.35 -10.39
N PRO A 287 56.23 -27.88 -9.69
CA PRO A 287 55.98 -28.42 -8.34
C PRO A 287 55.44 -27.40 -7.36
N TRP A 288 55.79 -26.12 -7.53
CA TRP A 288 55.35 -25.05 -6.66
C TRP A 288 54.18 -24.27 -7.25
N ILE A 289 53.30 -24.94 -8.00
CA ILE A 289 52.17 -24.24 -8.61
C ILE A 289 51.23 -23.71 -7.54
N ARG A 290 51.07 -24.46 -6.44
CA ARG A 290 50.20 -24.01 -5.36
C ARG A 290 50.70 -22.70 -4.74
N ASP A 291 52.01 -22.60 -4.53
CA ASP A 291 52.56 -21.38 -3.97
C ASP A 291 52.39 -20.20 -4.92
N ARG A 292 52.58 -20.44 -6.23
CA ARG A 292 52.43 -19.36 -7.20
C ARG A 292 50.99 -18.84 -7.23
N ILE A 293 50.02 -19.74 -7.14
CA ILE A 293 48.62 -19.32 -7.18
C ILE A 293 48.29 -18.47 -5.96
N ILE A 294 48.74 -18.90 -4.78
CA ILE A 294 48.47 -18.14 -3.57
C ILE A 294 49.11 -16.76 -3.64
N SER A 295 50.35 -16.69 -4.15
CA SER A 295 51.03 -15.42 -4.29
C SER A 295 50.35 -14.50 -5.30
N SER A 296 49.52 -15.06 -6.18
CA SER A 296 48.82 -14.27 -7.19
C SER A 296 47.50 -13.71 -6.69
N ILE A 297 47.06 -14.07 -5.49
CA ILE A 297 45.80 -13.59 -4.95
C ILE A 297 46.04 -12.24 -4.29
N ALA A 298 45.42 -11.20 -4.85
CA ALA A 298 45.55 -9.82 -4.37
C ALA A 298 47.01 -9.43 -4.24
N PRO A 299 47.72 -9.25 -5.34
CA PRO A 299 49.15 -8.89 -5.25
C PRO A 299 49.40 -7.55 -4.61
N SER A 300 48.39 -6.67 -4.57
CA SER A 300 48.56 -5.34 -4.01
C SER A 300 48.40 -5.29 -2.51
N ILE A 301 48.09 -6.41 -1.86
CA ILE A 301 47.90 -6.46 -0.42
C ILE A 301 49.14 -7.10 0.21
N TYR A 302 49.65 -6.47 1.26
CA TYR A 302 50.83 -6.96 1.95
C TYR A 302 50.41 -7.88 3.08
N GLY A 303 51.08 -9.03 3.17
CA GLY A 303 50.79 -9.97 4.24
C GLY A 303 49.50 -10.74 4.02
N HIS A 304 48.88 -11.16 5.13
CA HIS A 304 47.64 -11.93 5.12
C HIS A 304 47.79 -13.22 4.30
N TRP A 305 48.91 -13.91 4.53
CA TRP A 305 49.18 -15.13 3.77
C TRP A 305 48.19 -16.23 4.10
N GLU A 306 47.87 -16.39 5.38
CA GLU A 306 46.91 -17.43 5.77
C GLU A 306 45.55 -17.17 5.17
N LEU A 307 45.09 -15.92 5.19
CA LEU A 307 43.80 -15.58 4.60
C LEU A 307 43.82 -15.79 3.09
N LYS A 308 44.92 -15.42 2.42
CA LYS A 308 45.03 -15.62 0.99
C LYS A 308 44.97 -17.10 0.63
N GLU A 309 45.61 -17.95 1.44
CA GLU A 309 45.58 -19.38 1.19
C GLU A 309 44.15 -19.92 1.28
N ALA A 310 43.39 -19.47 2.27
CA ALA A 310 42.01 -19.93 2.41
C ALA A 310 41.14 -19.44 1.27
N LEU A 311 41.36 -18.21 0.82
CA LEU A 311 40.56 -17.66 -0.28
C LEU A 311 40.80 -18.44 -1.57
N ALA A 312 42.04 -18.90 -1.78
CA ALA A 312 42.33 -19.71 -2.96
C ALA A 312 41.54 -21.01 -2.94
N LEU A 313 41.42 -21.63 -1.77
CA LEU A 313 40.67 -22.88 -1.67
C LEU A 313 39.22 -22.70 -2.04
N ALA A 314 38.60 -21.61 -1.57
CA ALA A 314 37.19 -21.37 -1.86
C ALA A 314 36.95 -21.18 -3.36
N LEU A 315 37.95 -20.68 -4.08
CA LEU A 315 37.79 -20.49 -5.52
C LEU A 315 37.62 -21.83 -6.23
N PHE A 316 38.38 -22.84 -5.80
CA PHE A 316 38.29 -24.17 -6.41
C PHE A 316 37.17 -25.00 -5.79
N GLY A 317 37.16 -25.10 -4.46
CA GLY A 317 36.12 -25.84 -3.78
C GLY A 317 36.37 -27.34 -3.77
N GLY A 318 35.44 -28.07 -3.16
CA GLY A 318 35.51 -29.50 -3.06
C GLY A 318 34.67 -30.20 -4.10
N VAL A 319 34.38 -31.47 -3.84
CA VAL A 319 33.59 -32.31 -4.73
C VAL A 319 32.29 -32.67 -4.01
N PRO A 320 31.13 -32.28 -4.54
CA PRO A 320 29.87 -32.66 -3.91
C PRO A 320 29.65 -34.16 -3.97
N LYS A 321 29.01 -34.69 -2.93
CA LYS A 321 28.72 -36.11 -2.82
C LYS A 321 27.25 -36.32 -2.57
N VAL A 322 26.64 -37.22 -3.32
CA VAL A 322 25.23 -37.57 -3.17
C VAL A 322 25.17 -38.96 -2.56
N LEU A 323 24.68 -39.04 -1.33
CA LEU A 323 24.60 -40.30 -0.61
C LEU A 323 23.24 -40.95 -0.87
N GLU A 324 22.95 -42.02 -0.12
CA GLU A 324 21.67 -42.70 -0.28
C GLU A 324 20.50 -41.80 0.10
N ASP A 325 20.66 -41.01 1.15
CA ASP A 325 19.58 -40.18 1.66
C ASP A 325 19.90 -38.70 1.66
N THR A 326 21.12 -38.31 2.00
CA THR A 326 21.49 -36.91 2.16
C THR A 326 22.44 -36.49 1.04
N ARG A 327 22.79 -35.21 1.04
CA ARG A 327 23.70 -34.62 0.07
C ARG A 327 24.78 -33.85 0.80
N ILE A 328 26.02 -33.96 0.34
CA ILE A 328 27.16 -33.29 0.93
C ILE A 328 27.63 -32.21 -0.04
N ARG A 329 27.63 -30.97 0.42
CA ARG A 329 28.02 -29.85 -0.43
C ARG A 329 29.53 -29.85 -0.64
N GLY A 330 29.94 -29.36 -1.81
CA GLY A 330 31.35 -29.23 -2.12
C GLY A 330 31.87 -27.82 -1.96
N ASP A 331 30.97 -26.89 -1.67
CA ASP A 331 31.35 -25.50 -1.51
C ASP A 331 31.94 -25.24 -0.13
N ILE A 332 32.81 -24.23 -0.05
CA ILE A 332 33.50 -23.86 1.18
C ILE A 332 33.08 -22.44 1.56
N HIS A 333 32.67 -22.27 2.80
CA HIS A 333 32.22 -20.97 3.31
C HIS A 333 33.30 -20.38 4.21
N ILE A 334 33.62 -19.11 3.98
CA ILE A 334 34.65 -18.40 4.73
C ILE A 334 34.04 -17.16 5.35
N LEU A 335 34.32 -16.95 6.63
CA LEU A 335 33.90 -15.75 7.34
C LEU A 335 35.14 -15.01 7.83
N ILE A 336 35.17 -13.70 7.59
CA ILE A 336 36.31 -12.87 7.96
C ILE A 336 35.83 -11.78 8.90
N ILE A 337 36.46 -11.69 10.08
CA ILE A 337 36.21 -10.63 11.03
C ILE A 337 37.53 -9.88 11.23
N GLY A 338 37.50 -8.57 11.02
CA GLY A 338 38.72 -7.78 11.14
C GLY A 338 38.43 -6.35 11.52
N ASP A 339 39.47 -5.70 12.04
CA ASP A 339 39.37 -4.30 12.39
C ASP A 339 39.21 -3.45 11.13
N PRO A 340 38.60 -2.27 11.24
CA PRO A 340 38.48 -1.40 10.07
C PRO A 340 39.84 -1.03 9.50
N GLY A 341 39.91 -0.97 8.18
CA GLY A 341 41.15 -0.66 7.50
C GLY A 341 42.08 -1.82 7.30
N THR A 342 41.62 -3.05 7.53
CA THR A 342 42.44 -4.24 7.34
C THR A 342 42.37 -4.78 5.91
N ALA A 343 41.93 -3.96 4.96
CA ALA A 343 41.87 -4.33 3.55
C ALA A 343 40.95 -5.53 3.31
N LYS A 344 39.92 -5.69 4.14
CA LYS A 344 38.98 -6.78 3.93
C LYS A 344 38.23 -6.61 2.61
N SER A 345 37.79 -5.40 2.30
CA SER A 345 36.98 -5.18 1.12
C SER A 345 37.82 -5.25 -0.16
N GLN A 346 39.11 -4.94 -0.06
CA GLN A 346 39.96 -4.98 -1.25
C GLN A 346 40.09 -6.40 -1.79
N MET A 347 40.30 -7.38 -0.89
CA MET A 347 40.43 -8.76 -1.34
C MET A 347 39.11 -9.28 -1.89
N LEU A 348 37.99 -8.92 -1.26
CA LEU A 348 36.69 -9.38 -1.73
C LEU A 348 36.39 -8.84 -3.13
N GLN A 349 36.80 -7.60 -3.40
CA GLN A 349 36.68 -7.08 -4.76
C GLN A 349 37.54 -7.88 -5.73
N PHE A 350 38.75 -8.25 -5.30
CA PHE A 350 39.63 -9.07 -6.15
C PHE A 350 39.01 -10.43 -6.41
N ILE A 351 38.43 -11.05 -5.38
CA ILE A 351 37.84 -12.37 -5.54
C ILE A 351 36.68 -12.33 -6.52
N SER A 352 35.83 -11.32 -6.40
CA SER A 352 34.69 -11.20 -7.31
C SER A 352 35.12 -10.94 -8.75
N ARG A 353 36.33 -10.45 -8.96
CA ARG A 353 36.80 -10.18 -10.32
C ARG A 353 37.53 -11.36 -10.95
N VAL A 354 38.21 -12.18 -10.14
CA VAL A 354 38.98 -13.29 -10.69
C VAL A 354 38.16 -14.57 -10.83
N ALA A 355 37.09 -14.73 -10.05
CA ALA A 355 36.28 -15.94 -10.16
C ALA A 355 35.57 -15.98 -11.50
N PRO A 356 35.46 -17.16 -12.11
CA PRO A 356 34.73 -17.26 -13.40
C PRO A 356 33.28 -16.83 -13.29
N ARG A 357 32.64 -17.02 -12.14
CA ARG A 357 31.28 -16.57 -11.91
C ARG A 357 31.15 -16.16 -10.46
N ALA A 358 30.87 -14.88 -10.21
CA ALA A 358 30.78 -14.37 -8.86
C ALA A 358 29.78 -13.23 -8.82
N VAL A 359 29.17 -13.03 -7.65
CA VAL A 359 28.25 -11.94 -7.40
C VAL A 359 28.69 -11.22 -6.14
N TYR A 360 28.81 -9.89 -6.23
CA TYR A 360 29.22 -9.07 -5.11
C TYR A 360 28.02 -8.30 -4.58
N THR A 361 27.72 -8.48 -3.30
CA THR A 361 26.60 -7.82 -2.66
C THR A 361 27.07 -7.13 -1.38
N THR A 362 26.19 -6.30 -0.82
CA THR A 362 26.44 -5.58 0.41
C THR A 362 25.24 -5.77 1.33
N GLY A 363 25.51 -5.87 2.63
CA GLY A 363 24.43 -6.11 3.57
C GLY A 363 23.37 -5.02 3.55
N LYS A 364 23.80 -3.76 3.46
CA LYS A 364 22.83 -2.66 3.46
C LYS A 364 22.10 -2.52 2.13
N GLY A 365 22.74 -2.92 1.03
CA GLY A 365 22.14 -2.74 -0.28
C GLY A 365 21.41 -3.95 -0.79
N SER A 366 21.04 -4.87 0.10
CA SER A 366 20.40 -6.11 -0.28
C SER A 366 19.11 -6.30 0.52
N THR A 367 18.15 -6.98 -0.10
CA THR A 367 16.89 -7.33 0.54
C THR A 367 16.64 -8.82 0.36
N ALA A 368 15.70 -9.35 1.15
CA ALA A 368 15.38 -10.77 1.06
C ALA A 368 14.87 -11.14 -0.32
N ALA A 369 13.99 -10.31 -0.89
CA ALA A 369 13.50 -10.57 -2.24
C ALA A 369 14.63 -10.46 -3.26
N GLY A 370 15.53 -9.50 -3.09
CA GLY A 370 16.61 -9.31 -4.03
C GLY A 370 17.69 -10.37 -3.95
N LEU A 371 17.76 -11.11 -2.84
CA LEU A 371 18.77 -12.13 -2.68
C LEU A 371 18.34 -13.48 -3.24
N THR A 372 17.06 -13.81 -3.19
CA THR A 372 16.58 -15.13 -3.61
C THR A 372 15.76 -15.07 -4.88
N ALA A 373 14.65 -14.31 -4.88
CA ALA A 373 13.76 -14.23 -6.02
C ALA A 373 12.73 -13.14 -5.76
N ALA A 374 12.37 -12.41 -6.80
CA ALA A 374 11.41 -11.32 -6.71
C ALA A 374 10.21 -11.62 -7.59
N VAL A 375 9.01 -11.43 -7.04
CA VAL A 375 7.78 -11.62 -7.79
C VAL A 375 7.46 -10.34 -8.55
N VAL A 376 7.26 -10.47 -9.86
CA VAL A 376 6.95 -9.33 -10.73
C VAL A 376 5.57 -9.56 -11.31
N ARG A 377 4.66 -8.59 -11.09
CA ARG A 377 3.32 -8.66 -11.63
C ARG A 377 3.30 -8.00 -13.00
N GLU A 378 2.98 -8.80 -14.02
CA GLU A 378 2.90 -8.28 -15.38
C GLU A 378 1.63 -7.45 -15.52
N LYS A 379 1.79 -6.12 -15.45
CA LYS A 379 0.62 -5.23 -15.48
C LYS A 379 -0.16 -5.37 -16.78
N GLY A 380 0.50 -5.76 -17.86
CA GLY A 380 -0.20 -5.92 -19.13
C GLY A 380 -1.25 -7.01 -19.09
N THR A 381 -0.94 -8.13 -18.45
CA THR A 381 -1.85 -9.27 -18.39
C THR A 381 -2.23 -9.67 -16.97
N GLY A 382 -1.76 -8.95 -15.96
CA GLY A 382 -2.07 -9.34 -14.59
C GLY A 382 -1.53 -10.69 -14.20
N GLU A 383 -0.29 -10.99 -14.60
CA GLU A 383 0.32 -12.29 -14.38
C GLU A 383 1.52 -12.17 -13.47
N TYR A 384 1.77 -13.23 -12.70
CA TYR A 384 2.86 -13.28 -11.75
C TYR A 384 3.96 -14.20 -12.27
N TYR A 385 5.20 -13.75 -12.17
CA TYR A 385 6.35 -14.57 -12.56
C TYR A 385 7.55 -14.16 -11.73
N LEU A 386 8.51 -15.07 -11.64
CA LEU A 386 9.67 -14.89 -10.77
C LEU A 386 10.81 -14.22 -11.50
N GLU A 387 11.67 -13.55 -10.73
CA GLU A 387 12.89 -12.95 -11.23
C GLU A 387 14.05 -13.45 -10.37
N ALA A 388 15.13 -13.87 -11.01
CA ALA A 388 16.23 -14.51 -10.30
C ALA A 388 16.92 -13.53 -9.35
N GLY A 389 17.19 -13.99 -8.13
CA GLY A 389 17.89 -13.18 -7.15
C GLY A 389 19.39 -13.38 -7.21
N ALA A 390 20.08 -12.73 -6.26
CA ALA A 390 21.54 -12.78 -6.24
C ALA A 390 22.05 -14.20 -5.99
N LEU A 391 21.46 -14.90 -5.04
CA LEU A 391 21.94 -16.24 -4.71
C LEU A 391 21.71 -17.22 -5.85
N VAL A 392 20.56 -17.12 -6.53
CA VAL A 392 20.27 -17.99 -7.66
C VAL A 392 21.25 -17.71 -8.80
N LEU A 393 21.52 -16.44 -9.08
CA LEU A 393 22.44 -16.09 -10.15
C LEU A 393 23.86 -16.55 -9.86
N ALA A 394 24.20 -16.80 -8.60
CA ALA A 394 25.53 -17.25 -8.21
C ALA A 394 25.64 -18.77 -8.13
N ASP A 395 24.60 -19.49 -8.51
CA ASP A 395 24.63 -20.95 -8.45
C ASP A 395 25.77 -21.49 -9.28
N GLY A 396 26.55 -22.39 -8.69
CA GLY A 396 27.75 -22.88 -9.33
C GLY A 396 28.93 -21.93 -9.29
N GLY A 397 28.82 -20.84 -8.55
CA GLY A 397 29.88 -19.85 -8.46
C GLY A 397 30.15 -19.47 -7.02
N ILE A 398 30.44 -18.20 -6.81
CA ILE A 398 30.78 -17.65 -5.49
C ILE A 398 29.91 -16.44 -5.22
N ALA A 399 29.32 -16.38 -4.03
CA ALA A 399 28.56 -15.23 -3.58
C ALA A 399 29.37 -14.51 -2.52
N VAL A 400 29.64 -13.23 -2.76
CA VAL A 400 30.44 -12.41 -1.85
C VAL A 400 29.52 -11.41 -1.19
N ILE A 401 29.52 -11.40 0.15
CA ILE A 401 28.66 -10.53 0.93
C ILE A 401 29.54 -9.70 1.85
N ASP A 402 29.48 -8.38 1.69
CA ASP A 402 30.26 -7.47 2.50
C ASP A 402 29.39 -6.85 3.58
N GLU A 403 29.98 -6.62 4.74
CA GLU A 403 29.28 -6.06 5.90
C GLU A 403 28.03 -6.89 6.24
N ILE A 404 28.25 -8.19 6.43
CA ILE A 404 27.14 -9.08 6.76
C ILE A 404 26.54 -8.73 8.12
N ASP A 405 27.35 -8.20 9.03
CA ASP A 405 26.87 -7.88 10.37
C ASP A 405 25.89 -6.70 10.37
N LYS A 406 25.89 -5.89 9.32
CA LYS A 406 25.00 -4.74 9.23
C LYS A 406 23.70 -5.04 8.48
N MET A 407 23.51 -6.28 8.04
CA MET A 407 22.30 -6.65 7.33
C MET A 407 21.14 -6.84 8.30
N ARG A 408 19.94 -6.58 7.81
CA ARG A 408 18.74 -6.78 8.62
C ARG A 408 18.52 -8.26 8.91
N ASP A 409 17.93 -8.53 10.06
CA ASP A 409 17.71 -9.92 10.47
C ASP A 409 16.74 -10.63 9.53
N GLU A 410 15.70 -9.93 9.09
CA GLU A 410 14.74 -10.54 8.18
C GLU A 410 15.39 -10.89 6.84
N ASP A 411 16.39 -10.11 6.41
CA ASP A 411 17.11 -10.40 5.19
C ASP A 411 18.22 -11.42 5.37
N ARG A 412 18.57 -11.75 6.61
CA ARG A 412 19.64 -12.71 6.87
C ARG A 412 19.16 -14.15 6.94
N VAL A 413 17.89 -14.37 7.27
CA VAL A 413 17.37 -15.73 7.40
C VAL A 413 17.38 -16.44 6.05
N ALA A 414 17.27 -15.68 4.95
CA ALA A 414 17.31 -16.30 3.63
C ALA A 414 18.65 -16.96 3.36
N ILE A 415 19.73 -16.43 3.93
CA ILE A 415 21.05 -17.02 3.75
C ILE A 415 21.16 -18.34 4.49
N HIS A 416 20.46 -18.49 5.61
CA HIS A 416 20.60 -19.68 6.44
C HIS A 416 20.31 -20.96 5.65
N GLU A 417 19.24 -20.95 4.85
CA GLU A 417 18.93 -22.12 4.04
C GLU A 417 19.97 -22.34 2.95
N ALA A 418 20.50 -21.25 2.38
CA ALA A 418 21.43 -21.37 1.27
C ALA A 418 22.73 -22.05 1.70
N MET A 419 23.27 -21.68 2.87
CA MET A 419 24.51 -22.29 3.31
C MET A 419 24.31 -23.74 3.73
N GLU A 420 23.16 -24.04 4.35
CA GLU A 420 22.96 -25.38 4.89
C GLU A 420 22.48 -26.36 3.83
N GLN A 421 21.32 -26.11 3.24
CA GLN A 421 20.72 -27.04 2.30
C GLN A 421 21.02 -26.74 0.84
N GLN A 422 21.70 -25.63 0.56
CA GLN A 422 22.02 -25.22 -0.81
C GLN A 422 20.76 -25.12 -1.66
N THR A 423 19.67 -24.67 -1.04
CA THR A 423 18.39 -24.50 -1.74
C THR A 423 17.69 -23.27 -1.22
N VAL A 424 16.77 -22.75 -2.03
CA VAL A 424 15.95 -21.61 -1.67
C VAL A 424 14.49 -21.99 -1.91
N SER A 425 13.65 -21.81 -0.89
CA SER A 425 12.24 -22.15 -0.97
C SER A 425 11.43 -20.88 -1.20
N ILE A 426 10.62 -20.90 -2.26
CA ILE A 426 9.81 -19.75 -2.64
C ILE A 426 8.35 -20.17 -2.58
N ALA A 427 7.55 -19.43 -1.81
CA ALA A 427 6.11 -19.66 -1.74
C ALA A 427 5.44 -18.31 -1.51
N LYS A 428 5.02 -17.68 -2.60
CA LYS A 428 4.38 -16.39 -2.53
C LYS A 428 3.66 -16.11 -3.84
N ALA A 429 2.53 -15.40 -3.75
CA ALA A 429 1.71 -15.05 -4.90
C ALA A 429 1.30 -16.30 -5.68
N GLY A 430 1.03 -17.39 -4.97
CA GLY A 430 0.61 -18.62 -5.62
C GLY A 430 1.70 -19.33 -6.41
N ILE A 431 2.96 -19.03 -6.13
CA ILE A 431 4.08 -19.65 -6.83
C ILE A 431 4.90 -20.43 -5.80
N VAL A 432 4.99 -21.74 -6.01
CA VAL A 432 5.72 -22.63 -5.09
C VAL A 432 6.81 -23.32 -5.89
N ALA A 433 8.05 -23.21 -5.40
CA ALA A 433 9.19 -23.83 -6.07
C ALA A 433 10.35 -23.90 -5.09
N LYS A 434 11.32 -24.74 -5.45
CA LYS A 434 12.59 -24.84 -4.72
C LYS A 434 13.72 -24.62 -5.71
N LEU A 435 14.61 -23.69 -5.39
CA LEU A 435 15.66 -23.27 -6.29
C LEU A 435 17.02 -23.69 -5.77
N ASN A 436 17.86 -24.19 -6.67
CA ASN A 436 19.22 -24.56 -6.30
C ASN A 436 20.07 -23.31 -6.09
N ALA A 437 20.83 -23.29 -5.00
CA ALA A 437 21.71 -22.17 -4.65
C ALA A 437 23.08 -22.68 -4.27
N ARG A 438 23.62 -23.59 -5.08
CA ARG A 438 24.92 -24.21 -4.79
C ARG A 438 26.03 -23.19 -5.09
N ALA A 439 26.25 -22.30 -4.13
CA ALA A 439 27.24 -21.26 -4.25
C ALA A 439 28.04 -21.15 -2.96
N ALA A 440 29.34 -20.89 -3.09
CA ALA A 440 30.19 -20.64 -1.93
C ALA A 440 29.97 -19.22 -1.44
N VAL A 441 29.89 -19.05 -0.12
CA VAL A 441 29.59 -17.78 0.50
C VAL A 441 30.85 -17.27 1.18
N ILE A 442 31.28 -16.07 0.79
CA ILE A 442 32.38 -15.37 1.43
C ILE A 442 31.82 -14.11 2.07
N ALA A 443 32.02 -13.98 3.38
CA ALA A 443 31.44 -12.86 4.13
C ALA A 443 32.51 -12.18 4.96
N ALA A 444 32.32 -10.87 5.16
CA ALA A 444 33.21 -10.07 5.97
C ALA A 444 32.40 -9.22 6.93
N GLY A 445 33.01 -8.88 8.07
CA GLY A 445 32.32 -8.10 9.07
C GLY A 445 33.30 -7.45 10.02
N ASN A 446 32.75 -6.61 10.89
CA ASN A 446 33.54 -5.87 11.86
C ASN A 446 33.19 -6.30 13.28
N PRO A 447 34.12 -6.18 14.22
CA PRO A 447 33.80 -6.50 15.62
C PRO A 447 32.84 -5.48 16.20
N LYS A 448 32.29 -5.83 17.36
CA LYS A 448 31.31 -4.96 18.02
C LYS A 448 31.92 -3.61 18.37
N PHE A 449 32.93 -3.61 19.23
CA PHE A 449 33.51 -2.38 19.76
C PHE A 449 34.79 -2.03 19.00
N GLY A 450 34.61 -1.56 17.76
CA GLY A 450 35.73 -1.14 16.95
C GLY A 450 36.74 -2.23 16.71
N ARG A 451 37.89 -2.13 17.37
CA ARG A 451 38.93 -3.15 17.25
C ARG A 451 38.45 -4.45 17.90
N TYR A 452 39.28 -5.48 17.77
CA TYR A 452 38.96 -6.80 18.29
C TYR A 452 39.57 -6.99 19.67
N ILE A 453 38.79 -7.59 20.57
CA ILE A 453 39.24 -7.89 21.92
C ILE A 453 39.63 -9.37 21.95
N SER A 454 40.91 -9.63 22.21
CA SER A 454 41.40 -11.00 22.13
C SER A 454 40.88 -11.87 23.28
N GLU A 455 40.82 -11.30 24.48
CA GLU A 455 40.44 -12.10 25.65
C GLU A 455 39.01 -12.61 25.54
N ARG A 456 38.09 -11.77 25.07
CA ARG A 456 36.70 -12.17 24.97
C ARG A 456 36.51 -13.18 23.84
N PRO A 457 35.52 -14.07 23.94
CA PRO A 457 35.31 -15.07 22.90
C PRO A 457 34.85 -14.45 21.59
N VAL A 458 34.82 -15.28 20.55
CA VAL A 458 34.41 -14.80 19.23
C VAL A 458 32.92 -14.46 19.22
N SER A 459 32.11 -15.25 19.92
CA SER A 459 30.66 -15.10 19.83
C SER A 459 30.19 -13.73 20.30
N ASP A 460 30.74 -13.24 21.42
CA ASP A 460 30.33 -11.97 21.97
C ASP A 460 31.09 -10.79 21.37
N ASN A 461 32.02 -11.04 20.46
CA ASN A 461 32.84 -9.99 19.89
C ASN A 461 32.48 -9.66 18.44
N ILE A 462 31.51 -10.34 17.85
CA ILE A 462 31.22 -10.17 16.43
C ILE A 462 29.78 -9.77 16.14
N ASN A 463 28.86 -9.86 17.11
CA ASN A 463 27.46 -9.45 16.92
C ASN A 463 26.79 -10.24 15.79
N LEU A 464 26.81 -11.56 15.94
CA LEU A 464 26.11 -12.46 15.04
C LEU A 464 25.53 -13.61 15.82
N PRO A 465 24.37 -14.14 15.41
CA PRO A 465 23.79 -15.29 16.10
C PRO A 465 24.70 -16.50 16.00
N PRO A 466 24.85 -17.27 17.07
CA PRO A 466 25.68 -18.48 17.00
C PRO A 466 25.17 -19.52 16.03
N THR A 467 23.88 -19.49 15.67
CA THR A 467 23.35 -20.45 14.71
C THR A 467 23.94 -20.28 13.32
N ILE A 468 24.43 -19.09 12.98
CA ILE A 468 25.05 -18.88 11.68
C ILE A 468 26.56 -19.11 11.72
N LEU A 469 27.18 -19.10 12.90
CA LEU A 469 28.62 -19.32 12.99
C LEU A 469 28.98 -20.75 12.66
N SER A 470 28.17 -21.71 13.09
CA SER A 470 28.44 -23.12 12.85
C SER A 470 28.36 -23.49 11.38
N ARG A 471 27.78 -22.63 10.53
CA ARG A 471 27.61 -22.92 9.12
C ARG A 471 28.82 -22.52 8.28
N PHE A 472 29.86 -21.97 8.89
CA PHE A 472 31.05 -21.54 8.18
C PHE A 472 32.17 -22.55 8.36
N ASP A 473 32.80 -22.94 7.26
CA ASP A 473 33.90 -23.90 7.33
C ASP A 473 35.09 -23.32 8.06
N LEU A 474 35.46 -22.08 7.76
CA LEU A 474 36.61 -21.44 8.38
C LEU A 474 36.25 -20.02 8.78
N ILE A 475 36.84 -19.58 9.89
CA ILE A 475 36.68 -18.22 10.39
C ILE A 475 38.06 -17.65 10.67
N PHE A 476 38.31 -16.42 10.20
CA PHE A 476 39.60 -15.78 10.37
C PHE A 476 39.41 -14.44 11.08
N ILE A 477 40.33 -14.12 11.97
CA ILE A 477 40.31 -12.87 12.72
C ILE A 477 41.53 -12.06 12.32
N LEU A 478 41.29 -10.83 11.85
CA LEU A 478 42.35 -9.92 11.44
C LEU A 478 42.48 -8.83 12.47
N LYS A 479 43.67 -8.68 13.04
CA LYS A 479 43.93 -7.69 14.07
C LYS A 479 44.94 -6.67 13.55
N ASP A 480 44.58 -5.39 13.63
CA ASP A 480 45.46 -4.31 13.19
C ASP A 480 46.17 -3.74 14.40
N GLN A 481 47.20 -4.45 14.85
CA GLN A 481 47.99 -4.03 16.00
C GLN A 481 49.28 -3.41 15.53
N PRO A 482 49.53 -2.14 15.81
CA PRO A 482 50.79 -1.52 15.38
C PRO A 482 51.99 -2.21 16.02
N GLY A 483 53.06 -2.32 15.24
CA GLY A 483 54.26 -2.99 15.71
C GLY A 483 55.46 -2.76 14.82
N GLU A 484 56.38 -3.71 14.79
CA GLU A 484 57.59 -3.57 13.99
C GLU A 484 57.35 -3.75 12.51
N GLN A 485 56.21 -4.31 12.12
CA GLN A 485 55.91 -4.55 10.70
C GLN A 485 55.35 -3.33 10.00
N ASP A 486 55.18 -2.21 10.71
CA ASP A 486 54.59 -1.02 10.10
C ASP A 486 55.48 -0.48 9.00
N ARG A 487 56.80 -0.48 9.21
CA ARG A 487 57.72 0.05 8.20
C ARG A 487 57.64 -0.76 6.91
N GLU A 488 57.57 -2.09 7.03
CA GLU A 488 57.43 -2.92 5.84
C GLU A 488 56.12 -2.65 5.13
N LEU A 489 55.04 -2.52 5.89
CA LEU A 489 53.74 -2.20 5.29
C LEU A 489 53.76 -0.86 4.59
N ALA A 490 54.37 0.15 5.23
CA ALA A 490 54.44 1.48 4.62
C ALA A 490 55.26 1.46 3.33
N ASN A 491 56.39 0.76 3.34
CA ASN A 491 57.21 0.66 2.14
C ASN A 491 56.48 -0.06 1.02
N TYR A 492 55.76 -1.13 1.36
CA TYR A 492 55.02 -1.88 0.35
C TYR A 492 53.91 -1.04 -0.27
N ILE A 493 53.18 -0.29 0.57
CA ILE A 493 52.07 0.51 0.07
C ILE A 493 52.58 1.61 -0.85
N LEU A 494 53.65 2.30 -0.45
CA LEU A 494 54.18 3.38 -1.27
C LEU A 494 54.70 2.87 -2.60
N ASP A 495 55.24 1.65 -2.63
CA ASP A 495 55.67 1.08 -3.90
C ASP A 495 54.49 0.85 -4.83
N VAL A 496 53.35 0.45 -4.28
CA VAL A 496 52.16 0.24 -5.09
C VAL A 496 51.71 1.55 -5.72
N HIS A 497 51.72 2.63 -4.95
CA HIS A 497 51.34 3.93 -5.47
C HIS A 497 52.33 4.46 -6.51
N SER A 498 53.55 3.93 -6.52
CA SER A 498 54.57 4.36 -7.46
C SER A 498 54.61 3.52 -8.73
N GLY A 499 53.69 2.55 -8.87
CA GLY A 499 53.65 1.72 -10.05
C GLY A 499 54.48 0.46 -10.00
N LYS A 500 55.24 0.24 -8.93
CA LYS A 500 56.04 -0.97 -8.81
C LYS A 500 55.13 -2.18 -8.63
N SER A 501 55.40 -3.24 -9.39
CA SER A 501 54.59 -4.44 -9.35
C SER A 501 55.47 -5.65 -9.13
N THR A 502 54.93 -6.64 -8.41
CA THR A 502 55.66 -7.87 -8.15
C THR A 502 55.76 -8.70 -9.43
N LYS A 503 56.77 -9.56 -9.46
CA LYS A 503 57.02 -10.43 -10.60
C LYS A 503 56.67 -11.87 -10.27
N ASN A 504 56.63 -12.69 -11.31
CA ASN A 504 56.22 -14.09 -11.20
C ASN A 504 54.81 -14.21 -10.62
N ILE A 505 53.92 -13.34 -11.07
CA ILE A 505 52.51 -13.36 -10.69
C ILE A 505 51.69 -13.76 -11.91
N ILE A 506 50.79 -14.72 -11.73
CA ILE A 506 49.87 -15.09 -12.79
C ILE A 506 48.82 -14.00 -12.93
N ASP A 507 48.61 -13.54 -14.16
CA ASP A 507 47.67 -12.45 -14.39
C ASP A 507 46.24 -12.94 -14.18
N ILE A 508 45.32 -11.97 -14.14
CA ILE A 508 43.92 -12.27 -13.84
C ILE A 508 43.32 -13.18 -14.91
N ASP A 509 43.55 -12.85 -16.18
CA ASP A 509 42.93 -13.59 -17.27
C ASP A 509 43.41 -15.04 -17.28
N THR A 510 44.71 -15.26 -17.12
CA THR A 510 45.22 -16.64 -17.06
C THR A 510 44.71 -17.35 -15.83
N LEU A 511 44.66 -16.66 -14.69
CA LEU A 511 44.20 -17.30 -13.45
C LEU A 511 42.74 -17.70 -13.56
N ARG A 512 41.91 -16.84 -14.16
CA ARG A 512 40.49 -17.16 -14.30
C ARG A 512 40.29 -18.39 -15.16
N LYS A 513 41.05 -18.49 -16.26
CA LYS A 513 40.94 -19.66 -17.12
C LYS A 513 41.40 -20.92 -16.39
N TYR A 514 42.46 -20.80 -15.58
CA TYR A 514 42.97 -21.95 -14.83
C TYR A 514 41.92 -22.49 -13.87
N ILE A 515 41.21 -21.60 -13.16
CA ILE A 515 40.21 -22.03 -12.21
C ILE A 515 39.04 -22.69 -12.93
N ALA A 516 38.60 -22.12 -14.05
CA ALA A 516 37.47 -22.68 -14.78
C ALA A 516 37.79 -24.08 -15.30
N TYR A 517 39.01 -24.29 -15.79
CA TYR A 517 39.41 -25.61 -16.25
C TYR A 517 39.42 -26.61 -15.09
N ALA A 518 39.97 -26.21 -13.94
CA ALA A 518 40.08 -27.12 -12.81
C ALA A 518 38.71 -27.51 -12.29
N ARG A 519 37.79 -26.55 -12.22
CA ARG A 519 36.45 -26.83 -11.70
C ARG A 519 35.62 -27.69 -12.63
N LYS A 520 36.07 -27.91 -13.86
CA LYS A 520 35.29 -28.62 -14.87
C LYS A 520 35.82 -30.01 -15.20
N TYR A 521 37.12 -30.24 -15.07
CA TYR A 521 37.72 -31.49 -15.52
C TYR A 521 38.47 -32.26 -14.44
N VAL A 522 38.53 -31.75 -13.23
CA VAL A 522 39.28 -32.39 -12.15
C VAL A 522 38.31 -32.75 -11.04
N THR A 523 38.29 -34.04 -10.68
CA THR A 523 37.47 -34.54 -9.58
C THR A 523 38.35 -35.45 -8.73
N PRO A 524 39.07 -34.89 -7.76
CA PRO A 524 40.01 -35.69 -6.97
C PRO A 524 39.30 -36.76 -6.15
N LYS A 525 40.01 -37.88 -5.95
CA LYS A 525 39.53 -38.99 -5.15
C LYS A 525 40.44 -39.18 -3.95
N ILE A 526 39.85 -39.45 -2.80
CA ILE A 526 40.60 -39.61 -1.57
C ILE A 526 41.16 -41.01 -1.49
N THR A 527 42.47 -41.12 -1.27
CA THR A 527 43.11 -42.41 -1.11
C THR A 527 42.96 -42.91 0.32
N SER A 528 43.34 -44.17 0.53
CA SER A 528 43.24 -44.77 1.85
C SER A 528 44.17 -44.09 2.85
N GLU A 529 45.37 -43.74 2.42
CA GLU A 529 46.33 -43.10 3.32
C GLU A 529 45.81 -41.76 3.82
N ALA A 530 45.20 -40.97 2.95
CA ALA A 530 44.66 -39.68 3.36
C ALA A 530 43.52 -39.87 4.37
N LYS A 531 42.69 -40.89 4.16
CA LYS A 531 41.57 -41.13 5.08
C LYS A 531 42.08 -41.46 6.47
N ASN A 532 43.14 -42.26 6.57
CA ASN A 532 43.67 -42.63 7.88
C ASN A 532 44.17 -41.40 8.63
N LEU A 533 44.89 -40.51 7.94
CA LEU A 533 45.41 -39.32 8.58
C LEU A 533 44.28 -38.42 9.10
N ILE A 534 43.25 -38.24 8.28
CA ILE A 534 42.12 -37.40 8.69
C ILE A 534 41.41 -38.03 9.88
N THR A 535 41.17 -39.34 9.83
CA THR A 535 40.49 -40.02 10.92
C THR A 535 41.31 -39.94 12.20
N ASP A 536 42.62 -40.18 12.10
CA ASP A 536 43.48 -40.14 13.27
C ASP A 536 43.50 -38.75 13.90
N PHE A 537 43.59 -37.71 13.07
CA PHE A 537 43.56 -36.35 13.59
C PHE A 537 42.23 -36.05 14.26
N PHE A 538 41.13 -36.53 13.68
CA PHE A 538 39.82 -36.25 14.25
C PHE A 538 39.66 -36.92 15.61
N VAL A 539 39.97 -38.21 15.70
CA VAL A 539 39.71 -38.95 16.93
C VAL A 539 40.62 -38.48 18.06
N GLU A 540 41.88 -38.16 17.74
CA GLU A 540 42.77 -37.62 18.76
C GLU A 540 42.34 -36.24 19.20
N MET A 541 41.81 -35.44 18.27
CA MET A 541 41.27 -34.13 18.63
C MET A 541 40.04 -34.29 19.51
N ARG A 542 39.13 -35.20 19.14
CA ARG A 542 37.94 -35.45 19.94
C ARG A 542 38.31 -35.90 21.35
N LYS A 543 39.27 -36.82 21.46
CA LYS A 543 39.73 -37.26 22.77
C LYS A 543 40.31 -36.10 23.56
N LYS A 544 41.13 -35.27 22.90
CA LYS A 544 41.64 -34.08 23.55
C LYS A 544 40.52 -33.10 23.88
N SER A 545 39.58 -32.91 22.95
CA SER A 545 38.47 -32.01 23.20
C SER A 545 37.51 -32.56 24.25
N SER A 546 37.42 -33.90 24.36
CA SER A 546 36.55 -34.50 25.36
C SER A 546 36.98 -34.15 26.77
N GLU A 547 38.28 -33.96 26.99
CA GLU A 547 38.77 -33.62 28.33
C GLU A 547 38.22 -32.27 28.78
N THR A 548 38.22 -31.27 27.89
CA THR A 548 37.73 -29.94 28.23
C THR A 548 37.24 -29.21 26.99
N PRO A 549 35.99 -29.45 26.57
CA PRO A 549 35.42 -28.75 25.42
C PRO A 549 34.84 -27.38 25.76
N ASP A 550 35.60 -26.60 26.51
CA ASP A 550 35.15 -25.29 26.99
C ASP A 550 35.61 -24.18 26.04
N SER A 551 35.08 -24.23 24.83
CA SER A 551 35.40 -23.25 23.80
C SER A 551 34.13 -22.77 23.11
N PRO A 552 34.08 -21.49 22.73
CA PRO A 552 32.92 -21.01 21.95
C PRO A 552 32.75 -21.73 20.63
N ILE A 553 33.85 -22.11 19.99
CA ILE A 553 33.79 -22.83 18.72
C ILE A 553 33.57 -24.32 19.01
N LEU A 554 32.55 -24.90 18.40
CA LEU A 554 32.23 -26.29 18.62
C LEU A 554 33.16 -27.20 17.81
N ILE A 555 33.14 -28.49 18.16
CA ILE A 555 34.04 -29.47 17.56
C ILE A 555 33.21 -30.62 16.99
N THR A 556 31.99 -30.30 16.55
CA THR A 556 31.06 -31.30 16.06
C THR A 556 31.63 -32.07 14.86
N PRO A 557 31.04 -33.22 14.52
CA PRO A 557 31.48 -33.94 13.32
C PRO A 557 31.36 -33.16 12.03
N ARG A 558 30.71 -31.99 12.04
CA ARG A 558 30.67 -31.16 10.84
C ARG A 558 32.07 -30.71 10.44
N GLN A 559 32.99 -30.61 11.41
CA GLN A 559 34.37 -30.27 11.09
C GLN A 559 35.03 -31.33 10.22
N LEU A 560 34.60 -32.59 10.37
CA LEU A 560 35.17 -33.66 9.55
C LEU A 560 34.89 -33.44 8.07
N GLU A 561 33.66 -33.01 7.74
CA GLU A 561 33.33 -32.73 6.36
C GLU A 561 34.19 -31.59 5.81
N ALA A 562 34.45 -30.57 6.63
CA ALA A 562 35.28 -29.46 6.19
C ALA A 562 36.69 -29.93 5.85
N LEU A 563 37.24 -30.84 6.65
CA LEU A 563 38.56 -31.38 6.35
C LEU A 563 38.56 -32.12 5.02
N ILE A 564 37.49 -32.86 4.74
CA ILE A 564 37.38 -33.57 3.46
C ILE A 564 37.34 -32.57 2.31
N ARG A 565 36.54 -31.52 2.44
CA ARG A 565 36.41 -30.54 1.37
C ARG A 565 37.72 -29.81 1.11
N ILE A 566 38.41 -29.41 2.18
CA ILE A 566 39.64 -28.65 2.01
C ILE A 566 40.71 -29.49 1.34
N SER A 567 40.83 -30.75 1.73
CA SER A 567 41.84 -31.62 1.13
C SER A 567 41.58 -31.82 -0.37
N GLU A 568 40.32 -31.96 -0.75
CA GLU A 568 39.99 -32.09 -2.17
C GLU A 568 40.33 -30.83 -2.93
N ALA A 569 40.10 -29.67 -2.32
CA ALA A 569 40.42 -28.40 -2.98
C ALA A 569 41.92 -28.28 -3.24
N TYR A 570 42.74 -28.73 -2.29
CA TYR A 570 44.18 -28.67 -2.48
C TYR A 570 44.62 -29.53 -3.66
N ALA A 571 44.04 -30.73 -3.78
CA ALA A 571 44.36 -31.58 -4.92
C ALA A 571 43.90 -30.94 -6.23
N LYS A 572 42.70 -30.34 -6.22
CA LYS A 572 42.20 -29.70 -7.42
C LYS A 572 43.03 -28.50 -7.83
N MET A 573 43.65 -27.83 -6.85
CA MET A 573 44.47 -26.66 -7.17
C MET A 573 45.67 -27.05 -8.02
N ALA A 574 46.28 -28.21 -7.73
CA ALA A 574 47.42 -28.71 -8.48
C ALA A 574 47.02 -29.57 -9.66
N LEU A 575 45.71 -29.65 -9.95
CA LEU A 575 45.20 -30.45 -11.07
C LEU A 575 45.54 -31.93 -10.90
N LYS A 576 45.43 -32.42 -9.66
CA LYS A 576 45.69 -33.81 -9.35
C LYS A 576 44.39 -34.59 -9.27
N ALA A 577 44.44 -35.85 -9.71
CA ALA A 577 43.26 -36.71 -9.71
C ALA A 577 43.07 -37.47 -8.40
N GLU A 578 44.05 -37.44 -7.49
CA GLU A 578 43.97 -38.15 -6.23
C GLU A 578 44.41 -37.24 -5.09
N VAL A 579 43.91 -37.54 -3.90
CA VAL A 579 44.29 -36.82 -2.69
C VAL A 579 45.35 -37.66 -1.98
N THR A 580 46.56 -37.12 -1.89
CA THR A 580 47.70 -37.86 -1.35
C THR A 580 47.95 -37.44 0.10
N ARG A 581 49.05 -37.96 0.66
CA ARG A 581 49.37 -37.66 2.06
C ARG A 581 49.67 -36.18 2.27
N GLU A 582 50.39 -35.57 1.32
CA GLU A 582 50.76 -34.17 1.48
C GLU A 582 49.54 -33.26 1.50
N ASP A 583 48.56 -33.52 0.64
CA ASP A 583 47.36 -32.70 0.62
C ASP A 583 46.58 -32.82 1.91
N ALA A 584 46.48 -34.03 2.46
CA ALA A 584 45.82 -34.22 3.74
C ALA A 584 46.57 -33.51 4.86
N GLU A 585 47.91 -33.56 4.83
CA GLU A 585 48.69 -32.88 5.85
C GLU A 585 48.48 -31.37 5.81
N ARG A 586 48.45 -30.79 4.61
CA ARG A 586 48.23 -29.35 4.50
C ARG A 586 46.83 -28.97 4.98
N ALA A 587 45.83 -29.81 4.67
CA ALA A 587 44.47 -29.52 5.12
C ALA A 587 44.38 -29.54 6.64
N ILE A 588 45.08 -30.47 7.28
CA ILE A 588 45.08 -30.53 8.74
C ILE A 588 45.69 -29.27 9.33
N ASN A 589 46.81 -28.80 8.75
CA ASN A 589 47.50 -27.64 9.29
C ASN A 589 46.62 -26.40 9.26
N ILE A 590 45.96 -26.14 8.12
CA ILE A 590 45.11 -24.97 8.02
C ILE A 590 43.88 -25.12 8.90
N MET A 591 43.35 -26.35 9.02
CA MET A 591 42.23 -26.57 9.93
C MET A 591 42.66 -26.41 11.37
N ARG A 592 43.87 -26.86 11.72
CA ARG A 592 44.34 -26.71 13.09
C ARG A 592 44.46 -25.25 13.48
N LEU A 593 44.95 -24.40 12.58
CA LEU A 593 45.07 -22.98 12.89
C LEU A 593 43.72 -22.37 13.21
N PHE A 594 42.69 -22.70 12.41
CA PHE A 594 41.35 -22.20 12.69
C PHE A 594 40.84 -22.68 14.04
N LEU A 595 41.09 -23.95 14.36
CA LEU A 595 40.64 -24.51 15.63
C LEU A 595 41.37 -23.90 16.83
N GLU A 596 42.45 -23.16 16.61
CA GLU A 596 43.18 -22.53 17.70
C GLU A 596 43.28 -21.03 17.60
N SER A 597 42.99 -20.43 16.44
CA SER A 597 43.03 -18.98 16.32
C SER A 597 41.72 -18.32 16.74
N VAL A 598 40.75 -19.09 17.19
CA VAL A 598 39.46 -18.53 17.62
C VAL A 598 39.49 -18.34 19.13
N GLY A 599 40.69 -18.35 19.72
CA GLY A 599 40.85 -18.09 21.13
C GLY A 599 40.89 -19.30 22.03
N VAL A 600 41.00 -20.50 21.47
CA VAL A 600 41.07 -21.73 22.25
C VAL A 600 42.38 -22.42 21.95
N ASP A 601 43.07 -22.87 22.98
CA ASP A 601 44.38 -23.51 22.85
C ASP A 601 44.20 -25.02 22.71
N MET A 602 45.24 -25.70 22.22
CA MET A 602 45.31 -27.15 22.15
C MET A 602 44.70 -27.86 23.36
N GLN B 8 14.83 39.62 -49.05
CA GLN B 8 14.74 38.77 -50.24
C GLN B 8 16.11 38.60 -50.88
N ILE B 9 17.07 39.39 -50.42
CA ILE B 9 18.43 39.30 -50.95
C ILE B 9 19.05 37.97 -50.57
N ASP B 10 19.84 37.40 -51.48
CA ASP B 10 20.48 36.12 -51.24
C ASP B 10 21.59 36.26 -50.22
N TYR B 11 21.44 35.61 -49.07
CA TYR B 11 22.42 35.69 -47.99
C TYR B 11 23.47 34.60 -48.06
N ARG B 12 23.34 33.64 -48.97
CA ARG B 12 24.35 32.58 -49.07
C ARG B 12 25.71 33.14 -49.43
N ASP B 13 25.75 34.11 -50.36
CA ASP B 13 27.00 34.77 -50.67
C ASP B 13 27.55 35.52 -49.47
N VAL B 14 26.67 36.19 -48.71
CA VAL B 14 27.09 36.89 -47.50
C VAL B 14 27.63 35.91 -46.47
N PHE B 15 26.97 34.76 -46.34
CA PHE B 15 27.43 33.75 -45.38
C PHE B 15 28.82 33.25 -45.74
N ILE B 16 29.05 32.95 -47.02
CA ILE B 16 30.31 32.34 -47.43
C ILE B 16 31.47 33.30 -47.20
N GLU B 17 31.30 34.56 -47.60
CA GLU B 17 32.36 35.54 -47.37
C GLU B 17 32.56 35.82 -45.89
N PHE B 18 31.48 35.73 -45.09
CA PHE B 18 31.62 35.87 -43.65
C PHE B 18 32.45 34.74 -43.07
N LEU B 19 32.20 33.50 -43.51
CA LEU B 19 32.98 32.37 -43.02
C LEU B 19 34.43 32.45 -43.50
N THR B 20 34.62 32.64 -44.81
CA THR B 20 35.97 32.65 -45.37
C THR B 20 36.77 33.85 -44.88
N THR B 21 36.14 35.02 -44.79
CA THR B 21 36.80 36.25 -44.38
C THR B 21 36.18 36.72 -43.07
N PHE B 22 36.92 36.51 -41.98
CA PHE B 22 36.51 37.02 -40.68
C PHE B 22 37.75 37.13 -39.79
N LYS B 23 37.79 38.19 -38.99
CA LYS B 23 38.91 38.45 -38.09
C LYS B 23 38.42 38.39 -36.65
N GLY B 24 39.07 37.54 -35.85
CA GLY B 24 38.76 37.43 -34.44
C GLY B 24 39.61 38.37 -33.60
N ASN B 25 39.39 38.30 -32.29
CA ASN B 25 40.18 39.10 -31.36
C ASN B 25 41.65 38.70 -31.40
N ASN B 26 41.92 37.40 -31.50
CA ASN B 26 43.29 36.91 -31.55
C ASN B 26 43.94 37.14 -32.91
N ASN B 27 43.19 37.57 -33.92
CA ASN B 27 43.69 37.82 -35.27
C ASN B 27 44.31 36.53 -35.84
N GLN B 28 43.43 35.54 -36.00
CA GLN B 28 43.85 34.26 -36.56
C GLN B 28 42.81 33.65 -37.50
N ASN B 29 41.77 34.40 -37.88
CA ASN B 29 40.68 33.88 -38.72
C ASN B 29 40.04 32.65 -38.05
N LYS B 30 39.38 32.93 -36.93
CA LYS B 30 38.86 31.86 -36.08
C LYS B 30 37.90 30.94 -36.83
N TYR B 31 37.08 31.50 -37.71
CA TYR B 31 35.96 30.75 -38.28
C TYR B 31 36.33 29.87 -39.47
N ILE B 32 37.57 29.90 -39.95
CA ILE B 32 37.98 28.97 -40.99
C ILE B 32 38.66 27.73 -40.41
N GLU B 33 39.12 27.78 -39.16
CA GLU B 33 39.68 26.59 -38.52
C GLU B 33 38.59 25.63 -38.07
N ARG B 34 37.43 26.16 -37.66
CA ARG B 34 36.32 25.30 -37.24
C ARG B 34 35.82 24.45 -38.41
N ILE B 35 35.62 25.07 -39.57
CA ILE B 35 35.23 24.31 -40.75
C ILE B 35 36.38 23.42 -41.22
N ASN B 36 37.63 23.85 -40.99
CA ASN B 36 38.77 23.01 -41.31
C ASN B 36 38.74 21.72 -40.49
N GLU B 37 38.42 21.82 -39.21
CA GLU B 37 38.25 20.64 -38.37
C GLU B 37 36.93 19.94 -38.61
N LEU B 38 35.98 20.58 -39.29
CA LEU B 38 34.70 19.94 -39.58
C LEU B 38 34.90 18.73 -40.48
N VAL B 39 35.74 18.85 -41.51
CA VAL B 39 36.01 17.71 -42.38
C VAL B 39 37.00 16.73 -41.77
N ALA B 40 37.84 17.20 -40.84
CA ALA B 40 38.81 16.30 -40.21
C ALA B 40 38.13 15.22 -39.38
N TYR B 41 37.08 15.59 -38.65
CA TYR B 41 36.39 14.65 -37.77
C TYR B 41 34.97 14.33 -38.20
N ARG B 42 34.45 15.02 -39.22
CA ARG B 42 33.12 14.74 -39.78
C ARG B 42 32.03 14.90 -38.72
N LYS B 43 32.01 16.05 -38.06
CA LYS B 43 31.06 16.29 -36.97
C LYS B 43 29.77 16.97 -37.44
N LYS B 44 29.67 17.33 -38.72
CA LYS B 44 28.42 17.80 -39.35
C LYS B 44 27.71 18.88 -38.53
N SER B 45 28.45 19.63 -37.72
CA SER B 45 27.84 20.69 -36.92
C SER B 45 28.83 21.84 -36.76
N LEU B 46 28.36 23.06 -37.02
CA LEU B 46 29.19 24.25 -36.93
C LEU B 46 28.58 25.22 -35.91
N ILE B 47 29.44 25.80 -35.08
CA ILE B 47 29.02 26.73 -34.03
C ILE B 47 29.38 28.13 -34.48
N ILE B 48 28.40 29.03 -34.46
CA ILE B 48 28.60 30.43 -34.83
C ILE B 48 28.03 31.31 -33.73
N GLU B 49 28.79 32.34 -33.35
CA GLU B 49 28.36 33.26 -32.31
C GLU B 49 27.54 34.40 -32.91
N PHE B 50 26.48 34.78 -32.21
CA PHE B 50 25.61 35.84 -32.73
C PHE B 50 26.28 37.20 -32.69
N SER B 51 27.18 37.44 -31.73
CA SER B 51 27.89 38.71 -31.69
C SER B 51 28.78 38.89 -32.90
N ASP B 52 29.42 37.82 -33.35
CA ASP B 52 30.32 37.92 -34.50
C ASP B 52 29.57 38.21 -35.79
N VAL B 53 28.46 37.52 -36.02
CA VAL B 53 27.71 37.73 -37.26
C VAL B 53 27.07 39.10 -37.27
N LEU B 54 26.59 39.58 -36.12
CA LEU B 54 26.01 40.91 -36.05
C LEU B 54 27.04 41.99 -36.37
N SER B 55 28.25 41.86 -35.82
CA SER B 55 29.30 42.82 -36.13
C SER B 55 29.69 42.77 -37.59
N PHE B 56 29.77 41.57 -38.16
CA PHE B 56 30.15 41.44 -39.57
C PHE B 56 29.03 41.90 -40.49
N ASN B 57 27.79 41.57 -40.15
CA ASN B 57 26.64 41.95 -40.99
C ASN B 57 25.41 42.04 -40.09
N GLU B 58 24.98 43.27 -39.80
CA GLU B 58 23.82 43.47 -38.94
C GLU B 58 22.56 42.87 -39.57
N ASN B 59 22.37 43.05 -40.88
CA ASN B 59 21.18 42.55 -41.53
C ASN B 59 21.12 41.02 -41.50
N LEU B 60 22.27 40.36 -41.68
CA LEU B 60 22.29 38.90 -41.67
C LEU B 60 21.89 38.34 -40.32
N ALA B 61 22.36 38.97 -39.23
CA ALA B 61 22.05 38.47 -37.89
C ALA B 61 20.56 38.58 -37.59
N TYR B 62 19.93 39.68 -37.99
CA TYR B 62 18.51 39.86 -37.71
C TYR B 62 17.67 38.81 -38.43
N GLU B 63 18.00 38.51 -39.68
CA GLU B 63 17.21 37.57 -40.46
C GLU B 63 17.20 36.18 -39.83
N ILE B 64 18.28 35.81 -39.14
CA ILE B 64 18.31 34.54 -38.43
C ILE B 64 17.35 34.57 -37.24
N ILE B 65 17.24 35.72 -36.57
CA ILE B 65 16.45 35.80 -35.35
C ILE B 65 14.97 35.59 -35.64
N ASN B 66 14.44 36.29 -36.64
CA ASN B 66 13.00 36.33 -36.85
C ASN B 66 12.51 35.42 -37.98
N ASN B 67 13.39 35.02 -38.89
CA ASN B 67 13.02 34.15 -40.00
C ASN B 67 13.76 32.82 -39.90
N THR B 68 13.98 32.35 -38.68
CA THR B 68 14.78 31.14 -38.47
C THR B 68 14.15 29.92 -39.13
N LYS B 69 12.82 29.90 -39.27
CA LYS B 69 12.15 28.74 -39.84
C LYS B 69 12.56 28.51 -41.29
N ILE B 70 12.66 29.58 -42.08
CA ILE B 70 12.86 29.45 -43.51
C ILE B 70 14.14 30.12 -43.96
N ILE B 71 15.14 30.19 -43.08
CA ILE B 71 16.45 30.70 -43.49
C ILE B 71 17.51 29.66 -43.15
N LEU B 72 17.25 28.82 -42.15
CA LEU B 72 18.24 27.81 -41.77
C LEU B 72 18.44 26.76 -42.85
N PRO B 73 17.39 26.16 -43.45
CA PRO B 73 17.65 25.17 -44.52
C PRO B 73 18.43 25.76 -45.69
N ILE B 74 18.18 27.02 -46.03
CA ILE B 74 18.95 27.66 -47.09
C ILE B 74 20.37 27.92 -46.63
N LEU B 75 20.53 28.44 -45.41
CA LEU B 75 21.87 28.70 -44.89
C LEU B 75 22.68 27.42 -44.72
N GLU B 76 22.04 26.37 -44.21
CA GLU B 76 22.74 25.09 -44.07
C GLU B 76 23.06 24.49 -45.43
N GLY B 77 22.14 24.60 -46.38
CA GLY B 77 22.39 24.06 -47.71
C GLY B 77 23.58 24.73 -48.39
N ALA B 78 23.74 26.04 -48.18
CA ALA B 78 24.88 26.74 -48.75
C ALA B 78 26.19 26.24 -48.15
N LEU B 79 26.20 25.98 -46.83
CA LEU B 79 27.42 25.50 -46.19
C LEU B 79 27.81 24.12 -46.69
N TYR B 80 26.82 23.26 -46.96
CA TYR B 80 27.11 21.91 -47.45
C TYR B 80 27.85 21.95 -48.78
N ASP B 81 27.44 22.85 -49.68
CA ASP B 81 28.12 22.96 -50.97
C ASP B 81 29.57 23.41 -50.81
N HIS B 82 29.80 24.36 -49.91
CA HIS B 82 31.17 24.83 -49.68
C HIS B 82 32.06 23.73 -49.13
N ILE B 83 31.54 22.92 -48.21
CA ILE B 83 32.31 21.82 -47.65
C ILE B 83 32.66 20.81 -48.74
N LEU B 84 31.69 20.50 -49.61
CA LEU B 84 31.95 19.56 -50.69
C LEU B 84 33.05 20.08 -51.62
N GLN B 85 33.05 21.39 -51.89
CA GLN B 85 34.11 21.96 -52.71
C GLN B 85 35.47 21.84 -52.02
N LEU B 86 35.50 22.07 -50.71
CA LEU B 86 36.76 21.93 -49.97
C LEU B 86 37.27 20.51 -50.00
N ASP B 87 36.38 19.53 -49.85
CA ASP B 87 36.77 18.13 -49.89
C ASP B 87 35.60 17.27 -50.38
N PRO B 88 35.70 16.71 -51.58
CA PRO B 88 34.60 15.85 -52.07
C PRO B 88 34.42 14.57 -51.27
N THR B 89 35.41 14.17 -50.47
CA THR B 89 35.29 12.94 -49.69
C THR B 89 34.20 13.01 -48.64
N TYR B 90 33.76 14.22 -48.28
CA TYR B 90 32.67 14.36 -47.32
C TYR B 90 31.36 13.76 -47.84
N GLN B 91 31.23 13.63 -49.15
CA GLN B 91 30.05 12.98 -49.72
C GLN B 91 30.01 11.51 -49.35
N ARG B 92 28.80 10.96 -49.32
CA ARG B 92 28.49 9.57 -48.96
C ARG B 92 28.79 9.26 -47.51
N ASP B 93 29.25 10.24 -46.72
CA ASP B 93 29.45 10.08 -45.28
C ASP B 93 28.46 10.89 -44.46
N ILE B 94 28.21 12.13 -44.86
CA ILE B 94 27.26 13.02 -44.18
C ILE B 94 26.30 13.57 -45.23
N GLU B 95 25.01 13.38 -45.00
CA GLU B 95 24.00 13.87 -45.94
C GLU B 95 23.60 15.31 -45.67
N LYS B 96 23.44 15.69 -44.41
CA LYS B 96 23.04 17.03 -44.03
C LYS B 96 23.93 17.54 -42.91
N VAL B 97 24.18 18.85 -42.94
CA VAL B 97 25.02 19.51 -41.94
C VAL B 97 24.19 20.58 -41.23
N HIS B 98 24.25 20.59 -39.91
CA HIS B 98 23.48 21.52 -39.10
C HIS B 98 24.34 22.68 -38.65
N VAL B 99 23.75 23.87 -38.62
CA VAL B 99 24.41 25.08 -38.15
C VAL B 99 23.71 25.54 -36.88
N ARG B 100 24.46 25.66 -35.80
CA ARG B 100 23.91 26.02 -34.50
C ARG B 100 24.32 27.45 -34.16
N ILE B 101 23.34 28.27 -33.78
CA ILE B 101 23.56 29.67 -33.45
C ILE B 101 23.39 29.84 -31.95
N VAL B 102 24.37 30.48 -31.32
CA VAL B 102 24.37 30.70 -29.88
C VAL B 102 24.47 32.20 -29.62
N GLY B 103 24.26 32.58 -28.36
CA GLY B 103 24.33 33.98 -27.98
C GLY B 103 23.15 34.82 -28.41
N ILE B 104 21.97 34.22 -28.52
CA ILE B 104 20.77 34.98 -28.90
C ILE B 104 20.44 36.00 -27.80
N PRO B 105 20.26 37.27 -28.14
CA PRO B 105 19.89 38.26 -27.10
C PRO B 105 18.53 38.02 -26.48
N ARG B 106 17.66 37.25 -27.14
CA ARG B 106 16.31 37.01 -26.65
C ARG B 106 16.37 35.92 -25.58
N VAL B 107 16.61 36.34 -24.34
CA VAL B 107 16.67 35.44 -23.19
C VAL B 107 15.42 35.65 -22.35
N ILE B 108 14.71 34.56 -22.09
CA ILE B 108 13.44 34.60 -21.37
C ILE B 108 13.57 33.69 -20.15
N GLU B 109 13.11 34.17 -19.01
CA GLU B 109 13.05 33.34 -17.81
C GLU B 109 12.03 32.23 -18.01
N LEU B 110 12.27 31.09 -17.35
CA LEU B 110 11.41 29.93 -17.54
C LEU B 110 9.99 30.20 -17.08
N ARG B 111 9.81 31.02 -16.05
CA ARG B 111 8.49 31.32 -15.52
C ARG B 111 7.77 32.41 -16.29
N LYS B 112 8.47 33.15 -17.15
CA LYS B 112 7.90 34.30 -17.84
C LYS B 112 7.48 33.99 -19.27
N ILE B 113 7.50 32.71 -19.67
CA ILE B 113 7.11 32.36 -21.03
C ILE B 113 5.61 32.49 -21.19
N ARG B 114 5.19 33.20 -22.23
CA ARG B 114 3.78 33.43 -22.51
C ARG B 114 3.49 33.00 -23.95
N SER B 115 2.24 33.21 -24.37
CA SER B 115 1.81 32.77 -25.69
C SER B 115 2.52 33.53 -26.80
N THR B 116 2.95 34.77 -26.54
CA THR B 116 3.59 35.57 -27.57
C THR B 116 4.96 35.05 -27.96
N ASP B 117 5.55 34.17 -27.17
CA ASP B 117 6.89 33.64 -27.44
C ASP B 117 6.87 32.35 -28.25
N ILE B 118 5.70 31.84 -28.60
CA ILE B 118 5.63 30.59 -29.36
C ILE B 118 6.05 30.85 -30.79
N GLY B 119 6.92 29.99 -31.32
CA GLY B 119 7.40 30.12 -32.68
C GLY B 119 8.56 31.05 -32.87
N LYS B 120 9.19 31.52 -31.79
CA LYS B 120 10.33 32.42 -31.87
C LYS B 120 11.56 31.76 -31.28
N LEU B 121 12.73 32.16 -31.76
CA LEU B 121 14.00 31.63 -31.26
C LEU B 121 14.36 32.34 -29.97
N ILE B 122 14.38 31.60 -28.86
CA ILE B 122 14.67 32.16 -27.55
C ILE B 122 15.73 31.29 -26.88
N THR B 123 16.23 31.80 -25.74
CA THR B 123 17.24 31.10 -24.96
C THR B 123 16.78 31.02 -23.51
N ILE B 124 17.01 29.87 -22.89
CA ILE B 124 16.59 29.62 -21.51
C ILE B 124 17.77 29.05 -20.75
N ASP B 125 18.00 29.57 -19.54
CA ASP B 125 19.04 29.09 -18.66
C ASP B 125 18.40 28.32 -17.50
N GLY B 126 18.89 27.12 -17.25
CA GLY B 126 18.30 26.29 -16.22
C GLY B 126 19.19 25.14 -15.84
N ILE B 127 18.58 24.17 -15.16
CA ILE B 127 19.28 22.99 -14.65
C ILE B 127 18.68 21.75 -15.29
N LEU B 128 19.54 20.87 -15.79
CA LEU B 128 19.09 19.62 -16.38
C LEU B 128 18.87 18.59 -15.27
N VAL B 129 17.66 18.02 -15.22
CA VAL B 129 17.30 17.13 -14.12
C VAL B 129 17.04 15.72 -14.59
N LYS B 130 16.56 15.56 -15.82
CA LYS B 130 16.17 14.25 -16.33
C LYS B 130 16.60 14.10 -17.78
N VAL B 131 17.11 12.91 -18.10
CA VAL B 131 17.46 12.55 -19.47
C VAL B 131 16.92 11.15 -19.76
N THR B 132 16.38 10.97 -20.94
CA THR B 132 15.85 9.68 -21.38
C THR B 132 16.82 9.01 -22.34
N PRO B 133 16.75 7.68 -22.47
CA PRO B 133 17.62 7.00 -23.44
C PRO B 133 17.33 7.43 -24.86
N VAL B 134 18.35 7.35 -25.70
CA VAL B 134 18.24 7.77 -27.10
C VAL B 134 17.29 6.84 -27.83
N LYS B 135 16.36 7.43 -28.59
CA LYS B 135 15.42 6.66 -29.39
C LYS B 135 15.45 7.11 -30.85
N GLU B 136 14.52 6.62 -31.65
CA GLU B 136 14.46 6.95 -33.08
C GLU B 136 13.11 7.54 -33.41
N ARG B 137 13.11 8.55 -34.27
CA ARG B 137 11.90 9.23 -34.71
C ARG B 137 11.78 9.12 -36.22
N ILE B 138 10.58 8.87 -36.71
CA ILE B 138 10.31 8.74 -38.13
C ILE B 138 9.94 10.10 -38.69
N TYR B 139 10.64 10.52 -39.75
CA TYR B 139 10.27 11.73 -40.47
C TYR B 139 9.87 11.47 -41.92
N LYS B 140 10.03 10.24 -42.41
CA LYS B 140 9.55 9.90 -43.76
C LYS B 140 9.35 8.40 -43.79
N ALA B 141 8.09 7.97 -43.81
CA ALA B 141 7.75 6.55 -43.75
C ALA B 141 7.53 5.98 -45.14
N THR B 142 7.44 4.66 -45.19
CA THR B 142 7.12 3.93 -46.42
C THR B 142 6.04 2.91 -46.10
N TYR B 143 5.01 2.86 -46.95
CA TYR B 143 3.85 2.02 -46.70
C TYR B 143 3.60 1.10 -47.88
N LYS B 144 2.95 -0.02 -47.59
CA LYS B 144 2.49 -0.96 -48.60
C LYS B 144 0.99 -1.11 -48.47
N HIS B 145 0.28 -0.92 -49.58
CA HIS B 145 -1.18 -1.07 -49.58
C HIS B 145 -1.52 -2.55 -49.63
N ILE B 146 -2.11 -3.05 -48.55
CA ILE B 146 -2.45 -4.49 -48.46
C ILE B 146 -3.84 -4.63 -49.06
N HIS B 147 -3.87 -4.75 -50.38
CA HIS B 147 -5.10 -4.95 -51.14
C HIS B 147 -4.72 -5.65 -52.44
N PRO B 148 -5.23 -6.86 -52.67
CA PRO B 148 -4.59 -7.78 -53.62
C PRO B 148 -4.28 -7.22 -55.00
N ASP B 149 -4.75 -6.02 -55.29
CA ASP B 149 -4.50 -5.40 -56.58
C ASP B 149 -3.36 -4.39 -56.57
N CYS B 150 -2.92 -3.91 -55.40
CA CYS B 150 -1.98 -2.79 -55.35
C CYS B 150 -0.52 -3.25 -55.26
N MET B 151 -0.14 -3.89 -54.16
CA MET B 151 1.26 -4.20 -53.85
C MET B 151 2.18 -3.06 -54.26
N GLN B 152 1.91 -1.89 -53.69
CA GLN B 152 2.63 -0.67 -54.05
C GLN B 152 3.34 -0.07 -52.84
N GLU B 153 4.50 0.50 -53.09
CA GLU B 153 5.28 1.19 -52.07
C GLU B 153 5.25 2.68 -52.35
N PHE B 154 5.06 3.47 -51.30
CA PHE B 154 5.01 4.92 -51.45
C PHE B 154 5.42 5.59 -50.15
N GLU B 155 6.22 6.65 -50.27
CA GLU B 155 6.52 7.49 -49.11
C GLU B 155 5.28 8.30 -48.77
N TRP B 156 4.72 8.08 -47.58
CA TRP B 156 3.40 8.63 -47.29
C TRP B 156 3.39 10.15 -47.27
N PRO B 157 4.12 10.84 -46.37
CA PRO B 157 4.03 12.30 -46.37
C PRO B 157 4.76 12.88 -47.57
N GLU B 158 4.00 13.31 -48.57
CA GLU B 158 4.61 13.83 -49.79
C GLU B 158 5.03 15.28 -49.60
N ASP B 159 6.21 15.60 -50.13
CA ASP B 159 6.83 16.93 -50.06
C ASP B 159 6.68 17.56 -48.68
N GLU B 160 6.76 16.74 -47.63
CA GLU B 160 6.59 17.19 -46.26
C GLU B 160 7.04 16.08 -45.33
N GLU B 161 7.59 16.46 -44.19
CA GLU B 161 8.04 15.48 -43.21
C GLU B 161 6.88 15.00 -42.36
N MET B 162 7.08 13.85 -41.72
CA MET B 162 6.06 13.34 -40.81
C MET B 162 5.86 14.31 -39.65
N PRO B 163 4.62 14.65 -39.31
CA PRO B 163 4.40 15.53 -38.16
C PRO B 163 4.71 14.84 -36.84
N GLU B 164 4.48 15.53 -35.72
CA GLU B 164 4.73 14.93 -34.43
C GLU B 164 3.83 13.71 -34.20
N VAL B 165 2.59 13.80 -34.63
CA VAL B 165 1.65 12.69 -34.51
C VAL B 165 1.76 11.80 -35.73
N LEU B 166 1.97 10.51 -35.52
CA LEU B 166 2.05 9.57 -36.62
C LEU B 166 0.69 9.40 -37.26
N GLU B 167 0.64 9.49 -38.59
CA GLU B 167 -0.60 9.36 -39.35
C GLU B 167 -0.40 8.38 -40.49
N MET B 168 -1.32 7.43 -40.61
CA MET B 168 -1.35 6.46 -41.69
C MET B 168 -2.32 6.90 -42.78
N PRO B 169 -1.95 6.76 -44.05
CA PRO B 169 -2.84 7.20 -45.13
C PRO B 169 -4.16 6.45 -45.11
N THR B 170 -5.23 7.15 -45.50
CA THR B 170 -6.54 6.56 -45.62
C THR B 170 -6.89 6.17 -47.05
N ILE B 171 -6.35 6.88 -48.03
CA ILE B 171 -6.57 6.60 -49.44
C ILE B 171 -5.22 6.31 -50.08
N CYS B 172 -5.13 5.19 -50.79
CA CYS B 172 -3.86 4.81 -51.41
C CYS B 172 -3.55 5.78 -52.55
N PRO B 173 -2.43 6.49 -52.51
CA PRO B 173 -2.10 7.41 -53.61
C PRO B 173 -1.82 6.68 -54.92
N LYS B 174 -1.51 5.39 -54.88
CA LYS B 174 -1.20 4.64 -56.09
C LYS B 174 -2.44 4.13 -56.82
N CYS B 175 -3.56 3.96 -56.10
CA CYS B 175 -4.78 3.44 -56.73
C CYS B 175 -6.03 4.23 -56.35
N GLY B 176 -5.98 5.10 -55.37
CA GLY B 176 -7.14 5.87 -54.98
C GLY B 176 -8.17 5.12 -54.17
N LYS B 177 -7.86 3.91 -53.72
CA LYS B 177 -8.80 3.12 -52.95
C LYS B 177 -8.35 3.03 -51.49
N PRO B 178 -9.28 2.89 -50.56
CA PRO B 178 -8.92 2.70 -49.15
C PRO B 178 -8.48 1.26 -48.90
N GLY B 179 -8.23 0.96 -47.64
CA GLY B 179 -7.80 -0.36 -47.24
C GLY B 179 -6.90 -0.28 -46.03
N GLN B 180 -6.03 -1.28 -45.90
CA GLN B 180 -5.06 -1.35 -44.82
C GLN B 180 -3.65 -1.23 -45.39
N PHE B 181 -2.79 -0.53 -44.66
CA PHE B 181 -1.43 -0.26 -45.09
C PHE B 181 -0.44 -0.80 -44.06
N ARG B 182 0.66 -1.37 -44.57
CA ARG B 182 1.68 -1.97 -43.72
C ARG B 182 2.96 -1.16 -43.82
N LEU B 183 3.50 -0.77 -42.67
CA LEU B 183 4.75 -0.04 -42.63
C LEU B 183 5.92 -0.93 -43.03
N ILE B 184 6.89 -0.35 -43.72
CA ILE B 184 8.08 -1.06 -44.16
C ILE B 184 9.29 -0.42 -43.49
N PRO B 185 9.78 -1.01 -42.40
CA PRO B 185 10.86 -0.38 -41.64
C PRO B 185 12.15 -0.17 -42.43
N GLU B 186 12.49 -1.08 -43.34
CA GLU B 186 13.77 -0.99 -44.03
C GLU B 186 13.85 0.20 -44.97
N LYS B 187 12.71 0.71 -45.43
CA LYS B 187 12.67 1.86 -46.32
C LYS B 187 12.30 3.15 -45.61
N THR B 188 12.20 3.12 -44.29
CA THR B 188 11.81 4.29 -43.50
C THR B 188 13.05 5.07 -43.09
N LYS B 189 12.94 6.39 -43.12
CA LYS B 189 14.04 7.27 -42.72
C LYS B 189 13.84 7.68 -41.27
N LEU B 190 14.89 7.51 -40.47
CA LEU B 190 14.83 7.76 -39.03
C LEU B 190 15.77 8.89 -38.64
N ILE B 191 15.62 9.34 -37.39
CA ILE B 191 16.49 10.37 -36.83
C ILE B 191 16.56 10.13 -35.32
N ASP B 192 17.73 10.39 -34.75
CA ASP B 192 17.93 10.19 -33.33
C ASP B 192 17.08 11.16 -32.52
N TRP B 193 16.55 10.69 -31.40
CA TRP B 193 15.58 11.46 -30.63
C TRP B 193 15.84 11.25 -29.14
N GLN B 194 15.78 12.33 -28.37
CA GLN B 194 15.99 12.27 -26.94
C GLN B 194 15.17 13.35 -26.27
N LYS B 195 14.69 13.06 -25.06
CA LYS B 195 13.85 13.97 -24.29
C LYS B 195 14.52 14.28 -22.96
N ALA B 196 14.44 15.54 -22.55
CA ALA B 196 15.05 15.99 -21.31
C ALA B 196 14.16 17.03 -20.65
N VAL B 197 14.40 17.24 -19.36
CA VAL B 197 13.62 18.17 -18.55
C VAL B 197 14.56 19.22 -17.97
N ILE B 198 14.17 20.48 -18.10
CA ILE B 198 14.94 21.62 -17.61
C ILE B 198 14.19 22.25 -16.46
N GLN B 199 14.89 22.49 -15.36
CA GLN B 199 14.31 23.13 -14.18
C GLN B 199 14.94 24.50 -13.98
N GLU B 200 14.13 25.46 -13.56
CA GLU B 200 14.63 26.81 -13.34
C GLU B 200 15.57 26.86 -12.15
N ARG B 201 16.52 27.79 -12.19
CA ARG B 201 17.51 27.91 -11.14
C ARG B 201 16.84 28.38 -9.85
N PRO B 202 17.39 27.98 -8.69
CA PRO B 202 16.80 28.42 -7.42
C PRO B 202 16.85 29.92 -7.20
N GLU B 203 17.73 30.62 -7.91
CA GLU B 203 17.84 32.06 -7.73
C GLU B 203 16.57 32.78 -8.17
N GLU B 204 15.97 32.34 -9.27
CA GLU B 204 14.83 33.03 -9.86
C GLU B 204 13.49 32.48 -9.41
N VAL B 205 13.48 31.51 -8.51
CA VAL B 205 12.19 31.00 -8.01
C VAL B 205 11.55 32.04 -7.11
N PRO B 206 10.28 32.40 -7.33
CA PRO B 206 9.64 33.39 -6.47
C PRO B 206 9.39 32.84 -5.07
N SER B 207 9.14 33.75 -4.14
CA SER B 207 8.96 33.38 -2.75
C SER B 207 7.73 32.49 -2.58
N GLY B 208 7.90 31.42 -1.81
CA GLY B 208 6.78 30.55 -1.48
C GLY B 208 6.28 29.70 -2.62
N GLN B 209 7.08 29.48 -3.66
CA GLN B 209 6.67 28.73 -4.84
C GLN B 209 7.68 27.62 -5.12
N LEU B 210 7.20 26.55 -5.72
CA LEU B 210 8.06 25.47 -6.14
C LEU B 210 8.63 25.75 -7.54
N PRO B 211 9.82 25.24 -7.84
CA PRO B 211 10.41 25.50 -9.15
C PRO B 211 9.61 24.83 -10.27
N ARG B 212 9.64 25.46 -11.43
CA ARG B 212 8.93 24.97 -12.60
C ARG B 212 9.88 24.18 -13.51
N GLN B 213 9.28 23.39 -14.40
CA GLN B 213 10.04 22.53 -15.29
C GLN B 213 9.54 22.71 -16.72
N LEU B 214 10.46 22.53 -17.67
CA LEU B 214 10.16 22.60 -19.09
C LEU B 214 10.75 21.39 -19.80
N GLU B 215 9.99 20.83 -20.73
CA GLU B 215 10.45 19.69 -21.51
C GLU B 215 11.13 20.17 -22.78
N ILE B 216 12.29 19.60 -23.08
CA ILE B 216 13.06 19.94 -24.27
C ILE B 216 13.35 18.67 -25.05
N ILE B 217 13.56 18.82 -26.35
CA ILE B 217 13.79 17.69 -27.25
C ILE B 217 15.14 17.90 -27.93
N LEU B 218 15.99 16.88 -27.85
CA LEU B 218 17.29 16.88 -28.52
C LEU B 218 17.27 15.85 -29.63
N GLU B 219 17.77 16.24 -30.80
CA GLU B 219 17.71 15.39 -31.99
C GLU B 219 19.06 15.37 -32.70
N ASP B 220 19.31 14.28 -33.41
CA ASP B 220 20.50 14.10 -34.25
C ASP B 220 21.74 14.16 -33.36
N ASP B 221 22.68 15.06 -33.61
CA ASP B 221 23.96 15.05 -32.91
C ASP B 221 23.91 15.72 -31.54
N LEU B 222 22.77 16.30 -31.17
CA LEU B 222 22.66 16.93 -29.86
C LEU B 222 22.38 15.93 -28.74
N VAL B 223 22.15 14.66 -29.07
CA VAL B 223 21.83 13.68 -28.03
C VAL B 223 23.07 13.40 -27.20
N ASP B 224 22.84 13.11 -25.92
CA ASP B 224 23.90 12.77 -24.97
C ASP B 224 24.96 13.88 -24.90
N SER B 225 24.51 15.12 -24.95
CA SER B 225 25.41 16.28 -24.86
C SER B 225 25.54 16.82 -23.44
N ALA B 226 24.85 16.23 -22.47
CA ALA B 226 24.91 16.70 -21.10
C ALA B 226 24.46 15.58 -20.17
N ARG B 227 24.71 15.77 -18.88
CA ARG B 227 24.34 14.83 -17.84
C ARG B 227 23.48 15.53 -16.81
N PRO B 228 22.63 14.79 -16.09
CA PRO B 228 21.74 15.42 -15.11
C PRO B 228 22.52 16.18 -14.05
N GLY B 229 21.96 17.30 -13.61
CA GLY B 229 22.61 18.18 -12.67
C GLY B 229 23.41 19.30 -13.28
N ASP B 230 23.61 19.29 -14.60
CA ASP B 230 24.36 20.34 -15.26
C ASP B 230 23.55 21.62 -15.37
N ARG B 231 24.25 22.75 -15.42
CA ARG B 231 23.63 24.04 -15.70
C ARG B 231 23.90 24.39 -17.16
N VAL B 232 22.83 24.54 -17.94
CA VAL B 232 22.94 24.66 -19.38
C VAL B 232 22.13 25.84 -19.88
N LYS B 233 22.48 26.30 -21.08
CA LYS B 233 21.70 27.28 -21.83
C LYS B 233 21.26 26.64 -23.13
N VAL B 234 19.96 26.70 -23.41
CA VAL B 234 19.38 26.03 -24.57
C VAL B 234 18.72 27.06 -25.46
N THR B 235 18.95 26.94 -26.77
CA THR B 235 18.37 27.83 -27.77
C THR B 235 17.54 27.01 -28.74
N GLY B 236 16.33 27.48 -29.03
CA GLY B 236 15.45 26.73 -29.91
C GLY B 236 14.10 27.40 -30.05
N ILE B 237 13.13 26.64 -30.54
CA ILE B 237 11.80 27.14 -30.85
C ILE B 237 10.80 26.45 -29.95
N LEU B 238 9.92 27.23 -29.33
CA LEU B 238 8.85 26.67 -28.51
C LEU B 238 7.73 26.13 -29.38
N ASP B 239 7.00 25.15 -28.86
CA ASP B 239 5.87 24.57 -29.56
C ASP B 239 4.98 23.86 -28.55
N ILE B 240 3.71 23.69 -28.94
CA ILE B 240 2.75 23.02 -28.08
C ILE B 240 2.93 21.51 -28.23
N LYS B 241 2.72 20.79 -27.13
CA LYS B 241 2.96 19.36 -27.06
C LYS B 241 1.65 18.61 -27.26
N GLN B 242 1.67 17.61 -28.14
CA GLN B 242 0.53 16.73 -28.39
C GLN B 242 0.90 15.34 -27.91
N ASP B 243 0.08 14.77 -27.02
CA ASP B 243 0.34 13.46 -26.45
C ASP B 243 -0.73 12.44 -26.83
N SER B 244 -2.00 12.76 -26.63
CA SER B 244 -3.11 11.88 -27.00
C SER B 244 -4.15 12.67 -27.77
N PRO B 245 -3.83 13.10 -29.00
CA PRO B 245 -4.81 13.88 -29.78
C PRO B 245 -6.06 13.10 -30.13
N VAL B 246 -5.99 11.77 -30.19
CA VAL B 246 -7.15 10.97 -30.57
C VAL B 246 -8.24 11.11 -29.52
N LYS B 247 -7.88 11.02 -28.25
CA LYS B 247 -8.83 11.18 -27.16
C LYS B 247 -9.08 12.67 -26.94
N ARG B 248 -10.25 13.15 -27.35
CA ARG B 248 -10.60 14.55 -27.15
C ARG B 248 -10.67 14.86 -25.65
N GLY B 249 -11.62 14.23 -24.96
CA GLY B 249 -11.76 14.43 -23.53
C GLY B 249 -11.90 15.87 -23.11
N SER B 250 -12.51 16.71 -23.97
CA SER B 250 -12.59 18.14 -23.74
C SER B 250 -11.21 18.73 -23.49
N ARG B 251 -11.17 19.87 -22.80
CA ARG B 251 -9.93 20.47 -22.31
C ARG B 251 -8.94 20.71 -23.45
N ALA B 252 -9.32 21.64 -24.33
CA ALA B 252 -8.43 22.04 -25.40
C ALA B 252 -7.31 22.89 -24.85
N VAL B 253 -6.54 22.34 -23.91
CA VAL B 253 -5.44 23.02 -23.25
C VAL B 253 -4.20 22.17 -23.42
N PHE B 254 -3.12 22.78 -23.88
CA PHE B 254 -1.90 22.06 -24.23
C PHE B 254 -0.71 22.59 -23.45
N ASP B 255 0.28 21.73 -23.28
CA ASP B 255 1.55 22.09 -22.68
C ASP B 255 2.56 22.40 -23.77
N ILE B 256 3.60 23.15 -23.39
CA ILE B 256 4.60 23.61 -24.35
C ILE B 256 5.90 22.86 -24.12
N TYR B 257 6.61 22.62 -25.22
CA TYR B 257 7.93 22.03 -25.19
C TYR B 257 8.84 22.84 -26.10
N MET B 258 10.11 22.45 -26.14
CA MET B 258 11.13 23.23 -26.82
C MET B 258 11.97 22.32 -27.72
N LYS B 259 12.16 22.73 -28.96
CA LYS B 259 13.01 22.01 -29.90
C LYS B 259 14.39 22.66 -29.88
N VAL B 260 15.36 21.97 -29.27
CA VAL B 260 16.67 22.57 -29.04
C VAL B 260 17.43 22.68 -30.35
N SER B 261 18.00 23.86 -30.60
CA SER B 261 18.88 24.07 -31.74
C SER B 261 20.36 24.13 -31.35
N SER B 262 20.65 24.49 -30.11
CA SER B 262 22.03 24.51 -29.62
C SER B 262 21.99 24.48 -28.10
N ILE B 263 23.02 23.90 -27.50
CA ILE B 263 23.11 23.75 -26.05
C ILE B 263 24.53 24.05 -25.61
N GLU B 264 24.66 24.83 -24.54
CA GLU B 264 25.95 25.17 -23.96
C GLU B 264 25.96 24.77 -22.50
N VAL B 265 27.00 24.08 -22.07
CA VAL B 265 27.14 23.62 -20.69
C VAL B 265 28.09 24.56 -19.96
N SER B 266 27.63 25.08 -18.83
CA SER B 266 28.43 26.00 -18.04
C SER B 266 29.50 25.26 -17.25
N SER B 273 38.01 31.39 -24.23
CA SER B 273 38.43 30.34 -23.31
C SER B 273 39.94 30.37 -23.09
N GLU B 274 40.68 30.64 -24.17
CA GLU B 274 42.14 30.62 -24.09
C GLU B 274 42.67 31.72 -23.18
N GLU B 275 41.96 32.84 -23.08
CA GLU B 275 42.39 33.90 -22.17
C GLU B 275 42.35 33.45 -20.72
N ASP B 276 41.52 32.46 -20.39
CA ASP B 276 41.51 31.92 -19.04
C ASP B 276 42.79 31.13 -18.75
N GLU B 277 43.34 30.45 -19.75
CA GLU B 277 44.52 29.62 -19.55
C GLU B 277 45.70 30.46 -19.07
N LYS B 278 45.98 31.58 -19.75
CA LYS B 278 47.10 32.40 -19.34
C LYS B 278 46.81 33.12 -18.03
N LYS B 279 45.55 33.44 -17.76
CA LYS B 279 45.19 34.00 -16.47
C LYS B 279 45.46 33.02 -15.35
N ILE B 280 45.10 31.74 -15.56
CA ILE B 280 45.39 30.72 -14.56
C ILE B 280 46.89 30.50 -14.43
N LYS B 281 47.60 30.45 -15.55
CA LYS B 281 49.05 30.26 -15.50
C LYS B 281 49.73 31.43 -14.80
N ASP B 282 49.24 32.64 -15.00
CA ASP B 282 49.81 33.79 -14.31
C ASP B 282 49.64 33.68 -12.80
N LEU B 283 48.46 33.21 -12.36
CA LEU B 283 48.23 33.05 -10.94
C LEU B 283 49.17 32.03 -10.32
N ALA B 284 49.41 30.92 -11.03
CA ALA B 284 50.26 29.86 -10.50
C ALA B 284 51.72 30.27 -10.40
N LYS B 285 52.12 31.35 -11.08
CA LYS B 285 53.51 31.78 -11.04
C LYS B 285 53.88 32.43 -9.71
N ASP B 286 52.91 32.90 -8.95
CA ASP B 286 53.19 33.52 -7.68
C ASP B 286 53.66 32.48 -6.67
N PRO B 287 54.81 32.69 -6.02
CA PRO B 287 55.28 31.71 -5.02
C PRO B 287 54.34 31.57 -3.83
N TRP B 288 53.50 32.57 -3.56
CA TRP B 288 52.55 32.52 -2.46
C TRP B 288 51.13 32.22 -2.93
N ILE B 289 51.00 31.44 -4.02
CA ILE B 289 49.68 31.16 -4.56
C ILE B 289 48.85 30.34 -3.58
N ARG B 290 49.49 29.44 -2.83
CA ARG B 290 48.76 28.62 -1.87
C ARG B 290 48.11 29.48 -0.79
N ASP B 291 48.86 30.47 -0.28
CA ASP B 291 48.29 31.36 0.73
C ASP B 291 47.16 32.19 0.18
N ARG B 292 47.29 32.64 -1.07
CA ARG B 292 46.22 33.43 -1.70
C ARG B 292 44.95 32.60 -1.84
N ILE B 293 45.09 31.33 -2.24
CA ILE B 293 43.93 30.46 -2.37
C ILE B 293 43.27 30.23 -1.02
N ILE B 294 44.06 29.96 0.01
CA ILE B 294 43.51 29.72 1.34
C ILE B 294 42.81 30.97 1.85
N SER B 295 43.42 32.14 1.66
CA SER B 295 42.81 33.39 2.09
C SER B 295 41.52 33.70 1.34
N SER B 296 41.29 33.05 0.20
CA SER B 296 40.11 33.30 -0.61
C SER B 296 38.95 32.36 -0.27
N ILE B 297 39.12 31.47 0.69
CA ILE B 297 38.08 30.53 1.07
C ILE B 297 37.25 31.15 2.19
N ALA B 298 35.96 31.36 1.91
CA ALA B 298 35.01 31.96 2.85
C ALA B 298 35.56 33.26 3.41
N PRO B 299 35.65 34.31 2.59
CA PRO B 299 36.22 35.58 3.09
C PRO B 299 35.39 36.22 4.19
N SER B 300 34.13 35.85 4.34
CA SER B 300 33.27 36.46 5.34
C SER B 300 33.39 35.80 6.71
N ILE B 301 34.22 34.78 6.84
CA ILE B 301 34.41 34.08 8.11
C ILE B 301 35.75 34.49 8.70
N TYR B 302 35.74 34.90 9.96
CA TYR B 302 36.95 35.32 10.65
C TYR B 302 37.65 34.12 11.28
N GLY B 303 38.97 34.09 11.15
CA GLY B 303 39.73 33.02 11.76
C GLY B 303 39.52 31.68 11.06
N HIS B 304 39.70 30.60 11.84
CA HIS B 304 39.56 29.23 11.33
C HIS B 304 40.47 28.98 10.15
N TRP B 305 41.75 29.37 10.30
CA TRP B 305 42.70 29.24 9.21
C TRP B 305 42.99 27.77 8.90
N GLU B 306 43.10 26.93 9.93
CA GLU B 306 43.37 25.52 9.70
C GLU B 306 42.21 24.82 9.00
N LEU B 307 40.97 25.22 9.29
CA LEU B 307 39.83 24.62 8.60
C LEU B 307 39.77 25.06 7.15
N LYS B 308 40.11 26.33 6.88
CA LYS B 308 40.11 26.81 5.51
C LYS B 308 41.15 26.08 4.67
N GLU B 309 42.32 25.78 5.26
CA GLU B 309 43.33 25.02 4.55
C GLU B 309 42.84 23.62 4.25
N ALA B 310 42.16 22.98 5.19
CA ALA B 310 41.66 21.63 4.97
C ALA B 310 40.60 21.60 3.86
N LEU B 311 39.71 22.59 3.84
CA LEU B 311 38.68 22.62 2.80
C LEU B 311 39.28 22.87 1.42
N ALA B 312 40.37 23.63 1.35
CA ALA B 312 41.03 23.85 0.07
C ALA B 312 41.58 22.55 -0.50
N LEU B 313 42.12 21.69 0.36
CA LEU B 313 42.68 20.43 -0.10
C LEU B 313 41.61 19.53 -0.71
N ALA B 314 40.43 19.48 -0.07
CA ALA B 314 39.36 18.62 -0.58
C ALA B 314 38.89 19.07 -1.95
N LEU B 315 38.95 20.37 -2.24
CA LEU B 315 38.52 20.85 -3.55
C LEU B 315 39.41 20.32 -4.66
N PHE B 316 40.72 20.27 -4.42
CA PHE B 316 41.65 19.78 -5.44
C PHE B 316 41.72 18.25 -5.43
N GLY B 317 41.97 17.66 -4.26
CA GLY B 317 42.01 16.22 -4.14
C GLY B 317 43.33 15.62 -4.58
N GLY B 318 43.46 14.32 -4.38
CA GLY B 318 44.66 13.59 -4.74
C GLY B 318 44.59 13.02 -6.14
N VAL B 319 45.44 12.03 -6.39
CA VAL B 319 45.55 11.38 -7.69
C VAL B 319 45.01 9.96 -7.55
N PRO B 320 43.88 9.62 -8.15
CA PRO B 320 43.42 8.24 -8.12
C PRO B 320 44.36 7.31 -8.87
N LYS B 321 44.47 6.09 -8.37
CA LYS B 321 45.32 5.06 -8.98
C LYS B 321 44.46 3.91 -9.47
N VAL B 322 44.63 3.54 -10.73
CA VAL B 322 43.92 2.42 -11.32
C VAL B 322 44.96 1.38 -11.72
N LEU B 323 44.82 0.18 -11.18
CA LEU B 323 45.76 -0.91 -11.42
C LEU B 323 45.05 -2.06 -12.12
N GLU B 324 45.82 -3.11 -12.41
CA GLU B 324 45.26 -4.26 -13.11
C GLU B 324 44.22 -4.98 -12.26
N ASP B 325 44.47 -5.12 -10.96
CA ASP B 325 43.61 -5.89 -10.08
C ASP B 325 42.77 -5.06 -9.14
N THR B 326 43.07 -3.77 -8.96
CA THR B 326 42.34 -2.94 -8.02
C THR B 326 42.54 -1.48 -8.39
N ARG B 327 41.81 -0.61 -7.68
CA ARG B 327 41.97 0.83 -7.82
C ARG B 327 42.01 1.45 -6.43
N ILE B 328 42.67 2.59 -6.33
CA ILE B 328 42.91 3.29 -5.07
C ILE B 328 42.17 4.61 -5.09
N ARG B 329 41.44 4.90 -4.02
CA ARG B 329 40.70 6.15 -3.92
C ARG B 329 41.66 7.35 -3.93
N GLY B 330 41.29 8.37 -4.69
CA GLY B 330 42.09 9.58 -4.77
C GLY B 330 41.44 10.80 -4.17
N ASP B 331 40.25 10.63 -3.60
CA ASP B 331 39.51 11.74 -3.02
C ASP B 331 39.81 11.88 -1.53
N ILE B 332 39.55 13.08 -1.01
CA ILE B 332 39.84 13.42 0.38
C ILE B 332 38.53 13.73 1.08
N HIS B 333 38.31 13.10 2.23
CA HIS B 333 37.12 13.31 3.04
C HIS B 333 37.46 14.12 4.28
N ILE B 334 36.59 15.06 4.63
CA ILE B 334 36.80 15.96 5.76
C ILE B 334 35.59 15.86 6.68
N LEU B 335 35.84 15.79 7.99
CA LEU B 335 34.79 15.77 9.00
C LEU B 335 35.07 16.87 10.01
N ILE B 336 34.04 17.64 10.33
CA ILE B 336 34.14 18.74 11.29
C ILE B 336 33.11 18.54 12.38
N ILE B 337 33.56 18.58 13.64
CA ILE B 337 32.69 18.51 14.80
C ILE B 337 32.91 19.78 15.62
N GLY B 338 31.84 20.48 15.93
CA GLY B 338 32.00 21.74 16.63
C GLY B 338 30.77 22.16 17.39
N ASP B 339 30.96 23.13 18.28
CA ASP B 339 29.86 23.69 19.03
C ASP B 339 28.94 24.49 18.10
N PRO B 340 27.67 24.60 18.44
CA PRO B 340 26.75 25.40 17.62
C PRO B 340 27.20 26.85 17.52
N GLY B 341 26.96 27.45 16.36
CA GLY B 341 27.34 28.83 16.14
C GLY B 341 28.77 29.05 15.74
N THR B 342 29.50 28.00 15.36
CA THR B 342 30.90 28.13 14.96
C THR B 342 31.07 28.28 13.45
N ALA B 343 30.01 28.66 12.74
CA ALA B 343 30.05 28.94 11.31
C ALA B 343 30.44 27.71 10.49
N LYS B 344 30.09 26.51 10.98
CA LYS B 344 30.33 25.31 10.19
C LYS B 344 29.50 25.30 8.93
N SER B 345 28.22 25.66 9.04
CA SER B 345 27.33 25.59 7.89
C SER B 345 27.65 26.66 6.86
N GLN B 346 28.11 27.84 7.29
CA GLN B 346 28.45 28.90 6.36
C GLN B 346 29.59 28.48 5.44
N MET B 347 30.62 27.83 5.99
CA MET B 347 31.74 27.39 5.16
C MET B 347 31.31 26.31 4.19
N LEU B 348 30.44 25.39 4.63
CA LEU B 348 29.95 24.35 3.73
C LEU B 348 29.15 24.96 2.58
N GLN B 349 28.39 26.01 2.85
CA GLN B 349 27.65 26.68 1.79
C GLN B 349 28.60 27.28 0.76
N PHE B 350 29.70 27.87 1.22
CA PHE B 350 30.67 28.44 0.29
C PHE B 350 31.30 27.36 -0.58
N ILE B 351 31.59 26.20 0.01
CA ILE B 351 32.22 25.12 -0.75
C ILE B 351 31.30 24.66 -1.86
N SER B 352 30.00 24.56 -1.58
CA SER B 352 29.04 24.13 -2.58
C SER B 352 28.90 25.13 -3.73
N ARG B 353 29.39 26.36 -3.58
CA ARG B 353 29.33 27.36 -4.63
C ARG B 353 30.61 27.44 -5.45
N VAL B 354 31.77 27.33 -4.81
CA VAL B 354 33.04 27.46 -5.53
C VAL B 354 33.42 26.17 -6.25
N ALA B 355 32.88 25.02 -5.82
CA ALA B 355 33.23 23.76 -6.45
C ALA B 355 32.61 23.69 -7.85
N PRO B 356 33.37 23.21 -8.85
CA PRO B 356 32.79 23.07 -10.20
C PRO B 356 31.59 22.14 -10.23
N ARG B 357 31.59 21.09 -9.42
CA ARG B 357 30.45 20.18 -9.31
C ARG B 357 30.28 19.78 -7.86
N ALA B 358 29.13 20.08 -7.29
CA ALA B 358 28.89 19.81 -5.88
C ALA B 358 27.41 19.60 -5.64
N VAL B 359 27.10 18.76 -4.65
CA VAL B 359 25.74 18.49 -4.23
C VAL B 359 25.65 18.72 -2.73
N TYR B 360 24.69 19.54 -2.31
CA TYR B 360 24.52 19.90 -0.91
C TYR B 360 23.31 19.14 -0.35
N THR B 361 23.55 18.36 0.70
CA THR B 361 22.49 17.62 1.38
C THR B 361 22.63 17.82 2.89
N THR B 362 21.53 17.59 3.59
CA THR B 362 21.51 17.60 5.04
C THR B 362 21.24 16.20 5.57
N GLY B 363 21.63 15.97 6.81
CA GLY B 363 21.46 14.65 7.40
C GLY B 363 20.00 14.27 7.60
N LYS B 364 19.18 15.23 8.05
CA LYS B 364 17.79 14.92 8.35
C LYS B 364 16.93 14.83 7.09
N GLY B 365 17.25 15.62 6.07
CA GLY B 365 16.40 15.69 4.89
C GLY B 365 16.76 14.70 3.80
N SER B 366 17.55 13.68 4.14
CA SER B 366 17.99 12.70 3.17
C SER B 366 17.81 11.30 3.73
N THR B 367 17.64 10.34 2.83
CA THR B 367 17.49 8.93 3.17
C THR B 367 18.57 8.10 2.50
N ALA B 368 18.65 6.84 2.88
CA ALA B 368 19.64 5.94 2.29
C ALA B 368 19.41 5.76 0.80
N ALA B 369 18.16 5.59 0.39
CA ALA B 369 17.87 5.44 -1.03
C ALA B 369 18.18 6.71 -1.79
N GLY B 370 17.86 7.87 -1.22
CA GLY B 370 18.10 9.14 -1.91
C GLY B 370 19.57 9.51 -2.02
N LEU B 371 20.41 8.98 -1.13
CA LEU B 371 21.83 9.30 -1.16
C LEU B 371 22.61 8.49 -2.18
N THR B 372 22.23 7.22 -2.40
CA THR B 372 22.99 6.34 -3.27
C THR B 372 22.22 5.95 -4.52
N ALA B 373 21.06 5.32 -4.38
CA ALA B 373 20.28 4.83 -5.50
C ALA B 373 18.94 4.34 -5.00
N ALA B 374 17.91 4.52 -5.82
CA ALA B 374 16.56 4.14 -5.47
C ALA B 374 15.97 3.24 -6.54
N VAL B 375 15.25 2.21 -6.11
CA VAL B 375 14.55 1.31 -7.02
C VAL B 375 13.10 1.77 -7.09
N VAL B 376 12.67 2.15 -8.29
CA VAL B 376 11.33 2.68 -8.51
C VAL B 376 10.63 1.84 -9.56
N ARG B 377 9.35 1.57 -9.35
CA ARG B 377 8.55 0.77 -10.25
C ARG B 377 7.68 1.67 -11.11
N GLU B 378 7.75 1.50 -12.42
CA GLU B 378 6.88 2.24 -13.32
C GLU B 378 5.51 1.58 -13.37
N LYS B 379 4.47 2.31 -12.96
CA LYS B 379 3.13 1.74 -12.92
C LYS B 379 2.62 1.36 -14.30
N GLY B 380 3.09 2.03 -15.34
CA GLY B 380 2.66 1.73 -16.69
C GLY B 380 3.10 0.35 -17.14
N THR B 381 4.41 0.16 -17.30
CA THR B 381 4.91 -1.14 -17.74
C THR B 381 4.86 -2.17 -16.63
N GLY B 382 5.15 -1.76 -15.40
CA GLY B 382 5.16 -2.67 -14.27
C GLY B 382 6.51 -3.19 -13.85
N GLU B 383 7.60 -2.68 -14.43
CA GLU B 383 8.94 -3.14 -14.13
C GLU B 383 9.65 -2.15 -13.23
N TYR B 384 10.74 -2.60 -12.62
CA TYR B 384 11.56 -1.78 -11.75
C TYR B 384 12.78 -1.27 -12.50
N TYR B 385 13.25 -0.09 -12.09
CA TYR B 385 14.45 0.50 -12.67
C TYR B 385 15.11 1.39 -11.63
N LEU B 386 16.38 1.70 -11.87
CA LEU B 386 17.19 2.44 -10.91
C LEU B 386 17.04 3.94 -11.09
N GLU B 387 17.21 4.67 -9.99
CA GLU B 387 17.24 6.12 -9.98
C GLU B 387 18.51 6.58 -9.28
N ALA B 388 19.22 7.50 -9.92
CA ALA B 388 20.51 7.94 -9.39
C ALA B 388 20.32 8.74 -8.11
N GLY B 389 21.13 8.43 -7.10
CA GLY B 389 21.10 9.13 -5.83
C GLY B 389 22.01 10.34 -5.84
N ALA B 390 22.14 10.95 -4.67
CA ALA B 390 22.97 12.15 -4.54
C ALA B 390 24.44 11.84 -4.81
N LEU B 391 24.95 10.73 -4.28
CA LEU B 391 26.36 10.40 -4.45
C LEU B 391 26.67 10.02 -5.89
N VAL B 392 25.74 9.34 -6.55
CA VAL B 392 25.96 8.99 -7.96
C VAL B 392 25.98 10.25 -8.83
N LEU B 393 25.06 11.18 -8.59
CA LEU B 393 25.03 12.42 -9.35
C LEU B 393 26.28 13.27 -9.11
N ALA B 394 26.89 13.13 -7.94
CA ALA B 394 28.06 13.91 -7.58
C ALA B 394 29.37 13.25 -8.00
N ASP B 395 29.30 12.21 -8.83
CA ASP B 395 30.51 11.52 -9.27
C ASP B 395 31.46 12.50 -9.95
N GLY B 396 32.72 12.48 -9.54
CA GLY B 396 33.70 13.41 -10.05
C GLY B 396 33.66 14.79 -9.43
N GLY B 397 32.83 14.98 -8.41
CA GLY B 397 32.69 16.28 -7.77
C GLY B 397 32.79 16.16 -6.26
N ILE B 398 31.99 16.97 -5.57
CA ILE B 398 32.00 17.05 -4.12
C ILE B 398 30.59 16.77 -3.60
N ALA B 399 30.50 16.03 -2.51
CA ALA B 399 29.24 15.79 -1.82
C ALA B 399 29.33 16.38 -0.42
N VAL B 400 28.38 17.24 -0.07
CA VAL B 400 28.36 17.93 1.21
C VAL B 400 27.18 17.39 2.01
N ILE B 401 27.46 16.89 3.21
CA ILE B 401 26.44 16.29 4.07
C ILE B 401 26.50 17.03 5.41
N ASP B 402 25.67 18.06 5.55
CA ASP B 402 25.57 18.78 6.81
C ASP B 402 24.71 18.01 7.80
N GLU B 403 24.95 18.25 9.08
CA GLU B 403 24.19 17.62 10.18
C GLU B 403 24.26 16.10 10.07
N ILE B 404 25.46 15.58 9.84
CA ILE B 404 25.62 14.13 9.67
C ILE B 404 25.27 13.38 10.94
N ASP B 405 25.47 14.00 12.10
CA ASP B 405 25.16 13.33 13.37
C ASP B 405 23.67 13.12 13.56
N LYS B 406 22.83 13.83 12.82
CA LYS B 406 21.39 13.66 12.93
C LYS B 406 20.86 12.49 12.12
N MET B 407 21.69 11.89 11.27
CA MET B 407 21.26 10.72 10.50
C MET B 407 21.04 9.53 11.41
N ARG B 408 20.07 8.70 11.05
CA ARG B 408 19.89 7.44 11.74
C ARG B 408 21.07 6.52 11.44
N ASP B 409 21.57 5.86 12.49
CA ASP B 409 22.76 5.02 12.32
C ASP B 409 22.52 3.88 11.37
N GLU B 410 21.35 3.25 11.45
CA GLU B 410 21.02 2.18 10.51
C GLU B 410 20.88 2.70 9.09
N ASP B 411 20.67 4.01 8.93
CA ASP B 411 20.57 4.63 7.62
C ASP B 411 21.89 5.23 7.14
N ARG B 412 22.77 5.63 8.07
CA ARG B 412 24.02 6.25 7.68
C ARG B 412 25.02 5.22 7.14
N VAL B 413 24.90 3.96 7.55
CA VAL B 413 25.85 2.94 7.14
C VAL B 413 25.77 2.61 5.65
N ALA B 414 24.76 3.14 4.95
CA ALA B 414 24.64 2.88 3.53
C ALA B 414 25.72 3.54 2.69
N ILE B 415 26.51 4.44 3.27
CA ILE B 415 27.55 5.16 2.54
C ILE B 415 28.94 4.66 2.91
N HIS B 416 29.04 3.57 3.67
CA HIS B 416 30.35 3.08 4.07
C HIS B 416 31.18 2.64 2.87
N GLU B 417 30.56 1.89 1.95
CA GLU B 417 31.30 1.41 0.79
C GLU B 417 31.52 2.52 -0.25
N ALA B 418 30.56 3.44 -0.37
CA ALA B 418 30.73 4.53 -1.32
C ALA B 418 31.84 5.48 -0.92
N MET B 419 32.13 5.57 0.38
CA MET B 419 33.16 6.48 0.84
C MET B 419 34.57 5.90 0.64
N GLU B 420 34.69 4.58 0.55
CA GLU B 420 35.99 3.94 0.39
C GLU B 420 36.15 3.26 -0.96
N GLN B 421 35.24 2.34 -1.30
CA GLN B 421 35.31 1.67 -2.59
C GLN B 421 34.77 2.52 -3.72
N GLN B 422 34.08 3.62 -3.41
CA GLN B 422 33.55 4.54 -4.41
C GLN B 422 32.64 3.83 -5.40
N THR B 423 31.84 2.89 -4.90
CA THR B 423 30.86 2.18 -5.70
C THR B 423 29.59 2.01 -4.89
N VAL B 424 28.47 1.84 -5.60
CA VAL B 424 27.18 1.60 -4.97
C VAL B 424 26.68 0.25 -5.49
N SER B 425 26.39 -0.66 -4.57
CA SER B 425 25.94 -2.01 -4.91
C SER B 425 24.47 -2.15 -4.56
N ILE B 426 23.68 -2.63 -5.50
CA ILE B 426 22.24 -2.80 -5.32
C ILE B 426 21.87 -4.24 -5.67
N ALA B 427 21.16 -4.90 -4.76
CA ALA B 427 20.58 -6.22 -5.01
C ALA B 427 19.15 -6.17 -4.47
N LYS B 428 18.22 -5.70 -5.32
CA LYS B 428 16.86 -5.47 -4.89
C LYS B 428 15.91 -5.70 -6.06
N ALA B 429 14.80 -6.38 -5.79
CA ALA B 429 13.72 -6.56 -6.76
C ALA B 429 14.23 -7.12 -8.08
N GLY B 430 15.14 -8.09 -8.00
CA GLY B 430 15.68 -8.70 -9.19
C GLY B 430 16.66 -7.86 -9.96
N ILE B 431 17.16 -6.77 -9.37
CA ILE B 431 18.14 -5.91 -10.02
C ILE B 431 19.46 -6.03 -9.27
N VAL B 432 20.51 -6.41 -9.98
CA VAL B 432 21.86 -6.44 -9.44
C VAL B 432 22.70 -5.48 -10.27
N ALA B 433 23.27 -4.48 -9.63
CA ALA B 433 23.98 -3.43 -10.34
C ALA B 433 25.09 -2.86 -9.47
N LYS B 434 26.01 -2.17 -10.12
CA LYS B 434 27.16 -1.56 -9.46
C LYS B 434 27.46 -0.24 -10.15
N LEU B 435 27.32 0.86 -9.42
CA LEU B 435 27.46 2.20 -9.99
C LEU B 435 28.64 2.92 -9.35
N ASN B 436 29.35 3.69 -10.16
CA ASN B 436 30.47 4.48 -9.66
C ASN B 436 29.96 5.66 -8.84
N ALA B 437 30.64 5.93 -7.73
CA ALA B 437 30.30 7.03 -6.84
C ALA B 437 31.56 7.75 -6.39
N ARG B 438 32.45 8.04 -7.33
CA ARG B 438 33.74 8.65 -7.01
C ARG B 438 33.52 10.13 -6.70
N ALA B 439 33.14 10.40 -5.46
CA ALA B 439 32.87 11.75 -5.00
C ALA B 439 33.48 11.96 -3.63
N ALA B 440 34.04 13.14 -3.41
CA ALA B 440 34.55 13.52 -2.10
C ALA B 440 33.41 13.88 -1.17
N VAL B 441 33.55 13.55 0.10
CA VAL B 441 32.51 13.76 1.11
C VAL B 441 33.04 14.74 2.14
N ILE B 442 32.31 15.83 2.35
CA ILE B 442 32.60 16.80 3.39
C ILE B 442 31.37 16.86 4.31
N ALA B 443 31.59 16.64 5.60
CA ALA B 443 30.50 16.53 6.55
C ALA B 443 30.78 17.36 7.79
N ALA B 444 29.71 17.76 8.47
CA ALA B 444 29.81 18.52 9.70
C ALA B 444 28.73 18.03 10.67
N GLY B 445 28.98 18.23 11.96
CA GLY B 445 28.03 17.80 12.97
C GLY B 445 28.39 18.37 14.31
N ASN B 446 27.58 18.01 15.30
CA ASN B 446 27.75 18.47 16.67
C ASN B 446 28.16 17.31 17.57
N PRO B 447 28.81 17.60 18.70
CA PRO B 447 29.12 16.54 19.67
C PRO B 447 27.87 15.93 20.27
N LYS B 448 28.05 14.94 21.14
CA LYS B 448 26.90 14.21 21.69
C LYS B 448 25.98 15.13 22.50
N PHE B 449 26.55 16.03 23.29
CA PHE B 449 25.78 16.90 24.17
C PHE B 449 25.68 18.32 23.63
N GLY B 450 25.56 18.47 22.32
CA GLY B 450 25.46 19.80 21.73
C GLY B 450 26.79 20.51 21.66
N ARG B 451 27.39 20.77 22.81
CA ARG B 451 28.70 21.39 22.88
C ARG B 451 29.70 20.42 23.49
N TYR B 452 30.97 20.60 23.16
CA TYR B 452 32.01 19.71 23.66
C TYR B 452 32.19 19.90 25.16
N ILE B 453 32.30 18.78 25.87
CA ILE B 453 32.55 18.79 27.30
C ILE B 453 33.99 18.35 27.51
N SER B 454 34.83 19.26 28.00
CA SER B 454 36.24 18.96 28.23
C SER B 454 36.46 18.08 29.45
N GLU B 455 35.45 17.88 30.28
CA GLU B 455 35.57 17.05 31.47
C GLU B 455 35.26 15.58 31.20
N ARG B 456 35.00 15.22 29.96
CA ARG B 456 34.68 13.86 29.58
C ARG B 456 35.61 13.40 28.46
N PRO B 457 35.83 12.10 28.33
CA PRO B 457 36.75 11.61 27.30
C PRO B 457 36.19 11.83 25.91
N VAL B 458 37.09 11.73 24.92
CA VAL B 458 36.69 11.89 23.53
C VAL B 458 35.76 10.78 23.09
N SER B 459 35.72 9.66 23.82
CA SER B 459 34.93 8.51 23.39
C SER B 459 33.44 8.85 23.34
N ASP B 460 32.91 9.40 24.44
CA ASP B 460 31.48 9.69 24.52
C ASP B 460 31.12 11.06 23.98
N ASN B 461 32.10 11.91 23.67
CA ASN B 461 31.79 13.21 23.08
C ASN B 461 31.45 13.10 21.60
N ILE B 462 32.12 12.21 20.88
CA ILE B 462 31.94 12.13 19.44
C ILE B 462 30.66 11.40 19.08
N ASN B 463 30.45 10.22 19.64
CA ASN B 463 29.26 9.41 19.39
C ASN B 463 29.12 9.06 17.91
N LEU B 464 30.14 8.38 17.39
CA LEU B 464 30.15 7.89 16.02
C LEU B 464 30.96 6.60 16.00
N PRO B 465 30.55 5.61 15.21
CA PRO B 465 31.29 4.35 15.18
C PRO B 465 32.69 4.57 14.63
N PRO B 466 33.67 3.79 15.09
CA PRO B 466 35.03 3.92 14.57
C PRO B 466 35.14 3.58 13.10
N THR B 467 34.21 2.82 12.55
CA THR B 467 34.27 2.45 11.13
C THR B 467 34.18 3.67 10.23
N ILE B 468 33.26 4.59 10.55
CA ILE B 468 33.11 5.77 9.69
C ILE B 468 34.19 6.80 9.99
N LEU B 469 34.67 6.87 11.23
CA LEU B 469 35.72 7.84 11.55
C LEU B 469 37.01 7.53 10.81
N SER B 470 37.34 6.25 10.66
CA SER B 470 38.57 5.87 9.97
C SER B 470 38.55 6.25 8.51
N ARG B 471 37.37 6.46 7.92
CA ARG B 471 37.28 6.78 6.50
C ARG B 471 37.53 8.25 6.20
N PHE B 472 37.60 9.10 7.23
CA PHE B 472 37.84 10.53 7.02
C PHE B 472 39.32 10.82 7.11
N ASP B 473 39.85 11.49 6.09
CA ASP B 473 41.28 11.80 6.06
C ASP B 473 41.65 12.76 7.18
N LEU B 474 40.82 13.77 7.44
CA LEU B 474 41.08 14.75 8.47
C LEU B 474 39.81 14.96 9.30
N ILE B 475 39.98 15.07 10.61
CA ILE B 475 38.88 15.34 11.53
C ILE B 475 39.29 16.50 12.42
N PHE B 476 38.46 17.53 12.47
CA PHE B 476 38.73 18.71 13.28
C PHE B 476 37.61 18.91 14.29
N ILE B 477 37.97 19.04 15.56
CA ILE B 477 37.02 19.31 16.62
C ILE B 477 37.09 20.79 16.96
N LEU B 478 35.97 21.49 16.74
CA LEU B 478 35.90 22.92 16.91
C LEU B 478 35.34 23.24 18.29
N LYS B 479 36.08 24.00 19.08
CA LYS B 479 35.67 24.41 20.42
C LYS B 479 35.43 25.91 20.43
N ASP B 480 34.26 26.33 20.93
CA ASP B 480 33.93 27.74 21.04
C ASP B 480 34.33 28.21 22.42
N GLN B 481 35.54 28.75 22.52
CA GLN B 481 36.07 29.22 23.79
C GLN B 481 36.04 30.73 23.83
N PRO B 482 35.19 31.35 24.64
CA PRO B 482 35.19 32.81 24.73
C PRO B 482 36.43 33.34 25.42
N GLY B 483 37.33 33.97 24.66
CA GLY B 483 38.59 34.45 25.19
C GLY B 483 38.79 35.91 24.87
N GLU B 484 40.03 36.26 24.53
CA GLU B 484 40.41 37.64 24.25
C GLU B 484 40.19 38.02 22.79
N GLN B 485 39.81 37.08 21.93
CA GLN B 485 39.59 37.36 20.52
C GLN B 485 38.16 37.79 20.22
N ASP B 486 37.32 37.95 21.24
CA ASP B 486 35.93 38.33 21.01
C ASP B 486 35.84 39.70 20.36
N ARG B 487 36.65 40.66 20.80
CA ARG B 487 36.60 42.00 20.23
C ARG B 487 36.99 41.99 18.76
N GLU B 488 38.02 41.22 18.41
CA GLU B 488 38.41 41.12 17.01
C GLU B 488 37.32 40.45 16.19
N LEU B 489 36.72 39.38 16.72
CA LEU B 489 35.64 38.71 16.03
C LEU B 489 34.42 39.62 15.88
N ALA B 490 34.09 40.36 16.94
CA ALA B 490 32.94 41.25 16.88
C ALA B 490 33.14 42.37 15.86
N ASN B 491 34.34 42.95 15.84
CA ASN B 491 34.62 44.02 14.89
C ASN B 491 34.55 43.50 13.46
N TYR B 492 35.07 42.30 13.22
CA TYR B 492 35.03 41.73 11.88
C TYR B 492 33.59 41.49 11.42
N ILE B 493 32.75 40.96 12.32
CA ILE B 493 31.37 40.65 11.94
C ILE B 493 30.61 41.93 11.60
N LEU B 494 30.77 42.97 12.42
CA LEU B 494 30.07 44.22 12.16
C LEU B 494 30.54 44.86 10.87
N ASP B 495 31.83 44.73 10.55
CA ASP B 495 32.34 45.26 9.29
C ASP B 495 31.69 44.55 8.10
N VAL B 496 31.48 43.23 8.22
CA VAL B 496 30.78 42.51 7.18
C VAL B 496 29.36 43.01 7.02
N HIS B 497 28.67 43.24 8.15
CA HIS B 497 27.31 43.76 8.09
C HIS B 497 27.25 45.18 7.56
N SER B 498 28.35 45.92 7.62
CA SER B 498 28.40 47.29 7.14
C SER B 498 28.76 47.39 5.67
N GLY B 499 28.94 46.27 4.99
CA GLY B 499 29.27 46.26 3.58
C GLY B 499 30.74 46.25 3.27
N LYS B 500 31.62 46.37 4.27
CA LYS B 500 33.05 46.31 4.03
C LYS B 500 33.45 44.92 3.56
N SER B 501 34.29 44.88 2.53
CA SER B 501 34.72 43.63 1.92
C SER B 501 36.23 43.53 1.95
N THR B 502 36.73 42.33 2.25
CA THR B 502 38.16 42.09 2.22
C THR B 502 38.68 42.22 0.79
N LYS B 503 39.89 42.75 0.65
CA LYS B 503 40.51 42.96 -0.65
C LYS B 503 41.67 42.01 -0.85
N ASN B 504 42.17 42.00 -2.09
CA ASN B 504 43.29 41.14 -2.49
C ASN B 504 42.93 39.67 -2.28
N ILE B 505 41.81 39.26 -2.85
CA ILE B 505 41.38 37.87 -2.83
C ILE B 505 40.97 37.45 -4.23
N ILE B 506 41.06 36.15 -4.50
CA ILE B 506 40.62 35.60 -5.77
C ILE B 506 39.11 35.44 -5.73
N ASP B 507 38.41 36.06 -6.67
CA ASP B 507 36.96 36.01 -6.66
C ASP B 507 36.48 34.60 -6.99
N ILE B 508 35.20 34.35 -6.67
CA ILE B 508 34.66 33.00 -6.75
C ILE B 508 34.63 32.50 -8.19
N ASP B 509 34.39 33.38 -9.15
CA ASP B 509 34.25 32.94 -10.54
C ASP B 509 35.57 32.40 -11.09
N THR B 510 36.65 33.16 -10.94
CA THR B 510 37.93 32.70 -11.46
C THR B 510 38.55 31.60 -10.59
N LEU B 511 38.21 31.57 -9.30
CA LEU B 511 38.68 30.48 -8.45
C LEU B 511 38.08 29.15 -8.90
N ARG B 512 36.82 29.17 -9.32
CA ARG B 512 36.20 27.94 -9.84
C ARG B 512 36.92 27.45 -11.08
N LYS B 513 37.31 28.37 -11.97
CA LYS B 513 38.04 27.97 -13.17
C LYS B 513 39.41 27.38 -12.82
N TYR B 514 40.06 27.94 -11.81
CA TYR B 514 41.38 27.45 -11.42
C TYR B 514 41.32 26.02 -10.93
N ILE B 515 40.31 25.69 -10.12
CA ILE B 515 40.18 24.33 -9.61
C ILE B 515 39.88 23.36 -10.74
N ALA B 516 38.99 23.75 -11.66
CA ALA B 516 38.63 22.87 -12.77
C ALA B 516 39.85 22.57 -13.63
N TYR B 517 40.67 23.58 -13.91
CA TYR B 517 41.88 23.36 -14.70
C TYR B 517 42.85 22.45 -13.98
N ALA B 518 43.06 22.67 -12.68
CA ALA B 518 44.04 21.89 -11.93
C ALA B 518 43.65 20.42 -11.85
N ARG B 519 42.37 20.14 -11.60
CA ARG B 519 41.91 18.77 -11.48
C ARG B 519 41.95 18.01 -12.79
N LYS B 520 42.15 18.69 -13.92
CA LYS B 520 42.09 18.05 -15.22
C LYS B 520 43.45 17.83 -15.85
N TYR B 521 44.42 18.71 -15.62
CA TYR B 521 45.69 18.66 -16.33
C TYR B 521 46.90 18.46 -15.43
N VAL B 522 46.72 18.31 -14.12
CA VAL B 522 47.84 18.19 -13.19
C VAL B 522 47.76 16.83 -12.52
N THR B 523 48.84 16.06 -12.62
CA THR B 523 48.96 14.74 -11.99
C THR B 523 50.32 14.65 -11.33
N PRO B 524 50.45 15.14 -10.09
CA PRO B 524 51.75 15.14 -9.43
C PRO B 524 52.26 13.73 -9.17
N LYS B 525 53.59 13.60 -9.11
CA LYS B 525 54.26 12.34 -8.86
C LYS B 525 55.03 12.40 -7.55
N ILE B 526 55.17 11.25 -6.91
CA ILE B 526 55.85 11.16 -5.61
C ILE B 526 57.34 10.93 -5.86
N THR B 527 58.16 11.75 -5.22
CA THR B 527 59.61 11.61 -5.34
C THR B 527 60.17 10.78 -4.20
N SER B 528 61.45 10.44 -4.32
CA SER B 528 62.10 9.58 -3.32
C SER B 528 62.18 10.27 -1.96
N GLU B 529 62.53 11.56 -1.94
CA GLU B 529 62.68 12.26 -0.68
C GLU B 529 61.36 12.41 0.05
N ALA B 530 60.25 12.55 -0.69
CA ALA B 530 58.94 12.63 -0.05
C ALA B 530 58.55 11.30 0.58
N LYS B 531 58.98 10.19 -0.02
CA LYS B 531 58.65 8.87 0.52
C LYS B 531 59.22 8.69 1.92
N ASN B 532 60.47 9.10 2.12
CA ASN B 532 61.12 8.90 3.41
C ASN B 532 60.43 9.68 4.52
N LEU B 533 60.05 10.93 4.25
CA LEU B 533 59.38 11.72 5.26
C LEU B 533 58.04 11.13 5.64
N ILE B 534 57.26 10.68 4.65
CA ILE B 534 55.94 10.12 4.93
C ILE B 534 56.08 8.80 5.70
N THR B 535 57.02 7.95 5.29
CA THR B 535 57.19 6.66 5.94
C THR B 535 57.55 6.84 7.42
N ASP B 536 58.48 7.74 7.70
CA ASP B 536 58.91 7.95 9.09
C ASP B 536 57.78 8.49 9.94
N PHE B 537 57.00 9.42 9.40
CA PHE B 537 55.90 10.01 10.17
C PHE B 537 54.83 8.97 10.49
N PHE B 538 54.52 8.09 9.53
CA PHE B 538 53.50 7.09 9.76
C PHE B 538 53.89 6.13 10.88
N VAL B 539 55.16 5.76 10.95
CA VAL B 539 55.63 4.87 12.00
C VAL B 539 55.43 5.50 13.36
N GLU B 540 55.80 6.79 13.50
CA GLU B 540 55.61 7.48 14.77
C GLU B 540 54.12 7.63 15.10
N MET B 541 53.30 7.90 14.08
CA MET B 541 51.86 8.05 14.30
C MET B 541 51.27 6.76 14.86
N ARG B 542 51.62 5.61 14.27
CA ARG B 542 51.11 4.35 14.76
C ARG B 542 51.61 4.04 16.15
N LYS B 543 52.89 4.32 16.41
CA LYS B 543 53.47 4.05 17.73
C LYS B 543 52.80 4.89 18.80
N LYS B 544 52.53 6.16 18.51
CA LYS B 544 51.90 7.04 19.49
C LYS B 544 50.47 6.62 19.79
N SER B 545 49.75 6.09 18.79
CA SER B 545 48.37 5.71 19.00
C SER B 545 48.25 4.53 19.97
N SER B 546 49.25 3.67 20.02
CA SER B 546 49.21 2.52 20.91
C SER B 546 49.18 2.92 22.38
N GLU B 547 49.59 4.14 22.71
CA GLU B 547 49.60 4.58 24.10
C GLU B 547 48.19 4.66 24.66
N THR B 548 47.25 5.19 23.89
CA THR B 548 45.86 5.35 24.33
C THR B 548 44.93 4.54 23.45
N PRO B 549 44.56 3.33 23.85
CA PRO B 549 43.66 2.50 23.03
C PRO B 549 42.18 2.79 23.24
N ASP B 550 41.82 3.61 24.23
CA ASP B 550 40.42 3.91 24.50
C ASP B 550 39.83 4.90 23.50
N SER B 551 40.65 5.66 22.80
CA SER B 551 40.15 6.68 21.89
C SER B 551 39.43 6.01 20.71
N PRO B 552 38.32 6.59 20.25
CA PRO B 552 37.62 6.03 19.08
C PRO B 552 38.31 6.34 17.77
N ILE B 553 39.44 7.04 17.78
CA ILE B 553 40.20 7.35 16.58
C ILE B 553 41.32 6.31 16.45
N LEU B 554 41.28 5.55 15.38
CA LEU B 554 42.25 4.49 15.12
C LEU B 554 43.16 4.89 13.98
N ILE B 555 44.46 4.67 14.15
CA ILE B 555 45.45 4.93 13.11
C ILE B 555 45.59 3.66 12.28
N THR B 556 44.86 3.59 11.19
CA THR B 556 44.86 2.46 10.28
C THR B 556 45.74 2.75 9.07
N PRO B 557 45.99 1.76 8.22
CA PRO B 557 46.73 2.03 6.98
C PRO B 557 46.05 3.05 6.08
N ARG B 558 44.76 3.32 6.29
CA ARG B 558 44.10 4.40 5.55
C ARG B 558 44.78 5.74 5.82
N GLN B 559 45.27 5.95 7.03
CA GLN B 559 45.92 7.21 7.37
C GLN B 559 47.20 7.40 6.55
N LEU B 560 47.90 6.32 6.24
CA LEU B 560 49.09 6.44 5.40
C LEU B 560 48.72 6.94 4.00
N GLU B 561 47.65 6.41 3.43
CA GLU B 561 47.21 6.87 2.11
C GLU B 561 46.62 8.27 2.17
N ALA B 562 46.12 8.70 3.33
CA ALA B 562 45.68 10.08 3.49
C ALA B 562 46.86 11.04 3.33
N LEU B 563 48.02 10.69 3.88
CA LEU B 563 49.20 11.53 3.73
C LEU B 563 49.61 11.64 2.27
N ILE B 564 49.53 10.54 1.53
CA ILE B 564 49.88 10.57 0.11
C ILE B 564 48.92 11.47 -0.65
N ARG B 565 47.62 11.35 -0.37
CA ARG B 565 46.64 12.17 -1.07
C ARG B 565 46.81 13.65 -0.75
N ILE B 566 47.05 13.97 0.52
CA ILE B 566 47.22 15.36 0.91
C ILE B 566 48.46 15.96 0.25
N SER B 567 49.55 15.19 0.20
CA SER B 567 50.77 15.69 -0.43
C SER B 567 50.55 15.99 -1.90
N GLU B 568 49.81 15.13 -2.60
CA GLU B 568 49.51 15.38 -4.01
C GLU B 568 48.63 16.61 -4.17
N ALA B 569 47.66 16.80 -3.26
CA ALA B 569 46.78 17.96 -3.35
C ALA B 569 47.56 19.25 -3.17
N TYR B 570 48.52 19.28 -2.25
CA TYR B 570 49.33 20.47 -2.04
C TYR B 570 50.12 20.81 -3.30
N ALA B 571 50.70 19.81 -3.95
CA ALA B 571 51.40 20.05 -5.21
C ALA B 571 50.44 20.50 -6.30
N LYS B 572 49.23 19.92 -6.32
CA LYS B 572 48.25 20.29 -7.33
C LYS B 572 47.80 21.74 -7.18
N MET B 573 47.87 22.28 -5.97
CA MET B 573 47.50 23.68 -5.77
C MET B 573 48.42 24.61 -6.55
N ALA B 574 49.72 24.35 -6.54
CA ALA B 574 50.69 25.17 -7.23
C ALA B 574 50.94 24.71 -8.66
N LEU B 575 50.14 23.77 -9.16
CA LEU B 575 50.25 23.26 -10.53
C LEU B 575 51.59 22.58 -10.78
N LYS B 576 52.22 22.07 -9.72
CA LYS B 576 53.47 21.36 -9.86
C LYS B 576 53.25 19.97 -10.45
N ALA B 577 54.28 19.45 -11.11
CA ALA B 577 54.21 18.14 -11.75
C ALA B 577 54.70 17.02 -10.86
N GLU B 578 55.22 17.32 -9.66
CA GLU B 578 55.73 16.30 -8.78
C GLU B 578 55.64 16.77 -7.34
N VAL B 579 55.73 15.83 -6.42
CA VAL B 579 55.65 16.11 -4.98
C VAL B 579 57.05 16.21 -4.43
N THR B 580 57.42 17.39 -3.95
CA THR B 580 58.73 17.62 -3.38
C THR B 580 58.68 17.44 -1.86
N ARG B 581 59.82 17.69 -1.21
CA ARG B 581 59.87 17.58 0.24
C ARG B 581 59.05 18.67 0.93
N GLU B 582 58.89 19.82 0.27
CA GLU B 582 58.11 20.90 0.86
C GLU B 582 56.64 20.52 0.97
N ASP B 583 56.09 19.87 -0.06
CA ASP B 583 54.71 19.44 -0.01
C ASP B 583 54.50 18.35 1.05
N ALA B 584 55.48 17.47 1.21
CA ALA B 584 55.39 16.44 2.24
C ALA B 584 55.40 17.08 3.63
N GLU B 585 56.22 18.11 3.82
CA GLU B 585 56.28 18.78 5.11
C GLU B 585 54.95 19.44 5.44
N ARG B 586 54.32 20.07 4.45
CA ARG B 586 53.00 20.66 4.68
C ARG B 586 51.97 19.61 5.05
N ALA B 587 52.01 18.46 4.37
CA ALA B 587 51.06 17.39 4.68
C ALA B 587 51.24 16.89 6.11
N ILE B 588 52.49 16.78 6.56
CA ILE B 588 52.73 16.36 7.93
C ILE B 588 52.22 17.41 8.92
N ASN B 589 52.42 18.68 8.61
CA ASN B 589 52.01 19.75 9.52
C ASN B 589 50.51 19.76 9.71
N ILE B 590 49.75 19.68 8.61
CA ILE B 590 48.29 19.71 8.72
C ILE B 590 47.79 18.44 9.41
N MET B 591 48.45 17.30 9.19
CA MET B 591 48.07 16.08 9.89
C MET B 591 48.31 16.20 11.38
N ARG B 592 49.37 16.90 11.78
CA ARG B 592 49.66 17.08 13.20
C ARG B 592 48.55 17.85 13.90
N LEU B 593 48.04 18.91 13.25
CA LEU B 593 46.96 19.68 13.85
C LEU B 593 45.69 18.84 13.99
N PHE B 594 45.43 17.96 13.02
CA PHE B 594 44.30 17.05 13.12
C PHE B 594 44.42 16.17 14.36
N LEU B 595 45.61 15.61 14.59
CA LEU B 595 45.79 14.72 15.73
C LEU B 595 45.67 15.46 17.05
N GLU B 596 46.17 16.70 17.11
CA GLU B 596 46.08 17.47 18.34
C GLU B 596 44.64 17.76 18.71
N SER B 597 43.80 18.04 17.71
CA SER B 597 42.41 18.37 17.97
C SER B 597 41.66 17.20 18.61
N VAL B 598 41.95 15.98 18.16
CA VAL B 598 41.22 14.81 18.65
C VAL B 598 41.89 14.27 19.90
N GLY B 599 42.90 14.97 20.40
CA GLY B 599 43.51 14.62 21.67
C GLY B 599 44.74 13.77 21.59
N VAL B 600 45.32 13.57 20.42
CA VAL B 600 46.55 12.81 20.26
C VAL B 600 47.69 13.82 20.08
N ASP B 601 48.60 13.86 21.05
CA ASP B 601 49.67 14.84 21.06
C ASP B 601 51.01 14.15 20.83
N MET B 602 51.75 14.63 19.84
CA MET B 602 53.07 14.08 19.54
C MET B 602 54.09 15.20 19.36
N GLN C 8 -29.17 48.75 -25.32
CA GLN C 8 -29.75 49.29 -26.54
C GLN C 8 -28.84 50.35 -27.17
N ILE C 9 -28.67 51.46 -26.45
CA ILE C 9 -27.81 52.53 -26.95
C ILE C 9 -26.34 52.17 -26.70
N ASP C 10 -25.46 52.89 -27.40
CA ASP C 10 -24.03 52.67 -27.29
C ASP C 10 -23.45 53.60 -26.23
N TYR C 11 -22.73 53.02 -25.27
CA TYR C 11 -22.12 53.77 -24.18
C TYR C 11 -20.63 54.03 -24.41
N ARG C 12 -20.13 53.76 -25.62
CA ARG C 12 -18.71 53.98 -25.90
C ARG C 12 -18.34 55.45 -25.75
N ASP C 13 -19.21 56.34 -26.22
CA ASP C 13 -18.98 57.77 -26.02
C ASP C 13 -19.02 58.12 -24.53
N VAL C 14 -19.96 57.53 -23.79
CA VAL C 14 -20.03 57.76 -22.36
C VAL C 14 -18.78 57.21 -21.67
N PHE C 15 -18.36 56.00 -22.07
CA PHE C 15 -17.20 55.37 -21.44
C PHE C 15 -15.93 56.20 -21.67
N ILE C 16 -15.72 56.65 -22.90
CA ILE C 16 -14.55 57.46 -23.20
C ILE C 16 -14.63 58.79 -22.47
N GLU C 17 -15.80 59.42 -22.46
CA GLU C 17 -15.97 60.67 -21.74
C GLU C 17 -15.76 60.48 -20.24
N PHE C 18 -16.26 59.36 -19.70
CA PHE C 18 -16.08 59.09 -18.28
C PHE C 18 -14.61 58.96 -17.92
N LEU C 19 -13.82 58.30 -18.77
CA LEU C 19 -12.41 58.11 -18.50
C LEU C 19 -11.67 59.45 -18.48
N THR C 20 -12.00 60.34 -19.41
CA THR C 20 -11.28 61.60 -19.56
C THR C 20 -11.83 62.73 -18.69
N THR C 21 -12.98 62.54 -18.04
CA THR C 21 -13.59 63.60 -17.26
C THR C 21 -13.83 63.26 -15.80
N PHE C 22 -13.59 62.02 -15.37
CA PHE C 22 -13.80 61.67 -13.98
C PHE C 22 -12.80 62.39 -13.08
N LYS C 23 -13.26 62.72 -11.87
CA LYS C 23 -12.44 63.42 -10.88
C LYS C 23 -12.17 62.50 -9.70
N GLY C 24 -10.92 62.49 -9.26
CA GLY C 24 -10.52 61.68 -8.13
C GLY C 24 -10.92 62.30 -6.80
N ASN C 25 -10.29 61.81 -5.74
CA ASN C 25 -10.56 62.36 -4.41
C ASN C 25 -10.16 63.83 -4.32
N ASN C 26 -9.02 64.18 -4.90
CA ASN C 26 -8.57 65.56 -4.98
C ASN C 26 -8.92 66.21 -6.31
N ASN C 27 -9.83 65.61 -7.07
CA ASN C 27 -10.23 66.10 -8.40
C ASN C 27 -9.02 66.22 -9.32
N GLN C 28 -8.12 65.25 -9.24
CA GLN C 28 -6.92 65.22 -10.06
C GLN C 28 -7.03 64.27 -11.24
N ASN C 29 -8.24 63.79 -11.55
CA ASN C 29 -8.49 62.86 -12.65
C ASN C 29 -7.67 61.58 -12.46
N LYS C 30 -8.04 60.84 -11.41
CA LYS C 30 -7.35 59.63 -10.99
C LYS C 30 -7.32 58.55 -12.07
N TYR C 31 -8.01 58.77 -13.19
CA TYR C 31 -8.05 57.79 -14.26
C TYR C 31 -7.23 58.16 -15.49
N ILE C 32 -6.93 59.44 -15.70
CA ILE C 32 -6.16 59.83 -16.87
C ILE C 32 -4.71 59.36 -16.76
N GLU C 33 -4.14 59.44 -15.56
CA GLU C 33 -2.74 59.05 -15.39
C GLU C 33 -2.55 57.54 -15.38
N ARG C 34 -3.62 56.76 -15.34
CA ARG C 34 -3.51 55.32 -15.52
C ARG C 34 -3.41 54.93 -16.98
N ILE C 35 -3.96 55.75 -17.87
CA ILE C 35 -3.98 55.40 -19.30
C ILE C 35 -2.57 55.41 -19.87
N ASN C 36 -1.81 56.49 -19.62
CA ASN C 36 -0.45 56.56 -20.14
C ASN C 36 0.46 55.55 -19.46
N GLU C 37 0.22 55.27 -18.18
CA GLU C 37 0.96 54.19 -17.51
C GLU C 37 0.71 52.85 -18.20
N LEU C 38 -0.54 52.62 -18.62
CA LEU C 38 -0.83 51.45 -19.43
C LEU C 38 -0.08 51.47 -20.75
N VAL C 39 -0.02 52.64 -21.39
CA VAL C 39 0.68 52.75 -22.67
C VAL C 39 2.19 52.65 -22.47
N ALA C 40 2.73 53.31 -21.44
CA ALA C 40 4.16 53.34 -21.24
C ALA C 40 4.71 51.94 -20.96
N TYR C 41 4.04 51.19 -20.09
CA TYR C 41 4.49 49.85 -19.72
C TYR C 41 3.86 48.75 -20.57
N ARG C 42 2.94 49.11 -21.48
CA ARG C 42 2.26 48.14 -22.34
C ARG C 42 1.61 47.03 -21.52
N LYS C 43 0.96 47.44 -20.42
CA LYS C 43 0.36 46.47 -19.50
C LYS C 43 -0.90 45.83 -20.06
N LYS C 44 -1.50 46.43 -21.08
CA LYS C 44 -2.64 45.88 -21.82
C LYS C 44 -3.83 45.48 -20.93
N SER C 45 -3.84 45.94 -19.69
CA SER C 45 -4.94 45.65 -18.77
C SER C 45 -5.25 46.89 -17.96
N LEU C 46 -6.52 47.31 -17.96
CA LEU C 46 -6.96 48.49 -17.24
C LEU C 46 -8.12 48.12 -16.34
N ILE C 47 -8.11 48.62 -15.11
CA ILE C 47 -9.13 48.30 -14.12
C ILE C 47 -9.90 49.58 -13.78
N ILE C 48 -11.18 49.40 -13.45
CA ILE C 48 -12.06 50.49 -13.05
C ILE C 48 -12.86 50.07 -11.83
N GLU C 49 -13.39 51.06 -11.12
CA GLU C 49 -14.18 50.83 -9.92
C GLU C 49 -15.67 50.97 -10.23
N PHE C 50 -16.46 50.02 -9.77
CA PHE C 50 -17.90 50.06 -10.02
C PHE C 50 -18.57 51.23 -9.29
N SER C 51 -18.06 51.59 -8.11
CA SER C 51 -18.63 52.72 -7.38
C SER C 51 -18.48 54.02 -8.15
N ASP C 52 -17.31 54.23 -8.77
CA ASP C 52 -17.09 55.45 -9.54
C ASP C 52 -17.98 55.49 -10.77
N VAL C 53 -18.15 54.35 -11.45
CA VAL C 53 -19.02 54.31 -12.63
C VAL C 53 -20.46 54.59 -12.24
N LEU C 54 -20.93 53.98 -11.15
CA LEU C 54 -22.28 54.25 -10.67
C LEU C 54 -22.44 55.70 -10.24
N SER C 55 -21.43 56.26 -9.58
CA SER C 55 -21.49 57.66 -9.18
C SER C 55 -21.49 58.58 -10.40
N PHE C 56 -20.87 58.15 -11.50
CA PHE C 56 -20.83 58.97 -12.70
C PHE C 56 -22.12 58.83 -13.51
N ASN C 57 -22.42 57.62 -13.97
CA ASN C 57 -23.62 57.36 -14.75
C ASN C 57 -24.26 56.07 -14.26
N GLU C 58 -25.50 56.17 -13.79
CA GLU C 58 -26.20 54.99 -13.28
C GLU C 58 -26.47 53.98 -14.39
N ASN C 59 -26.83 54.48 -15.59
CA ASN C 59 -27.18 53.57 -16.67
C ASN C 59 -26.01 52.70 -17.09
N LEU C 60 -24.80 53.27 -17.14
CA LEU C 60 -23.63 52.50 -17.55
C LEU C 60 -23.32 51.39 -16.55
N ALA C 61 -23.49 51.67 -15.25
CA ALA C 61 -23.19 50.67 -14.23
C ALA C 61 -24.09 49.44 -14.35
N TYR C 62 -25.38 49.67 -14.59
CA TYR C 62 -26.31 48.54 -14.72
C TYR C 62 -25.95 47.69 -15.93
N GLU C 63 -25.62 48.33 -17.05
CA GLU C 63 -25.30 47.57 -18.26
C GLU C 63 -24.08 46.69 -18.06
N ILE C 64 -23.07 47.19 -17.36
CA ILE C 64 -21.91 46.37 -17.03
C ILE C 64 -22.31 45.25 -16.08
N ILE C 65 -23.11 45.56 -15.06
CA ILE C 65 -23.46 44.57 -14.04
C ILE C 65 -24.41 43.51 -14.57
N ASN C 66 -25.14 43.78 -15.65
CA ASN C 66 -26.12 42.85 -16.18
C ASN C 66 -25.74 42.32 -17.55
N ASN C 67 -25.51 43.21 -18.52
CA ASN C 67 -25.15 42.79 -19.88
C ASN C 67 -23.63 42.71 -20.04
N THR C 68 -22.98 41.99 -19.12
CA THR C 68 -21.52 41.93 -19.12
C THR C 68 -20.99 41.21 -20.36
N LYS C 69 -21.67 40.16 -20.79
CA LYS C 69 -21.19 39.35 -21.92
C LYS C 69 -21.37 40.02 -23.27
N ILE C 70 -22.09 41.14 -23.34
CA ILE C 70 -22.37 41.78 -24.62
C ILE C 70 -21.96 43.24 -24.59
N ILE C 71 -21.27 43.66 -23.54
CA ILE C 71 -20.75 45.02 -23.46
C ILE C 71 -19.24 45.06 -23.23
N LEU C 72 -18.63 44.03 -22.67
CA LEU C 72 -17.19 44.03 -22.46
C LEU C 72 -16.41 44.13 -23.77
N PRO C 73 -16.70 43.34 -24.82
CA PRO C 73 -16.00 43.57 -26.09
C PRO C 73 -16.26 44.95 -26.67
N ILE C 74 -17.44 45.52 -26.44
CA ILE C 74 -17.75 46.85 -26.98
C ILE C 74 -16.87 47.90 -26.33
N LEU C 75 -16.76 47.86 -25.00
CA LEU C 75 -15.88 48.80 -24.31
C LEU C 75 -14.41 48.51 -24.60
N GLU C 76 -14.07 47.24 -24.85
CA GLU C 76 -12.70 46.89 -25.22
C GLU C 76 -12.31 47.55 -26.54
N GLY C 77 -13.21 47.52 -27.52
CA GLY C 77 -12.91 48.16 -28.79
C GLY C 77 -12.81 49.66 -28.69
N ALA C 78 -13.70 50.28 -27.92
CA ALA C 78 -13.68 51.73 -27.76
C ALA C 78 -12.41 52.19 -27.07
N LEU C 79 -12.00 51.48 -26.01
CA LEU C 79 -10.78 51.85 -25.30
C LEU C 79 -9.55 51.66 -26.20
N TYR C 80 -9.54 50.58 -26.98
CA TYR C 80 -8.40 50.32 -27.87
C TYR C 80 -8.21 51.43 -28.89
N ASP C 81 -9.32 51.94 -29.45
CA ASP C 81 -9.22 53.04 -30.40
C ASP C 81 -8.66 54.29 -29.75
N HIS C 82 -9.08 54.58 -28.51
CA HIS C 82 -8.57 55.74 -27.79
C HIS C 82 -7.08 55.61 -27.51
N ILE C 83 -6.59 54.39 -27.32
CA ILE C 83 -5.16 54.18 -27.11
C ILE C 83 -4.38 54.43 -28.40
N LEU C 84 -4.92 53.95 -29.53
CA LEU C 84 -4.19 54.08 -30.80
C LEU C 84 -3.98 55.53 -31.18
N GLN C 85 -5.00 56.37 -31.01
CA GLN C 85 -4.85 57.79 -31.30
C GLN C 85 -3.90 58.46 -30.32
N LEU C 86 -3.88 58.00 -29.07
CA LEU C 86 -2.96 58.58 -28.09
C LEU C 86 -1.52 58.21 -28.41
N ASP C 87 -1.28 56.99 -28.89
CA ASP C 87 0.06 56.53 -29.23
C ASP C 87 -0.06 55.46 -30.31
N PRO C 88 0.26 55.80 -31.56
CA PRO C 88 0.20 54.80 -32.63
C PRO C 88 1.16 53.63 -32.45
N THR C 89 2.24 53.80 -31.68
CA THR C 89 3.20 52.73 -31.49
C THR C 89 2.63 51.56 -30.70
N TYR C 90 1.50 51.77 -30.01
CA TYR C 90 0.85 50.68 -29.29
C TYR C 90 0.38 49.59 -30.24
N GLN C 91 0.09 49.94 -31.48
CA GLN C 91 -0.30 48.96 -32.49
C GLN C 91 0.87 48.04 -32.81
N ARG C 92 0.54 46.82 -33.24
CA ARG C 92 1.47 45.76 -33.63
C ARG C 92 2.21 45.17 -32.45
N ASP C 93 2.01 45.70 -31.24
CA ASP C 93 2.56 45.12 -30.02
C ASP C 93 1.48 44.50 -29.13
N ILE C 94 0.32 45.13 -29.06
CA ILE C 94 -0.82 44.62 -28.31
C ILE C 94 -2.04 44.64 -29.22
N GLU C 95 -2.62 43.47 -29.47
CA GLU C 95 -3.77 43.35 -30.36
C GLU C 95 -5.11 43.39 -29.63
N LYS C 96 -5.10 43.41 -28.30
CA LYS C 96 -6.34 43.42 -27.53
C LYS C 96 -6.04 43.92 -26.14
N VAL C 97 -6.94 44.78 -25.62
CA VAL C 97 -6.81 45.33 -24.28
C VAL C 97 -8.05 44.95 -23.48
N HIS C 98 -7.84 44.48 -22.26
CA HIS C 98 -8.92 44.06 -21.39
C HIS C 98 -9.23 45.11 -20.33
N VAL C 99 -10.51 45.33 -20.08
CA VAL C 99 -10.97 46.22 -19.02
C VAL C 99 -11.62 45.36 -17.94
N ARG C 100 -11.20 45.57 -16.70
CA ARG C 100 -11.64 44.75 -15.57
C ARG C 100 -12.41 45.62 -14.59
N ILE C 101 -13.57 45.14 -14.15
CA ILE C 101 -14.44 45.85 -13.23
C ILE C 101 -14.35 45.18 -11.86
N VAL C 102 -14.20 45.99 -10.81
CA VAL C 102 -14.08 45.50 -9.45
C VAL C 102 -15.16 46.17 -8.60
N GLY C 103 -15.27 45.71 -7.36
CA GLY C 103 -16.26 46.24 -6.44
C GLY C 103 -17.69 45.94 -6.84
N ILE C 104 -17.94 44.74 -7.35
CA ILE C 104 -19.30 44.35 -7.73
C ILE C 104 -20.17 44.23 -6.48
N PRO C 105 -21.35 44.87 -6.44
CA PRO C 105 -22.22 44.70 -5.27
C PRO C 105 -22.73 43.28 -5.10
N ARG C 106 -22.70 42.46 -6.13
CA ARG C 106 -23.20 41.08 -6.08
C ARG C 106 -22.13 40.20 -5.48
N VAL C 107 -22.15 40.06 -4.16
CA VAL C 107 -21.21 39.22 -3.42
C VAL C 107 -21.98 38.05 -2.82
N ILE C 108 -21.52 36.83 -3.09
CA ILE C 108 -22.19 35.63 -2.65
C ILE C 108 -21.18 34.73 -1.94
N GLU C 109 -21.60 34.15 -0.82
CA GLU C 109 -20.76 33.18 -0.13
C GLU C 109 -20.55 31.95 -1.00
N LEU C 110 -19.40 31.30 -0.80
CA LEU C 110 -19.06 30.14 -1.62
C LEU C 110 -20.05 28.99 -1.40
N ARG C 111 -20.62 28.89 -0.22
CA ARG C 111 -21.54 27.80 0.09
C ARG C 111 -22.98 28.10 -0.32
N LYS C 112 -23.28 29.33 -0.70
CA LYS C 112 -24.65 29.72 -1.02
C LYS C 112 -24.89 29.85 -2.53
N ILE C 113 -23.97 29.36 -3.35
CA ILE C 113 -24.14 29.46 -4.80
C ILE C 113 -25.17 28.46 -5.26
N ARG C 114 -26.16 28.93 -6.02
CA ARG C 114 -27.22 28.08 -6.55
C ARG C 114 -27.31 28.29 -8.05
N SER C 115 -28.21 27.53 -8.69
CA SER C 115 -28.34 27.58 -10.14
C SER C 115 -28.80 28.95 -10.63
N THR C 116 -29.47 29.73 -9.78
CA THR C 116 -29.93 31.05 -10.19
C THR C 116 -28.79 32.01 -10.46
N ASP C 117 -27.62 31.77 -9.87
CA ASP C 117 -26.48 32.66 -10.02
C ASP C 117 -25.61 32.32 -11.22
N ILE C 118 -25.93 31.25 -11.95
CA ILE C 118 -25.12 30.86 -13.11
C ILE C 118 -25.30 31.88 -14.22
N GLY C 119 -24.18 32.32 -14.79
CA GLY C 119 -24.21 33.28 -15.88
C GLY C 119 -24.26 34.73 -15.47
N LYS C 120 -24.09 35.02 -14.18
CA LYS C 120 -24.14 36.39 -13.68
C LYS C 120 -22.79 36.78 -13.11
N LEU C 121 -22.48 38.08 -13.21
CA LEU C 121 -21.21 38.60 -12.69
C LEU C 121 -21.32 38.69 -11.17
N ILE C 122 -20.54 37.87 -10.47
CA ILE C 122 -20.58 37.78 -9.02
C ILE C 122 -19.16 37.90 -8.48
N THR C 123 -19.04 37.92 -7.16
CA THR C 123 -17.75 38.07 -6.50
C THR C 123 -17.70 37.13 -5.29
N ILE C 124 -16.58 36.43 -5.15
CA ILE C 124 -16.38 35.47 -4.06
C ILE C 124 -15.09 35.81 -3.34
N ASP C 125 -15.12 35.72 -2.01
CA ASP C 125 -13.96 35.95 -1.17
C ASP C 125 -13.58 34.64 -0.50
N GLY C 126 -12.32 34.24 -0.66
CA GLY C 126 -11.86 32.98 -0.12
C GLY C 126 -10.36 32.93 0.04
N ILE C 127 -9.84 31.71 0.11
CA ILE C 127 -8.42 31.46 0.30
C ILE C 127 -7.91 30.59 -0.84
N LEU C 128 -6.81 31.02 -1.45
CA LEU C 128 -6.19 30.25 -2.52
C LEU C 128 -5.42 29.08 -1.92
N VAL C 129 -5.61 27.89 -2.51
CA VAL C 129 -4.99 26.67 -2.00
C VAL C 129 -4.08 26.01 -3.04
N LYS C 130 -4.53 25.92 -4.28
CA LYS C 130 -3.78 25.23 -5.32
C LYS C 130 -3.65 26.11 -6.55
N VAL C 131 -2.49 26.06 -7.19
CA VAL C 131 -2.22 26.77 -8.44
C VAL C 131 -1.46 25.82 -9.37
N THR C 132 -1.87 25.75 -10.62
CA THR C 132 -1.25 24.91 -11.62
C THR C 132 -0.27 25.72 -12.46
N PRO C 133 0.69 25.06 -13.11
CA PRO C 133 1.58 25.79 -14.02
C PRO C 133 0.83 26.36 -15.20
N VAL C 134 1.36 27.45 -15.75
CA VAL C 134 0.71 28.14 -16.86
C VAL C 134 0.74 27.26 -18.09
N LYS C 135 -0.41 27.14 -18.76
CA LYS C 135 -0.52 26.37 -20.00
C LYS C 135 -1.09 27.23 -21.11
N GLU C 136 -1.40 26.62 -22.25
CA GLU C 136 -1.94 27.33 -23.40
C GLU C 136 -3.25 26.70 -23.83
N ARG C 137 -4.22 27.54 -24.18
CA ARG C 137 -5.52 27.10 -24.63
C ARG C 137 -5.79 27.61 -26.03
N ILE C 138 -6.29 26.74 -26.90
CA ILE C 138 -6.61 27.12 -28.27
C ILE C 138 -7.98 27.79 -28.30
N TYR C 139 -8.05 28.99 -28.86
CA TYR C 139 -9.33 29.65 -29.09
C TYR C 139 -9.64 29.81 -30.57
N LYS C 140 -8.71 29.48 -31.46
CA LYS C 140 -8.97 29.51 -32.90
C LYS C 140 -7.95 28.60 -33.57
N ALA C 141 -8.42 27.48 -34.10
CA ALA C 141 -7.53 26.46 -34.66
C ALA C 141 -7.43 26.60 -36.18
N THR C 142 -6.51 25.84 -36.75
CA THR C 142 -6.32 25.76 -38.19
C THR C 142 -6.09 24.31 -38.57
N TYR C 143 -6.82 23.84 -39.57
CA TYR C 143 -6.76 22.44 -39.99
C TYR C 143 -6.43 22.35 -41.46
N LYS C 144 -5.85 21.21 -41.85
CA LYS C 144 -5.60 20.88 -43.24
C LYS C 144 -6.30 19.56 -43.55
N HIS C 145 -7.16 19.58 -44.56
CA HIS C 145 -7.92 18.39 -44.94
C HIS C 145 -6.99 17.42 -45.65
N ILE C 146 -6.72 16.28 -45.03
CA ILE C 146 -5.81 15.28 -45.62
C ILE C 146 -6.69 14.38 -46.48
N HIS C 147 -6.93 14.83 -47.71
CA HIS C 147 -7.67 14.09 -48.69
C HIS C 147 -7.03 14.43 -50.03
N PRO C 148 -6.62 13.42 -50.82
CA PRO C 148 -5.71 13.67 -51.94
C PRO C 148 -6.14 14.77 -52.90
N ASP C 149 -7.36 15.29 -52.74
CA ASP C 149 -7.85 16.35 -53.60
C ASP C 149 -7.89 17.72 -52.94
N CYS C 150 -7.82 17.80 -51.60
CA CYS C 150 -8.06 19.08 -50.93
C CYS C 150 -6.76 19.84 -50.66
N MET C 151 -5.90 19.31 -49.79
CA MET C 151 -4.71 20.03 -49.32
C MET C 151 -5.01 21.51 -49.06
N GLN C 152 -6.09 21.75 -48.32
CA GLN C 152 -6.56 23.10 -48.05
C GLN C 152 -6.50 23.39 -46.56
N GLU C 153 -6.13 24.63 -46.21
CA GLU C 153 -6.04 25.08 -44.84
C GLU C 153 -7.17 26.05 -44.54
N PHE C 154 -7.75 25.92 -43.35
CA PHE C 154 -8.86 26.79 -42.96
C PHE C 154 -8.91 26.87 -41.44
N GLU C 155 -9.45 27.98 -40.94
CA GLU C 155 -9.73 28.13 -39.53
C GLU C 155 -11.05 27.43 -39.22
N TRP C 156 -11.03 26.47 -38.29
CA TRP C 156 -12.22 25.64 -38.11
C TRP C 156 -13.38 26.42 -37.52
N PRO C 157 -13.31 26.94 -36.29
CA PRO C 157 -14.50 27.60 -35.74
C PRO C 157 -14.75 28.92 -36.44
N GLU C 158 -15.72 28.94 -37.34
CA GLU C 158 -16.00 30.12 -38.14
C GLU C 158 -16.74 31.15 -37.31
N ASP C 159 -16.28 32.40 -37.37
CA ASP C 159 -16.84 33.54 -36.65
C ASP C 159 -17.25 33.18 -35.22
N GLU C 160 -16.44 32.38 -34.54
CA GLU C 160 -16.77 31.93 -33.20
C GLU C 160 -15.50 31.41 -32.53
N GLU C 161 -15.40 31.64 -31.22
CA GLU C 161 -14.28 31.12 -30.47
C GLU C 161 -14.39 29.60 -30.32
N MET C 162 -13.24 28.95 -30.22
CA MET C 162 -13.23 27.51 -30.02
C MET C 162 -13.82 27.19 -28.65
N PRO C 163 -14.81 26.32 -28.55
CA PRO C 163 -15.42 26.02 -27.26
C PRO C 163 -14.44 25.29 -26.34
N GLU C 164 -14.88 25.12 -25.09
CA GLU C 164 -14.05 24.44 -24.10
C GLU C 164 -13.76 22.98 -24.49
N VAL C 165 -14.62 22.39 -25.32
CA VAL C 165 -14.39 21.05 -25.84
C VAL C 165 -13.72 21.18 -27.20
N LEU C 166 -12.60 20.48 -27.38
CA LEU C 166 -11.90 20.52 -28.66
C LEU C 166 -12.69 19.71 -29.68
N GLU C 167 -13.26 20.40 -30.67
CA GLU C 167 -14.07 19.77 -31.70
C GLU C 167 -13.38 19.91 -33.05
N MET C 168 -13.29 18.80 -33.77
CA MET C 168 -12.70 18.71 -35.10
C MET C 168 -13.77 18.82 -36.17
N PRO C 169 -13.49 19.48 -37.29
CA PRO C 169 -14.47 19.52 -38.37
C PRO C 169 -14.78 18.12 -38.89
N THR C 170 -16.04 17.91 -39.24
CA THR C 170 -16.48 16.64 -39.82
C THR C 170 -16.59 16.71 -41.34
N ILE C 171 -17.01 17.85 -41.87
CA ILE C 171 -17.11 18.08 -43.31
C ILE C 171 -16.21 19.25 -43.66
N CYS C 172 -15.34 19.05 -44.63
CA CYS C 172 -14.40 20.10 -45.01
C CYS C 172 -15.16 21.26 -45.64
N PRO C 173 -15.11 22.47 -45.07
CA PRO C 173 -15.83 23.59 -45.68
C PRO C 173 -15.32 23.95 -47.07
N LYS C 174 -14.04 23.70 -47.35
CA LYS C 174 -13.49 24.07 -48.64
C LYS C 174 -13.93 23.14 -49.76
N CYS C 175 -14.30 21.89 -49.45
CA CYS C 175 -14.68 20.93 -50.47
C CYS C 175 -15.94 20.15 -50.16
N GLY C 176 -16.48 20.24 -48.95
CA GLY C 176 -17.73 19.57 -48.63
C GLY C 176 -17.61 18.08 -48.37
N LYS C 177 -16.40 17.54 -48.28
CA LYS C 177 -16.22 16.11 -48.09
C LYS C 177 -15.58 15.82 -46.73
N PRO C 178 -15.86 14.68 -46.15
CA PRO C 178 -15.19 14.28 -44.90
C PRO C 178 -13.80 13.74 -45.19
N GLY C 179 -13.15 13.27 -44.16
CA GLY C 179 -11.83 12.69 -44.30
C GLY C 179 -10.98 12.98 -43.08
N GLN C 180 -9.68 13.12 -43.32
CA GLN C 180 -8.71 13.37 -42.27
C GLN C 180 -8.35 14.85 -42.22
N PHE C 181 -8.27 15.39 -41.01
CA PHE C 181 -7.90 16.78 -40.79
C PHE C 181 -6.71 16.82 -39.84
N ARG C 182 -5.69 17.59 -40.21
CA ARG C 182 -4.46 17.70 -39.44
C ARG C 182 -4.33 19.12 -38.91
N LEU C 183 -4.13 19.23 -37.60
CA LEU C 183 -3.96 20.54 -36.98
C LEU C 183 -2.63 21.16 -37.39
N ILE C 184 -2.64 22.48 -37.58
CA ILE C 184 -1.44 23.21 -37.93
C ILE C 184 -1.08 24.13 -36.77
N PRO C 185 -0.14 23.74 -35.91
CA PRO C 185 0.18 24.57 -34.74
C PRO C 185 0.71 25.95 -35.09
N GLU C 186 1.36 26.11 -36.24
CA GLU C 186 1.94 27.41 -36.59
C GLU C 186 0.86 28.46 -36.78
N LYS C 187 -0.24 28.10 -37.43
CA LYS C 187 -1.32 29.03 -37.70
C LYS C 187 -2.36 29.08 -36.58
N THR C 188 -2.21 28.25 -35.55
CA THR C 188 -3.17 28.22 -34.45
C THR C 188 -2.92 29.36 -33.49
N LYS C 189 -4.01 29.95 -32.99
CA LYS C 189 -3.94 31.04 -32.03
C LYS C 189 -4.16 30.49 -30.62
N LEU C 190 -3.33 30.96 -29.68
CA LEU C 190 -3.34 30.46 -28.32
C LEU C 190 -3.53 31.60 -27.34
N ILE C 191 -3.87 31.23 -26.10
CA ILE C 191 -4.05 32.18 -25.02
C ILE C 191 -3.60 31.51 -23.73
N ASP C 192 -2.99 32.29 -22.83
CA ASP C 192 -2.49 31.74 -21.58
C ASP C 192 -3.64 31.26 -20.72
N TRP C 193 -3.39 30.19 -19.96
CA TRP C 193 -4.44 29.52 -19.22
C TRP C 193 -3.87 28.93 -17.95
N GLN C 194 -4.48 29.26 -16.82
CA GLN C 194 -4.07 28.72 -15.53
C GLN C 194 -5.30 28.33 -14.73
N LYS C 195 -5.16 27.28 -13.92
CA LYS C 195 -6.24 26.77 -13.09
C LYS C 195 -5.86 26.89 -11.63
N ALA C 196 -6.76 27.41 -10.82
CA ALA C 196 -6.53 27.56 -9.38
C ALA C 196 -7.77 27.11 -8.63
N VAL C 197 -7.56 26.78 -7.36
CA VAL C 197 -8.63 26.33 -6.47
C VAL C 197 -8.73 27.31 -5.31
N ILE C 198 -9.96 27.68 -4.95
CA ILE C 198 -10.22 28.62 -3.88
C ILE C 198 -11.08 27.94 -2.82
N GLN C 199 -10.78 28.24 -1.56
CA GLN C 199 -11.48 27.63 -0.43
C GLN C 199 -12.11 28.73 0.41
N GLU C 200 -13.26 28.41 1.01
CA GLU C 200 -13.96 29.37 1.83
C GLU C 200 -13.21 29.63 3.13
N ARG C 201 -13.45 30.81 3.70
CA ARG C 201 -12.73 31.22 4.89
C ARG C 201 -13.14 30.37 6.09
N PRO C 202 -12.23 30.14 7.04
CA PRO C 202 -12.58 29.34 8.22
C PRO C 202 -13.71 29.93 9.04
N GLU C 203 -13.81 31.26 9.11
CA GLU C 203 -14.90 31.88 9.86
C GLU C 203 -16.25 31.74 9.16
N GLU C 204 -16.26 31.30 7.91
CA GLU C 204 -17.49 31.14 7.15
C GLU C 204 -18.00 29.72 7.13
N VAL C 205 -17.19 28.75 7.54
CA VAL C 205 -17.60 27.34 7.48
C VAL C 205 -18.65 27.08 8.55
N PRO C 206 -19.77 26.43 8.23
CA PRO C 206 -20.75 26.10 9.25
C PRO C 206 -20.22 25.05 10.22
N SER C 207 -20.92 24.94 11.34
CA SER C 207 -20.48 24.07 12.43
C SER C 207 -20.46 22.61 11.97
N GLY C 208 -19.37 21.92 12.30
CA GLY C 208 -19.29 20.48 12.08
C GLY C 208 -19.18 20.05 10.63
N GLN C 209 -18.67 20.91 9.75
CA GLN C 209 -18.55 20.59 8.34
C GLN C 209 -17.18 21.01 7.83
N LEU C 210 -16.74 20.33 6.78
CA LEU C 210 -15.48 20.68 6.13
C LEU C 210 -15.68 21.86 5.19
N PRO C 211 -14.65 22.66 4.97
CA PRO C 211 -14.77 23.79 4.05
C PRO C 211 -14.98 23.33 2.62
N ARG C 212 -15.72 24.12 1.85
CA ARG C 212 -15.99 23.83 0.46
C ARG C 212 -14.93 24.48 -0.42
N GLN C 213 -14.84 24.02 -1.67
CA GLN C 213 -13.85 24.48 -2.62
C GLN C 213 -14.51 24.81 -3.94
N LEU C 214 -13.91 25.74 -4.68
CA LEU C 214 -14.37 26.12 -5.99
C LEU C 214 -13.18 26.21 -6.94
N GLU C 215 -13.40 25.83 -8.19
CA GLU C 215 -12.39 25.86 -9.23
C GLU C 215 -12.53 27.14 -10.03
N ILE C 216 -11.43 27.86 -10.23
CA ILE C 216 -11.41 29.10 -10.97
C ILE C 216 -10.36 29.02 -12.06
N ILE C 217 -10.57 29.80 -13.11
CA ILE C 217 -9.71 29.80 -14.29
C ILE C 217 -9.19 31.22 -14.51
N LEU C 218 -7.87 31.35 -14.61
CA LEU C 218 -7.23 32.63 -14.90
C LEU C 218 -6.62 32.55 -16.29
N GLU C 219 -6.84 33.58 -17.09
CA GLU C 219 -6.39 33.59 -18.48
C GLU C 219 -5.69 34.91 -18.80
N ASP C 220 -4.77 34.84 -19.75
CA ASP C 220 -4.05 36.02 -20.28
C ASP C 220 -3.25 36.64 -19.14
N ASP C 221 -3.37 37.94 -18.90
CA ASP C 221 -2.52 38.64 -17.95
C ASP C 221 -2.83 38.29 -16.50
N LEU C 222 -3.92 37.57 -16.23
CA LEU C 222 -4.28 37.23 -14.86
C LEU C 222 -3.48 36.05 -14.31
N VAL C 223 -2.67 35.39 -15.13
CA VAL C 223 -1.91 34.25 -14.65
C VAL C 223 -0.83 34.71 -13.68
N ASP C 224 -0.51 33.84 -12.71
CA ASP C 224 0.51 34.11 -11.70
C ASP C 224 0.20 35.40 -10.93
N SER C 225 -1.07 35.63 -10.65
CA SER C 225 -1.50 36.82 -9.93
C SER C 225 -1.42 36.66 -8.42
N ALA C 226 -1.27 35.44 -7.92
CA ALA C 226 -1.23 35.22 -6.48
C ALA C 226 -0.53 33.89 -6.20
N ARG C 227 -0.16 33.71 -4.94
CA ARG C 227 0.49 32.49 -4.48
C ARG C 227 -0.42 31.75 -3.51
N PRO C 228 -0.23 30.44 -3.37
CA PRO C 228 -1.10 29.66 -2.47
C PRO C 228 -1.03 30.18 -1.03
N GLY C 229 -2.16 30.11 -0.35
CA GLY C 229 -2.28 30.63 0.99
C GLY C 229 -2.73 32.07 1.07
N ASP C 230 -2.89 32.75 -0.05
CA ASP C 230 -3.32 34.14 -0.06
C ASP C 230 -4.81 34.26 0.20
N ARG C 231 -5.24 35.45 0.56
CA ARG C 231 -6.64 35.80 0.68
C ARG C 231 -7.01 36.69 -0.49
N VAL C 232 -7.98 36.26 -1.30
CA VAL C 232 -8.27 36.90 -2.57
C VAL C 232 -9.76 37.18 -2.68
N LYS C 233 -10.08 38.11 -3.58
CA LYS C 233 -11.46 38.41 -3.96
C LYS C 233 -11.54 38.31 -5.47
N VAL C 234 -12.31 37.34 -5.97
CA VAL C 234 -12.35 37.01 -7.39
C VAL C 234 -13.72 37.39 -7.94
N THR C 235 -13.73 37.97 -9.13
CA THR C 235 -14.96 38.41 -9.78
C THR C 235 -15.02 37.82 -11.18
N GLY C 236 -16.16 37.27 -11.55
CA GLY C 236 -16.32 36.71 -12.88
C GLY C 236 -17.64 35.97 -13.00
N ILE C 237 -17.74 35.20 -14.07
CA ILE C 237 -18.97 34.51 -14.44
C ILE C 237 -18.85 33.04 -14.07
N LEU C 238 -19.89 32.50 -13.46
CA LEU C 238 -19.94 31.08 -13.15
C LEU C 238 -20.41 30.28 -14.36
N ASP C 239 -19.94 29.04 -14.45
CA ASP C 239 -20.32 28.16 -15.54
C ASP C 239 -20.12 26.72 -15.10
N ILE C 240 -20.80 25.82 -15.81
CA ILE C 240 -20.69 24.39 -15.52
C ILE C 240 -19.45 23.83 -16.19
N LYS C 241 -18.88 22.79 -15.59
CA LYS C 241 -17.62 22.22 -16.03
C LYS C 241 -17.87 20.95 -16.82
N GLN C 242 -17.34 20.88 -18.03
CA GLN C 242 -17.36 19.69 -18.87
C GLN C 242 -15.94 19.15 -18.94
N ASP C 243 -15.69 18.04 -18.26
CA ASP C 243 -14.34 17.50 -18.11
C ASP C 243 -14.11 16.23 -18.92
N SER C 244 -15.00 15.24 -18.80
CA SER C 244 -14.84 13.95 -19.47
C SER C 244 -16.10 13.64 -20.24
N PRO C 245 -16.29 14.26 -21.41
CA PRO C 245 -17.48 14.01 -22.23
C PRO C 245 -17.35 12.88 -23.24
N VAL C 246 -16.24 12.12 -23.22
CA VAL C 246 -16.06 11.05 -24.18
C VAL C 246 -17.10 9.96 -23.98
N LYS C 247 -17.36 9.58 -22.73
CA LYS C 247 -18.38 8.61 -22.39
C LYS C 247 -19.33 9.23 -21.38
N ARG C 248 -20.62 9.23 -21.71
CA ARG C 248 -21.60 9.89 -20.84
C ARG C 248 -21.72 9.17 -19.50
N GLY C 249 -21.92 7.85 -19.53
CA GLY C 249 -22.08 7.10 -18.31
C GLY C 249 -23.23 7.59 -17.44
N SER C 250 -24.34 7.96 -18.06
CA SER C 250 -25.48 8.60 -17.37
C SER C 250 -24.93 9.84 -16.66
N ARG C 251 -25.40 10.14 -15.45
CA ARG C 251 -24.83 11.18 -14.61
C ARG C 251 -24.84 12.54 -15.32
N ALA C 252 -26.05 13.03 -15.54
CA ALA C 252 -26.24 14.35 -16.14
C ALA C 252 -25.92 15.48 -15.16
N VAL C 253 -25.31 15.13 -14.03
CA VAL C 253 -24.92 16.09 -13.00
C VAL C 253 -23.55 16.66 -13.34
N PHE C 254 -23.38 17.96 -13.10
CA PHE C 254 -22.14 18.66 -13.44
C PHE C 254 -21.68 19.49 -12.25
N ASP C 255 -20.38 19.75 -12.22
CA ASP C 255 -19.79 20.69 -11.28
C ASP C 255 -19.85 22.10 -11.87
N ILE C 256 -19.35 23.07 -11.11
CA ILE C 256 -19.34 24.46 -11.57
C ILE C 256 -17.93 25.02 -11.39
N TYR C 257 -17.61 26.00 -12.22
CA TYR C 257 -16.33 26.69 -12.15
C TYR C 257 -16.56 28.15 -12.51
N MET C 258 -15.53 28.97 -12.27
CA MET C 258 -15.63 30.41 -12.41
C MET C 258 -14.56 30.91 -13.37
N LYS C 259 -14.99 31.75 -14.32
CA LYS C 259 -14.06 32.41 -15.25
C LYS C 259 -13.70 33.77 -14.66
N VAL C 260 -12.49 33.87 -14.12
CA VAL C 260 -12.10 35.08 -13.38
C VAL C 260 -11.96 36.24 -14.35
N SER C 261 -12.55 37.38 -13.98
CA SER C 261 -12.41 38.63 -14.72
C SER C 261 -11.51 39.64 -14.02
N SER C 262 -11.44 39.59 -12.69
CA SER C 262 -10.57 40.49 -11.94
C SER C 262 -10.31 39.86 -10.57
N ILE C 263 -9.07 39.95 -10.11
CA ILE C 263 -8.65 39.35 -8.85
C ILE C 263 -7.85 40.38 -8.07
N GLU C 264 -8.11 40.48 -6.77
CA GLU C 264 -7.36 41.33 -5.88
C GLU C 264 -6.94 40.54 -4.65
N VAL C 265 -5.79 40.92 -4.09
CA VAL C 265 -5.18 40.23 -2.97
C VAL C 265 -5.36 41.07 -1.72
N SER C 266 -5.78 40.43 -0.63
CA SER C 266 -6.03 41.09 0.65
C SER C 266 -7.06 42.21 0.51
N SER C 273 -5.03 53.33 -1.54
CA SER C 273 -3.77 52.97 -0.88
C SER C 273 -2.98 54.21 -0.51
N GLU C 274 -3.09 55.26 -1.34
CA GLU C 274 -2.40 56.50 -1.05
C GLU C 274 -2.90 57.13 0.24
N GLU C 275 -4.20 57.07 0.49
CA GLU C 275 -4.75 57.58 1.73
C GLU C 275 -4.18 56.82 2.93
N ASP C 276 -4.01 55.50 2.80
CA ASP C 276 -3.40 54.72 3.87
C ASP C 276 -1.97 55.16 4.13
N GLU C 277 -1.23 55.49 3.07
CA GLU C 277 0.16 55.91 3.24
C GLU C 277 0.26 57.18 4.06
N LYS C 278 -0.65 58.13 3.84
CA LYS C 278 -0.67 59.34 4.65
C LYS C 278 -0.98 59.01 6.11
N LYS C 279 -1.91 58.09 6.34
CA LYS C 279 -2.23 57.68 7.71
C LYS C 279 -1.04 57.01 8.37
N ILE C 280 -0.32 56.16 7.64
CA ILE C 280 0.84 55.48 8.20
C ILE C 280 1.93 56.48 8.55
N LYS C 281 2.22 57.40 7.63
CA LYS C 281 3.28 58.39 7.89
C LYS C 281 2.88 59.34 9.00
N ASP C 282 1.58 59.63 9.15
CA ASP C 282 1.14 60.47 10.26
C ASP C 282 1.40 59.81 11.60
N LEU C 283 1.21 58.49 11.68
CA LEU C 283 1.44 57.78 12.92
C LEU C 283 2.91 57.85 13.33
N ALA C 284 3.82 57.73 12.37
CA ALA C 284 5.25 57.70 12.68
C ALA C 284 5.75 59.04 13.21
N LYS C 285 5.00 60.12 13.04
CA LYS C 285 5.42 61.42 13.54
C LYS C 285 5.42 61.49 15.05
N ASP C 286 4.60 60.69 15.71
CA ASP C 286 4.52 60.73 17.17
C ASP C 286 5.81 60.20 17.79
N PRO C 287 6.42 60.94 18.71
CA PRO C 287 7.66 60.44 19.35
C PRO C 287 7.46 59.14 20.11
N TRP C 288 6.27 58.90 20.66
CA TRP C 288 5.98 57.69 21.43
C TRP C 288 5.30 56.63 20.59
N ILE C 289 5.62 56.57 19.29
CA ILE C 289 4.99 55.57 18.43
C ILE C 289 5.39 54.17 18.86
N ARG C 290 6.63 53.98 19.32
CA ARG C 290 7.08 52.66 19.74
C ARG C 290 6.26 52.15 20.92
N ASP C 291 6.05 53.00 21.93
CA ASP C 291 5.24 52.59 23.07
C ASP C 291 3.79 52.39 22.67
N ARG C 292 3.28 53.23 21.76
CA ARG C 292 1.91 53.10 21.30
C ARG C 292 1.70 51.79 20.55
N ILE C 293 2.69 51.38 19.75
CA ILE C 293 2.58 50.13 19.01
C ILE C 293 2.56 48.95 19.97
N ILE C 294 3.43 48.96 20.97
CA ILE C 294 3.51 47.84 21.91
C ILE C 294 2.19 47.69 22.67
N SER C 295 1.60 48.81 23.07
CA SER C 295 0.33 48.76 23.79
C SER C 295 -0.79 48.16 22.95
N SER C 296 -0.64 48.13 21.63
CA SER C 296 -1.66 47.57 20.75
C SER C 296 -1.50 46.08 20.50
N ILE C 297 -0.46 45.46 21.05
CA ILE C 297 -0.22 44.04 20.85
C ILE C 297 -0.98 43.27 21.92
N ALA C 298 -1.95 42.45 21.50
CA ALA C 298 -2.80 41.65 22.38
C ALA C 298 -3.41 42.53 23.46
N PRO C 299 -4.34 43.42 23.10
CA PRO C 299 -4.91 44.32 24.12
C PRO C 299 -5.71 43.60 25.19
N SER C 300 -6.14 42.37 24.94
CA SER C 300 -6.96 41.63 25.89
C SER C 300 -6.14 40.88 26.93
N ILE C 301 -4.81 40.96 26.87
CA ILE C 301 -3.94 40.28 27.80
C ILE C 301 -3.37 41.30 28.78
N TYR C 302 -3.49 41.00 30.06
CA TYR C 302 -3.00 41.90 31.11
C TYR C 302 -1.53 41.59 31.41
N GLY C 303 -0.73 42.63 31.51
CA GLY C 303 0.68 42.44 31.83
C GLY C 303 1.48 41.91 30.66
N HIS C 304 2.58 41.24 31.00
CA HIS C 304 3.50 40.66 30.01
C HIS C 304 4.02 41.72 29.05
N TRP C 305 4.45 42.85 29.63
CA TRP C 305 4.92 43.96 28.80
C TRP C 305 6.19 43.59 28.03
N GLU C 306 7.11 42.88 28.69
CA GLU C 306 8.34 42.48 28.00
C GLU C 306 8.07 41.48 26.89
N LEU C 307 7.03 40.65 27.05
CA LEU C 307 6.68 39.71 25.98
C LEU C 307 6.08 40.44 24.78
N LYS C 308 5.21 41.41 25.02
CA LYS C 308 4.60 42.14 23.93
C LYS C 308 5.65 42.92 23.14
N GLU C 309 6.64 43.48 23.84
CA GLU C 309 7.73 44.16 23.16
C GLU C 309 8.53 43.21 22.28
N ALA C 310 8.83 42.01 22.79
CA ALA C 310 9.56 41.04 22.00
C ALA C 310 8.78 40.60 20.78
N LEU C 311 7.47 40.36 20.95
CA LEU C 311 6.65 39.94 19.82
C LEU C 311 6.54 41.03 18.77
N ALA C 312 6.52 42.30 19.19
CA ALA C 312 6.47 43.39 18.23
C ALA C 312 7.73 43.42 17.36
N LEU C 313 8.89 43.15 17.95
CA LEU C 313 10.13 43.14 17.19
C LEU C 313 10.12 42.06 16.12
N ALA C 314 9.63 40.87 16.46
CA ALA C 314 9.61 39.78 15.49
C ALA C 314 8.71 40.09 14.30
N LEU C 315 7.69 40.93 14.51
CA LEU C 315 6.80 41.28 13.41
C LEU C 315 7.51 42.15 12.38
N PHE C 316 8.46 42.99 12.81
CA PHE C 316 9.19 43.85 11.91
C PHE C 316 10.46 43.21 11.38
N GLY C 317 11.22 42.54 12.25
CA GLY C 317 12.42 41.86 11.84
C GLY C 317 13.57 42.80 11.56
N GLY C 318 14.68 42.22 11.12
CA GLY C 318 15.86 42.97 10.78
C GLY C 318 16.01 43.16 9.28
N VAL C 319 17.24 43.44 8.87
CA VAL C 319 17.57 43.67 7.46
C VAL C 319 18.42 42.49 6.99
N PRO C 320 17.89 41.61 6.15
CA PRO C 320 18.73 40.55 5.58
C PRO C 320 19.82 41.13 4.70
N LYS C 321 21.00 40.52 4.76
CA LYS C 321 22.14 40.95 3.97
C LYS C 321 22.50 39.86 2.98
N VAL C 322 22.55 40.22 1.70
CA VAL C 322 22.92 39.30 0.63
C VAL C 322 24.24 39.78 0.03
N LEU C 323 25.26 38.96 0.13
CA LEU C 323 26.58 39.27 -0.39
C LEU C 323 26.91 38.37 -1.58
N GLU C 324 28.03 38.68 -2.22
CA GLU C 324 28.43 37.92 -3.40
C GLU C 324 28.82 36.49 -3.09
N ASP C 325 29.10 36.17 -1.82
CA ASP C 325 29.52 34.84 -1.43
C ASP C 325 28.64 34.18 -0.39
N THR C 326 27.79 34.94 0.31
CA THR C 326 26.95 34.38 1.35
C THR C 326 25.81 35.35 1.64
N ARG C 327 24.85 34.88 2.43
CA ARG C 327 23.73 35.71 2.87
C ARG C 327 23.54 35.53 4.37
N ILE C 328 23.02 36.57 5.01
CA ILE C 328 22.85 36.61 6.45
C ILE C 328 21.36 36.68 6.78
N ARG C 329 20.94 35.90 7.76
CA ARG C 329 19.55 35.88 8.18
C ARG C 329 19.14 37.23 8.75
N GLY C 330 17.94 37.67 8.40
CA GLY C 330 17.42 38.92 8.91
C GLY C 330 16.21 38.78 9.80
N ASP C 331 15.72 37.54 9.95
CA ASP C 331 14.53 37.29 10.75
C ASP C 331 14.90 37.08 12.22
N ILE C 332 13.90 37.27 13.08
CA ILE C 332 14.08 37.17 14.52
C ILE C 332 13.22 36.03 15.03
N HIS C 333 13.81 35.15 15.83
CA HIS C 333 13.13 34.00 16.40
C HIS C 333 12.93 34.20 17.90
N ILE C 334 11.73 33.86 18.38
CA ILE C 334 11.36 34.03 19.77
C ILE C 334 10.89 32.70 20.32
N LEU C 335 11.31 32.38 21.55
CA LEU C 335 10.86 31.19 22.25
C LEU C 335 10.29 31.59 23.60
N ILE C 336 9.14 31.03 23.96
CA ILE C 336 8.47 31.31 25.22
C ILE C 336 8.22 30.00 25.94
N ILE C 337 8.70 29.90 27.17
CA ILE C 337 8.46 28.75 28.04
C ILE C 337 7.73 29.25 29.27
N GLY C 338 6.61 28.62 29.61
CA GLY C 338 5.86 29.08 30.75
C GLY C 338 4.91 28.04 31.28
N ASP C 339 4.39 28.32 32.47
CA ASP C 339 3.41 27.45 33.10
C ASP C 339 2.09 27.51 32.33
N PRO C 340 1.27 26.46 32.45
CA PRO C 340 -0.03 26.48 31.76
C PRO C 340 -0.91 27.62 32.26
N GLY C 341 -1.73 28.14 31.36
CA GLY C 341 -2.62 29.22 31.70
C GLY C 341 -1.99 30.59 31.74
N THR C 342 -0.81 30.76 31.15
CA THR C 342 -0.12 32.03 31.12
C THR C 342 -0.38 32.81 29.84
N ALA C 343 -1.45 32.49 29.13
CA ALA C 343 -1.87 33.20 27.91
C ALA C 343 -0.82 33.15 26.82
N LYS C 344 -0.04 32.06 26.76
CA LYS C 344 0.91 31.90 25.67
C LYS C 344 0.19 31.69 24.35
N SER C 345 -0.81 30.81 24.33
CA SER C 345 -1.51 30.51 23.10
C SER C 345 -2.36 31.69 22.63
N GLN C 346 -2.93 32.43 23.56
CA GLN C 346 -3.75 33.58 23.19
C GLN C 346 -2.92 34.65 22.50
N MET C 347 -1.72 34.93 23.02
CA MET C 347 -0.85 35.92 22.38
C MET C 347 -0.41 35.46 20.99
N LEU C 348 -0.10 34.16 20.85
CA LEU C 348 0.31 33.66 19.55
C LEU C 348 -0.81 33.74 18.53
N GLN C 349 -2.05 33.53 18.95
CA GLN C 349 -3.18 33.64 18.03
C GLN C 349 -3.33 35.07 17.53
N PHE C 350 -3.04 36.06 18.38
CA PHE C 350 -3.11 37.45 17.95
C PHE C 350 -2.08 37.75 16.87
N ILE C 351 -0.89 37.16 16.99
CA ILE C 351 0.16 37.40 16.00
C ILE C 351 -0.29 36.91 14.63
N SER C 352 -1.01 35.79 14.58
CA SER C 352 -1.49 35.27 13.31
C SER C 352 -2.45 36.24 12.63
N ARG C 353 -3.32 36.88 13.41
CA ARG C 353 -4.29 37.80 12.83
C ARG C 353 -3.62 39.06 12.32
N VAL C 354 -2.66 39.59 13.06
CA VAL C 354 -2.09 40.90 12.74
C VAL C 354 -0.96 40.83 11.72
N ALA C 355 -0.28 39.69 11.60
CA ALA C 355 0.82 39.60 10.66
C ALA C 355 0.29 39.64 9.22
N PRO C 356 0.99 40.35 8.33
CA PRO C 356 0.56 40.35 6.91
C PRO C 356 0.57 38.96 6.30
N ARG C 357 1.48 38.09 6.71
CA ARG C 357 1.50 36.71 6.25
C ARG C 357 2.01 35.83 7.38
N ALA C 358 1.17 34.90 7.84
CA ALA C 358 1.55 34.05 8.96
C ALA C 358 0.92 32.67 8.77
N VAL C 359 1.59 31.65 9.32
CA VAL C 359 1.11 30.28 9.31
C VAL C 359 1.12 29.77 10.75
N TYR C 360 -0.01 29.26 11.21
CA TYR C 360 -0.14 28.75 12.56
C TYR C 360 -0.09 27.23 12.53
N THR C 361 0.82 26.64 13.30
CA THR C 361 0.97 25.20 13.40
C THR C 361 1.05 24.80 14.87
N THR C 362 0.71 23.55 15.13
CA THR C 362 0.80 22.97 16.47
C THR C 362 1.83 21.86 16.44
N GLY C 363 2.62 21.77 17.52
CA GLY C 363 3.70 20.81 17.55
C GLY C 363 3.23 19.38 17.41
N LYS C 364 2.12 19.04 18.06
CA LYS C 364 1.61 17.67 17.98
C LYS C 364 0.92 17.40 16.66
N GLY C 365 0.31 18.40 16.05
CA GLY C 365 -0.45 18.20 14.83
C GLY C 365 0.35 18.40 13.56
N SER C 366 1.67 18.34 13.66
CA SER C 366 2.55 18.55 12.52
C SER C 366 3.63 17.49 12.50
N THR C 367 4.12 17.21 11.29
CA THR C 367 5.20 16.25 11.08
C THR C 367 6.38 16.93 10.42
N ALA C 368 7.51 16.21 10.37
CA ALA C 368 8.71 16.77 9.76
C ALA C 368 8.50 17.04 8.28
N ALA C 369 7.84 16.11 7.58
CA ALA C 369 7.58 16.31 6.16
C ALA C 369 6.60 17.45 5.93
N GLY C 370 5.60 17.59 6.81
CA GLY C 370 4.62 18.65 6.65
C GLY C 370 5.14 20.03 6.98
N LEU C 371 6.22 20.12 7.75
CA LEU C 371 6.76 21.42 8.12
C LEU C 371 7.66 22.00 7.04
N THR C 372 8.44 21.16 6.36
CA THR C 372 9.41 21.64 5.39
C THR C 372 9.04 21.27 3.96
N ALA C 373 8.90 19.99 3.65
CA ALA C 373 8.60 19.53 2.31
C ALA C 373 8.33 18.04 2.34
N ALA C 374 7.38 17.59 1.52
CA ALA C 374 7.01 16.19 1.47
C ALA C 374 7.20 15.67 0.05
N VAL C 375 7.76 14.47 -0.06
CA VAL C 375 7.91 13.77 -1.33
C VAL C 375 6.78 12.76 -1.43
N VAL C 376 5.93 12.91 -2.45
CA VAL C 376 4.76 12.07 -2.63
C VAL C 376 4.78 11.49 -4.03
N ARG C 377 4.14 10.33 -4.18
CA ARG C 377 4.08 9.63 -5.46
C ARG C 377 2.77 9.97 -6.15
N GLU C 378 2.87 10.56 -7.33
CA GLU C 378 1.68 10.88 -8.11
C GLU C 378 1.02 9.60 -8.61
N LYS C 379 -0.24 9.40 -8.25
CA LYS C 379 -0.92 8.14 -8.57
C LYS C 379 -1.09 7.94 -10.07
N GLY C 380 -1.29 9.01 -10.82
CA GLY C 380 -1.52 8.88 -12.25
C GLY C 380 -0.33 8.30 -12.99
N THR C 381 0.89 8.74 -12.63
CA THR C 381 2.09 8.31 -13.33
C THR C 381 3.06 7.51 -12.47
N GLY C 382 2.86 7.47 -11.15
CA GLY C 382 3.77 6.77 -10.29
C GLY C 382 5.09 7.48 -10.04
N GLU C 383 5.20 8.75 -10.43
CA GLU C 383 6.45 9.49 -10.32
C GLU C 383 6.44 10.41 -9.11
N TYR C 384 7.53 10.39 -8.36
CA TYR C 384 7.66 11.22 -7.18
C TYR C 384 7.76 12.70 -7.55
N TYR C 385 7.24 13.56 -6.67
CA TYR C 385 7.35 15.00 -6.83
C TYR C 385 7.27 15.65 -5.46
N LEU C 386 7.47 16.96 -5.42
CA LEU C 386 7.60 17.69 -4.17
C LEU C 386 6.31 18.40 -3.80
N GLU C 387 6.09 18.54 -2.49
CA GLU C 387 4.98 19.31 -1.94
C GLU C 387 5.53 20.28 -0.91
N ALA C 388 5.12 21.54 -1.00
CA ALA C 388 5.65 22.56 -0.10
C ALA C 388 5.12 22.37 1.31
N GLY C 389 6.02 22.52 2.29
CA GLY C 389 5.67 22.43 3.68
C GLY C 389 5.22 23.77 4.25
N ALA C 390 4.97 23.77 5.56
CA ALA C 390 4.50 24.98 6.22
C ALA C 390 5.55 26.09 6.16
N LEU C 391 6.82 25.75 6.40
CA LEU C 391 7.86 26.78 6.41
C LEU C 391 8.05 27.38 5.02
N VAL C 392 7.99 26.55 3.98
CA VAL C 392 8.11 27.07 2.62
C VAL C 392 6.95 28.00 2.28
N LEU C 393 5.74 27.62 2.67
CA LEU C 393 4.57 28.47 2.41
C LEU C 393 4.62 29.77 3.21
N ALA C 394 5.41 29.82 4.28
CA ALA C 394 5.52 31.01 5.10
C ALA C 394 6.73 31.87 4.74
N ASP C 395 7.35 31.61 3.59
CA ASP C 395 8.53 32.38 3.20
C ASP C 395 8.18 33.86 3.09
N GLY C 396 9.01 34.70 3.70
CA GLY C 396 8.73 36.12 3.76
C GLY C 396 7.70 36.52 4.80
N GLY C 397 7.27 35.58 5.64
CA GLY C 397 6.26 35.85 6.65
C GLY C 397 6.71 35.35 8.01
N ILE C 398 5.77 34.79 8.76
CA ILE C 398 5.99 34.34 10.12
C ILE C 398 5.40 32.94 10.27
N ALA C 399 6.15 32.04 10.90
CA ALA C 399 5.68 30.71 11.21
C ALA C 399 5.53 30.57 12.71
N VAL C 400 4.35 30.14 13.16
CA VAL C 400 4.03 29.99 14.57
C VAL C 400 3.93 28.51 14.88
N ILE C 401 4.68 28.07 15.90
CA ILE C 401 4.72 26.67 16.29
C ILE C 401 4.37 26.61 17.77
N ASP C 402 3.11 26.32 18.07
CA ASP C 402 2.68 26.13 19.45
C ASP C 402 3.02 24.73 19.91
N GLU C 403 3.23 24.59 21.22
CA GLU C 403 3.52 23.30 21.85
C GLU C 403 4.75 22.65 21.21
N ILE C 404 5.84 23.41 21.12
CA ILE C 404 7.05 22.90 20.49
C ILE C 404 7.65 21.78 21.31
N ASP C 405 7.45 21.78 22.63
CA ASP C 405 8.02 20.74 23.48
C ASP C 405 7.35 19.39 23.28
N LYS C 406 6.17 19.36 22.66
CA LYS C 406 5.46 18.10 22.47
C LYS C 406 5.93 17.33 21.24
N MET C 407 6.75 17.93 20.38
CA MET C 407 7.24 17.23 19.21
C MET C 407 8.35 16.26 19.59
N ARG C 408 8.44 15.17 18.85
CA ARG C 408 9.53 14.23 19.05
C ARG C 408 10.86 14.89 18.69
N ASP C 409 11.88 14.64 19.52
CA ASP C 409 13.16 15.29 19.31
C ASP C 409 13.77 14.86 17.97
N GLU C 410 13.63 13.59 17.61
CA GLU C 410 14.11 13.14 16.32
C GLU C 410 13.36 13.79 15.16
N ASP C 411 12.16 14.31 15.41
CA ASP C 411 11.38 15.00 14.39
C ASP C 411 11.59 16.51 14.42
N ARG C 412 11.92 17.07 15.57
CA ARG C 412 12.09 18.52 15.68
C ARG C 412 13.37 19.00 15.01
N VAL C 413 14.39 18.15 14.88
CA VAL C 413 15.65 18.56 14.29
C VAL C 413 15.54 18.89 12.82
N ALA C 414 14.41 18.60 12.19
CA ALA C 414 14.23 18.87 10.76
C ALA C 414 14.18 20.36 10.47
N ILE C 415 13.92 21.20 11.47
CA ILE C 415 13.80 22.64 11.25
C ILE C 415 15.08 23.39 11.62
N HIS C 416 16.14 22.68 12.02
CA HIS C 416 17.38 23.36 12.37
C HIS C 416 17.97 24.10 11.18
N GLU C 417 17.98 23.46 10.01
CA GLU C 417 18.53 24.11 8.82
C GLU C 417 17.67 25.30 8.40
N ALA C 418 16.35 25.14 8.41
CA ALA C 418 15.47 26.21 7.97
C ALA C 418 15.43 27.40 8.92
N MET C 419 15.92 27.25 10.15
CA MET C 419 15.86 28.32 11.11
C MET C 419 17.11 29.19 11.11
N GLU C 420 18.21 28.71 10.54
CA GLU C 420 19.43 29.50 10.43
C GLU C 420 19.84 29.77 9.00
N GLN C 421 19.95 28.73 8.17
CA GLN C 421 20.27 28.93 6.76
C GLN C 421 19.06 29.30 5.93
N GLN C 422 17.85 29.17 6.48
CA GLN C 422 16.61 29.54 5.79
C GLN C 422 16.47 28.81 4.47
N THR C 423 16.86 27.54 4.43
CA THR C 423 16.72 26.71 3.25
C THR C 423 16.27 25.32 3.66
N VAL C 424 15.62 24.63 2.74
CA VAL C 424 15.18 23.25 2.92
C VAL C 424 15.83 22.40 1.84
N SER C 425 16.54 21.35 2.27
CA SER C 425 17.25 20.47 1.35
C SER C 425 16.63 19.08 1.42
N ILE C 426 16.29 18.53 0.25
CA ILE C 426 15.65 17.22 0.14
C ILE C 426 16.50 16.35 -0.77
N ALA C 427 16.87 15.18 -0.28
CA ALA C 427 17.55 14.14 -1.08
C ALA C 427 16.81 12.83 -0.82
N LYS C 428 15.74 12.59 -1.57
CA LYS C 428 14.89 11.43 -1.33
C LYS C 428 14.35 10.92 -2.66
N ALA C 429 14.41 9.60 -2.85
CA ALA C 429 13.79 8.93 -3.99
C ALA C 429 14.23 9.55 -5.32
N GLY C 430 15.52 9.83 -5.43
CA GLY C 430 16.06 10.39 -6.65
C GLY C 430 15.76 11.85 -6.88
N ILE C 431 15.25 12.56 -5.87
CA ILE C 431 14.95 13.98 -5.99
C ILE C 431 15.94 14.74 -5.12
N VAL C 432 16.67 15.67 -5.72
CA VAL C 432 17.57 16.57 -5.01
C VAL C 432 17.12 17.99 -5.29
N ALA C 433 16.75 18.72 -4.25
CA ALA C 433 16.21 20.05 -4.42
C ALA C 433 16.52 20.91 -3.21
N LYS C 434 16.49 22.22 -3.42
CA LYS C 434 16.71 23.21 -2.38
C LYS C 434 15.62 24.26 -2.48
N LEU C 435 15.03 24.62 -1.34
CA LEU C 435 13.92 25.55 -1.31
C LEU C 435 14.17 26.62 -0.26
N ASN C 436 13.68 27.83 -0.54
CA ASN C 436 13.85 28.94 0.38
C ASN C 436 12.76 28.91 1.45
N ALA C 437 13.17 29.14 2.70
CA ALA C 437 12.26 29.10 3.84
C ALA C 437 12.53 30.30 4.74
N ARG C 438 12.64 31.49 4.15
CA ARG C 438 12.95 32.70 4.91
C ARG C 438 11.71 33.14 5.68
N ALA C 439 11.55 32.59 6.88
CA ALA C 439 10.44 32.93 7.75
C ALA C 439 10.92 33.05 9.18
N ALA C 440 10.22 33.87 9.96
CA ALA C 440 10.49 34.02 11.38
C ALA C 440 9.67 33.02 12.17
N VAL C 441 10.29 32.41 13.18
CA VAL C 441 9.68 31.34 13.96
C VAL C 441 9.41 31.86 15.36
N ILE C 442 8.15 31.77 15.79
CA ILE C 442 7.75 32.06 17.16
C ILE C 442 7.19 30.77 17.74
N ALA C 443 7.80 30.30 18.83
CA ALA C 443 7.45 29.01 19.41
C ALA C 443 7.12 29.19 20.89
N ALA C 444 6.22 28.33 21.37
CA ALA C 444 5.83 28.32 22.77
C ALA C 444 5.79 26.88 23.26
N GLY C 445 5.99 26.71 24.56
CA GLY C 445 5.99 25.37 25.13
C GLY C 445 5.97 25.44 26.64
N ASN C 446 5.89 24.26 27.24
CA ASN C 446 5.86 24.10 28.69
C ASN C 446 7.18 23.55 29.20
N PRO C 447 7.51 23.79 30.47
CA PRO C 447 8.71 23.17 31.04
C PRO C 447 8.60 21.66 31.09
N LYS C 448 9.67 20.99 31.54
CA LYS C 448 9.70 19.53 31.50
C LYS C 448 8.61 18.92 32.37
N PHE C 449 8.38 19.49 33.56
CA PHE C 449 7.41 18.97 34.50
C PHE C 449 6.10 19.74 34.48
N GLY C 450 5.70 20.24 33.31
CA GLY C 450 4.47 20.99 33.19
C GLY C 450 4.56 22.38 33.78
N ARG C 451 4.89 22.46 35.07
CA ARG C 451 5.09 23.73 35.75
C ARG C 451 6.57 23.88 36.10
N TYR C 452 7.00 25.14 36.23
CA TYR C 452 8.39 25.41 36.56
C TYR C 452 8.68 25.01 38.00
N ILE C 453 9.78 24.30 38.20
CA ILE C 453 10.22 23.88 39.53
C ILE C 453 11.45 24.71 39.90
N SER C 454 11.32 25.53 40.94
CA SER C 454 12.43 26.40 41.30
C SER C 454 13.56 25.65 41.98
N GLU C 455 13.26 24.50 42.59
CA GLU C 455 14.30 23.74 43.27
C GLU C 455 15.34 23.21 42.29
N ARG C 456 14.88 22.66 41.17
CA ARG C 456 15.77 22.11 40.16
C ARG C 456 16.43 23.24 39.37
N PRO C 457 17.59 22.96 38.75
CA PRO C 457 18.27 23.99 37.96
C PRO C 457 17.52 24.37 36.70
N VAL C 458 18.12 25.25 35.90
CA VAL C 458 17.46 25.67 34.66
C VAL C 458 17.64 24.64 33.56
N SER C 459 18.69 23.82 33.64
CA SER C 459 18.99 22.88 32.56
C SER C 459 17.88 21.85 32.40
N ASP C 460 17.48 21.20 33.50
CA ASP C 460 16.47 20.17 33.42
C ASP C 460 15.06 20.73 33.27
N ASN C 461 14.85 22.00 33.60
CA ASN C 461 13.53 22.60 33.44
C ASN C 461 13.21 22.83 31.97
N ILE C 462 14.16 23.37 31.20
CA ILE C 462 13.90 23.70 29.80
C ILE C 462 13.73 22.42 28.98
N ASN C 463 14.65 21.46 29.16
CA ASN C 463 14.59 20.18 28.46
C ASN C 463 14.59 20.36 26.94
N LEU C 464 15.58 21.10 26.45
CA LEU C 464 15.80 21.27 25.03
C LEU C 464 17.29 21.25 24.75
N PRO C 465 17.71 20.72 23.60
CA PRO C 465 19.14 20.67 23.29
C PRO C 465 19.70 22.07 23.12
N PRO C 466 20.98 22.27 23.42
CA PRO C 466 21.59 23.60 23.23
C PRO C 466 21.63 24.05 21.79
N THR C 467 21.54 23.12 20.83
CA THR C 467 21.57 23.52 19.42
C THR C 467 20.37 24.35 19.05
N ILE C 468 19.16 23.90 19.42
CA ILE C 468 17.96 24.66 19.09
C ILE C 468 17.89 25.95 19.89
N LEU C 469 18.38 25.95 21.13
CA LEU C 469 18.32 27.14 21.96
C LEU C 469 19.16 28.27 21.39
N SER C 470 20.33 27.95 20.85
CA SER C 470 21.18 28.98 20.26
C SER C 470 20.57 29.60 19.02
N ARG C 471 19.60 28.93 18.40
CA ARG C 471 18.96 29.47 17.20
C ARG C 471 18.00 30.60 17.52
N PHE C 472 17.55 30.72 18.77
CA PHE C 472 16.54 31.68 19.14
C PHE C 472 17.19 32.98 19.61
N ASP C 473 16.72 34.11 19.05
CA ASP C 473 17.28 35.40 19.44
C ASP C 473 16.94 35.73 20.89
N LEU C 474 15.71 35.48 21.31
CA LEU C 474 15.28 35.78 22.67
C LEU C 474 14.51 34.61 23.24
N ILE C 475 14.72 34.33 24.53
CA ILE C 475 14.02 33.28 25.24
C ILE C 475 13.48 33.87 26.54
N PHE C 476 12.19 33.66 26.79
CA PHE C 476 11.55 34.19 27.99
C PHE C 476 10.89 33.05 28.75
N ILE C 477 11.15 32.99 30.06
CA ILE C 477 10.56 31.98 30.93
C ILE C 477 9.46 32.64 31.75
N LEU C 478 8.25 32.11 31.64
CA LEU C 478 7.09 32.67 32.32
C LEU C 478 6.79 31.83 33.56
N LYS C 479 6.72 32.50 34.71
CA LYS C 479 6.39 31.84 35.97
C LYS C 479 5.08 32.43 36.48
N ASP C 480 4.12 31.55 36.78
CA ASP C 480 2.82 31.97 37.28
C ASP C 480 2.88 31.93 38.81
N GLN C 481 3.29 33.06 39.40
CA GLN C 481 3.43 33.15 40.84
C GLN C 481 2.27 33.96 41.41
N PRO C 482 1.38 33.35 42.19
CA PRO C 482 0.29 34.13 42.79
C PRO C 482 0.85 35.19 43.74
N GLY C 483 0.18 36.33 43.77
CA GLY C 483 0.63 37.42 44.61
C GLY C 483 -0.40 38.52 44.69
N GLU C 484 0.07 39.69 45.11
CA GLU C 484 -0.82 40.85 45.27
C GLU C 484 -1.45 41.28 43.96
N GLN C 485 -0.84 40.95 42.83
CA GLN C 485 -1.34 41.36 41.52
C GLN C 485 -2.55 40.56 41.05
N ASP C 486 -3.00 39.58 41.84
CA ASP C 486 -4.13 38.76 41.44
C ASP C 486 -5.40 39.59 41.29
N ARG C 487 -5.62 40.53 42.20
CA ARG C 487 -6.83 41.35 42.13
C ARG C 487 -6.86 42.18 40.85
N GLU C 488 -5.72 42.75 40.47
CA GLU C 488 -5.66 43.52 39.22
C GLU C 488 -5.93 42.62 38.02
N LEU C 489 -5.36 41.41 38.01
CA LEU C 489 -5.59 40.49 36.91
C LEU C 489 -7.05 40.08 36.83
N ALA C 490 -7.66 39.80 37.99
CA ALA C 490 -9.07 39.39 38.00
C ALA C 490 -9.97 40.48 37.48
N ASN C 491 -9.73 41.73 37.89
CA ASN C 491 -10.55 42.84 37.42
C ASN C 491 -10.42 43.03 35.91
N TYR C 492 -9.20 42.90 35.39
CA TYR C 492 -8.99 43.08 33.96
C TYR C 492 -9.74 42.02 33.15
N ILE C 493 -9.68 40.77 33.60
CA ILE C 493 -10.34 39.69 32.86
C ILE C 493 -11.85 39.88 32.85
N LEU C 494 -12.43 40.22 34.00
CA LEU C 494 -13.87 40.39 34.07
C LEU C 494 -14.34 41.56 33.23
N ASP C 495 -13.53 42.62 33.12
CA ASP C 495 -13.88 43.73 32.24
C ASP C 495 -13.91 43.29 30.79
N VAL C 496 -12.99 42.42 30.39
CA VAL C 496 -13.00 41.90 29.04
C VAL C 496 -14.27 41.11 28.77
N HIS C 497 -14.67 40.26 29.72
CA HIS C 497 -15.93 39.53 29.57
C HIS C 497 -17.14 40.43 29.64
N SER C 498 -17.02 41.61 30.25
CA SER C 498 -18.12 42.56 30.34
C SER C 498 -18.25 43.45 29.12
N GLY C 499 -17.37 43.29 28.13
CA GLY C 499 -17.42 44.07 26.92
C GLY C 499 -16.63 45.35 26.93
N LYS C 500 -16.06 45.74 28.06
CA LYS C 500 -15.25 46.95 28.12
C LYS C 500 -13.95 46.75 27.34
N SER C 501 -13.60 47.75 26.53
CA SER C 501 -12.45 47.66 25.64
C SER C 501 -11.46 48.78 25.95
N THR C 502 -10.18 48.42 25.96
CA THR C 502 -9.13 49.41 26.15
C THR C 502 -9.06 50.33 24.94
N LYS C 503 -8.92 51.63 25.19
CA LYS C 503 -8.88 52.62 24.14
C LYS C 503 -7.43 53.08 23.92
N ASN C 504 -7.28 54.05 23.01
CA ASN C 504 -5.97 54.62 22.67
C ASN C 504 -5.02 53.54 22.15
N ILE C 505 -5.54 52.61 21.37
CA ILE C 505 -4.76 51.55 20.77
C ILE C 505 -5.02 51.53 19.27
N ILE C 506 -3.97 51.25 18.50
CA ILE C 506 -4.13 51.15 17.05
C ILE C 506 -4.89 49.89 16.72
N ASP C 507 -5.90 50.02 15.87
CA ASP C 507 -6.70 48.87 15.49
C ASP C 507 -5.86 47.89 14.67
N ILE C 508 -6.32 46.64 14.63
CA ILE C 508 -5.55 45.57 14.01
C ILE C 508 -5.39 45.80 12.51
N ASP C 509 -6.44 46.32 11.86
CA ASP C 509 -6.37 46.55 10.42
C ASP C 509 -5.34 47.61 10.09
N THR C 510 -5.32 48.72 10.85
CA THR C 510 -4.30 49.74 10.63
C THR C 510 -2.91 49.22 10.95
N LEU C 511 -2.79 48.44 12.04
CA LEU C 511 -1.49 47.93 12.44
C LEU C 511 -0.91 47.00 11.38
N ARG C 512 -1.75 46.17 10.76
CA ARG C 512 -1.26 45.27 9.72
C ARG C 512 -0.72 46.05 8.54
N LYS C 513 -1.40 47.12 8.14
CA LYS C 513 -0.91 47.95 7.04
C LYS C 513 0.40 48.63 7.41
N TYR C 514 0.52 49.07 8.67
CA TYR C 514 1.75 49.72 9.11
C TYR C 514 2.95 48.78 9.02
N ILE C 515 2.78 47.54 9.47
CA ILE C 515 3.88 46.58 9.44
C ILE C 515 4.26 46.25 8.00
N ALA C 516 3.28 46.05 7.13
CA ALA C 516 3.57 45.72 5.75
C ALA C 516 4.33 46.85 5.05
N TYR C 517 3.93 48.09 5.31
CA TYR C 517 4.65 49.23 4.74
C TYR C 517 6.08 49.31 5.26
N ALA C 518 6.26 49.11 6.57
CA ALA C 518 7.59 49.23 7.16
C ALA C 518 8.54 48.18 6.62
N ARG C 519 8.05 46.95 6.44
CA ARG C 519 8.90 45.87 5.98
C ARG C 519 9.28 46.00 4.52
N LYS C 520 8.68 46.94 3.78
CA LYS C 520 8.91 47.05 2.35
C LYS C 520 9.69 48.28 1.94
N TYR C 521 9.73 49.33 2.77
CA TYR C 521 10.32 50.58 2.37
C TYR C 521 11.35 51.13 3.36
N VAL C 522 11.62 50.44 4.46
CA VAL C 522 12.55 50.93 5.48
C VAL C 522 13.69 49.94 5.60
N THR C 523 14.92 50.42 5.41
CA THR C 523 16.14 49.62 5.52
C THR C 523 17.13 50.39 6.37
N PRO C 524 17.05 50.27 7.69
CA PRO C 524 17.95 51.04 8.56
C PRO C 524 19.40 50.60 8.41
N LYS C 525 20.29 51.54 8.65
CA LYS C 525 21.73 51.30 8.58
C LYS C 525 22.37 51.62 9.92
N ILE C 526 23.41 50.86 10.25
CA ILE C 526 24.06 50.98 11.55
C ILE C 526 25.09 52.11 11.50
N THR C 527 25.00 53.02 12.47
CA THR C 527 25.95 54.11 12.57
C THR C 527 27.16 53.70 13.41
N SER C 528 28.16 54.58 13.43
CA SER C 528 29.38 54.31 14.19
C SER C 528 29.10 54.22 15.68
N GLU C 529 28.25 55.10 16.20
CA GLU C 529 27.98 55.11 17.63
C GLU C 529 27.33 53.82 18.09
N ALA C 530 26.38 53.30 17.31
CA ALA C 530 25.73 52.05 17.67
C ALA C 530 26.70 50.88 17.64
N LYS C 531 27.69 50.92 16.75
CA LYS C 531 28.66 49.82 16.67
C LYS C 531 29.45 49.68 17.96
N ASN C 532 29.87 50.81 18.55
CA ASN C 532 30.66 50.74 19.78
C ASN C 532 29.85 50.17 20.93
N LEU C 533 28.60 50.58 21.06
CA LEU C 533 27.77 50.10 22.16
C LEU C 533 27.52 48.59 22.03
N ILE C 534 27.22 48.13 20.83
CA ILE C 534 26.95 46.70 20.63
C ILE C 534 28.20 45.87 20.90
N THR C 535 29.35 46.33 20.41
CA THR C 535 30.58 45.57 20.58
C THR C 535 30.93 45.42 22.07
N ASP C 536 30.80 46.49 22.84
CA ASP C 536 31.14 46.44 24.25
C ASP C 536 30.24 45.45 24.99
N PHE C 537 28.95 45.46 24.67
CA PHE C 537 28.01 44.59 25.38
C PHE C 537 28.24 43.13 25.04
N PHE C 538 28.54 42.83 23.77
CA PHE C 538 28.79 41.45 23.38
C PHE C 538 30.01 40.87 24.08
N VAL C 539 31.08 41.66 24.19
CA VAL C 539 32.26 41.21 24.91
C VAL C 539 31.92 40.93 26.37
N GLU C 540 31.05 41.75 26.95
CA GLU C 540 30.67 41.57 28.34
C GLU C 540 29.90 40.27 28.54
N MET C 541 29.06 39.88 27.56
CA MET C 541 28.36 38.60 27.67
C MET C 541 29.35 37.45 27.75
N ARG C 542 30.32 37.42 26.84
CA ARG C 542 31.20 36.27 26.72
C ARG C 542 32.04 36.11 27.98
N LYS C 543 32.52 37.21 28.55
CA LYS C 543 33.26 37.13 29.81
C LYS C 543 32.39 36.60 30.92
N LYS C 544 31.13 37.07 31.00
CA LYS C 544 30.23 36.60 32.04
C LYS C 544 29.83 35.14 31.82
N SER C 545 29.61 34.75 30.55
CA SER C 545 29.19 33.38 30.27
C SER C 545 30.27 32.39 30.65
N SER C 546 31.54 32.71 30.35
CA SER C 546 32.63 31.81 30.69
C SER C 546 32.80 31.64 32.19
N GLU C 547 32.29 32.58 32.99
CA GLU C 547 32.43 32.48 34.43
C GLU C 547 31.56 31.37 35.01
N THR C 548 30.45 31.04 34.35
CA THR C 548 29.51 30.02 34.81
C THR C 548 29.26 29.03 33.68
N PRO C 549 30.18 28.08 33.46
CA PRO C 549 30.04 27.11 32.37
C PRO C 549 29.09 25.96 32.69
N ASP C 550 27.89 26.31 33.18
CA ASP C 550 26.88 25.33 33.52
C ASP C 550 25.49 25.65 32.99
N SER C 551 25.21 26.90 32.62
CA SER C 551 23.90 27.25 32.11
C SER C 551 23.67 26.59 30.75
N PRO C 552 22.40 26.30 30.41
CA PRO C 552 22.12 25.70 29.10
C PRO C 552 22.11 26.70 27.97
N ILE C 553 22.35 27.98 28.25
CA ILE C 553 22.40 29.02 27.24
C ILE C 553 23.86 29.32 26.93
N LEU C 554 24.21 29.27 25.65
CA LEU C 554 25.57 29.54 25.20
C LEU C 554 25.59 30.87 24.45
N ILE C 555 26.57 31.71 24.76
CA ILE C 555 26.72 33.00 24.09
C ILE C 555 27.60 32.76 22.88
N THR C 556 26.98 32.35 21.79
CA THR C 556 27.66 32.12 20.52
C THR C 556 27.70 33.40 19.71
N PRO C 557 28.44 33.42 18.60
CA PRO C 557 28.38 34.60 17.73
C PRO C 557 27.00 34.89 17.18
N ARG C 558 26.07 33.93 17.24
CA ARG C 558 24.69 34.21 16.85
C ARG C 558 24.08 35.29 17.74
N GLN C 559 24.47 35.33 19.01
CA GLN C 559 23.92 36.35 19.91
C GLN C 559 24.33 37.75 19.49
N LEU C 560 25.55 37.91 18.95
CA LEU C 560 25.97 39.21 18.45
C LEU C 560 25.09 39.67 17.28
N GLU C 561 24.78 38.75 16.37
CA GLU C 561 23.93 39.09 15.24
C GLU C 561 22.49 39.35 15.70
N ALA C 562 22.09 38.75 16.82
CA ALA C 562 20.77 39.05 17.38
C ALA C 562 20.66 40.52 17.76
N LEU C 563 21.72 41.07 18.36
CA LEU C 563 21.71 42.48 18.75
C LEU C 563 21.57 43.38 17.53
N ILE C 564 22.26 43.06 16.44
CA ILE C 564 22.13 43.86 15.22
C ILE C 564 20.72 43.80 14.67
N ARG C 565 20.14 42.60 14.63
CA ARG C 565 18.79 42.45 14.10
C ARG C 565 17.77 43.17 14.96
N ILE C 566 17.91 43.08 16.28
CA ILE C 566 16.98 43.76 17.17
C ILE C 566 17.10 45.27 17.02
N SER C 567 18.33 45.78 16.89
CA SER C 567 18.53 47.21 16.74
C SER C 567 17.87 47.73 15.47
N GLU C 568 18.02 46.98 14.37
CA GLU C 568 17.39 47.39 13.12
C GLU C 568 15.87 47.36 13.22
N ALA C 569 15.33 46.38 13.94
CA ALA C 569 13.89 46.30 14.12
C ALA C 569 13.36 47.52 14.87
N TYR C 570 14.09 47.95 15.91
CA TYR C 570 13.65 49.13 16.66
C TYR C 570 13.63 50.37 15.78
N ALA C 571 14.66 50.55 14.96
CA ALA C 571 14.67 51.68 14.04
C ALA C 571 13.57 51.55 12.99
N LYS C 572 13.36 50.33 12.49
CA LYS C 572 12.30 50.11 11.51
C LYS C 572 10.91 50.34 12.09
N MET C 573 10.77 50.23 13.41
CA MET C 573 9.46 50.42 14.03
C MET C 573 9.02 51.87 13.94
N ALA C 574 9.97 52.81 13.93
CA ALA C 574 9.66 54.23 13.81
C ALA C 574 9.91 54.76 12.41
N LEU C 575 10.10 53.88 11.43
CA LEU C 575 10.37 54.26 10.04
C LEU C 575 11.62 55.13 9.94
N LYS C 576 12.64 54.81 10.73
CA LYS C 576 13.90 55.51 10.69
C LYS C 576 14.87 54.80 9.74
N ALA C 577 15.63 55.59 8.99
CA ALA C 577 16.58 55.05 8.04
C ALA C 577 17.95 54.80 8.63
N GLU C 578 18.15 55.14 9.90
CA GLU C 578 19.44 54.94 10.56
C GLU C 578 19.23 54.34 11.93
N VAL C 579 20.25 53.61 12.41
CA VAL C 579 20.24 53.02 13.74
C VAL C 579 21.06 53.93 14.63
N THR C 580 20.40 54.84 15.34
CA THR C 580 21.09 55.75 16.24
C THR C 580 21.49 55.02 17.52
N ARG C 581 22.12 55.75 18.43
CA ARG C 581 22.51 55.15 19.69
C ARG C 581 21.31 54.81 20.56
N GLU C 582 20.19 55.51 20.38
CA GLU C 582 19.00 55.24 21.19
C GLU C 582 18.46 53.85 20.93
N ASP C 583 18.44 53.42 19.66
CA ASP C 583 17.98 52.08 19.34
C ASP C 583 18.91 51.01 19.90
N ALA C 584 20.21 51.28 19.92
CA ALA C 584 21.16 50.32 20.49
C ALA C 584 20.91 50.11 21.97
N GLU C 585 20.63 51.19 22.70
CA GLU C 585 20.36 51.06 24.14
C GLU C 585 19.10 50.24 24.38
N ARG C 586 18.06 50.46 23.58
CA ARG C 586 16.85 49.65 23.71
C ARG C 586 17.13 48.18 23.40
N ALA C 587 17.93 47.92 22.37
CA ALA C 587 18.28 46.54 22.04
C ALA C 587 19.08 45.88 23.15
N ILE C 588 20.02 46.61 23.75
CA ILE C 588 20.78 46.07 24.87
C ILE C 588 19.87 45.82 26.06
N ASN C 589 18.95 46.75 26.33
CA ASN C 589 18.09 46.63 27.51
C ASN C 589 17.20 45.40 27.42
N ILE C 590 16.59 45.16 26.26
CA ILE C 590 15.72 44.00 26.12
C ILE C 590 16.51 42.70 26.21
N MET C 591 17.74 42.70 25.71
CA MET C 591 18.57 41.51 25.82
C MET C 591 18.94 41.22 27.28
N ARG C 592 19.08 42.26 28.09
CA ARG C 592 19.38 42.07 29.51
C ARG C 592 18.23 41.33 30.20
N LEU C 593 16.99 41.69 29.91
CA LEU C 593 15.86 41.03 30.52
C LEU C 593 15.79 39.56 30.11
N PHE C 594 16.13 39.26 28.85
CA PHE C 594 16.18 37.88 28.41
C PHE C 594 17.19 37.08 29.21
N LEU C 595 18.38 37.64 29.43
CA LEU C 595 19.41 36.93 30.18
C LEU C 595 18.99 36.73 31.63
N GLU C 596 18.36 37.74 32.23
CA GLU C 596 17.90 37.60 33.61
C GLU C 596 16.81 36.54 33.72
N SER C 597 16.03 36.35 32.67
CA SER C 597 14.96 35.36 32.71
C SER C 597 15.51 33.94 32.85
N VAL C 598 16.63 33.66 32.19
CA VAL C 598 17.21 32.31 32.20
C VAL C 598 18.24 32.21 33.32
N GLY C 599 18.22 33.17 34.24
CA GLY C 599 19.09 33.12 35.39
C GLY C 599 20.53 33.51 35.14
N VAL C 600 20.80 34.25 34.07
CA VAL C 600 22.15 34.74 33.78
C VAL C 600 22.18 36.21 34.21
N ASP C 601 22.82 36.47 35.33
CA ASP C 601 22.94 37.84 35.83
C ASP C 601 23.91 38.64 34.97
N MET C 602 23.74 39.96 34.99
CA MET C 602 24.60 40.84 34.23
C MET C 602 25.00 42.06 35.07
N GLN D 8 -61.69 11.98 -9.62
CA GLN D 8 -62.17 12.51 -10.89
C GLN D 8 -62.27 14.03 -10.84
N ILE D 9 -62.98 14.55 -9.85
CA ILE D 9 -63.13 15.99 -9.69
C ILE D 9 -61.79 16.59 -9.28
N ASP D 10 -61.40 17.68 -9.94
CA ASP D 10 -60.17 18.36 -9.58
C ASP D 10 -60.28 18.99 -8.21
N TYR D 11 -59.19 18.93 -7.45
CA TYR D 11 -59.15 19.47 -6.10
C TYR D 11 -58.46 20.83 -6.04
N ARG D 12 -58.29 21.48 -7.19
CA ARG D 12 -57.68 22.80 -7.23
C ARG D 12 -58.45 23.78 -6.35
N ASP D 13 -59.78 23.81 -6.52
CA ASP D 13 -60.61 24.65 -5.65
C ASP D 13 -60.56 24.15 -4.21
N VAL D 14 -60.60 22.83 -4.03
CA VAL D 14 -60.59 22.26 -2.67
C VAL D 14 -59.28 22.61 -1.97
N PHE D 15 -58.15 22.49 -2.67
CA PHE D 15 -56.87 22.78 -2.05
C PHE D 15 -56.76 24.26 -1.70
N ILE D 16 -57.17 25.14 -2.62
CA ILE D 16 -57.11 26.57 -2.36
C ILE D 16 -58.03 26.95 -1.21
N GLU D 17 -59.24 26.40 -1.20
CA GLU D 17 -60.15 26.68 -0.09
C GLU D 17 -59.73 25.99 1.20
N PHE D 18 -58.79 25.06 1.14
CA PHE D 18 -58.33 24.37 2.35
C PHE D 18 -57.39 25.24 3.17
N LEU D 19 -56.26 25.64 2.58
CA LEU D 19 -55.26 26.37 3.35
C LEU D 19 -55.71 27.81 3.63
N THR D 20 -56.51 28.39 2.75
CA THR D 20 -57.05 29.72 3.01
C THR D 20 -57.98 29.71 4.20
N THR D 21 -58.83 28.70 4.32
CA THR D 21 -59.79 28.55 5.40
C THR D 21 -59.52 27.22 6.10
N PHE D 22 -58.61 27.22 7.07
CA PHE D 22 -58.30 26.04 7.85
C PHE D 22 -58.43 26.35 9.34
N LYS D 23 -59.04 25.44 10.08
CA LYS D 23 -59.23 25.60 11.51
C LYS D 23 -57.94 25.20 12.21
N GLY D 24 -57.25 26.18 12.80
CA GLY D 24 -56.02 25.93 13.52
C GLY D 24 -56.27 25.33 14.88
N ASN D 25 -55.18 25.12 15.61
CA ASN D 25 -55.28 24.52 16.94
C ASN D 25 -56.01 25.43 17.93
N ASN D 26 -55.93 26.74 17.73
CA ASN D 26 -56.71 27.70 18.51
C ASN D 26 -57.41 28.69 17.58
N ASN D 27 -58.00 28.16 16.50
CA ASN D 27 -58.76 28.93 15.53
C ASN D 27 -57.96 30.12 15.00
N GLN D 28 -56.70 29.87 14.67
CA GLN D 28 -55.79 30.92 14.21
C GLN D 28 -55.52 30.88 12.72
N ASN D 29 -55.96 29.84 12.01
CA ASN D 29 -55.71 29.69 10.59
C ASN D 29 -54.21 29.76 10.29
N LYS D 30 -53.48 28.78 10.84
CA LYS D 30 -52.03 28.83 10.84
C LYS D 30 -51.43 28.76 9.44
N TYR D 31 -52.21 28.37 8.44
CA TYR D 31 -51.65 28.21 7.10
C TYR D 31 -51.44 29.54 6.40
N ILE D 32 -52.27 30.54 6.69
CA ILE D 32 -52.18 31.80 5.94
C ILE D 32 -50.93 32.58 6.33
N GLU D 33 -50.51 32.50 7.60
CA GLU D 33 -49.26 33.15 7.97
C GLU D 33 -48.07 32.49 7.27
N ARG D 34 -48.10 31.17 7.12
CA ARG D 34 -47.04 30.49 6.36
C ARG D 34 -47.00 30.99 4.92
N ILE D 35 -48.18 31.18 4.32
CA ILE D 35 -48.25 31.79 2.98
C ILE D 35 -47.66 33.19 3.02
N ASN D 36 -48.03 33.98 4.03
CA ASN D 36 -47.45 35.31 4.18
C ASN D 36 -45.95 35.20 4.46
N GLU D 37 -45.54 34.22 5.28
CA GLU D 37 -44.12 34.01 5.51
C GLU D 37 -43.40 33.64 4.23
N LEU D 38 -44.01 32.80 3.39
CA LEU D 38 -43.41 32.44 2.12
C LEU D 38 -43.25 33.66 1.21
N VAL D 39 -44.27 34.52 1.17
CA VAL D 39 -44.21 35.70 0.32
C VAL D 39 -43.15 36.68 0.82
N ALA D 40 -42.99 36.77 2.15
CA ALA D 40 -42.11 37.77 2.72
C ALA D 40 -40.66 37.57 2.30
N TYR D 41 -40.13 36.35 2.48
CA TYR D 41 -38.74 36.07 2.18
C TYR D 41 -38.56 35.24 0.91
N ARG D 42 -39.64 34.98 0.17
CA ARG D 42 -39.59 34.19 -1.06
C ARG D 42 -39.00 32.81 -0.80
N LYS D 43 -39.67 32.07 0.08
CA LYS D 43 -39.17 30.77 0.53
C LYS D 43 -39.30 29.68 -0.51
N LYS D 44 -40.24 29.80 -1.45
CA LYS D 44 -40.46 28.90 -2.58
C LYS D 44 -40.99 27.53 -2.17
N SER D 45 -41.14 27.25 -0.88
CA SER D 45 -41.62 25.95 -0.43
C SER D 45 -42.63 26.11 0.68
N LEU D 46 -43.70 25.32 0.62
CA LEU D 46 -44.76 25.35 1.63
C LEU D 46 -44.96 23.95 2.17
N ILE D 47 -45.19 23.86 3.47
CA ILE D 47 -45.27 22.58 4.18
C ILE D 47 -46.73 22.24 4.41
N ILE D 48 -47.13 21.02 4.08
CA ILE D 48 -48.48 20.52 4.27
C ILE D 48 -48.43 19.35 5.25
N GLU D 49 -49.26 19.42 6.28
CA GLU D 49 -49.36 18.35 7.26
C GLU D 49 -50.47 17.39 6.86
N PHE D 50 -50.15 16.10 6.81
CA PHE D 50 -51.15 15.11 6.41
C PHE D 50 -52.26 14.98 7.43
N SER D 51 -51.96 15.23 8.71
CA SER D 51 -53.00 15.19 9.74
C SER D 51 -54.04 16.27 9.49
N ASP D 52 -53.60 17.46 9.07
CA ASP D 52 -54.53 18.54 8.78
C ASP D 52 -55.45 18.19 7.61
N VAL D 53 -54.89 17.57 6.57
CA VAL D 53 -55.71 17.17 5.42
C VAL D 53 -56.70 16.10 5.83
N LEU D 54 -56.29 15.19 6.72
CA LEU D 54 -57.20 14.17 7.21
C LEU D 54 -58.36 14.78 7.97
N SER D 55 -58.09 15.80 8.80
CA SER D 55 -59.16 16.51 9.47
C SER D 55 -60.03 17.26 8.47
N PHE D 56 -59.44 17.74 7.39
CA PHE D 56 -60.18 18.39 6.31
C PHE D 56 -60.78 17.29 5.41
N ASN D 57 -61.23 17.68 4.23
CA ASN D 57 -61.78 16.73 3.26
C ASN D 57 -60.84 15.55 3.06
N GLU D 58 -61.33 14.36 3.41
CA GLU D 58 -60.49 13.16 3.37
C GLU D 58 -60.22 12.68 1.95
N ASN D 59 -61.10 12.99 1.00
CA ASN D 59 -60.94 12.49 -0.35
C ASN D 59 -59.64 12.97 -0.98
N LEU D 60 -59.25 14.22 -0.68
CA LEU D 60 -57.99 14.74 -1.18
C LEU D 60 -56.80 14.03 -0.57
N ALA D 61 -56.93 13.55 0.67
CA ALA D 61 -55.80 12.95 1.38
C ALA D 61 -55.29 11.71 0.65
N TYR D 62 -56.19 10.79 0.31
CA TYR D 62 -55.76 9.59 -0.40
C TYR D 62 -55.34 9.88 -1.83
N GLU D 63 -55.87 10.94 -2.44
CA GLU D 63 -55.44 11.31 -3.79
C GLU D 63 -53.96 11.68 -3.80
N ILE D 64 -53.50 12.40 -2.79
CA ILE D 64 -52.08 12.73 -2.68
C ILE D 64 -51.26 11.46 -2.49
N ILE D 65 -51.73 10.55 -1.64
CA ILE D 65 -50.98 9.33 -1.35
C ILE D 65 -50.87 8.46 -2.60
N ASN D 66 -51.99 8.23 -3.27
CA ASN D 66 -52.04 7.27 -4.36
C ASN D 66 -51.67 7.86 -5.72
N ASN D 67 -51.95 9.15 -5.94
CA ASN D 67 -51.68 9.76 -7.22
C ASN D 67 -50.72 10.94 -7.08
N THR D 68 -49.64 10.73 -6.33
CA THR D 68 -48.71 11.82 -6.04
C THR D 68 -48.05 12.33 -7.32
N LYS D 69 -47.73 11.43 -8.26
CA LYS D 69 -47.05 11.84 -9.48
C LYS D 69 -47.90 12.77 -10.34
N ILE D 70 -49.21 12.79 -10.14
CA ILE D 70 -50.12 13.57 -10.96
C ILE D 70 -50.76 14.71 -10.18
N ILE D 71 -51.18 14.46 -8.94
CA ILE D 71 -51.89 15.48 -8.19
C ILE D 71 -50.94 16.61 -7.77
N LEU D 72 -49.67 16.29 -7.49
CA LEU D 72 -48.74 17.32 -7.03
C LEU D 72 -48.48 18.40 -8.07
N PRO D 73 -48.15 18.08 -9.33
CA PRO D 73 -47.87 19.18 -10.29
C PRO D 73 -49.04 20.11 -10.49
N ILE D 74 -50.28 19.61 -10.51
CA ILE D 74 -51.42 20.48 -10.73
C ILE D 74 -51.70 21.34 -9.51
N LEU D 75 -51.49 20.81 -8.30
CA LEU D 75 -51.65 21.61 -7.10
C LEU D 75 -50.58 22.69 -6.99
N GLU D 76 -49.43 22.50 -7.63
CA GLU D 76 -48.41 23.55 -7.65
C GLU D 76 -48.91 24.78 -8.38
N GLY D 77 -49.61 24.59 -9.51
CA GLY D 77 -50.13 25.73 -10.24
C GLY D 77 -51.18 26.50 -9.44
N ALA D 78 -51.96 25.79 -8.63
CA ALA D 78 -52.99 26.45 -7.83
C ALA D 78 -52.37 27.45 -6.86
N LEU D 79 -51.30 27.04 -6.18
CA LEU D 79 -50.63 27.96 -5.25
C LEU D 79 -49.94 29.09 -5.98
N TYR D 80 -49.34 28.80 -7.15
CA TYR D 80 -48.63 29.83 -7.88
C TYR D 80 -49.55 30.97 -8.29
N ASP D 81 -50.74 30.64 -8.80
CA ASP D 81 -51.70 31.67 -9.14
C ASP D 81 -52.25 32.37 -7.90
N HIS D 82 -52.52 31.58 -6.84
CA HIS D 82 -53.03 32.16 -5.61
C HIS D 82 -52.02 33.09 -4.97
N ILE D 83 -50.74 32.71 -4.99
CA ILE D 83 -49.70 33.58 -4.47
C ILE D 83 -49.53 34.81 -5.35
N LEU D 84 -49.69 34.63 -6.67
CA LEU D 84 -49.43 35.71 -7.62
C LEU D 84 -50.29 36.93 -7.36
N GLN D 85 -51.58 36.71 -7.10
CA GLN D 85 -52.46 37.85 -6.81
C GLN D 85 -52.12 38.49 -5.47
N LEU D 86 -51.70 37.68 -4.50
CA LEU D 86 -51.33 38.23 -3.19
C LEU D 86 -50.14 39.16 -3.28
N ASP D 87 -49.22 38.93 -4.21
CA ASP D 87 -48.07 39.79 -4.39
C ASP D 87 -47.57 39.69 -5.83
N PRO D 88 -47.99 40.60 -6.72
CA PRO D 88 -47.51 40.57 -8.11
C PRO D 88 -45.99 40.51 -8.25
N THR D 89 -45.27 41.10 -7.30
CA THR D 89 -43.82 41.13 -7.37
C THR D 89 -43.19 39.76 -7.22
N TYR D 90 -43.96 38.74 -6.82
CA TYR D 90 -43.44 37.38 -6.77
C TYR D 90 -42.99 36.91 -8.15
N GLN D 91 -43.61 37.43 -9.20
CA GLN D 91 -43.19 37.13 -10.56
C GLN D 91 -41.81 37.73 -10.83
N ARG D 92 -41.13 37.16 -11.84
CA ARG D 92 -39.78 37.55 -12.24
C ARG D 92 -38.77 37.26 -11.15
N ASP D 93 -39.22 36.64 -10.06
CA ASP D 93 -38.35 36.16 -8.98
C ASP D 93 -38.44 34.66 -8.78
N ILE D 94 -39.64 34.10 -8.76
CA ILE D 94 -39.86 32.67 -8.62
C ILE D 94 -40.80 32.21 -9.72
N GLU D 95 -40.40 31.18 -10.46
CA GLU D 95 -41.21 30.66 -11.55
C GLU D 95 -41.95 29.38 -11.18
N LYS D 96 -41.54 28.68 -10.12
CA LYS D 96 -42.17 27.44 -9.72
C LYS D 96 -42.16 27.35 -8.19
N VAL D 97 -43.22 26.79 -7.63
CA VAL D 97 -43.36 26.60 -6.19
C VAL D 97 -43.46 25.11 -5.90
N HIS D 98 -43.00 24.72 -4.71
CA HIS D 98 -42.98 23.33 -4.29
C HIS D 98 -43.89 23.13 -3.10
N VAL D 99 -44.63 22.03 -3.11
CA VAL D 99 -45.52 21.66 -2.02
C VAL D 99 -44.91 20.45 -1.31
N ARG D 100 -44.69 20.58 -0.01
CA ARG D 100 -44.06 19.55 0.79
C ARG D 100 -45.08 18.95 1.74
N ILE D 101 -45.23 17.63 1.69
CA ILE D 101 -46.21 16.90 2.50
C ILE D 101 -45.45 16.03 3.49
N VAL D 102 -45.80 16.13 4.77
CA VAL D 102 -45.17 15.37 5.82
C VAL D 102 -46.25 14.65 6.62
N GLY D 103 -45.81 13.65 7.40
CA GLY D 103 -46.73 12.88 8.20
C GLY D 103 -47.40 11.74 7.47
N ILE D 104 -46.80 11.24 6.39
CA ILE D 104 -47.38 10.12 5.66
C ILE D 104 -47.43 8.89 6.55
N PRO D 105 -48.57 8.20 6.69
CA PRO D 105 -48.62 6.99 7.52
C PRO D 105 -47.88 5.81 6.92
N ARG D 106 -47.44 5.89 5.66
CA ARG D 106 -46.73 4.81 4.99
C ARG D 106 -45.27 4.84 5.43
N VAL D 107 -45.01 4.28 6.61
CA VAL D 107 -43.67 4.21 7.17
C VAL D 107 -43.17 2.78 7.03
N ILE D 108 -42.01 2.61 6.40
CA ILE D 108 -41.44 1.30 6.16
C ILE D 108 -40.01 1.28 6.69
N GLU D 109 -39.64 0.20 7.36
CA GLU D 109 -38.27 0.03 7.80
C GLU D 109 -37.34 -0.11 6.60
N LEU D 110 -36.10 0.34 6.78
CA LEU D 110 -35.14 0.34 5.67
C LEU D 110 -34.83 -1.08 5.21
N ARG D 111 -34.95 -2.06 6.09
CA ARG D 111 -34.64 -3.44 5.75
C ARG D 111 -35.83 -4.19 5.16
N LYS D 112 -37.01 -3.58 5.11
CA LYS D 112 -38.22 -4.24 4.66
C LYS D 112 -38.72 -3.71 3.32
N ILE D 113 -37.87 -3.01 2.57
CA ILE D 113 -38.27 -2.46 1.29
C ILE D 113 -38.28 -3.58 0.24
N ARG D 114 -39.40 -3.69 -0.48
CA ARG D 114 -39.56 -4.71 -1.51
C ARG D 114 -40.03 -4.04 -2.80
N SER D 115 -40.24 -4.87 -3.83
CA SER D 115 -40.63 -4.35 -5.14
C SER D 115 -42.00 -3.69 -5.12
N THR D 116 -42.87 -4.05 -4.17
CA THR D 116 -44.20 -3.49 -4.14
C THR D 116 -44.20 -2.01 -3.74
N ASP D 117 -43.15 -1.54 -3.09
CA ASP D 117 -43.08 -0.16 -2.62
C ASP D 117 -42.49 0.80 -3.65
N ILE D 118 -42.04 0.30 -4.80
CA ILE D 118 -41.48 1.16 -5.81
C ILE D 118 -42.58 2.01 -6.44
N GLY D 119 -42.34 3.31 -6.53
CA GLY D 119 -43.31 4.22 -7.11
C GLY D 119 -44.37 4.71 -6.17
N LYS D 120 -44.22 4.49 -4.87
CA LYS D 120 -45.20 4.92 -3.88
C LYS D 120 -44.55 5.86 -2.87
N LEU D 121 -45.33 6.82 -2.38
CA LEU D 121 -44.84 7.77 -1.40
C LEU D 121 -44.76 7.09 -0.03
N ILE D 122 -43.55 7.00 0.50
CA ILE D 122 -43.29 6.31 1.77
C ILE D 122 -42.30 7.13 2.58
N THR D 123 -42.03 6.67 3.80
CA THR D 123 -41.19 7.39 4.75
C THR D 123 -40.22 6.45 5.43
N ILE D 124 -38.98 6.90 5.60
CA ILE D 124 -37.93 6.13 6.26
C ILE D 124 -37.31 6.98 7.35
N ASP D 125 -37.14 6.39 8.54
CA ASP D 125 -36.45 7.04 9.64
C ASP D 125 -35.06 6.41 9.79
N GLY D 126 -34.03 7.26 9.80
CA GLY D 126 -32.68 6.75 9.88
C GLY D 126 -31.70 7.84 10.29
N ILE D 127 -30.42 7.55 10.08
CA ILE D 127 -29.33 8.43 10.46
C ILE D 127 -28.53 8.79 9.22
N LEU D 128 -28.31 10.08 9.01
CA LEU D 128 -27.45 10.51 7.92
C LEU D 128 -25.99 10.17 8.22
N VAL D 129 -25.28 9.68 7.21
CA VAL D 129 -23.88 9.30 7.39
C VAL D 129 -22.94 9.98 6.41
N LYS D 130 -23.42 10.52 5.28
CA LYS D 130 -22.53 11.11 4.30
C LYS D 130 -23.33 12.04 3.40
N VAL D 131 -22.78 13.23 3.15
CA VAL D 131 -23.41 14.22 2.28
C VAL D 131 -22.37 14.71 1.28
N THR D 132 -22.75 14.75 0.01
CA THR D 132 -21.88 15.24 -1.06
C THR D 132 -22.05 16.74 -1.24
N PRO D 133 -21.07 17.40 -1.84
CA PRO D 133 -21.22 18.83 -2.13
C PRO D 133 -22.32 19.08 -3.15
N VAL D 134 -22.89 20.29 -3.09
CA VAL D 134 -23.98 20.65 -3.98
C VAL D 134 -23.48 20.74 -5.42
N LYS D 135 -24.23 20.12 -6.33
CA LYS D 135 -23.89 20.17 -7.75
C LYS D 135 -25.08 20.65 -8.56
N GLU D 136 -24.99 20.58 -9.88
CA GLU D 136 -26.06 21.02 -10.76
C GLU D 136 -26.44 19.89 -11.72
N ARG D 137 -27.73 19.76 -11.97
CA ARG D 137 -28.27 18.74 -12.87
C ARG D 137 -29.05 19.40 -13.98
N ILE D 138 -28.87 18.92 -15.20
CA ILE D 138 -29.56 19.44 -16.37
C ILE D 138 -30.92 18.77 -16.48
N TYR D 139 -31.98 19.58 -16.55
CA TYR D 139 -33.31 19.07 -16.81
C TYR D 139 -33.89 19.56 -18.13
N LYS D 140 -33.21 20.47 -18.82
CA LYS D 140 -33.64 20.93 -20.14
C LYS D 140 -32.43 21.48 -20.85
N ALA D 141 -31.95 20.75 -21.86
CA ALA D 141 -30.72 21.10 -22.56
C ALA D 141 -31.02 21.88 -23.83
N THR D 142 -29.96 22.46 -24.40
CA THR D 142 -30.03 23.14 -25.68
C THR D 142 -28.86 22.69 -26.53
N TYR D 143 -29.13 22.27 -27.77
CA TYR D 143 -28.11 21.74 -28.65
C TYR D 143 -28.05 22.53 -29.95
N LYS D 144 -26.90 22.48 -30.60
CA LYS D 144 -26.69 23.10 -31.90
C LYS D 144 -26.16 22.05 -32.87
N HIS D 145 -26.80 21.94 -34.03
CA HIS D 145 -26.37 20.96 -35.02
C HIS D 145 -25.19 21.50 -35.79
N ILE D 146 -24.02 20.88 -35.62
CA ILE D 146 -22.79 21.32 -36.28
C ILE D 146 -22.77 20.64 -37.63
N HIS D 147 -23.45 21.26 -38.59
CA HIS D 147 -23.50 20.79 -39.97
C HIS D 147 -23.63 22.00 -40.88
N PRO D 148 -22.72 22.18 -41.85
CA PRO D 148 -22.58 23.48 -42.55
C PRO D 148 -23.89 24.08 -43.05
N ASP D 149 -24.96 23.29 -43.07
CA ASP D 149 -26.25 23.80 -43.51
C ASP D 149 -27.15 24.21 -42.35
N CYS D 150 -27.02 23.59 -41.18
CA CYS D 150 -28.03 23.76 -40.13
C CYS D 150 -27.80 25.02 -39.30
N MET D 151 -26.74 25.05 -38.50
CA MET D 151 -26.53 26.12 -37.51
C MET D 151 -27.83 26.46 -36.76
N GLN D 152 -28.50 25.42 -36.28
CA GLN D 152 -29.81 25.58 -35.67
C GLN D 152 -29.75 25.28 -34.19
N GLU D 153 -30.55 26.01 -33.42
CA GLU D 153 -30.61 25.88 -31.97
C GLU D 153 -31.93 25.23 -31.59
N PHE D 154 -31.89 24.28 -30.65
CA PHE D 154 -33.13 23.66 -30.21
C PHE D 154 -32.93 23.07 -28.83
N GLU D 155 -34.06 22.82 -28.16
CA GLU D 155 -34.08 22.11 -26.88
C GLU D 155 -34.36 20.65 -27.16
N TRP D 156 -33.46 19.75 -26.70
CA TRP D 156 -33.58 18.35 -27.10
C TRP D 156 -34.73 17.64 -26.42
N PRO D 157 -34.84 17.60 -25.09
CA PRO D 157 -35.97 16.85 -24.51
C PRO D 157 -37.27 17.60 -24.72
N GLU D 158 -37.84 17.47 -25.91
CA GLU D 158 -39.05 18.19 -26.25
C GLU D 158 -40.24 17.63 -25.47
N ASP D 159 -40.98 18.53 -24.81
CA ASP D 159 -42.22 18.18 -24.10
C ASP D 159 -41.98 17.14 -23.01
N GLU D 160 -40.76 17.09 -22.47
CA GLU D 160 -40.46 16.17 -21.38
C GLU D 160 -39.18 16.63 -20.71
N GLU D 161 -39.07 16.34 -19.42
CA GLU D 161 -37.86 16.66 -18.68
C GLU D 161 -36.72 15.73 -19.12
N MET D 162 -35.51 16.25 -19.06
CA MET D 162 -34.35 15.47 -19.43
C MET D 162 -34.20 14.29 -18.47
N PRO D 163 -34.09 13.06 -18.98
CA PRO D 163 -33.95 11.90 -18.09
C PRO D 163 -32.63 11.94 -17.35
N GLU D 164 -32.56 11.11 -16.30
CA GLU D 164 -31.36 11.08 -15.47
C GLU D 164 -30.13 10.67 -16.26
N VAL D 165 -30.31 9.84 -17.28
CA VAL D 165 -29.22 9.49 -18.18
C VAL D 165 -29.18 10.53 -19.30
N LEU D 166 -28.08 11.25 -19.41
CA LEU D 166 -27.95 12.26 -20.43
C LEU D 166 -27.96 11.62 -21.82
N GLU D 167 -28.78 12.15 -22.71
CA GLU D 167 -28.89 11.63 -24.06
C GLU D 167 -28.82 12.77 -25.06
N MET D 168 -28.07 12.55 -26.13
CA MET D 168 -27.87 13.47 -27.24
C MET D 168 -28.74 13.06 -28.43
N PRO D 169 -29.37 14.03 -29.09
CA PRO D 169 -30.18 13.69 -30.26
C PRO D 169 -29.34 13.04 -31.35
N THR D 170 -29.95 12.08 -32.05
CA THR D 170 -29.29 11.44 -33.19
C THR D 170 -29.78 11.97 -34.52
N ILE D 171 -30.91 12.67 -34.54
CA ILE D 171 -31.44 13.30 -35.74
C ILE D 171 -31.83 14.73 -35.39
N CYS D 172 -31.33 15.68 -36.16
CA CYS D 172 -31.62 17.08 -35.88
C CYS D 172 -33.09 17.37 -36.16
N PRO D 173 -33.88 17.76 -35.16
CA PRO D 173 -35.30 18.04 -35.42
C PRO D 173 -35.52 19.19 -36.39
N LYS D 174 -34.61 20.17 -36.42
CA LYS D 174 -34.79 21.32 -37.30
C LYS D 174 -34.49 21.00 -38.75
N CYS D 175 -33.78 19.92 -39.03
CA CYS D 175 -33.45 19.56 -40.41
C CYS D 175 -33.62 18.07 -40.72
N GLY D 176 -33.96 17.24 -39.74
CA GLY D 176 -34.17 15.83 -40.00
C GLY D 176 -32.94 15.11 -40.50
N LYS D 177 -31.76 15.49 -40.02
CA LYS D 177 -30.51 14.90 -40.46
C LYS D 177 -29.62 14.58 -39.26
N PRO D 178 -28.78 13.58 -39.37
CA PRO D 178 -27.81 13.29 -38.31
C PRO D 178 -26.61 14.22 -38.43
N GLY D 179 -25.62 13.98 -37.58
CA GLY D 179 -24.42 14.79 -37.62
C GLY D 179 -23.85 14.96 -36.21
N GLN D 180 -23.28 16.13 -35.99
CA GLN D 180 -22.63 16.47 -34.73
C GLN D 180 -23.40 17.58 -34.04
N PHE D 181 -23.61 17.43 -32.73
CA PHE D 181 -24.38 18.37 -31.94
C PHE D 181 -23.52 18.91 -30.80
N ARG D 182 -23.63 20.21 -30.54
CA ARG D 182 -22.85 20.89 -29.52
C ARG D 182 -23.79 21.46 -28.47
N LEU D 183 -23.46 21.24 -27.20
CA LEU D 183 -24.27 21.76 -26.10
C LEU D 183 -23.91 23.21 -25.80
N ILE D 184 -24.93 24.01 -25.52
CA ILE D 184 -24.76 25.43 -25.21
C ILE D 184 -25.10 25.62 -23.73
N PRO D 185 -24.11 25.80 -22.86
CA PRO D 185 -24.42 25.97 -21.43
C PRO D 185 -25.25 27.21 -21.11
N GLU D 186 -25.14 28.27 -21.93
CA GLU D 186 -25.84 29.51 -21.62
C GLU D 186 -27.35 29.31 -21.64
N LYS D 187 -27.87 28.58 -22.62
CA LYS D 187 -29.30 28.39 -22.75
C LYS D 187 -29.81 27.14 -22.02
N THR D 188 -28.92 26.35 -21.44
CA THR D 188 -29.33 25.16 -20.71
C THR D 188 -29.91 25.54 -19.36
N LYS D 189 -30.95 24.83 -18.95
CA LYS D 189 -31.60 25.05 -17.67
C LYS D 189 -31.12 24.00 -16.68
N LEU D 190 -30.78 24.44 -15.46
CA LEU D 190 -30.19 23.58 -14.46
C LEU D 190 -31.05 23.56 -13.20
N ILE D 191 -30.70 22.66 -12.28
CA ILE D 191 -31.36 22.56 -10.98
C ILE D 191 -30.35 22.02 -9.98
N ASP D 192 -30.43 22.53 -8.75
CA ASP D 192 -29.50 22.11 -7.71
C ASP D 192 -29.69 20.63 -7.39
N TRP D 193 -28.58 19.97 -7.04
CA TRP D 193 -28.57 18.52 -6.87
C TRP D 193 -27.59 18.16 -5.78
N GLN D 194 -27.94 17.17 -4.96
CA GLN D 194 -27.08 16.71 -3.88
C GLN D 194 -27.42 15.27 -3.54
N LYS D 195 -26.40 14.50 -3.21
CA LYS D 195 -26.55 13.08 -2.88
C LYS D 195 -26.19 12.86 -1.42
N ALA D 196 -27.01 12.09 -0.72
CA ALA D 196 -26.77 11.77 0.68
C ALA D 196 -27.05 10.30 0.91
N VAL D 197 -26.44 9.75 1.95
CA VAL D 197 -26.58 8.34 2.32
C VAL D 197 -27.17 8.27 3.72
N ILE D 198 -28.22 7.47 3.86
CA ILE D 198 -28.90 7.29 5.15
C ILE D 198 -28.63 5.88 5.63
N GLN D 199 -28.62 5.71 6.95
CA GLN D 199 -28.36 4.41 7.57
C GLN D 199 -29.47 4.12 8.58
N GLU D 200 -29.82 2.84 8.70
CA GLU D 200 -30.85 2.44 9.64
C GLU D 200 -30.35 2.61 11.07
N ARG D 201 -31.31 2.86 11.97
CA ARG D 201 -30.95 3.11 13.36
C ARG D 201 -30.37 1.84 13.99
N PRO D 202 -29.40 1.98 14.89
CA PRO D 202 -28.80 0.79 15.51
C PRO D 202 -29.79 -0.05 16.28
N GLU D 203 -30.83 0.57 16.86
CA GLU D 203 -31.84 -0.20 17.58
C GLU D 203 -32.65 -1.09 16.66
N GLU D 204 -32.70 -0.79 15.36
CA GLU D 204 -33.46 -1.57 14.40
C GLU D 204 -32.62 -2.66 13.74
N VAL D 205 -31.32 -2.68 13.97
CA VAL D 205 -30.46 -3.68 13.32
C VAL D 205 -30.66 -5.03 13.99
N PRO D 206 -30.99 -6.08 13.24
CA PRO D 206 -31.11 -7.41 13.84
C PRO D 206 -29.76 -7.90 14.36
N SER D 207 -29.84 -8.80 15.34
CA SER D 207 -28.63 -9.27 16.02
C SER D 207 -27.68 -9.94 15.05
N GLY D 208 -26.40 -9.58 15.14
CA GLY D 208 -25.37 -10.16 14.30
C GLY D 208 -25.18 -9.45 12.98
N GLN D 209 -26.28 -8.99 12.39
CA GLN D 209 -26.21 -8.35 11.09
C GLN D 209 -25.61 -6.95 11.18
N LEU D 210 -25.04 -6.50 10.07
CA LEU D 210 -24.52 -5.14 9.97
C LEU D 210 -25.62 -4.19 9.48
N PRO D 211 -25.54 -2.91 9.84
CA PRO D 211 -26.57 -1.97 9.40
C PRO D 211 -26.57 -1.80 7.89
N ARG D 212 -27.76 -1.58 7.34
CA ARG D 212 -27.95 -1.35 5.93
C ARG D 212 -28.00 0.15 5.62
N GLN D 213 -27.78 0.47 4.35
CA GLN D 213 -27.72 1.86 3.92
C GLN D 213 -28.61 2.06 2.69
N LEU D 214 -29.09 3.29 2.55
CA LEU D 214 -29.90 3.69 1.40
C LEU D 214 -29.41 5.02 0.88
N GLU D 215 -29.44 5.19 -0.44
CA GLU D 215 -29.01 6.42 -1.08
C GLU D 215 -30.23 7.29 -1.38
N ILE D 216 -30.12 8.59 -1.08
CA ILE D 216 -31.20 9.52 -1.28
C ILE D 216 -30.68 10.72 -2.07
N ILE D 217 -31.59 11.41 -2.73
CA ILE D 217 -31.26 12.55 -3.59
C ILE D 217 -32.07 13.75 -3.13
N LEU D 218 -31.38 14.86 -2.90
CA LEU D 218 -32.01 16.13 -2.55
C LEU D 218 -31.80 17.11 -3.69
N GLU D 219 -32.86 17.81 -4.07
CA GLU D 219 -32.83 18.70 -5.22
C GLU D 219 -33.46 20.04 -4.86
N ASP D 220 -33.02 21.07 -5.58
CA ASP D 220 -33.56 22.43 -5.47
C ASP D 220 -33.32 22.94 -4.06
N ASP D 221 -34.34 23.38 -3.33
CA ASP D 221 -34.14 24.03 -2.03
C ASP D 221 -33.91 23.05 -0.90
N LEU D 222 -34.01 21.75 -1.15
CA LEU D 222 -33.76 20.76 -0.10
C LEU D 222 -32.29 20.55 0.18
N VAL D 223 -31.39 21.12 -0.63
CA VAL D 223 -29.97 20.90 -0.44
C VAL D 223 -29.50 21.60 0.82
N ASP D 224 -28.51 20.98 1.48
CA ASP D 224 -27.91 21.51 2.70
C ASP D 224 -28.95 21.75 3.79
N SER D 225 -29.94 20.86 3.86
CA SER D 225 -30.96 20.95 4.89
C SER D 225 -30.64 20.10 6.12
N ALA D 226 -29.51 19.39 6.10
CA ALA D 226 -29.11 18.55 7.22
C ALA D 226 -27.61 18.32 7.15
N ARG D 227 -27.06 17.84 8.26
CA ARG D 227 -25.63 17.57 8.39
C ARG D 227 -25.43 16.12 8.82
N PRO D 228 -24.25 15.55 8.54
CA PRO D 228 -24.01 14.15 8.90
C PRO D 228 -24.13 13.92 10.39
N GLY D 229 -24.61 12.73 10.76
CA GLY D 229 -24.84 12.37 12.14
C GLY D 229 -26.22 12.69 12.66
N ASP D 230 -27.06 13.37 11.87
CA ASP D 230 -28.39 13.74 12.32
C ASP D 230 -29.35 12.56 12.17
N ARG D 231 -30.42 12.61 12.96
CA ARG D 231 -31.51 11.64 12.86
C ARG D 231 -32.64 12.30 12.07
N VAL D 232 -32.91 11.78 10.87
CA VAL D 232 -33.84 12.43 9.96
C VAL D 232 -35.03 11.52 9.67
N LYS D 233 -35.98 12.04 8.89
CA LYS D 233 -37.16 11.29 8.49
C LYS D 233 -37.56 11.79 7.11
N VAL D 234 -37.19 11.05 6.08
CA VAL D 234 -37.33 11.49 4.69
C VAL D 234 -38.57 10.87 4.08
N THR D 235 -39.21 11.60 3.18
CA THR D 235 -40.40 11.16 2.46
C THR D 235 -40.21 11.40 0.98
N GLY D 236 -40.57 10.42 0.16
CA GLY D 236 -40.45 10.57 -1.27
C GLY D 236 -40.75 9.26 -1.98
N ILE D 237 -40.34 9.20 -3.24
CA ILE D 237 -40.65 8.09 -4.13
C ILE D 237 -39.37 7.30 -4.38
N LEU D 238 -39.47 5.97 -4.26
CA LEU D 238 -38.35 5.10 -4.58
C LEU D 238 -38.25 4.88 -6.09
N ASP D 239 -37.04 4.56 -6.55
CA ASP D 239 -36.80 4.31 -7.95
C ASP D 239 -35.51 3.52 -8.11
N ILE D 240 -35.42 2.79 -9.21
CA ILE D 240 -34.21 2.03 -9.49
C ILE D 240 -33.10 2.98 -9.93
N LYS D 241 -31.87 2.58 -9.68
CA LYS D 241 -30.71 3.42 -9.95
C LYS D 241 -29.96 2.93 -11.19
N GLN D 242 -29.72 3.85 -12.11
CA GLN D 242 -28.92 3.58 -13.31
C GLN D 242 -27.67 4.43 -13.25
N ASP D 243 -26.51 3.78 -13.15
CA ASP D 243 -25.25 4.48 -12.93
C ASP D 243 -24.29 4.36 -14.11
N SER D 244 -24.09 3.15 -14.65
CA SER D 244 -23.15 2.92 -15.73
C SER D 244 -23.84 2.16 -16.85
N PRO D 245 -24.72 2.83 -17.60
CA PRO D 245 -25.39 2.15 -18.73
C PRO D 245 -24.42 1.69 -19.82
N VAL D 246 -23.32 2.42 -20.04
CA VAL D 246 -22.38 2.06 -21.09
C VAL D 246 -21.71 0.72 -20.78
N LYS D 247 -21.30 0.52 -19.53
CA LYS D 247 -20.70 -0.75 -19.12
C LYS D 247 -21.81 -1.66 -18.59
N ARG D 248 -22.67 -2.07 -19.52
CA ARG D 248 -23.83 -2.89 -19.19
C ARG D 248 -23.41 -4.23 -18.61
N GLY D 249 -22.73 -5.06 -19.43
CA GLY D 249 -22.23 -6.34 -18.98
C GLY D 249 -23.28 -7.25 -18.40
N SER D 250 -24.42 -7.36 -19.09
CA SER D 250 -25.58 -8.11 -18.61
C SER D 250 -25.99 -7.51 -17.27
N ARG D 251 -26.30 -8.32 -16.26
CA ARG D 251 -26.59 -7.85 -14.89
C ARG D 251 -27.77 -6.87 -14.90
N ALA D 252 -28.93 -7.42 -15.22
CA ALA D 252 -30.18 -6.66 -15.20
C ALA D 252 -30.63 -6.30 -13.79
N VAL D 253 -29.79 -6.55 -12.79
CA VAL D 253 -30.10 -6.21 -11.41
C VAL D 253 -29.73 -4.75 -11.17
N PHE D 254 -30.58 -4.04 -10.44
CA PHE D 254 -30.37 -2.64 -10.14
C PHE D 254 -30.57 -2.38 -8.65
N ASP D 255 -29.92 -1.32 -8.17
CA ASP D 255 -30.15 -0.83 -6.81
C ASP D 255 -31.31 0.15 -6.82
N ILE D 256 -31.69 0.59 -5.62
CA ILE D 256 -32.80 1.52 -5.48
C ILE D 256 -32.33 2.73 -4.70
N TYR D 257 -33.00 3.86 -4.92
CA TYR D 257 -32.70 5.10 -4.22
C TYR D 257 -34.00 5.86 -4.04
N MET D 258 -33.92 7.01 -3.39
CA MET D 258 -35.08 7.78 -2.99
C MET D 258 -34.98 9.21 -3.53
N LYS D 259 -36.06 9.69 -4.13
CA LYS D 259 -36.19 11.10 -4.51
C LYS D 259 -36.90 11.81 -3.37
N VAL D 260 -36.13 12.51 -2.54
CA VAL D 260 -36.68 13.13 -1.34
C VAL D 260 -37.62 14.26 -1.72
N SER D 261 -38.81 14.26 -1.13
CA SER D 261 -39.76 15.35 -1.28
C SER D 261 -39.88 16.23 -0.05
N SER D 262 -39.57 15.69 1.12
CA SER D 262 -39.58 16.46 2.36
C SER D 262 -38.73 15.73 3.39
N ILE D 263 -38.07 16.50 4.25
CA ILE D 263 -37.17 15.95 5.25
C ILE D 263 -37.38 16.69 6.56
N GLU D 264 -37.40 15.94 7.66
CA GLU D 264 -37.49 16.48 9.00
C GLU D 264 -36.29 16.06 9.81
N VAL D 265 -35.76 16.97 10.61
CA VAL D 265 -34.58 16.73 11.44
C VAL D 265 -35.03 16.55 12.88
N SER D 266 -34.55 15.48 13.52
CA SER D 266 -34.90 15.16 14.91
C SER D 266 -36.41 15.02 15.08
N SER D 273 -42.05 24.65 16.94
CA SER D 273 -43.32 24.30 17.56
C SER D 273 -43.68 25.29 18.66
N GLU D 274 -44.76 26.04 18.42
CA GLU D 274 -45.18 27.05 19.39
C GLU D 274 -45.62 26.41 20.70
N GLU D 275 -46.33 25.28 20.64
CA GLU D 275 -46.78 24.62 21.85
C GLU D 275 -45.60 24.11 22.66
N ASP D 276 -44.52 23.66 22.00
CA ASP D 276 -43.32 23.26 22.73
C ASP D 276 -42.69 24.45 23.43
N GLU D 277 -42.63 25.60 22.76
CA GLU D 277 -42.06 26.80 23.37
C GLU D 277 -42.85 27.23 24.59
N LYS D 278 -44.18 27.19 24.49
CA LYS D 278 -45.02 27.54 25.63
C LYS D 278 -44.81 26.55 26.78
N LYS D 279 -44.70 25.26 26.47
CA LYS D 279 -44.48 24.27 27.52
C LYS D 279 -43.14 24.48 28.21
N ILE D 280 -42.11 24.82 27.46
CA ILE D 280 -40.81 25.12 28.05
C ILE D 280 -40.92 26.34 28.95
N LYS D 281 -41.67 27.35 28.52
CA LYS D 281 -41.82 28.57 29.30
C LYS D 281 -42.46 28.28 30.66
N ASP D 282 -43.46 27.40 30.69
CA ASP D 282 -44.12 27.07 31.94
C ASP D 282 -43.15 26.41 32.92
N LEU D 283 -42.26 25.57 32.40
CA LEU D 283 -41.28 24.91 33.26
C LEU D 283 -40.36 25.92 33.94
N ALA D 284 -39.93 26.94 33.19
CA ALA D 284 -39.02 27.93 33.75
C ALA D 284 -39.67 28.78 34.84
N LYS D 285 -41.00 28.82 34.90
CA LYS D 285 -41.68 29.61 35.91
C LYS D 285 -41.54 29.02 37.31
N ASP D 286 -41.23 27.74 37.41
CA ASP D 286 -41.09 27.11 38.71
C ASP D 286 -39.83 27.63 39.41
N PRO D 287 -39.94 28.12 40.65
CA PRO D 287 -38.74 28.58 41.36
C PRO D 287 -37.70 27.49 41.56
N TRP D 288 -38.13 26.24 41.69
CA TRP D 288 -37.22 25.11 41.90
C TRP D 288 -36.92 24.37 40.60
N ILE D 289 -36.90 25.08 39.47
CA ILE D 289 -36.63 24.43 38.20
C ILE D 289 -35.23 23.85 38.17
N ARG D 290 -34.27 24.50 38.83
CA ARG D 290 -32.91 23.99 38.84
C ARG D 290 -32.84 22.63 39.53
N ASP D 291 -33.54 22.47 40.65
CA ASP D 291 -33.53 21.20 41.36
C ASP D 291 -34.25 20.12 40.56
N ARG D 292 -35.32 20.49 39.86
CA ARG D 292 -36.03 19.52 39.04
C ARG D 292 -35.15 19.00 37.90
N ILE D 293 -34.39 19.90 37.27
CA ILE D 293 -33.50 19.49 36.20
C ILE D 293 -32.41 18.56 36.74
N ILE D 294 -31.83 18.90 37.89
CA ILE D 294 -30.77 18.08 38.46
C ILE D 294 -31.30 16.70 38.81
N SER D 295 -32.49 16.64 39.40
CA SER D 295 -33.08 15.35 39.77
C SER D 295 -33.45 14.51 38.55
N SER D 296 -33.53 15.12 37.38
CA SER D 296 -33.91 14.40 36.16
C SER D 296 -32.71 13.85 35.41
N ILE D 297 -31.50 14.01 35.92
CA ILE D 297 -30.30 13.52 35.25
C ILE D 297 -29.99 12.13 35.78
N ALA D 298 -30.00 11.14 34.89
CA ALA D 298 -29.76 9.74 35.21
C ALA D 298 -30.64 9.29 36.38
N PRO D 299 -31.96 9.18 36.18
CA PRO D 299 -32.84 8.81 37.29
C PRO D 299 -32.58 7.43 37.84
N SER D 300 -31.93 6.56 37.08
CA SER D 300 -31.69 5.18 37.51
C SER D 300 -30.44 5.03 38.36
N ILE D 301 -29.71 6.12 38.61
CA ILE D 301 -28.48 6.08 39.39
C ILE D 301 -28.77 6.64 40.77
N TYR D 302 -28.38 5.90 41.80
CA TYR D 302 -28.59 6.32 43.17
C TYR D 302 -27.41 7.15 43.66
N GLY D 303 -27.72 8.27 44.32
CA GLY D 303 -26.68 9.12 44.87
C GLY D 303 -25.99 9.95 43.80
N HIS D 304 -24.75 10.35 44.13
CA HIS D 304 -23.93 11.18 43.24
C HIS D 304 -24.64 12.47 42.86
N TRP D 305 -25.24 13.12 43.87
CA TRP D 305 -25.99 14.34 43.62
C TRP D 305 -25.09 15.46 43.13
N GLU D 306 -23.90 15.61 43.73
CA GLU D 306 -23.00 16.67 43.29
C GLU D 306 -22.44 16.38 41.91
N LEU D 307 -22.32 15.10 41.53
CA LEU D 307 -21.86 14.77 40.19
C LEU D 307 -22.94 15.00 39.15
N LYS D 308 -24.20 14.72 39.50
CA LYS D 308 -25.30 15.00 38.59
C LYS D 308 -25.44 16.49 38.34
N GLU D 309 -25.22 17.29 39.37
CA GLU D 309 -25.31 18.74 39.22
C GLU D 309 -24.26 19.25 38.25
N ALA D 310 -23.03 18.72 38.32
CA ALA D 310 -21.98 19.15 37.42
C ALA D 310 -22.30 18.80 35.97
N LEU D 311 -22.86 17.60 35.75
CA LEU D 311 -23.19 17.20 34.39
C LEU D 311 -24.30 18.07 33.80
N ALA D 312 -25.21 18.57 34.64
CA ALA D 312 -26.24 19.48 34.14
C ALA D 312 -25.63 20.77 33.62
N LEU D 313 -24.62 21.30 34.31
CA LEU D 313 -23.99 22.53 33.86
C LEU D 313 -23.32 22.36 32.51
N ALA D 314 -22.65 21.22 32.30
CA ALA D 314 -21.97 21.00 31.03
C ALA D 314 -22.94 20.92 29.86
N LEU D 315 -24.17 20.47 30.12
CA LEU D 315 -25.17 20.40 29.06
C LEU D 315 -25.55 21.79 28.57
N PHE D 316 -25.67 22.75 29.49
CA PHE D 316 -26.05 24.11 29.11
C PHE D 316 -24.83 24.93 28.68
N GLY D 317 -23.78 24.95 29.50
CA GLY D 317 -22.56 25.64 29.15
C GLY D 317 -22.63 27.14 29.40
N GLY D 318 -21.49 27.78 29.21
CA GLY D 318 -21.36 29.21 29.38
C GLY D 318 -21.66 29.97 28.11
N VAL D 319 -21.24 31.23 28.08
CA VAL D 319 -21.46 32.13 26.96
C VAL D 319 -20.11 32.39 26.30
N PRO D 320 -19.87 31.90 25.08
CA PRO D 320 -18.62 32.24 24.40
C PRO D 320 -18.58 33.71 24.03
N LYS D 321 -17.37 34.27 24.04
CA LYS D 321 -17.15 35.67 23.72
C LYS D 321 -16.25 35.77 22.50
N VAL D 322 -16.72 36.48 21.48
CA VAL D 322 -15.96 36.70 20.25
C VAL D 322 -15.68 38.19 20.16
N LEU D 323 -14.40 38.56 20.15
CA LEU D 323 -13.97 39.95 20.08
C LEU D 323 -13.19 40.18 18.79
N GLU D 324 -12.80 41.44 18.58
CA GLU D 324 -12.07 41.80 17.37
C GLU D 324 -10.71 41.13 17.32
N ASP D 325 -10.03 41.04 18.47
CA ASP D 325 -8.67 40.51 18.49
C ASP D 325 -8.58 39.05 18.91
N THR D 326 -9.55 38.53 19.65
CA THR D 326 -9.48 37.16 20.13
C THR D 326 -10.88 36.68 20.48
N ARG D 327 -11.00 35.38 20.75
CA ARG D 327 -12.23 34.78 21.19
C ARG D 327 -11.98 33.93 22.43
N ILE D 328 -13.00 33.81 23.27
CA ILE D 328 -12.90 33.11 24.55
C ILE D 328 -13.91 31.97 24.55
N ARG D 329 -13.44 30.78 24.92
CA ARG D 329 -14.30 29.61 24.92
C ARG D 329 -15.38 29.71 25.98
N GLY D 330 -16.51 29.07 25.70
CA GLY D 330 -17.63 29.08 26.62
C GLY D 330 -18.03 27.71 27.12
N ASP D 331 -17.45 26.66 26.54
CA ASP D 331 -17.78 25.31 26.92
C ASP D 331 -17.16 24.95 28.27
N ILE D 332 -17.77 23.98 28.95
CA ILE D 332 -17.34 23.53 30.27
C ILE D 332 -16.91 22.07 30.15
N HIS D 333 -15.74 21.76 30.68
CA HIS D 333 -15.19 20.41 30.66
C HIS D 333 -15.24 19.79 32.05
N ILE D 334 -15.63 18.52 32.12
CA ILE D 334 -15.75 17.79 33.38
C ILE D 334 -14.90 16.53 33.30
N LEU D 335 -14.18 16.24 34.38
CA LEU D 335 -13.38 15.03 34.49
C LEU D 335 -13.83 14.25 35.72
N ILE D 336 -14.04 12.94 35.55
CA ILE D 336 -14.48 12.07 36.63
C ILE D 336 -13.48 10.94 36.78
N ILE D 337 -12.98 10.74 38.00
CA ILE D 337 -12.10 9.63 38.34
C ILE D 337 -12.78 8.83 39.44
N GLY D 338 -12.88 7.53 39.25
CA GLY D 338 -13.58 6.72 40.23
C GLY D 338 -13.18 5.26 40.18
N ASP D 339 -13.50 4.55 41.26
CA ASP D 339 -13.26 3.13 41.33
C ASP D 339 -14.18 2.40 40.35
N PRO D 340 -13.78 1.22 39.88
CA PRO D 340 -14.63 0.47 38.95
C PRO D 340 -15.99 0.14 39.56
N GLY D 341 -17.01 0.15 38.71
CA GLY D 341 -18.36 -0.16 39.17
C GLY D 341 -19.09 0.97 39.84
N THR D 342 -18.63 2.20 39.68
CA THR D 342 -19.28 3.37 40.27
C THR D 342 -20.25 4.04 39.31
N ALA D 343 -20.72 3.32 38.29
CA ALA D 343 -21.72 3.83 37.34
C ALA D 343 -21.22 5.06 36.58
N LYS D 344 -19.91 5.15 36.35
CA LYS D 344 -19.39 6.26 35.55
C LYS D 344 -19.90 6.19 34.12
N SER D 345 -19.86 4.99 33.53
CA SER D 345 -20.23 4.85 32.12
C SER D 345 -21.74 4.94 31.93
N GLN D 346 -22.53 4.54 32.93
CA GLN D 346 -23.97 4.63 32.81
C GLN D 346 -24.42 6.08 32.71
N MET D 347 -23.83 6.97 33.50
CA MET D 347 -24.19 8.38 33.43
C MET D 347 -23.75 8.99 32.10
N LEU D 348 -22.58 8.59 31.60
CA LEU D 348 -22.12 9.10 30.32
C LEU D 348 -23.04 8.66 29.18
N GLN D 349 -23.56 7.43 29.26
CA GLN D 349 -24.51 6.99 28.25
C GLN D 349 -25.78 7.83 28.30
N PHE D 350 -26.22 8.21 29.49
CA PHE D 350 -27.39 9.08 29.62
C PHE D 350 -27.12 10.43 28.98
N ILE D 351 -25.93 10.98 29.18
CA ILE D 351 -25.60 12.30 28.65
C ILE D 351 -25.66 12.29 27.12
N SER D 352 -25.09 11.27 26.50
CA SER D 352 -25.11 11.16 25.04
C SER D 352 -26.51 10.93 24.49
N ARG D 353 -27.47 10.58 25.33
CA ARG D 353 -28.84 10.36 24.89
C ARG D 353 -29.71 11.60 25.03
N VAL D 354 -29.46 12.41 26.07
CA VAL D 354 -30.28 13.60 26.30
C VAL D 354 -29.73 14.84 25.59
N ALA D 355 -28.44 14.87 25.29
CA ALA D 355 -27.87 16.04 24.64
C ALA D 355 -28.42 16.17 23.21
N PRO D 356 -28.72 17.38 22.75
CA PRO D 356 -29.15 17.55 21.36
C PRO D 356 -28.13 17.07 20.35
N ARG D 357 -26.84 17.21 20.64
CA ARG D 357 -25.78 16.70 19.77
C ARG D 357 -24.65 16.19 20.65
N ALA D 358 -24.30 14.92 20.49
CA ALA D 358 -23.27 14.31 21.32
C ALA D 358 -22.57 13.22 20.55
N VAL D 359 -21.30 12.99 20.89
CA VAL D 359 -20.48 11.94 20.30
C VAL D 359 -19.85 11.15 21.43
N TYR D 360 -19.96 9.82 21.35
CA TYR D 360 -19.43 8.94 22.39
C TYR D 360 -18.24 8.18 21.85
N THR D 361 -17.10 8.30 22.54
CA THR D 361 -15.88 7.61 22.17
C THR D 361 -15.24 7.01 23.42
N THR D 362 -14.41 6.01 23.21
CA THR D 362 -13.64 5.39 24.28
C THR D 362 -12.16 5.63 24.06
N GLY D 363 -11.41 5.58 25.16
CA GLY D 363 -9.97 5.85 25.09
C GLY D 363 -9.23 4.82 24.27
N LYS D 364 -9.54 3.54 24.45
CA LYS D 364 -8.83 2.50 23.74
C LYS D 364 -9.27 2.39 22.28
N GLY D 365 -10.54 2.67 21.98
CA GLY D 365 -11.05 2.52 20.64
C GLY D 365 -10.89 3.77 19.79
N SER D 366 -10.03 4.69 20.20
CA SER D 366 -9.83 5.94 19.47
C SER D 366 -8.34 6.24 19.38
N THR D 367 -7.98 6.98 18.34
CA THR D 367 -6.60 7.42 18.11
C THR D 367 -6.57 8.94 18.00
N ALA D 368 -5.35 9.48 17.95
CA ALA D 368 -5.20 10.93 17.80
C ALA D 368 -5.76 11.41 16.47
N ALA D 369 -5.51 10.66 15.40
CA ALA D 369 -6.06 11.02 14.10
C ALA D 369 -7.58 10.94 14.09
N GLY D 370 -8.14 9.90 14.73
CA GLY D 370 -9.58 9.74 14.74
C GLY D 370 -10.30 10.73 15.65
N LEU D 371 -9.59 11.31 16.60
CA LEU D 371 -10.21 12.26 17.52
C LEU D 371 -10.27 13.68 16.99
N THR D 372 -9.28 14.09 16.20
CA THR D 372 -9.20 15.46 15.71
C THR D 372 -9.38 15.55 14.20
N ALA D 373 -8.53 14.89 13.43
CA ALA D 373 -8.58 14.95 11.97
C ALA D 373 -7.56 13.95 11.42
N ALA D 374 -7.85 13.44 10.23
CA ALA D 374 -6.99 12.47 9.58
C ALA D 374 -6.72 12.89 8.14
N VAL D 375 -5.48 12.69 7.70
CA VAL D 375 -5.09 12.95 6.32
C VAL D 375 -5.15 11.64 5.56
N VAL D 376 -6.02 11.57 4.56
CA VAL D 376 -6.22 10.36 3.78
C VAL D 376 -6.10 10.69 2.30
N ARG D 377 -5.76 9.67 1.52
CA ARG D 377 -5.59 9.79 0.08
C ARG D 377 -6.86 9.34 -0.62
N GLU D 378 -7.34 10.16 -1.54
CA GLU D 378 -8.49 9.77 -2.38
C GLU D 378 -7.95 9.00 -3.58
N LYS D 379 -8.26 7.70 -3.63
CA LYS D 379 -7.73 6.85 -4.69
C LYS D 379 -8.26 7.24 -6.07
N GLY D 380 -9.33 8.04 -6.13
CA GLY D 380 -9.79 8.53 -7.42
C GLY D 380 -8.77 9.43 -8.09
N THR D 381 -8.10 10.27 -7.31
CA THR D 381 -7.08 11.18 -7.83
C THR D 381 -5.73 11.06 -7.15
N GLY D 382 -5.62 10.32 -6.05
CA GLY D 382 -4.35 10.20 -5.35
C GLY D 382 -3.98 11.40 -4.51
N GLU D 383 -4.89 12.33 -4.30
CA GLU D 383 -4.61 13.57 -3.58
C GLU D 383 -5.02 13.44 -2.12
N TYR D 384 -4.14 13.89 -1.23
CA TYR D 384 -4.44 13.90 0.19
C TYR D 384 -5.51 14.94 0.49
N TYR D 385 -6.34 14.64 1.48
CA TYR D 385 -7.37 15.58 1.93
C TYR D 385 -7.74 15.24 3.36
N LEU D 386 -8.39 16.19 4.02
CA LEU D 386 -8.70 16.08 5.44
C LEU D 386 -10.02 15.37 5.68
N GLU D 387 -10.10 14.68 6.81
CA GLU D 387 -11.33 14.04 7.27
C GLU D 387 -11.61 14.48 8.70
N ALA D 388 -12.87 14.79 8.97
CA ALA D 388 -13.24 15.30 10.29
C ALA D 388 -13.11 14.22 11.34
N GLY D 389 -12.49 14.56 12.47
CA GLY D 389 -12.38 13.65 13.59
C GLY D 389 -13.57 13.73 14.51
N ALA D 390 -13.45 13.06 15.66
CA ALA D 390 -14.54 13.03 16.61
C ALA D 390 -14.88 14.42 17.15
N LEU D 391 -13.84 15.20 17.47
CA LEU D 391 -14.08 16.52 18.05
C LEU D 391 -14.68 17.49 17.04
N VAL D 392 -14.24 17.39 15.78
CA VAL D 392 -14.79 18.28 14.75
C VAL D 392 -16.26 17.97 14.50
N LEU D 393 -16.61 16.69 14.42
CA LEU D 393 -18.01 16.32 14.22
C LEU D 393 -18.88 16.70 15.41
N ALA D 394 -18.29 16.87 16.59
CA ALA D 394 -19.03 17.24 17.78
C ALA D 394 -19.10 18.76 17.99
N ASP D 395 -18.62 19.54 17.02
CA ASP D 395 -18.60 20.99 17.17
C ASP D 395 -20.01 21.52 17.43
N GLY D 396 -20.13 22.36 18.45
CA GLY D 396 -21.42 22.86 18.88
C GLY D 396 -22.18 21.92 19.80
N GLY D 397 -21.63 20.76 20.12
CA GLY D 397 -22.30 19.78 20.95
C GLY D 397 -21.40 19.37 22.11
N ILE D 398 -21.43 18.07 22.40
CA ILE D 398 -20.70 17.51 23.53
C ILE D 398 -19.91 16.29 23.04
N ALA D 399 -18.64 16.22 23.43
CA ALA D 399 -17.79 15.07 23.14
C ALA D 399 -17.55 14.30 24.42
N VAL D 400 -17.86 13.01 24.40
CA VAL D 400 -17.73 12.14 25.57
C VAL D 400 -16.59 11.17 25.32
N ILE D 401 -15.62 11.14 26.22
CA ILE D 401 -14.47 10.25 26.12
C ILE D 401 -14.46 9.37 27.37
N ASP D 402 -14.55 8.06 27.16
CA ASP D 402 -14.52 7.10 28.25
C ASP D 402 -13.16 6.43 28.32
N GLU D 403 -12.76 6.06 29.54
CA GLU D 403 -11.46 5.46 29.80
C GLU D 403 -10.33 6.37 29.28
N ILE D 404 -10.33 7.60 29.80
CA ILE D 404 -9.32 8.57 29.40
C ILE D 404 -7.93 8.12 29.84
N ASP D 405 -7.84 7.35 30.91
CA ASP D 405 -6.54 6.91 31.41
C ASP D 405 -5.93 5.80 30.56
N LYS D 406 -6.73 5.13 29.73
CA LYS D 406 -6.22 4.04 28.91
C LYS D 406 -5.51 4.53 27.66
N MET D 407 -5.69 5.79 27.27
CA MET D 407 -5.00 6.32 26.11
C MET D 407 -3.52 6.49 26.40
N ARG D 408 -2.70 6.32 25.36
CA ARG D 408 -1.29 6.60 25.49
C ARG D 408 -1.07 8.09 25.72
N ASP D 409 -0.14 8.42 26.63
CA ASP D 409 0.06 9.81 27.00
C ASP D 409 0.54 10.64 25.81
N GLU D 410 1.41 10.06 24.98
CA GLU D 410 1.85 10.75 23.77
C GLU D 410 0.69 10.95 22.79
N ASP D 411 -0.35 10.13 22.88
CA ASP D 411 -1.51 10.28 22.01
C ASP D 411 -2.57 11.20 22.59
N ARG D 412 -2.65 11.30 23.91
CA ARG D 412 -3.67 12.11 24.55
C ARG D 412 -3.42 13.61 24.41
N VAL D 413 -2.16 14.03 24.23
CA VAL D 413 -1.86 15.45 24.14
C VAL D 413 -2.38 16.11 22.87
N ALA D 414 -2.94 15.32 21.94
CA ALA D 414 -3.45 15.90 20.70
C ALA D 414 -4.70 16.72 20.92
N ILE D 415 -5.35 16.60 22.08
CA ILE D 415 -6.59 17.33 22.34
C ILE D 415 -6.35 18.56 23.21
N HIS D 416 -5.08 18.90 23.48
CA HIS D 416 -4.80 20.08 24.29
C HIS D 416 -5.27 21.35 23.58
N GLU D 417 -5.02 21.45 22.27
CA GLU D 417 -5.42 22.64 21.54
C GLU D 417 -6.94 22.74 21.43
N ALA D 418 -7.59 21.65 21.07
CA ALA D 418 -9.05 21.66 20.93
C ALA D 418 -9.76 21.90 22.24
N MET D 419 -9.12 21.58 23.38
CA MET D 419 -9.78 21.76 24.67
C MET D 419 -9.83 23.22 25.09
N GLU D 420 -8.87 24.04 24.65
CA GLU D 420 -8.80 25.43 25.05
C GLU D 420 -9.05 26.40 23.90
N GLN D 421 -8.27 26.29 22.82
CA GLN D 421 -8.49 27.16 21.67
C GLN D 421 -9.64 26.69 20.78
N GLN D 422 -10.15 25.48 21.01
CA GLN D 422 -11.30 24.95 20.28
C GLN D 422 -11.04 24.93 18.77
N THR D 423 -9.81 24.61 18.39
CA THR D 423 -9.44 24.49 16.98
C THR D 423 -8.49 23.31 16.82
N VAL D 424 -8.42 22.81 15.59
CA VAL D 424 -7.51 21.73 15.23
C VAL D 424 -6.65 22.22 14.07
N SER D 425 -5.33 22.16 14.25
CA SER D 425 -4.37 22.58 13.25
C SER D 425 -3.59 21.38 12.75
N ILE D 426 -3.53 21.22 11.42
CA ILE D 426 -2.86 20.09 10.80
C ILE D 426 -1.83 20.62 9.81
N ALA D 427 -0.61 20.10 9.91
CA ALA D 427 0.46 20.41 8.95
C ALA D 427 1.11 19.07 8.59
N LYS D 428 0.55 18.40 7.59
CA LYS D 428 0.99 17.07 7.21
C LYS D 428 0.84 16.88 5.72
N ALA D 429 1.86 16.29 5.09
CA ALA D 429 1.81 15.87 3.69
C ALA D 429 1.37 17.00 2.77
N GLY D 430 1.91 18.19 3.01
CA GLY D 430 1.60 19.32 2.16
C GLY D 430 0.25 19.95 2.39
N ILE D 431 -0.43 19.62 3.49
CA ILE D 431 -1.73 20.19 3.81
C ILE D 431 -1.57 21.00 5.09
N VAL D 432 -1.94 22.28 5.02
CA VAL D 432 -1.97 23.16 6.18
C VAL D 432 -3.38 23.72 6.28
N ALA D 433 -4.08 23.37 7.37
CA ALA D 433 -5.48 23.74 7.49
C ALA D 433 -5.85 23.87 8.96
N LYS D 434 -6.96 24.57 9.20
CA LYS D 434 -7.49 24.78 10.53
C LYS D 434 -8.97 24.45 10.53
N LEU D 435 -9.45 23.88 11.63
CA LEU D 435 -10.84 23.48 11.76
C LEU D 435 -11.38 23.91 13.12
N ASN D 436 -12.70 24.07 13.19
CA ASN D 436 -13.35 24.48 14.43
C ASN D 436 -13.82 23.26 15.20
N ALA D 437 -13.49 23.21 16.49
CA ALA D 437 -13.84 22.09 17.36
C ALA D 437 -14.42 22.59 18.67
N ARG D 438 -15.37 23.52 18.58
CA ARG D 438 -16.00 24.10 19.76
C ARG D 438 -16.98 23.08 20.32
N ALA D 439 -16.48 22.24 21.22
CA ALA D 439 -17.29 21.20 21.84
C ALA D 439 -16.86 20.98 23.28
N ALA D 440 -17.82 20.68 24.14
CA ALA D 440 -17.53 20.35 25.52
C ALA D 440 -17.02 18.92 25.63
N VAL D 441 -16.06 18.70 26.52
CA VAL D 441 -15.41 17.41 26.69
C VAL D 441 -15.73 16.89 28.08
N ILE D 442 -16.29 15.69 28.15
CA ILE D 442 -16.55 15.00 29.42
C ILE D 442 -15.77 13.70 29.40
N ALA D 443 -14.92 13.51 30.39
CA ALA D 443 -14.01 12.37 30.43
C ALA D 443 -14.17 11.60 31.73
N ALA D 444 -13.96 10.29 31.66
CA ALA D 444 -14.02 9.42 32.82
C ALA D 444 -12.86 8.44 32.76
N GLY D 445 -12.45 7.96 33.93
CA GLY D 445 -11.35 7.02 33.99
C GLY D 445 -11.18 6.48 35.40
N ASN D 446 -10.22 5.58 35.53
CA ASN D 446 -9.89 4.94 36.79
C ASN D 446 -8.61 5.53 37.35
N PRO D 447 -8.39 5.40 38.66
CA PRO D 447 -7.11 5.85 39.24
C PRO D 447 -5.94 5.03 38.73
N LYS D 448 -4.73 5.37 39.19
CA LYS D 448 -3.53 4.73 38.66
C LYS D 448 -3.52 3.23 38.94
N PHE D 449 -3.95 2.83 40.13
CA PHE D 449 -3.92 1.42 40.54
C PHE D 449 -5.29 0.78 40.47
N GLY D 450 -6.11 1.15 39.49
CA GLY D 450 -7.42 0.57 39.36
C GLY D 450 -8.41 1.14 40.35
N ARG D 451 -8.14 0.95 41.64
CA ARG D 451 -8.96 1.48 42.70
C ARG D 451 -8.18 2.55 43.46
N TYR D 452 -8.93 3.48 44.07
CA TYR D 452 -8.29 4.56 44.81
C TYR D 452 -7.63 4.01 46.08
N ILE D 453 -6.42 4.50 46.34
CA ILE D 453 -5.67 4.12 47.54
C ILE D 453 -5.46 5.37 48.38
N SER D 454 -5.94 5.34 49.62
CA SER D 454 -5.83 6.50 50.49
C SER D 454 -4.42 6.71 51.01
N GLU D 455 -3.59 5.67 51.02
CA GLU D 455 -2.23 5.81 51.52
C GLU D 455 -1.41 6.72 50.62
N ARG D 456 -1.53 6.55 49.31
CA ARG D 456 -0.79 7.37 48.37
C ARG D 456 -1.37 8.77 48.29
N PRO D 457 -0.57 9.76 47.92
CA PRO D 457 -1.12 11.12 47.74
C PRO D 457 -2.02 11.20 46.53
N VAL D 458 -2.79 12.29 46.47
CA VAL D 458 -3.73 12.49 45.37
C VAL D 458 -3.01 12.62 44.04
N SER D 459 -1.77 13.12 44.06
CA SER D 459 -1.06 13.42 42.82
C SER D 459 -0.84 12.15 41.99
N ASP D 460 -0.30 11.10 42.61
CA ASP D 460 0.00 9.88 41.86
C ASP D 460 -1.22 8.98 41.69
N ASN D 461 -2.29 9.20 42.45
CA ASN D 461 -3.51 8.43 42.22
C ASN D 461 -4.16 8.80 40.90
N ILE D 462 -4.23 10.09 40.59
CA ILE D 462 -4.85 10.53 39.34
C ILE D 462 -3.97 10.16 38.15
N ASN D 463 -2.66 10.40 38.27
CA ASN D 463 -1.70 10.06 37.22
C ASN D 463 -2.02 10.76 35.91
N LEU D 464 -2.07 12.09 35.97
CA LEU D 464 -2.26 12.91 34.79
C LEU D 464 -1.37 14.14 34.90
N PRO D 465 -0.87 14.65 33.76
CA PRO D 465 -0.01 15.83 33.81
C PRO D 465 -0.79 17.05 34.25
N PRO D 466 -0.12 18.03 34.86
CA PRO D 466 -0.82 19.26 35.28
C PRO D 466 -1.41 20.05 34.12
N THR D 467 -0.86 19.90 32.90
CA THR D 467 -1.35 20.69 31.79
C THR D 467 -2.79 20.33 31.43
N ILE D 468 -3.08 19.03 31.34
CA ILE D 468 -4.45 18.61 31.02
C ILE D 468 -5.39 18.91 32.17
N LEU D 469 -4.91 18.79 33.42
CA LEU D 469 -5.78 19.01 34.57
C LEU D 469 -6.26 20.45 34.63
N SER D 470 -5.41 21.40 34.26
CA SER D 470 -5.81 22.80 34.28
C SER D 470 -6.91 23.11 33.27
N ARG D 471 -7.06 22.28 32.24
CA ARG D 471 -8.06 22.52 31.22
C ARG D 471 -9.46 22.06 31.63
N PHE D 472 -9.60 21.42 32.78
CA PHE D 472 -10.88 20.91 33.23
C PHE D 472 -11.48 21.86 34.26
N ASP D 473 -12.71 22.30 34.02
CA ASP D 473 -13.36 23.22 34.94
C ASP D 473 -13.63 22.57 36.29
N LEU D 474 -14.07 21.31 36.28
CA LEU D 474 -14.38 20.60 37.51
C LEU D 474 -13.83 19.18 37.43
N ILE D 475 -13.31 18.70 38.56
CA ILE D 475 -12.79 17.34 38.68
C ILE D 475 -13.42 16.71 39.91
N PHE D 476 -13.96 15.51 39.76
CA PHE D 476 -14.57 14.79 40.87
C PHE D 476 -13.95 13.42 41.01
N ILE D 477 -13.70 13.01 42.25
CA ILE D 477 -13.11 11.71 42.56
C ILE D 477 -14.17 10.88 43.27
N LEU D 478 -14.48 9.72 42.71
CA LEU D 478 -15.48 8.82 43.25
C LEU D 478 -14.80 7.67 43.97
N LYS D 479 -15.16 7.47 45.23
CA LYS D 479 -14.59 6.41 46.05
C LYS D 479 -15.69 5.40 46.40
N ASP D 480 -15.44 4.13 46.09
CA ASP D 480 -16.38 3.05 46.40
C ASP D 480 -16.03 2.51 47.78
N GLN D 481 -16.63 3.11 48.80
CA GLN D 481 -16.36 2.73 50.18
C GLN D 481 -17.60 2.02 50.74
N PRO D 482 -17.57 0.70 50.90
CA PRO D 482 -18.72 0.00 51.47
C PRO D 482 -18.99 0.41 52.91
N GLY D 483 -20.12 1.06 53.15
CA GLY D 483 -20.50 1.54 54.47
C GLY D 483 -21.91 1.13 54.81
N GLU D 484 -22.66 2.08 55.39
CA GLU D 484 -24.02 1.83 55.83
C GLU D 484 -25.06 2.11 54.74
N GLN D 485 -24.64 2.67 53.61
CA GLN D 485 -25.57 2.99 52.54
C GLN D 485 -25.76 1.85 51.55
N ASP D 486 -25.16 0.68 51.82
CA ASP D 486 -25.30 -0.44 50.90
C ASP D 486 -26.75 -0.90 50.81
N ARG D 487 -27.46 -0.94 51.95
CA ARG D 487 -28.85 -1.38 51.93
C ARG D 487 -29.72 -0.45 51.11
N GLU D 488 -29.53 0.87 51.26
CA GLU D 488 -30.29 1.81 50.46
C GLU D 488 -29.95 1.68 48.98
N LEU D 489 -28.67 1.52 48.66
CA LEU D 489 -28.27 1.32 47.27
C LEU D 489 -28.85 0.03 46.70
N ALA D 490 -28.80 -1.05 47.49
CA ALA D 490 -29.32 -2.33 47.01
C ALA D 490 -30.81 -2.26 46.75
N ASN D 491 -31.57 -1.63 47.64
CA ASN D 491 -33.01 -1.51 47.45
C ASN D 491 -33.33 -0.69 46.21
N TYR D 492 -32.56 0.38 45.97
CA TYR D 492 -32.80 1.21 44.79
C TYR D 492 -32.59 0.43 43.50
N ILE D 493 -31.50 -0.35 43.43
CA ILE D 493 -31.19 -1.08 42.21
C ILE D 493 -32.26 -2.13 41.93
N LEU D 494 -32.69 -2.87 42.97
CA LEU D 494 -33.70 -3.90 42.77
C LEU D 494 -35.02 -3.29 42.31
N ASP D 495 -35.36 -2.10 42.81
CA ASP D 495 -36.57 -1.43 42.35
C ASP D 495 -36.48 -1.09 40.88
N VAL D 496 -35.30 -0.68 40.41
CA VAL D 496 -35.12 -0.39 38.99
C VAL D 496 -35.35 -1.64 38.16
N HIS D 497 -34.80 -2.77 38.59
CA HIS D 497 -35.00 -4.02 37.87
C HIS D 497 -36.44 -4.50 37.92
N SER D 498 -37.23 -4.03 38.88
CA SER D 498 -38.62 -4.43 39.01
C SER D 498 -39.58 -3.53 38.26
N GLY D 499 -39.06 -2.55 37.51
CA GLY D 499 -39.90 -1.65 36.74
C GLY D 499 -40.33 -0.40 37.47
N LYS D 500 -40.03 -0.28 38.76
CA LYS D 500 -40.38 0.93 39.49
C LYS D 500 -39.57 2.12 38.98
N SER D 501 -40.24 3.27 38.84
CA SER D 501 -39.61 4.46 38.31
C SER D 501 -39.91 5.65 39.21
N THR D 502 -38.94 6.56 39.30
CA THR D 502 -39.13 7.78 40.06
C THR D 502 -40.15 8.69 39.39
N LYS D 503 -40.91 9.40 40.20
CA LYS D 503 -41.92 10.32 39.71
C LYS D 503 -41.45 11.77 39.84
N ASN D 504 -42.21 12.67 39.23
CA ASN D 504 -41.86 14.09 39.17
C ASN D 504 -40.51 14.31 38.50
N ILE D 505 -40.24 13.52 37.45
CA ILE D 505 -39.02 13.61 36.67
C ILE D 505 -39.37 14.14 35.29
N ILE D 506 -38.62 15.13 34.82
CA ILE D 506 -38.76 15.60 33.45
C ILE D 506 -38.21 14.53 32.52
N ASP D 507 -39.03 14.06 31.59
CA ASP D 507 -38.63 12.96 30.73
C ASP D 507 -37.61 13.44 29.70
N ILE D 508 -37.00 12.46 29.01
CA ILE D 508 -35.89 12.75 28.12
C ILE D 508 -36.33 13.68 26.99
N ASP D 509 -37.48 13.40 26.38
CA ASP D 509 -37.87 14.10 25.16
C ASP D 509 -38.05 15.59 25.42
N THR D 510 -38.77 15.95 26.49
CA THR D 510 -38.98 17.36 26.78
C THR D 510 -37.73 18.00 27.37
N LEU D 511 -36.92 17.23 28.11
CA LEU D 511 -35.69 17.78 28.65
C LEU D 511 -34.71 18.15 27.54
N ARG D 512 -34.64 17.33 26.49
CA ARG D 512 -33.75 17.64 25.38
C ARG D 512 -34.18 18.93 24.68
N LYS D 513 -35.50 19.11 24.50
CA LYS D 513 -35.99 20.34 23.89
C LYS D 513 -35.70 21.55 24.77
N TYR D 514 -35.80 21.38 26.09
CA TYR D 514 -35.52 22.48 27.01
C TYR D 514 -34.08 22.95 26.89
N ILE D 515 -33.13 22.01 26.80
CA ILE D 515 -31.73 22.39 26.68
C ILE D 515 -31.48 23.10 25.35
N ALA D 516 -32.06 22.60 24.26
CA ALA D 516 -31.84 23.22 22.96
C ALA D 516 -32.36 24.65 22.93
N TYR D 517 -33.53 24.90 23.51
CA TYR D 517 -34.07 26.25 23.56
C TYR D 517 -33.18 27.18 24.38
N ALA D 518 -32.69 26.70 25.53
CA ALA D 518 -31.89 27.55 26.40
C ALA D 518 -30.57 27.94 25.74
N ARG D 519 -29.93 26.98 25.06
CA ARG D 519 -28.65 27.25 24.42
C ARG D 519 -28.76 28.19 23.23
N LYS D 520 -29.97 28.48 22.77
CA LYS D 520 -30.17 29.28 21.57
C LYS D 520 -30.63 30.71 21.84
N TYR D 521 -31.53 30.90 22.81
CA TYR D 521 -32.18 32.19 23.00
C TYR D 521 -31.84 32.83 24.34
N VAL D 522 -30.88 32.30 25.10
CA VAL D 522 -30.53 32.81 26.41
C VAL D 522 -29.06 33.18 26.41
N THR D 523 -28.75 34.39 26.88
CA THR D 523 -27.37 34.87 26.96
C THR D 523 -27.24 35.74 28.20
N PRO D 524 -26.94 35.15 29.35
CA PRO D 524 -26.88 35.93 30.59
C PRO D 524 -25.72 36.91 30.59
N LYS D 525 -25.87 37.97 31.37
CA LYS D 525 -24.86 38.99 31.53
C LYS D 525 -24.43 39.07 32.99
N ILE D 526 -23.18 39.43 33.21
CA ILE D 526 -22.62 39.53 34.55
C ILE D 526 -22.99 40.87 35.16
N THR D 527 -23.48 40.86 36.39
CA THR D 527 -23.81 42.07 37.12
C THR D 527 -22.67 42.46 38.05
N SER D 528 -22.76 43.67 38.60
CA SER D 528 -21.70 44.18 39.46
C SER D 528 -21.59 43.36 40.74
N GLU D 529 -22.72 43.00 41.34
CA GLU D 529 -22.67 42.23 42.59
C GLU D 529 -22.06 40.86 42.37
N ALA D 530 -22.37 40.22 41.25
CA ALA D 530 -21.76 38.92 40.95
C ALA D 530 -20.28 39.07 40.64
N LYS D 531 -19.88 40.19 40.02
CA LYS D 531 -18.48 40.40 39.69
C LYS D 531 -17.63 40.47 40.95
N ASN D 532 -18.12 41.15 41.98
CA ASN D 532 -17.34 41.29 43.22
C ASN D 532 -17.17 39.95 43.92
N LEU D 533 -18.23 39.14 43.96
CA LEU D 533 -18.13 37.85 44.65
C LEU D 533 -17.13 36.94 43.97
N ILE D 534 -17.15 36.89 42.64
CA ILE D 534 -16.23 36.02 41.91
C ILE D 534 -14.79 36.46 42.13
N THR D 535 -14.54 37.77 42.09
CA THR D 535 -13.19 38.28 42.29
C THR D 535 -12.67 37.92 43.67
N ASP D 536 -13.50 38.06 44.69
CA ASP D 536 -13.06 37.79 46.05
C ASP D 536 -12.67 36.33 46.23
N PHE D 537 -13.47 35.41 45.68
CA PHE D 537 -13.16 33.99 45.82
C PHE D 537 -11.88 33.63 45.08
N PHE D 538 -11.69 34.15 43.87
CA PHE D 538 -10.50 33.82 43.11
C PHE D 538 -9.23 34.30 43.79
N VAL D 539 -9.25 35.53 44.33
CA VAL D 539 -8.08 36.05 45.03
C VAL D 539 -7.77 35.18 46.24
N GLU D 540 -8.79 34.82 47.01
CA GLU D 540 -8.58 33.98 48.18
C GLU D 540 -8.20 32.56 47.78
N MET D 541 -8.69 32.07 46.64
CA MET D 541 -8.33 30.74 46.17
C MET D 541 -6.85 30.67 45.83
N ARG D 542 -6.31 31.72 45.22
CA ARG D 542 -4.90 31.72 44.83
C ARG D 542 -3.98 31.65 46.06
N LYS D 543 -4.35 32.36 47.13
CA LYS D 543 -3.53 32.36 48.33
C LYS D 543 -3.43 30.97 48.93
N LYS D 544 -4.54 30.22 48.93
CA LYS D 544 -4.54 28.88 49.49
C LYS D 544 -3.60 27.97 48.72
N SER D 545 -3.60 28.08 47.39
CA SER D 545 -2.72 27.26 46.57
C SER D 545 -1.25 27.56 46.87
N SER D 546 -0.91 28.85 47.01
CA SER D 546 0.47 29.21 47.32
C SER D 546 0.89 28.71 48.69
N GLU D 547 -0.05 28.57 49.62
CA GLU D 547 0.29 28.09 50.96
C GLU D 547 0.78 26.65 50.92
N THR D 548 0.18 25.81 50.09
CA THR D 548 0.52 24.40 49.99
C THR D 548 1.01 24.10 48.57
N PRO D 549 2.33 24.17 48.33
CA PRO D 549 2.87 23.90 47.00
C PRO D 549 3.11 22.41 46.73
N ASP D 550 2.10 21.59 47.06
CA ASP D 550 2.19 20.16 46.86
C ASP D 550 0.95 19.54 46.23
N SER D 551 -0.16 20.27 46.17
CA SER D 551 -1.37 19.75 45.56
C SER D 551 -1.16 19.56 44.06
N PRO D 552 -1.81 18.56 43.45
CA PRO D 552 -1.66 18.35 42.01
C PRO D 552 -2.49 19.29 41.16
N ILE D 553 -3.23 20.21 41.76
CA ILE D 553 -4.09 21.15 41.04
C ILE D 553 -3.45 22.53 41.08
N LEU D 554 -3.35 23.17 39.92
CA LEU D 554 -2.81 24.51 39.80
C LEU D 554 -3.96 25.50 39.64
N ILE D 555 -3.96 26.56 40.44
CA ILE D 555 -4.98 27.59 40.35
C ILE D 555 -4.47 28.62 39.35
N THR D 556 -4.73 28.37 38.08
CA THR D 556 -4.34 29.26 36.99
C THR D 556 -5.47 30.25 36.71
N PRO D 557 -5.23 31.24 35.85
CA PRO D 557 -6.34 32.11 35.44
C PRO D 557 -7.48 31.38 34.76
N ARG D 558 -7.25 30.17 34.25
CA ARG D 558 -8.35 29.37 33.72
C ARG D 558 -9.41 29.10 34.78
N GLN D 559 -8.99 28.96 36.03
CA GLN D 559 -9.95 28.71 37.10
C GLN D 559 -10.87 29.90 37.33
N LEU D 560 -10.36 31.11 37.14
CA LEU D 560 -11.22 32.29 37.24
C LEU D 560 -12.31 32.27 36.17
N GLU D 561 -11.94 31.92 34.94
CA GLU D 561 -12.93 31.85 33.86
C GLU D 561 -13.89 30.68 34.03
N ALA D 562 -13.48 29.64 34.75
CA ALA D 562 -14.42 28.57 35.07
C ALA D 562 -15.55 29.09 35.96
N LEU D 563 -15.23 29.98 36.89
CA LEU D 563 -16.25 30.57 37.74
C LEU D 563 -17.25 31.37 36.91
N ILE D 564 -16.76 32.13 35.94
CA ILE D 564 -17.64 32.91 35.08
C ILE D 564 -18.52 31.98 34.25
N ARG D 565 -17.94 30.92 33.69
CA ARG D 565 -18.70 30.00 32.85
C ARG D 565 -19.79 29.29 33.64
N ILE D 566 -19.46 28.84 34.86
CA ILE D 566 -20.45 28.14 35.66
C ILE D 566 -21.57 29.07 36.09
N SER D 567 -21.24 30.32 36.38
CA SER D 567 -22.26 31.29 36.77
C SER D 567 -23.25 31.53 35.63
N GLU D 568 -22.74 31.62 34.40
CA GLU D 568 -23.63 31.79 33.26
C GLU D 568 -24.53 30.59 33.07
N ALA D 569 -23.99 29.38 33.27
CA ALA D 569 -24.76 28.17 33.08
C ALA D 569 -25.92 28.09 34.06
N TYR D 570 -25.68 28.45 35.32
CA TYR D 570 -26.74 28.40 36.33
C TYR D 570 -27.88 29.35 35.96
N ALA D 571 -27.55 30.56 35.52
CA ALA D 571 -28.59 31.49 35.07
C ALA D 571 -29.29 30.96 33.82
N LYS D 572 -28.53 30.33 32.91
CA LYS D 572 -29.13 29.83 31.69
C LYS D 572 -30.09 28.67 31.96
N MET D 573 -29.87 27.93 33.05
CA MET D 573 -30.77 26.83 33.38
C MET D 573 -32.16 27.33 33.74
N ALA D 574 -32.25 28.49 34.39
CA ALA D 574 -33.52 29.09 34.75
C ALA D 574 -34.04 30.05 33.69
N LEU D 575 -33.40 30.09 32.52
CA LEU D 575 -33.80 30.96 31.42
C LEU D 575 -33.79 32.43 31.83
N LYS D 576 -32.80 32.80 32.65
CA LYS D 576 -32.64 34.17 33.11
C LYS D 576 -31.64 34.90 32.22
N ALA D 577 -31.86 36.20 32.06
CA ALA D 577 -31.03 37.01 31.18
C ALA D 577 -29.86 37.68 31.91
N GLU D 578 -29.77 37.56 33.23
CA GLU D 578 -28.70 38.18 33.99
C GLU D 578 -28.18 37.19 35.03
N VAL D 579 -26.89 37.32 35.33
CA VAL D 579 -26.27 36.54 36.40
C VAL D 579 -26.36 37.37 37.68
N THR D 580 -27.15 36.90 38.64
CA THR D 580 -27.42 37.64 39.85
C THR D 580 -26.53 37.14 40.98
N ARG D 581 -26.78 37.64 42.19
CA ARG D 581 -26.00 37.23 43.35
C ARG D 581 -26.16 35.74 43.63
N GLU D 582 -27.38 35.22 43.46
CA GLU D 582 -27.63 33.80 43.77
C GLU D 582 -26.83 32.89 42.85
N ASP D 583 -26.74 33.23 41.56
CA ASP D 583 -26.02 32.38 40.63
C ASP D 583 -24.53 32.32 40.97
N ALA D 584 -23.95 33.45 41.38
CA ALA D 584 -22.55 33.44 41.79
C ALA D 584 -22.33 32.58 43.02
N GLU D 585 -23.27 32.63 43.97
CA GLU D 585 -23.14 31.82 45.18
C GLU D 585 -23.16 30.34 44.86
N ARG D 586 -24.03 29.91 43.95
CA ARG D 586 -24.07 28.51 43.56
C ARG D 586 -22.76 28.10 42.86
N ALA D 587 -22.24 28.98 42.01
CA ALA D 587 -20.99 28.66 41.30
C ALA D 587 -19.83 28.54 42.27
N ILE D 588 -19.78 29.41 43.29
CA ILE D 588 -18.75 29.31 44.30
C ILE D 588 -18.89 28.02 45.09
N ASN D 589 -20.12 27.66 45.45
CA ASN D 589 -20.35 26.48 46.28
C ASN D 589 -19.91 25.21 45.57
N ILE D 590 -20.25 25.07 44.28
CA ILE D 590 -19.92 23.84 43.56
C ILE D 590 -18.42 23.71 43.39
N MET D 591 -17.71 24.83 43.20
CA MET D 591 -16.26 24.76 43.06
C MET D 591 -15.59 24.40 44.38
N ARG D 592 -16.20 24.78 45.51
CA ARG D 592 -15.66 24.37 46.80
C ARG D 592 -15.69 22.86 46.96
N LEU D 593 -16.77 22.22 46.50
CA LEU D 593 -16.85 20.76 46.58
C LEU D 593 -15.77 20.12 45.71
N PHE D 594 -15.52 20.67 44.53
CA PHE D 594 -14.48 20.14 43.66
C PHE D 594 -13.10 20.25 44.31
N LEU D 595 -12.82 21.40 44.92
CA LEU D 595 -11.52 21.56 45.58
C LEU D 595 -11.39 20.63 46.77
N GLU D 596 -12.47 20.44 47.53
CA GLU D 596 -12.43 19.49 48.64
C GLU D 596 -12.27 18.06 48.15
N SER D 597 -12.79 17.75 46.96
CA SER D 597 -12.68 16.40 46.43
C SER D 597 -11.22 16.02 46.16
N VAL D 598 -10.43 16.97 45.67
CA VAL D 598 -9.04 16.69 45.31
C VAL D 598 -8.14 16.97 46.50
N GLY D 599 -8.74 17.12 47.69
CA GLY D 599 -7.96 17.27 48.90
C GLY D 599 -7.43 18.65 49.18
N VAL D 600 -8.07 19.69 48.66
CA VAL D 600 -7.70 21.06 48.97
C VAL D 600 -8.68 21.60 50.00
N ASP D 601 -8.17 21.90 51.19
CA ASP D 601 -9.00 22.37 52.29
C ASP D 601 -9.34 23.83 52.05
N MET D 602 -10.62 24.10 51.79
CA MET D 602 -11.05 25.46 51.46
C MET D 602 -11.53 26.20 52.69
N GLN E 8 -51.44 -35.79 -23.13
CA GLN E 8 -50.99 -35.87 -21.75
C GLN E 8 -52.11 -35.46 -20.79
N ILE E 9 -52.31 -36.28 -19.74
CA ILE E 9 -53.35 -35.99 -18.76
C ILE E 9 -52.88 -34.87 -17.83
N ASP E 10 -53.85 -34.23 -17.19
CA ASP E 10 -53.59 -33.15 -16.26
C ASP E 10 -53.59 -33.67 -14.83
N TYR E 11 -52.98 -32.88 -13.94
CA TYR E 11 -52.86 -33.25 -12.54
C TYR E 11 -53.24 -32.15 -11.57
N ARG E 12 -53.62 -30.96 -12.07
CA ARG E 12 -54.00 -29.89 -11.16
C ARG E 12 -55.25 -30.26 -10.37
N ASP E 13 -56.13 -31.07 -10.94
CA ASP E 13 -57.26 -31.60 -10.19
C ASP E 13 -56.77 -32.49 -9.05
N VAL E 14 -55.81 -33.36 -9.32
CA VAL E 14 -55.22 -34.19 -8.27
C VAL E 14 -54.47 -33.31 -7.28
N PHE E 15 -53.75 -32.30 -7.77
CA PHE E 15 -53.04 -31.40 -6.88
C PHE E 15 -54.00 -30.67 -5.96
N ILE E 16 -55.11 -30.16 -6.52
CA ILE E 16 -56.13 -29.53 -5.69
C ILE E 16 -56.76 -30.56 -4.76
N GLU E 17 -57.02 -31.76 -5.28
CA GLU E 17 -57.57 -32.83 -4.45
C GLU E 17 -56.63 -33.18 -3.32
N PHE E 18 -55.32 -33.27 -3.60
CA PHE E 18 -54.36 -33.62 -2.58
C PHE E 18 -54.33 -32.58 -1.46
N LEU E 19 -54.43 -31.29 -1.83
CA LEU E 19 -54.38 -30.23 -0.83
C LEU E 19 -55.51 -30.34 0.18
N THR E 20 -56.66 -30.90 -0.22
CA THR E 20 -57.83 -31.00 0.63
C THR E 20 -58.05 -32.39 1.20
N THR E 21 -57.77 -33.43 0.41
CA THR E 21 -58.07 -34.80 0.81
C THR E 21 -56.92 -35.48 1.56
N PHE E 22 -55.77 -34.84 1.66
CA PHE E 22 -54.66 -35.44 2.40
C PHE E 22 -54.96 -35.45 3.88
N LYS E 23 -54.58 -36.54 4.55
CA LYS E 23 -54.75 -36.70 5.98
C LYS E 23 -53.38 -36.71 6.66
N GLY E 24 -53.20 -35.84 7.64
CA GLY E 24 -51.94 -35.74 8.35
C GLY E 24 -51.74 -36.88 9.32
N ASN E 25 -50.93 -36.61 10.35
CA ASN E 25 -50.70 -37.63 11.37
C ASN E 25 -51.98 -37.97 12.11
N ASN E 26 -52.78 -36.95 12.45
CA ASN E 26 -54.08 -37.14 13.09
C ASN E 26 -55.23 -36.81 12.14
N ASN E 27 -54.99 -36.88 10.83
CA ASN E 27 -56.00 -36.61 9.81
C ASN E 27 -56.60 -35.21 9.97
N GLN E 28 -55.75 -34.24 10.30
CA GLN E 28 -56.17 -32.86 10.52
C GLN E 28 -56.17 -32.02 9.24
N ASN E 29 -55.65 -32.55 8.13
CA ASN E 29 -55.58 -31.82 6.87
C ASN E 29 -54.79 -30.52 7.04
N LYS E 30 -53.51 -30.67 7.36
CA LYS E 30 -52.66 -29.51 7.61
C LYS E 30 -52.58 -28.58 6.40
N TYR E 31 -52.60 -29.15 5.20
CA TYR E 31 -52.50 -28.32 4.00
C TYR E 31 -53.72 -27.42 3.84
N ILE E 32 -54.90 -27.89 4.27
CA ILE E 32 -56.06 -27.00 4.33
C ILE E 32 -55.81 -25.87 5.32
N GLU E 33 -55.29 -26.22 6.49
CA GLU E 33 -54.94 -25.20 7.49
C GLU E 33 -53.85 -24.28 6.97
N ARG E 34 -52.84 -24.85 6.30
CA ARG E 34 -51.75 -24.04 5.76
C ARG E 34 -52.27 -23.04 4.74
N ILE E 35 -53.23 -23.46 3.91
CA ILE E 35 -53.85 -22.54 2.97
C ILE E 35 -54.55 -21.40 3.70
N ASN E 36 -55.24 -21.73 4.79
CA ASN E 36 -55.91 -20.70 5.58
C ASN E 36 -54.91 -19.70 6.15
N GLU E 37 -53.78 -20.19 6.65
CA GLU E 37 -52.74 -19.29 7.14
C GLU E 37 -52.20 -18.43 6.01
N LEU E 38 -52.04 -19.01 4.81
CA LEU E 38 -51.59 -18.23 3.67
C LEU E 38 -52.56 -17.10 3.34
N VAL E 39 -53.86 -17.38 3.37
CA VAL E 39 -54.86 -16.35 3.08
C VAL E 39 -54.91 -15.34 4.22
N ALA E 40 -54.84 -15.81 5.47
CA ALA E 40 -54.98 -14.92 6.61
C ALA E 40 -53.85 -13.89 6.67
N TYR E 41 -52.62 -14.32 6.44
CA TYR E 41 -51.47 -13.45 6.55
C TYR E 41 -50.92 -12.98 5.19
N ARG E 42 -51.57 -13.37 4.09
CA ARG E 42 -51.10 -13.03 2.75
C ARG E 42 -49.66 -13.50 2.54
N LYS E 43 -49.43 -14.78 2.86
CA LYS E 43 -48.07 -15.31 2.84
C LYS E 43 -47.52 -15.44 1.43
N LYS E 44 -48.37 -15.69 0.45
CA LYS E 44 -48.07 -15.75 -0.99
C LYS E 44 -47.20 -16.94 -1.38
N SER E 45 -46.73 -17.75 -0.42
CA SER E 45 -45.90 -18.91 -0.72
C SER E 45 -46.39 -20.11 0.08
N LEU E 46 -46.35 -21.29 -0.54
CA LEU E 46 -46.81 -22.52 0.08
C LEU E 46 -45.70 -23.56 0.02
N ILE E 47 -45.58 -24.34 1.10
CA ILE E 47 -44.56 -25.36 1.23
C ILE E 47 -45.23 -26.73 1.21
N ILE E 48 -44.73 -27.62 0.35
CA ILE E 48 -45.26 -28.97 0.21
C ILE E 48 -44.17 -29.97 0.53
N GLU E 49 -44.46 -30.90 1.44
CA GLU E 49 -43.54 -31.98 1.75
C GLU E 49 -43.61 -33.05 0.69
N PHE E 50 -42.45 -33.50 0.20
CA PHE E 50 -42.42 -34.50 -0.85
C PHE E 50 -42.92 -35.86 -0.36
N SER E 51 -42.71 -36.17 0.93
CA SER E 51 -43.17 -37.45 1.46
C SER E 51 -44.69 -37.58 1.43
N ASP E 52 -45.41 -36.46 1.37
CA ASP E 52 -46.87 -36.49 1.30
C ASP E 52 -47.40 -36.53 -0.13
N VAL E 53 -46.53 -36.38 -1.13
CA VAL E 53 -46.98 -36.40 -2.52
C VAL E 53 -46.99 -37.80 -3.08
N LEU E 54 -45.86 -38.52 -2.97
CA LEU E 54 -45.82 -39.90 -3.48
C LEU E 54 -46.72 -40.81 -2.65
N SER E 55 -46.89 -40.53 -1.36
CA SER E 55 -47.85 -41.30 -0.56
C SER E 55 -49.27 -41.11 -1.08
N PHE E 56 -49.64 -39.86 -1.38
CA PHE E 56 -50.96 -39.61 -1.97
C PHE E 56 -51.02 -40.15 -3.39
N ASN E 57 -50.01 -39.85 -4.21
CA ASN E 57 -49.97 -40.32 -5.59
C ASN E 57 -48.53 -40.34 -6.04
N GLU E 58 -47.96 -41.55 -6.20
CA GLU E 58 -46.56 -41.65 -6.60
C GLU E 58 -46.35 -41.09 -8.00
N ASN E 59 -47.35 -41.17 -8.87
CA ASN E 59 -47.21 -40.65 -10.23
C ASN E 59 -46.96 -39.15 -10.22
N LEU E 60 -47.67 -38.42 -9.35
CA LEU E 60 -47.48 -36.98 -9.27
C LEU E 60 -46.08 -36.62 -8.78
N ALA E 61 -45.43 -37.52 -8.05
CA ALA E 61 -44.12 -37.21 -7.51
C ALA E 61 -43.06 -37.11 -8.61
N TYR E 62 -43.03 -38.09 -9.51
CA TYR E 62 -41.97 -38.12 -10.52
C TYR E 62 -42.09 -36.96 -11.50
N GLU E 63 -43.31 -36.69 -11.98
CA GLU E 63 -43.48 -35.61 -12.95
C GLU E 63 -43.12 -34.26 -12.35
N ILE E 64 -43.35 -34.08 -11.06
CA ILE E 64 -42.89 -32.86 -10.38
C ILE E 64 -41.36 -32.80 -10.40
N ILE E 65 -40.71 -33.93 -10.10
CA ILE E 65 -39.25 -33.96 -10.05
C ILE E 65 -38.66 -33.81 -11.45
N ASN E 66 -39.18 -34.56 -12.42
CA ASN E 66 -38.57 -34.61 -13.73
C ASN E 66 -38.94 -33.37 -14.56
N ASN E 67 -40.22 -33.17 -14.83
CA ASN E 67 -40.68 -32.04 -15.63
C ASN E 67 -40.99 -30.83 -14.75
N THR E 68 -40.04 -30.45 -13.91
CA THR E 68 -40.26 -29.36 -12.96
C THR E 68 -40.49 -28.04 -13.68
N LYS E 69 -39.78 -27.81 -14.78
CA LYS E 69 -39.88 -26.53 -15.47
C LYS E 69 -41.27 -26.30 -16.05
N ILE E 70 -41.89 -27.35 -16.59
CA ILE E 70 -43.14 -27.21 -17.32
C ILE E 70 -44.35 -27.64 -16.49
N ILE E 71 -44.15 -27.98 -15.22
CA ILE E 71 -45.26 -28.36 -14.36
C ILE E 71 -45.45 -27.42 -13.18
N LEU E 72 -44.41 -26.72 -12.74
CA LEU E 72 -44.56 -25.78 -11.62
C LEU E 72 -45.50 -24.63 -11.94
N PRO E 73 -45.40 -23.92 -13.08
CA PRO E 73 -46.38 -22.86 -13.34
C PRO E 73 -47.80 -23.36 -13.43
N ILE E 74 -48.02 -24.59 -13.91
CA ILE E 74 -49.37 -25.13 -14.02
C ILE E 74 -49.99 -25.33 -12.64
N LEU E 75 -49.23 -25.96 -11.73
CA LEU E 75 -49.76 -26.20 -10.38
C LEU E 75 -49.98 -24.90 -9.64
N GLU E 76 -49.07 -23.94 -9.78
CA GLU E 76 -49.22 -22.66 -9.09
C GLU E 76 -50.44 -21.89 -9.59
N GLY E 77 -50.69 -21.96 -10.91
CA GLY E 77 -51.87 -21.30 -11.45
C GLY E 77 -53.16 -21.88 -10.91
N ALA E 78 -53.22 -23.21 -10.77
CA ALA E 78 -54.41 -23.84 -10.24
C ALA E 78 -54.65 -23.44 -8.79
N LEU E 79 -53.58 -23.36 -7.99
CA LEU E 79 -53.73 -22.98 -6.59
C LEU E 79 -54.23 -21.54 -6.47
N TYR E 80 -53.81 -20.67 -7.38
CA TYR E 80 -54.25 -19.28 -7.35
C TYR E 80 -55.76 -19.18 -7.49
N ASP E 81 -56.34 -19.96 -8.41
CA ASP E 81 -57.78 -19.97 -8.56
C ASP E 81 -58.46 -20.53 -7.31
N HIS E 82 -57.85 -21.53 -6.70
CA HIS E 82 -58.40 -22.10 -5.47
C HIS E 82 -58.42 -21.07 -4.35
N ILE E 83 -57.39 -20.24 -4.25
CA ILE E 83 -57.36 -19.18 -3.25
C ILE E 83 -58.39 -18.11 -3.58
N LEU E 84 -58.56 -17.80 -4.87
CA LEU E 84 -59.47 -16.72 -5.26
C LEU E 84 -60.90 -17.01 -4.84
N GLN E 85 -61.38 -18.24 -5.04
CA GLN E 85 -62.72 -18.59 -4.58
C GLN E 85 -62.79 -18.62 -3.06
N LEU E 86 -61.70 -19.02 -2.39
CA LEU E 86 -61.68 -19.02 -0.93
C LEU E 86 -61.73 -17.61 -0.38
N ASP E 87 -61.14 -16.65 -1.07
CA ASP E 87 -61.13 -15.25 -0.64
C ASP E 87 -60.99 -14.36 -1.86
N PRO E 88 -62.09 -13.80 -2.37
CA PRO E 88 -61.99 -12.89 -3.52
C PRO E 88 -61.07 -11.71 -3.28
N THR E 89 -61.00 -11.20 -2.05
CA THR E 89 -60.16 -10.04 -1.76
C THR E 89 -58.67 -10.35 -1.88
N TYR E 90 -58.29 -11.63 -1.99
CA TYR E 90 -56.90 -11.97 -2.26
C TYR E 90 -56.44 -11.42 -3.61
N GLN E 91 -57.37 -11.15 -4.51
CA GLN E 91 -57.05 -10.52 -5.78
C GLN E 91 -56.54 -9.10 -5.54
N ARG E 92 -55.84 -8.56 -6.54
CA ARG E 92 -55.22 -7.22 -6.53
C ARG E 92 -54.39 -6.98 -5.26
N ASP E 93 -54.00 -8.04 -4.57
CA ASP E 93 -53.04 -7.99 -3.48
C ASP E 93 -51.82 -8.85 -3.75
N ILE E 94 -52.01 -10.07 -4.24
CA ILE E 94 -50.93 -10.97 -4.62
C ILE E 94 -51.32 -11.55 -5.97
N GLU E 95 -50.70 -11.04 -7.04
CA GLU E 95 -51.08 -11.47 -8.39
C GLU E 95 -50.57 -12.88 -8.69
N LYS E 96 -49.35 -13.18 -8.26
CA LYS E 96 -48.72 -14.46 -8.54
C LYS E 96 -48.38 -15.17 -7.24
N VAL E 97 -48.66 -16.47 -7.19
CA VAL E 97 -48.41 -17.28 -6.02
C VAL E 97 -47.28 -18.26 -6.32
N HIS E 98 -46.59 -18.69 -5.28
CA HIS E 98 -45.49 -19.62 -5.39
C HIS E 98 -45.74 -20.84 -4.51
N VAL E 99 -45.27 -22.00 -4.96
CA VAL E 99 -45.33 -23.22 -4.19
C VAL E 99 -43.92 -23.79 -4.08
N ARG E 100 -43.58 -24.31 -2.91
CA ARG E 100 -42.24 -24.79 -2.61
C ARG E 100 -42.29 -26.27 -2.30
N ILE E 101 -41.35 -27.03 -2.82
CA ILE E 101 -41.25 -28.46 -2.61
C ILE E 101 -39.96 -28.74 -1.84
N VAL E 102 -40.07 -29.48 -0.75
CA VAL E 102 -38.94 -29.79 0.10
C VAL E 102 -38.82 -31.31 0.22
N GLY E 103 -37.69 -31.76 0.77
CA GLY E 103 -37.44 -33.18 0.93
C GLY E 103 -37.26 -33.93 -0.37
N ILE E 104 -36.61 -33.32 -1.35
CA ILE E 104 -36.35 -34.00 -2.62
C ILE E 104 -35.35 -35.14 -2.39
N PRO E 105 -35.60 -36.34 -2.89
CA PRO E 105 -34.64 -37.44 -2.69
C PRO E 105 -33.29 -37.21 -3.35
N ARG E 106 -33.22 -36.33 -4.35
CA ARG E 106 -31.96 -36.08 -5.07
C ARG E 106 -31.10 -35.13 -4.28
N VAL E 107 -30.12 -35.68 -3.55
CA VAL E 107 -29.15 -34.91 -2.79
C VAL E 107 -27.77 -35.21 -3.34
N ILE E 108 -27.02 -34.16 -3.68
CA ILE E 108 -25.72 -34.31 -4.30
C ILE E 108 -24.71 -33.47 -3.52
N GLU E 109 -23.57 -34.06 -3.20
CA GLU E 109 -22.49 -33.34 -2.56
C GLU E 109 -21.92 -32.27 -3.49
N LEU E 110 -21.49 -31.15 -2.90
CA LEU E 110 -21.02 -30.02 -3.69
C LEU E 110 -19.86 -30.41 -4.61
N ARG E 111 -18.90 -31.17 -4.09
CA ARG E 111 -17.73 -31.54 -4.89
C ARG E 111 -18.06 -32.53 -6.00
N LYS E 112 -19.23 -33.16 -5.97
CA LYS E 112 -19.58 -34.19 -6.93
C LYS E 112 -20.51 -33.68 -8.03
N ILE E 113 -20.72 -32.37 -8.11
CA ILE E 113 -21.60 -31.82 -9.13
C ILE E 113 -20.91 -31.90 -10.49
N ARG E 114 -21.62 -32.43 -11.48
CA ARG E 114 -21.05 -32.57 -12.82
C ARG E 114 -22.00 -32.02 -13.88
N SER E 115 -21.66 -32.23 -15.15
CA SER E 115 -22.45 -31.65 -16.24
C SER E 115 -23.85 -32.25 -16.32
N THR E 116 -24.00 -33.52 -15.93
CA THR E 116 -25.29 -34.18 -16.05
C THR E 116 -26.33 -33.64 -15.09
N ASP E 117 -25.91 -32.90 -14.06
CA ASP E 117 -26.81 -32.40 -13.04
C ASP E 117 -27.45 -31.06 -13.40
N ILE E 118 -27.05 -30.46 -14.51
CA ILE E 118 -27.58 -29.15 -14.89
C ILE E 118 -28.96 -29.33 -15.52
N GLY E 119 -29.94 -28.59 -15.03
CA GLY E 119 -31.30 -28.67 -15.54
C GLY E 119 -32.22 -29.58 -14.78
N LYS E 120 -31.83 -30.05 -13.59
CA LYS E 120 -32.64 -30.95 -12.79
C LYS E 120 -32.79 -30.40 -11.39
N LEU E 121 -33.89 -30.76 -10.73
CA LEU E 121 -34.14 -30.32 -9.37
C LEU E 121 -33.30 -31.16 -8.41
N ILE E 122 -32.41 -30.50 -7.67
CA ILE E 122 -31.50 -31.18 -6.76
C ILE E 122 -31.52 -30.46 -5.41
N THR E 123 -30.95 -31.11 -4.40
CA THR E 123 -30.89 -30.57 -3.05
C THR E 123 -29.45 -30.58 -2.57
N ILE E 124 -29.03 -29.50 -1.91
CA ILE E 124 -27.68 -29.35 -1.41
C ILE E 124 -27.74 -28.87 0.03
N ASP E 125 -26.92 -29.48 0.89
CA ASP E 125 -26.80 -29.11 2.29
C ASP E 125 -25.45 -28.43 2.51
N GLY E 126 -25.46 -27.29 3.20
CA GLY E 126 -24.23 -26.56 3.40
C GLY E 126 -24.38 -25.49 4.45
N ILE E 127 -23.43 -24.56 4.45
CA ILE E 127 -23.36 -23.48 5.42
C ILE E 127 -23.38 -22.15 4.67
N LEU E 128 -24.25 -21.25 5.10
CA LEU E 128 -24.30 -19.90 4.54
C LEU E 128 -23.15 -19.08 5.09
N VAL E 129 -22.42 -18.39 4.21
CA VAL E 129 -21.22 -17.68 4.62
C VAL E 129 -21.38 -16.17 4.42
N LYS E 130 -22.17 -15.77 3.43
CA LYS E 130 -22.35 -14.35 3.18
C LYS E 130 -23.62 -14.14 2.35
N VAL E 131 -24.28 -13.01 2.61
CA VAL E 131 -25.51 -12.64 1.92
C VAL E 131 -25.39 -11.19 1.47
N THR E 132 -25.69 -10.93 0.20
CA THR E 132 -25.70 -9.58 -0.31
C THR E 132 -27.01 -8.88 0.04
N PRO E 133 -27.01 -7.55 0.04
CA PRO E 133 -28.27 -6.82 0.29
C PRO E 133 -29.29 -7.06 -0.81
N VAL E 134 -30.55 -6.89 -0.44
CA VAL E 134 -31.65 -7.12 -1.37
C VAL E 134 -31.61 -6.09 -2.49
N LYS E 135 -31.77 -6.57 -3.73
CA LYS E 135 -31.80 -5.68 -4.88
C LYS E 135 -33.03 -5.96 -5.74
N GLU E 136 -33.11 -5.35 -6.92
CA GLU E 136 -34.25 -5.51 -7.80
C GLU E 136 -33.77 -5.97 -9.16
N ARG E 137 -34.51 -6.91 -9.76
CA ARG E 137 -34.19 -7.47 -11.07
C ARG E 137 -35.36 -7.23 -12.02
N ILE E 138 -35.05 -6.86 -13.24
CA ILE E 138 -36.06 -6.60 -14.26
C ILE E 138 -36.40 -7.91 -14.97
N TYR E 139 -37.68 -8.27 -14.99
CA TYR E 139 -38.14 -9.40 -15.76
C TYR E 139 -39.09 -9.01 -16.88
N LYS E 140 -39.50 -7.75 -16.96
CA LYS E 140 -40.33 -7.28 -18.07
C LYS E 140 -40.12 -5.77 -18.19
N ALA E 141 -39.40 -5.35 -19.23
CA ALA E 141 -39.03 -3.96 -19.40
C ALA E 141 -39.99 -3.25 -20.34
N THR E 142 -39.99 -1.92 -20.25
CA THR E 142 -40.75 -1.06 -21.15
C THR E 142 -39.81 -0.06 -21.79
N TYR E 143 -39.89 0.05 -23.11
CA TYR E 143 -39.00 0.92 -23.87
C TYR E 143 -39.80 1.93 -24.68
N LYS E 144 -39.15 3.04 -25.01
CA LYS E 144 -39.72 4.06 -25.86
C LYS E 144 -38.74 4.35 -26.99
N HIS E 145 -39.24 4.30 -28.22
CA HIS E 145 -38.40 4.53 -29.39
C HIS E 145 -38.19 6.02 -29.57
N ILE E 146 -36.96 6.48 -29.39
CA ILE E 146 -36.62 7.90 -29.52
C ILE E 146 -36.28 8.12 -30.98
N HIS E 147 -37.31 8.36 -31.78
CA HIS E 147 -37.17 8.66 -33.20
C HIS E 147 -38.40 9.48 -33.59
N PRO E 148 -38.21 10.72 -34.08
CA PRO E 148 -39.31 11.70 -34.13
C PRO E 148 -40.62 11.18 -34.70
N ASP E 149 -40.55 10.18 -35.57
CA ASP E 149 -41.75 9.61 -36.14
C ASP E 149 -42.46 8.67 -35.16
N CYS E 150 -41.70 7.93 -34.33
CA CYS E 150 -42.30 6.83 -33.58
C CYS E 150 -43.00 7.32 -32.31
N MET E 151 -42.23 7.82 -31.34
CA MET E 151 -42.75 8.17 -30.02
C MET E 151 -43.70 7.10 -29.49
N GLN E 152 -43.25 5.85 -29.56
CA GLN E 152 -44.06 4.71 -29.18
C GLN E 152 -43.44 3.98 -28.00
N GLU E 153 -44.30 3.41 -27.15
CA GLU E 153 -43.89 2.66 -25.98
C GLU E 153 -44.33 1.22 -26.12
N PHE E 154 -43.50 0.30 -25.65
CA PHE E 154 -43.80 -1.12 -25.77
C PHE E 154 -43.00 -1.89 -24.73
N GLU E 155 -43.45 -3.11 -24.46
CA GLU E 155 -42.71 -4.05 -23.62
C GLU E 155 -41.81 -4.87 -24.52
N TRP E 156 -40.49 -4.81 -24.27
CA TRP E 156 -39.56 -5.42 -25.23
C TRP E 156 -39.69 -6.94 -25.27
N PRO E 157 -39.43 -7.69 -24.19
CA PRO E 157 -39.51 -9.15 -24.32
C PRO E 157 -40.96 -9.59 -24.43
N GLU E 158 -41.37 -9.95 -25.65
CA GLU E 158 -42.75 -10.33 -25.91
C GLU E 158 -42.97 -11.80 -25.57
N ASP E 159 -44.07 -12.08 -24.89
CA ASP E 159 -44.48 -13.42 -24.48
C ASP E 159 -43.32 -14.23 -23.92
N GLU E 160 -42.39 -13.56 -23.24
CA GLU E 160 -41.21 -14.23 -22.72
C GLU E 160 -40.61 -13.36 -21.62
N GLU E 161 -40.20 -14.00 -20.53
CA GLU E 161 -39.56 -13.28 -19.45
C GLU E 161 -38.20 -12.75 -19.90
N MET E 162 -37.81 -11.62 -19.32
CA MET E 162 -36.54 -11.01 -19.68
C MET E 162 -35.39 -11.91 -19.25
N PRO E 163 -34.42 -12.18 -20.12
CA PRO E 163 -33.31 -13.05 -19.75
C PRO E 163 -32.39 -12.37 -18.75
N GLU E 164 -31.48 -13.17 -18.18
CA GLU E 164 -30.55 -12.64 -17.19
C GLU E 164 -29.63 -11.59 -17.78
N VAL E 165 -29.41 -11.63 -19.09
CA VAL E 165 -28.62 -10.61 -19.79
C VAL E 165 -29.58 -9.56 -20.31
N LEU E 166 -29.36 -8.30 -19.89
CA LEU E 166 -30.21 -7.20 -20.32
C LEU E 166 -29.96 -6.91 -21.80
N GLU E 167 -30.95 -7.19 -22.64
CA GLU E 167 -30.84 -6.96 -24.08
C GLU E 167 -31.82 -5.90 -24.52
N MET E 168 -31.34 -4.98 -25.35
CA MET E 168 -32.11 -3.88 -25.92
C MET E 168 -32.58 -4.24 -27.32
N PRO E 169 -33.80 -3.85 -27.68
CA PRO E 169 -34.26 -4.11 -29.06
C PRO E 169 -33.43 -3.34 -30.07
N THR E 170 -33.29 -3.95 -31.26
CA THR E 170 -32.60 -3.30 -32.37
C THR E 170 -33.55 -2.75 -33.41
N ILE E 171 -34.75 -3.31 -33.51
CA ILE E 171 -35.77 -2.84 -34.44
C ILE E 171 -37.04 -2.59 -33.65
N CYS E 172 -37.61 -1.41 -33.80
CA CYS E 172 -38.82 -1.07 -33.05
C CYS E 172 -39.99 -1.90 -33.57
N PRO E 173 -40.61 -2.72 -32.74
CA PRO E 173 -41.76 -3.51 -33.21
C PRO E 173 -42.92 -2.67 -33.69
N LYS E 174 -43.10 -1.47 -33.13
CA LYS E 174 -44.25 -0.65 -33.49
C LYS E 174 -44.09 -0.04 -34.88
N CYS E 175 -42.85 0.23 -35.31
CA CYS E 175 -42.61 0.85 -36.60
C CYS E 175 -41.66 0.08 -37.50
N GLY E 176 -41.02 -0.97 -37.02
CA GLY E 176 -40.11 -1.73 -37.87
C GLY E 176 -38.91 -0.94 -38.33
N LYS E 177 -38.37 -0.08 -37.48
CA LYS E 177 -37.22 0.75 -37.83
C LYS E 177 -36.17 0.69 -36.74
N PRO E 178 -34.90 0.88 -37.09
CA PRO E 178 -33.86 0.93 -36.06
C PRO E 178 -33.80 2.27 -35.37
N GLY E 179 -32.83 2.46 -34.50
CA GLY E 179 -32.69 3.72 -33.78
C GLY E 179 -32.23 3.54 -32.36
N GLN E 180 -32.61 4.47 -31.48
CA GLN E 180 -32.30 4.39 -30.07
C GLN E 180 -33.57 4.31 -29.25
N PHE E 181 -33.50 3.59 -28.13
CA PHE E 181 -34.65 3.33 -27.29
C PHE E 181 -34.33 3.74 -25.85
N ARG E 182 -35.33 4.28 -25.16
CA ARG E 182 -35.18 4.75 -23.79
C ARG E 182 -36.04 3.91 -22.86
N LEU E 183 -35.42 3.40 -21.80
CA LEU E 183 -36.16 2.60 -20.84
C LEU E 183 -37.06 3.48 -19.99
N ILE E 184 -38.24 2.95 -19.65
CA ILE E 184 -39.19 3.68 -18.81
C ILE E 184 -39.31 2.96 -17.48
N PRO E 185 -38.62 3.43 -16.43
CA PRO E 185 -38.67 2.72 -15.14
C PRO E 185 -40.06 2.65 -14.53
N GLU E 186 -40.93 3.63 -14.81
CA GLU E 186 -42.24 3.65 -14.18
C GLU E 186 -43.13 2.53 -14.69
N LYS E 187 -42.87 2.02 -15.89
CA LYS E 187 -43.66 0.95 -16.48
C LYS E 187 -42.90 -0.36 -16.57
N THR E 188 -41.88 -0.54 -15.74
CA THR E 188 -41.05 -1.74 -15.74
C THR E 188 -41.39 -2.59 -14.52
N LYS E 189 -41.59 -3.88 -14.74
CA LYS E 189 -41.92 -4.81 -13.68
C LYS E 189 -40.64 -5.36 -13.07
N LEU E 190 -40.57 -5.35 -11.74
CA LEU E 190 -39.37 -5.75 -11.01
C LEU E 190 -39.67 -6.92 -10.09
N ILE E 191 -38.62 -7.65 -9.72
CA ILE E 191 -38.71 -8.76 -8.78
C ILE E 191 -37.53 -8.66 -7.82
N ASP E 192 -37.78 -8.94 -6.55
CA ASP E 192 -36.73 -8.88 -5.55
C ASP E 192 -35.65 -9.90 -5.85
N TRP E 193 -34.40 -9.53 -5.60
CA TRP E 193 -33.25 -10.32 -6.00
C TRP E 193 -32.20 -10.27 -4.90
N GLN E 194 -31.60 -11.43 -4.61
CA GLN E 194 -30.57 -11.51 -3.59
C GLN E 194 -29.59 -12.62 -3.96
N LYS E 195 -28.31 -12.39 -3.68
CA LYS E 195 -27.26 -13.35 -3.96
C LYS E 195 -26.64 -13.82 -2.65
N ALA E 196 -26.43 -15.13 -2.53
CA ALA E 196 -25.82 -15.71 -1.34
C ALA E 196 -24.83 -16.79 -1.77
N VAL E 197 -23.87 -17.06 -0.88
CA VAL E 197 -22.84 -18.06 -1.13
C VAL E 197 -22.97 -19.14 -0.07
N ILE E 198 -22.98 -20.40 -0.51
CA ILE E 198 -23.10 -21.54 0.38
C ILE E 198 -21.75 -22.27 0.40
N GLN E 199 -21.44 -22.86 1.55
CA GLN E 199 -20.18 -23.57 1.74
C GLN E 199 -20.46 -24.96 2.30
N GLU E 200 -19.68 -25.94 1.83
CA GLU E 200 -19.84 -27.31 2.30
C GLU E 200 -19.42 -27.43 3.75
N ARG E 201 -20.10 -28.33 4.46
CA ARG E 201 -19.80 -28.55 5.87
C ARG E 201 -18.42 -29.18 6.02
N PRO E 202 -17.73 -28.90 7.13
CA PRO E 202 -16.38 -29.46 7.32
C PRO E 202 -16.36 -30.97 7.39
N GLU E 203 -17.48 -31.61 7.71
CA GLU E 203 -17.52 -33.07 7.82
C GLU E 203 -17.21 -33.73 6.49
N GLU E 204 -17.75 -33.20 5.40
CA GLU E 204 -17.61 -33.79 4.08
C GLU E 204 -16.39 -33.28 3.31
N VAL E 205 -15.65 -32.34 3.87
CA VAL E 205 -14.46 -31.83 3.19
C VAL E 205 -13.37 -32.89 3.23
N PRO E 206 -12.75 -33.23 2.08
CA PRO E 206 -11.65 -34.20 2.11
C PRO E 206 -10.45 -33.64 2.86
N SER E 207 -9.68 -34.54 3.45
CA SER E 207 -8.53 -34.15 4.24
C SER E 207 -7.49 -33.44 3.38
N GLY E 208 -6.95 -32.34 3.90
CA GLY E 208 -5.94 -31.58 3.20
C GLY E 208 -6.46 -30.63 2.14
N GLN E 209 -7.78 -30.49 2.01
CA GLN E 209 -8.38 -29.63 1.01
C GLN E 209 -9.20 -28.54 1.68
N LEU E 210 -9.23 -27.37 1.04
CA LEU E 210 -10.08 -26.29 1.51
C LEU E 210 -11.52 -26.52 1.06
N PRO E 211 -12.49 -26.09 1.87
CA PRO E 211 -13.89 -26.26 1.47
C PRO E 211 -14.23 -25.43 0.24
N ARG E 212 -15.13 -25.97 -0.57
CA ARG E 212 -15.56 -25.31 -1.79
C ARG E 212 -16.86 -24.54 -1.55
N GLN E 213 -17.19 -23.67 -2.50
CA GLN E 213 -18.33 -22.77 -2.36
C GLN E 213 -19.17 -22.80 -3.64
N LEU E 214 -20.44 -22.45 -3.48
CA LEU E 214 -21.36 -22.35 -4.60
C LEU E 214 -22.20 -21.10 -4.44
N GLU E 215 -22.54 -20.47 -5.55
CA GLU E 215 -23.35 -19.26 -5.56
C GLU E 215 -24.81 -19.62 -5.81
N ILE E 216 -25.70 -19.06 -4.99
CA ILE E 216 -27.13 -19.31 -5.10
C ILE E 216 -27.84 -17.97 -5.21
N ILE E 217 -29.02 -18.00 -5.82
CA ILE E 217 -29.81 -16.80 -6.06
C ILE E 217 -31.16 -16.98 -5.37
N LEU E 218 -31.51 -16.04 -4.50
CA LEU E 218 -32.80 -16.00 -3.85
C LEU E 218 -33.62 -14.87 -4.45
N GLU E 219 -34.86 -15.17 -4.83
CA GLU E 219 -35.72 -14.22 -5.50
C GLU E 219 -37.08 -14.16 -4.83
N ASP E 220 -37.73 -13.01 -4.94
CA ASP E 220 -39.10 -12.78 -4.44
C ASP E 220 -39.08 -12.96 -2.93
N ASP E 221 -40.01 -13.74 -2.36
CA ASP E 221 -40.14 -13.84 -0.91
C ASP E 221 -39.00 -14.60 -0.25
N LEU E 222 -38.15 -15.28 -1.03
CA LEU E 222 -37.05 -16.03 -0.45
C LEU E 222 -35.95 -15.15 0.11
N VAL E 223 -35.98 -13.84 -0.17
CA VAL E 223 -34.93 -12.96 0.30
C VAL E 223 -34.99 -12.83 1.82
N ASP E 224 -33.81 -12.68 2.44
CA ASP E 224 -33.68 -12.51 3.89
C ASP E 224 -34.31 -13.65 4.67
N SER E 225 -34.34 -14.85 4.09
CA SER E 225 -34.86 -16.02 4.77
C SER E 225 -33.80 -16.71 5.63
N ALA E 226 -32.55 -16.27 5.55
CA ALA E 226 -31.47 -16.85 6.35
C ALA E 226 -30.38 -15.81 6.49
N ARG E 227 -29.49 -16.05 7.44
CA ARG E 227 -28.39 -15.16 7.74
C ARG E 227 -27.09 -15.94 7.74
N PRO E 228 -25.95 -15.27 7.52
CA PRO E 228 -24.68 -15.99 7.43
C PRO E 228 -24.37 -16.77 8.71
N GLY E 229 -23.74 -17.92 8.53
CA GLY E 229 -23.45 -18.80 9.65
C GLY E 229 -24.54 -19.77 9.99
N ASP E 230 -25.45 -20.05 9.07
CA ASP E 230 -26.58 -20.94 9.32
C ASP E 230 -26.45 -22.20 8.49
N ARG E 231 -26.70 -23.35 9.11
CA ARG E 231 -26.77 -24.61 8.39
C ARG E 231 -28.11 -24.70 7.67
N VAL E 232 -28.07 -24.77 6.34
CA VAL E 232 -29.27 -24.70 5.53
C VAL E 232 -29.29 -25.84 4.53
N LYS E 233 -30.50 -26.20 4.10
CA LYS E 233 -30.71 -27.21 3.07
C LYS E 233 -31.50 -26.54 1.95
N VAL E 234 -30.92 -26.50 0.76
CA VAL E 234 -31.46 -25.70 -0.34
C VAL E 234 -31.78 -26.60 -1.52
N THR E 235 -32.83 -26.23 -2.25
CA THR E 235 -33.33 -27.00 -3.38
C THR E 235 -33.57 -26.06 -4.56
N GLY E 236 -33.21 -26.52 -5.76
CA GLY E 236 -33.42 -25.72 -6.95
C GLY E 236 -32.76 -26.35 -8.16
N ILE E 237 -32.50 -25.49 -9.15
CA ILE E 237 -31.97 -25.92 -10.44
C ILE E 237 -30.67 -25.17 -10.72
N LEU E 238 -29.66 -25.90 -11.19
CA LEU E 238 -28.38 -25.30 -11.53
C LEU E 238 -28.40 -24.72 -12.94
N ASP E 239 -27.53 -23.75 -13.17
CA ASP E 239 -27.41 -23.13 -14.48
C ASP E 239 -26.05 -22.47 -14.59
N ILE E 240 -25.65 -22.18 -15.83
CA ILE E 240 -24.37 -21.54 -16.09
C ILE E 240 -24.49 -20.04 -15.86
N LYS E 241 -23.41 -19.43 -15.40
CA LYS E 241 -23.39 -18.02 -15.03
C LYS E 241 -22.85 -17.20 -16.19
N GLN E 242 -23.71 -16.38 -16.80
CA GLN E 242 -23.30 -15.46 -17.85
C GLN E 242 -23.10 -14.07 -17.24
N ASP E 243 -22.04 -13.98 -16.43
CA ASP E 243 -21.79 -12.73 -15.69
C ASP E 243 -21.43 -11.59 -16.63
N SER E 244 -20.48 -11.82 -17.53
CA SER E 244 -20.03 -10.80 -18.48
C SER E 244 -19.98 -11.40 -19.88
N PRO E 245 -21.13 -11.66 -20.49
CA PRO E 245 -21.14 -12.20 -21.86
C PRO E 245 -20.52 -11.26 -22.87
N VAL E 246 -20.57 -9.94 -22.61
CA VAL E 246 -19.99 -8.98 -23.54
C VAL E 246 -18.47 -9.01 -23.55
N LYS E 247 -17.86 -9.70 -22.60
CA LYS E 247 -16.40 -9.76 -22.52
C LYS E 247 -15.89 -10.70 -23.61
N ARG E 248 -15.45 -10.11 -24.72
CA ARG E 248 -14.87 -10.89 -25.80
C ARG E 248 -13.47 -11.36 -25.41
N GLY E 249 -12.94 -12.33 -26.15
CA GLY E 249 -11.68 -12.94 -25.79
C GLY E 249 -11.79 -14.43 -25.54
N SER E 250 -12.69 -15.09 -26.26
CA SER E 250 -12.84 -16.55 -26.22
C SER E 250 -13.34 -16.93 -24.83
N ARG E 251 -12.76 -17.91 -24.16
CA ARG E 251 -13.17 -18.34 -22.83
C ARG E 251 -14.63 -18.79 -22.81
N ALA E 252 -14.88 -19.88 -23.53
CA ALA E 252 -16.19 -20.51 -23.56
C ALA E 252 -16.48 -21.31 -22.29
N VAL E 253 -15.69 -21.11 -21.24
CA VAL E 253 -15.86 -21.81 -19.98
C VAL E 253 -16.73 -20.97 -19.06
N PHE E 254 -17.73 -21.60 -18.45
CA PHE E 254 -18.70 -20.91 -17.61
C PHE E 254 -18.74 -21.55 -16.23
N ASP E 255 -19.11 -20.74 -15.23
CA ASP E 255 -19.30 -21.24 -13.88
C ASP E 255 -20.71 -21.80 -13.71
N ILE E 256 -21.03 -22.22 -12.50
CA ILE E 256 -22.32 -22.80 -12.18
C ILE E 256 -22.91 -22.10 -10.97
N TYR E 257 -24.16 -21.66 -11.09
CA TYR E 257 -24.91 -21.09 -9.98
C TYR E 257 -26.22 -21.82 -9.85
N MET E 258 -26.94 -21.54 -8.75
CA MET E 258 -28.13 -22.29 -8.38
C MET E 258 -29.32 -21.35 -8.26
N LYS E 259 -30.42 -21.73 -8.88
CA LYS E 259 -31.69 -20.99 -8.75
C LYS E 259 -32.49 -21.61 -7.62
N VAL E 260 -32.54 -20.92 -6.48
CA VAL E 260 -33.18 -21.48 -5.30
C VAL E 260 -34.69 -21.54 -5.50
N SER E 261 -35.27 -22.71 -5.22
CA SER E 261 -36.72 -22.88 -5.23
C SER E 261 -37.30 -23.04 -3.83
N SER E 262 -36.53 -23.57 -2.89
CA SER E 262 -36.98 -23.70 -1.51
C SER E 262 -35.75 -23.83 -0.62
N ILE E 263 -35.87 -23.33 0.60
CA ILE E 263 -34.76 -23.31 1.55
C ILE E 263 -35.26 -23.75 2.92
N GLU E 264 -34.49 -24.60 3.58
CA GLU E 264 -34.78 -25.07 4.93
C GLU E 264 -33.63 -24.69 5.84
N VAL E 265 -33.97 -24.15 7.02
CA VAL E 265 -32.98 -23.70 7.97
C VAL E 265 -32.91 -24.69 9.13
N SER E 266 -31.69 -25.02 9.55
CA SER E 266 -31.45 -25.95 10.64
C SER E 266 -32.06 -27.32 10.35
N SER E 273 -41.37 -26.92 14.88
CA SER E 273 -42.15 -28.15 14.96
C SER E 273 -42.94 -28.21 16.27
N GLU E 274 -44.25 -28.45 16.16
CA GLU E 274 -45.10 -28.52 17.34
C GLU E 274 -44.69 -29.69 18.24
N GLU E 275 -44.30 -30.81 17.63
CA GLU E 275 -43.87 -31.97 18.41
C GLU E 275 -42.68 -31.63 19.31
N ASP E 276 -41.80 -30.74 18.85
CA ASP E 276 -40.68 -30.31 19.68
C ASP E 276 -41.18 -29.58 20.93
N GLU E 277 -42.20 -28.73 20.77
CA GLU E 277 -42.75 -28.02 21.92
C GLU E 277 -43.31 -28.98 22.95
N LYS E 278 -44.03 -30.02 22.50
CA LYS E 278 -44.56 -31.00 23.43
C LYS E 278 -43.45 -31.71 24.20
N LYS E 279 -42.38 -32.08 23.50
CA LYS E 279 -41.25 -32.73 24.16
C LYS E 279 -40.60 -31.80 25.19
N ILE E 280 -40.42 -30.53 24.82
CA ILE E 280 -39.77 -29.59 25.73
C ILE E 280 -40.62 -29.35 26.97
N LYS E 281 -41.92 -29.16 26.79
CA LYS E 281 -42.81 -28.94 27.93
C LYS E 281 -42.85 -30.16 28.84
N ASP E 282 -42.79 -31.37 28.26
CA ASP E 282 -42.79 -32.57 29.08
C ASP E 282 -41.54 -32.66 29.95
N LEU E 283 -40.40 -32.24 29.41
CA LEU E 283 -39.16 -32.26 30.19
C LEU E 283 -39.24 -31.33 31.39
N ALA E 284 -39.83 -30.15 31.21
CA ALA E 284 -39.90 -29.17 32.29
C ALA E 284 -40.77 -29.64 33.45
N LYS E 285 -41.64 -30.63 33.22
CA LYS E 285 -42.50 -31.11 34.29
C LYS E 285 -41.74 -31.87 35.37
N ASP E 286 -40.52 -32.31 35.07
CA ASP E 286 -39.73 -33.04 36.04
C ASP E 286 -39.27 -32.11 37.16
N PRO E 287 -39.54 -32.43 38.42
CA PRO E 287 -39.05 -31.57 39.52
C PRO E 287 -37.53 -31.43 39.54
N TRP E 288 -36.80 -32.46 39.11
CA TRP E 288 -35.35 -32.42 39.09
C TRP E 288 -34.79 -32.15 37.70
N ILE E 289 -35.49 -31.32 36.91
CA ILE E 289 -35.02 -30.99 35.58
C ILE E 289 -33.70 -30.24 35.64
N ARG E 290 -33.51 -29.40 36.68
CA ARG E 290 -32.28 -28.66 36.82
C ARG E 290 -31.08 -29.61 36.98
N ASP E 291 -31.24 -30.65 37.79
CA ASP E 291 -30.16 -31.61 37.97
C ASP E 291 -29.84 -32.35 36.68
N ARG E 292 -30.88 -32.74 35.93
CA ARG E 292 -30.66 -33.46 34.67
C ARG E 292 -29.91 -32.59 33.66
N ILE E 293 -30.25 -31.31 33.58
CA ILE E 293 -29.56 -30.42 32.65
C ILE E 293 -28.10 -30.28 33.04
N ILE E 294 -27.82 -30.13 34.34
CA ILE E 294 -26.44 -30.02 34.80
C ILE E 294 -25.66 -31.29 34.47
N SER E 295 -26.25 -32.44 34.71
CA SER E 295 -25.58 -33.70 34.43
C SER E 295 -25.35 -33.91 32.94
N SER E 296 -26.09 -33.22 32.08
CA SER E 296 -25.97 -33.39 30.65
C SER E 296 -24.88 -32.52 30.03
N ILE E 297 -24.24 -31.66 30.81
CA ILE E 297 -23.20 -30.77 30.30
C ILE E 297 -21.87 -31.53 30.32
N ALA E 298 -21.35 -31.83 29.13
CA ALA E 298 -20.07 -32.52 28.95
C ALA E 298 -20.02 -33.80 29.76
N PRO E 299 -20.80 -34.82 29.39
CA PRO E 299 -20.78 -36.08 30.17
C PRO E 299 -19.43 -36.77 30.16
N SER E 300 -18.58 -36.51 29.17
CA SER E 300 -17.29 -37.19 29.07
C SER E 300 -16.27 -36.66 30.07
N ILE E 301 -16.56 -35.58 30.78
CA ILE E 301 -15.64 -34.99 31.73
C ILE E 301 -16.02 -35.44 33.13
N TYR E 302 -15.03 -35.89 33.90
CA TYR E 302 -15.26 -36.39 35.24
C TYR E 302 -15.11 -35.25 36.25
N GLY E 303 -16.08 -35.13 37.14
CA GLY E 303 -16.01 -34.10 38.17
C GLY E 303 -16.37 -32.73 37.64
N HIS E 304 -15.87 -31.71 38.33
CA HIS E 304 -16.11 -30.31 37.99
C HIS E 304 -17.61 -30.00 37.97
N TRP E 305 -18.31 -30.48 38.99
CA TRP E 305 -19.76 -30.30 39.05
C TRP E 305 -20.13 -28.82 39.18
N GLU E 306 -19.40 -28.08 40.02
CA GLU E 306 -19.69 -26.66 40.19
C GLU E 306 -19.39 -25.88 38.92
N LEU E 307 -18.35 -26.26 38.18
CA LEU E 307 -18.06 -25.60 36.91
C LEU E 307 -19.12 -25.93 35.87
N LYS E 308 -19.61 -27.17 35.86
CA LYS E 308 -20.69 -27.53 34.94
C LYS E 308 -21.95 -26.74 35.25
N GLU E 309 -22.24 -26.52 36.52
CA GLU E 309 -23.41 -25.73 36.89
C GLU E 309 -23.31 -24.31 36.37
N ALA E 310 -22.13 -23.71 36.49
CA ALA E 310 -21.94 -22.34 36.01
C ALA E 310 -22.12 -22.25 34.50
N LEU E 311 -21.60 -23.24 33.76
CA LEU E 311 -21.73 -23.22 32.31
C LEU E 311 -23.18 -23.29 31.89
N ALA E 312 -24.00 -24.04 32.62
CA ALA E 312 -25.43 -24.11 32.31
C ALA E 312 -26.09 -22.74 32.47
N LEU E 313 -25.72 -22.01 33.52
CA LEU E 313 -26.31 -20.69 33.75
C LEU E 313 -25.96 -19.74 32.62
N ALA E 314 -24.72 -19.77 32.15
CA ALA E 314 -24.31 -18.88 31.07
C ALA E 314 -25.05 -19.18 29.77
N LEU E 315 -25.42 -20.44 29.55
CA LEU E 315 -26.14 -20.79 28.33
C LEU E 315 -27.53 -20.16 28.32
N PHE E 316 -28.20 -20.12 29.47
CA PHE E 316 -29.54 -19.55 29.54
C PHE E 316 -29.49 -18.04 29.70
N GLY E 317 -28.70 -17.55 30.65
CA GLY E 317 -28.54 -16.13 30.84
C GLY E 317 -29.68 -15.51 31.63
N GLY E 318 -29.52 -14.22 31.91
CA GLY E 318 -30.51 -13.45 32.63
C GLY E 318 -31.48 -12.75 31.70
N VAL E 319 -32.19 -11.78 32.25
CA VAL E 319 -33.19 -11.01 31.52
C VAL E 319 -32.67 -9.59 31.36
N PRO E 320 -32.24 -9.18 30.17
CA PRO E 320 -31.81 -7.78 29.98
C PRO E 320 -32.98 -6.83 30.16
N LYS E 321 -32.67 -5.67 30.71
CA LYS E 321 -33.67 -4.62 30.97
C LYS E 321 -33.39 -3.45 30.05
N VAL E 322 -34.39 -3.08 29.26
CA VAL E 322 -34.31 -1.93 28.36
C VAL E 322 -35.30 -0.89 28.88
N LEU E 323 -34.78 0.24 29.33
CA LEU E 323 -35.58 1.32 29.86
C LEU E 323 -35.51 2.52 28.94
N GLU E 324 -36.40 3.50 29.19
CA GLU E 324 -36.46 4.69 28.36
C GLU E 324 -35.20 5.53 28.46
N ASP E 325 -34.39 5.35 29.51
CA ASP E 325 -33.20 6.16 29.71
C ASP E 325 -31.92 5.35 29.89
N THR E 326 -32.00 4.03 29.99
CA THR E 326 -30.80 3.23 30.22
C THR E 326 -31.03 1.81 29.75
N ARG E 327 -29.93 1.08 29.62
CA ARG E 327 -29.94 -0.34 29.27
C ARG E 327 -29.09 -1.11 30.27
N ILE E 328 -29.57 -2.28 30.68
CA ILE E 328 -28.91 -3.09 31.69
C ILE E 328 -28.56 -4.44 31.07
N ARG E 329 -27.30 -4.87 31.26
CA ARG E 329 -26.82 -6.11 30.67
C ARG E 329 -27.56 -7.31 31.26
N GLY E 330 -27.88 -8.27 30.41
CA GLY E 330 -28.53 -9.48 30.86
C GLY E 330 -27.69 -10.74 30.72
N ASP E 331 -26.53 -10.61 30.08
CA ASP E 331 -25.66 -11.75 29.87
C ASP E 331 -24.81 -12.03 31.11
N ILE E 332 -24.33 -13.27 31.20
CA ILE E 332 -23.50 -13.73 32.31
C ILE E 332 -22.13 -14.11 31.77
N HIS E 333 -21.08 -13.61 32.42
CA HIS E 333 -19.71 -13.87 32.01
C HIS E 333 -19.04 -14.81 33.00
N ILE E 334 -18.26 -15.75 32.47
CA ILE E 334 -17.60 -16.77 33.27
C ILE E 334 -16.11 -16.77 32.95
N LEU E 335 -15.28 -16.86 33.99
CA LEU E 335 -13.83 -16.95 33.84
C LEU E 335 -13.35 -18.22 34.52
N ILE E 336 -12.50 -18.98 33.83
CA ILE E 336 -11.93 -20.22 34.34
C ILE E 336 -10.42 -20.13 34.29
N ILE E 337 -9.78 -20.36 35.44
CA ILE E 337 -8.33 -20.42 35.54
C ILE E 337 -7.96 -21.79 36.08
N GLY E 338 -7.08 -22.50 35.37
CA GLY E 338 -6.74 -23.85 35.78
C GLY E 338 -5.40 -24.29 35.25
N ASP E 339 -4.88 -25.35 35.85
CA ASP E 339 -3.63 -25.94 35.42
C ASP E 339 -3.80 -26.59 34.05
N PRO E 340 -2.71 -26.75 33.30
CA PRO E 340 -2.81 -27.40 31.99
C PRO E 340 -3.32 -28.83 32.11
N GLY E 341 -4.05 -29.25 31.07
CA GLY E 341 -4.65 -30.58 31.07
C GLY E 341 -5.74 -30.77 32.09
N THR E 342 -6.60 -29.76 32.27
CA THR E 342 -7.72 -29.85 33.19
C THR E 342 -9.06 -29.83 32.46
N ALA E 343 -9.07 -30.22 31.19
CA ALA E 343 -10.28 -30.31 30.37
C ALA E 343 -10.98 -28.96 30.22
N LYS E 344 -10.20 -27.88 30.29
CA LYS E 344 -10.79 -26.56 30.04
C LYS E 344 -11.25 -26.42 28.59
N SER E 345 -10.39 -26.80 27.66
CA SER E 345 -10.74 -26.68 26.24
C SER E 345 -11.82 -27.68 25.85
N GLN E 346 -11.78 -28.88 26.42
CA GLN E 346 -12.79 -29.88 26.09
C GLN E 346 -14.18 -29.42 26.49
N MET E 347 -14.30 -28.83 27.68
CA MET E 347 -15.60 -28.33 28.12
C MET E 347 -16.05 -27.14 27.28
N LEU E 348 -15.11 -26.26 26.92
CA LEU E 348 -15.46 -25.10 26.10
C LEU E 348 -15.91 -25.53 24.71
N GLN E 349 -15.28 -26.55 24.14
CA GLN E 349 -15.70 -27.02 22.82
C GLN E 349 -17.10 -27.62 22.87
N PHE E 350 -17.48 -28.19 24.01
CA PHE E 350 -18.84 -28.71 24.16
C PHE E 350 -19.87 -27.59 24.09
N ILE E 351 -19.53 -26.41 24.61
CA ILE E 351 -20.47 -25.30 24.60
C ILE E 351 -20.82 -24.89 23.18
N SER E 352 -19.81 -24.82 22.30
CA SER E 352 -20.07 -24.41 20.92
C SER E 352 -20.98 -25.39 20.20
N ARG E 353 -20.98 -26.66 20.61
CA ARG E 353 -21.85 -27.63 19.97
C ARG E 353 -23.30 -27.46 20.39
N VAL E 354 -23.54 -27.14 21.67
CA VAL E 354 -24.91 -27.05 22.17
C VAL E 354 -25.49 -25.65 22.10
N ALA E 355 -24.65 -24.63 22.01
CA ALA E 355 -25.16 -23.27 21.94
C ALA E 355 -25.79 -23.01 20.57
N PRO E 356 -26.95 -22.34 20.51
CA PRO E 356 -27.53 -22.00 19.21
C PRO E 356 -26.62 -21.15 18.35
N ARG E 357 -25.84 -20.25 18.95
CA ARG E 357 -24.87 -19.45 18.21
C ARG E 357 -23.66 -19.23 19.10
N ALA E 358 -22.49 -19.64 18.63
CA ALA E 358 -21.27 -19.51 19.40
C ALA E 358 -20.11 -19.16 18.48
N VAL E 359 -19.12 -18.49 19.04
CA VAL E 359 -17.92 -18.08 18.32
C VAL E 359 -16.70 -18.47 19.14
N TYR E 360 -15.71 -19.06 18.48
CA TYR E 360 -14.50 -19.54 19.13
C TYR E 360 -13.30 -18.74 18.66
N THR E 361 -12.43 -18.37 19.61
CA THR E 361 -11.25 -17.58 19.30
C THR E 361 -10.16 -17.93 20.32
N THR E 362 -9.11 -18.62 19.87
CA THR E 362 -8.05 -19.04 20.77
C THR E 362 -6.81 -18.16 20.69
N GLY E 363 -6.16 -18.11 19.53
CA GLY E 363 -4.91 -17.38 19.42
C GLY E 363 -4.85 -16.37 18.29
N LYS E 364 -5.61 -16.60 17.24
CA LYS E 364 -5.59 -15.74 16.06
C LYS E 364 -6.82 -14.85 16.08
N GLY E 365 -6.61 -13.55 15.84
CA GLY E 365 -7.67 -12.59 16.05
C GLY E 365 -7.85 -12.16 17.48
N SER E 366 -6.87 -12.46 18.35
CA SER E 366 -6.93 -12.06 19.75
C SER E 366 -6.47 -10.63 19.98
N THR E 367 -6.07 -9.92 18.92
CA THR E 367 -5.71 -8.52 19.06
C THR E 367 -6.97 -7.67 19.26
N ALA E 368 -6.76 -6.39 19.54
CA ALA E 368 -7.88 -5.49 19.75
C ALA E 368 -8.74 -5.37 18.50
N ALA E 369 -8.09 -5.28 17.33
CA ALA E 369 -8.83 -5.18 16.07
C ALA E 369 -9.62 -6.46 15.81
N GLY E 370 -9.03 -7.62 16.08
CA GLY E 370 -9.71 -8.87 15.81
C GLY E 370 -10.79 -9.24 16.79
N LEU E 371 -10.83 -8.59 17.96
CA LEU E 371 -11.81 -8.94 18.97
C LEU E 371 -13.07 -8.07 18.88
N THR E 372 -12.92 -6.79 18.52
CA THR E 372 -14.07 -5.88 18.48
C THR E 372 -14.38 -5.42 17.07
N ALA E 373 -13.43 -4.79 16.38
CA ALA E 373 -13.65 -4.25 15.05
C ALA E 373 -12.32 -3.76 14.49
N ALA E 374 -12.20 -3.80 13.18
CA ALA E 374 -10.98 -3.39 12.50
C ALA E 374 -11.31 -2.39 11.41
N VAL E 375 -10.47 -1.37 11.28
CA VAL E 375 -10.60 -0.37 10.22
C VAL E 375 -9.65 -0.77 9.10
N VAL E 376 -10.21 -1.16 7.96
CA VAL E 376 -9.42 -1.63 6.83
C VAL E 376 -9.71 -0.74 5.63
N ARG E 377 -8.67 -0.49 4.83
CA ARG E 377 -8.79 0.36 3.66
C ARG E 377 -9.47 -0.40 2.54
N GLU E 378 -10.62 0.10 2.09
CA GLU E 378 -11.39 -0.54 1.03
C GLU E 378 -10.65 -0.33 -0.30
N LYS E 379 -9.94 -1.37 -0.74
CA LYS E 379 -9.14 -1.26 -1.96
C LYS E 379 -9.99 -1.04 -3.20
N GLY E 380 -11.30 -1.28 -3.13
CA GLY E 380 -12.16 -1.01 -4.26
C GLY E 380 -12.24 0.47 -4.59
N THR E 381 -12.28 1.32 -3.57
CA THR E 381 -12.31 2.77 -3.76
C THR E 381 -11.25 3.52 -2.98
N GLY E 382 -10.41 2.83 -2.22
CA GLY E 382 -9.36 3.47 -1.44
C GLY E 382 -9.80 4.07 -0.13
N GLU E 383 -11.08 3.97 0.21
CA GLU E 383 -11.59 4.57 1.44
C GLU E 383 -11.48 3.59 2.60
N TYR E 384 -12.11 3.91 3.72
CA TYR E 384 -12.05 3.10 4.92
C TYR E 384 -13.46 2.64 5.30
N TYR E 385 -13.53 1.45 5.91
CA TYR E 385 -14.79 0.93 6.44
C TYR E 385 -14.48 -0.07 7.53
N LEU E 386 -15.50 -0.37 8.33
CA LEU E 386 -15.34 -1.21 9.51
C LEU E 386 -15.58 -2.67 9.18
N GLU E 387 -14.80 -3.54 9.82
CA GLU E 387 -14.97 -4.99 9.71
C GLU E 387 -15.28 -5.55 11.08
N ALA E 388 -16.33 -6.36 11.15
CA ALA E 388 -16.80 -6.87 12.44
C ALA E 388 -15.77 -7.79 13.08
N GLY E 389 -15.60 -7.65 14.40
CA GLY E 389 -14.70 -8.48 15.15
C GLY E 389 -15.40 -9.67 15.77
N ALA E 390 -14.68 -10.35 16.67
CA ALA E 390 -15.21 -11.56 17.29
C ALA E 390 -16.44 -11.26 18.14
N LEU E 391 -16.39 -10.19 18.93
CA LEU E 391 -17.50 -9.90 19.83
C LEU E 391 -18.72 -9.41 19.06
N VAL E 392 -18.51 -8.62 18.00
CA VAL E 392 -19.62 -8.16 17.20
C VAL E 392 -20.29 -9.32 16.48
N LEU E 393 -19.50 -10.23 15.93
CA LEU E 393 -20.06 -11.39 15.24
C LEU E 393 -20.81 -12.32 16.18
N ALA E 394 -20.51 -12.26 17.48
CA ALA E 394 -21.16 -13.11 18.47
C ALA E 394 -22.39 -12.48 19.10
N ASP E 395 -22.82 -11.32 18.58
CA ASP E 395 -23.94 -10.61 19.17
C ASP E 395 -25.18 -11.49 19.19
N GLY E 396 -25.84 -11.55 20.34
CA GLY E 396 -26.99 -12.41 20.52
C GLY E 396 -26.68 -13.84 20.85
N GLY E 397 -25.41 -14.21 20.91
CA GLY E 397 -25.00 -15.58 21.18
C GLY E 397 -24.01 -15.64 22.33
N ILE E 398 -23.00 -16.48 22.16
CA ILE E 398 -21.96 -16.68 23.17
C ILE E 398 -20.60 -16.57 22.50
N ALA E 399 -19.71 -15.78 23.10
CA ALA E 399 -18.34 -15.65 22.63
C ALA E 399 -17.42 -16.42 23.55
N VAL E 400 -16.65 -17.34 22.97
CA VAL E 400 -15.74 -18.19 23.73
C VAL E 400 -14.31 -17.75 23.42
N ILE E 401 -13.58 -17.37 24.46
CA ILE E 401 -12.20 -16.92 24.33
C ILE E 401 -11.31 -17.88 25.10
N ASP E 402 -10.29 -18.39 24.43
CA ASP E 402 -9.37 -19.36 25.02
C ASP E 402 -7.98 -18.75 25.14
N GLU E 403 -7.24 -19.18 26.17
CA GLU E 403 -5.90 -18.68 26.45
C GLU E 403 -5.91 -17.17 26.63
N ILE E 404 -6.82 -16.69 27.49
CA ILE E 404 -6.93 -15.26 27.74
C ILE E 404 -5.68 -14.75 28.47
N ASP E 405 -5.04 -15.59 29.28
CA ASP E 405 -3.87 -15.14 30.02
C ASP E 405 -2.69 -14.85 29.09
N LYS E 406 -2.65 -15.48 27.92
CA LYS E 406 -1.57 -15.25 26.98
C LYS E 406 -1.77 -13.98 26.15
N MET E 407 -2.93 -13.35 26.22
CA MET E 407 -3.17 -12.12 25.49
C MET E 407 -2.39 -10.97 26.10
N ARG E 408 -1.99 -10.04 25.25
CA ARG E 408 -1.31 -8.83 25.72
C ARG E 408 -2.27 -7.97 26.53
N ASP E 409 -1.72 -7.31 27.57
CA ASP E 409 -2.55 -6.51 28.45
C ASP E 409 -3.20 -5.34 27.69
N GLU E 410 -2.44 -4.70 26.81
CA GLU E 410 -2.99 -3.59 26.04
C GLU E 410 -4.09 -4.05 25.10
N ASP E 411 -4.00 -5.28 24.59
CA ASP E 411 -5.06 -5.83 23.76
C ASP E 411 -6.26 -6.27 24.59
N ARG E 412 -6.02 -6.76 25.81
CA ARG E 412 -7.11 -7.29 26.63
C ARG E 412 -8.03 -6.18 27.14
N VAL E 413 -7.48 -5.00 27.44
CA VAL E 413 -8.29 -3.92 27.99
C VAL E 413 -9.31 -3.40 26.99
N ALA E 414 -9.14 -3.71 25.70
CA ALA E 414 -10.03 -3.20 24.67
C ALA E 414 -11.45 -3.74 24.77
N ILE E 415 -11.68 -4.78 25.57
CA ILE E 415 -13.01 -5.39 25.66
C ILE E 415 -13.74 -4.98 26.92
N HIS E 416 -13.23 -3.99 27.66
CA HIS E 416 -13.91 -3.55 28.87
C HIS E 416 -15.28 -2.95 28.57
N GLU E 417 -15.36 -2.13 27.52
CA GLU E 417 -16.64 -1.52 27.16
C GLU E 417 -17.63 -2.57 26.67
N ALA E 418 -17.16 -3.52 25.85
CA ALA E 418 -18.06 -4.50 25.27
C ALA E 418 -18.61 -5.46 26.33
N MET E 419 -17.82 -5.76 27.36
CA MET E 419 -18.25 -6.74 28.35
C MET E 419 -19.32 -6.19 29.30
N GLU E 420 -19.42 -4.86 29.41
CA GLU E 420 -20.40 -4.24 30.31
C GLU E 420 -21.46 -3.45 29.55
N GLN E 421 -21.05 -2.48 28.73
CA GLN E 421 -22.00 -1.68 27.97
C GLN E 421 -22.53 -2.41 26.75
N GLN E 422 -21.93 -3.54 26.37
CA GLN E 422 -22.39 -4.36 25.26
C GLN E 422 -22.40 -3.58 23.95
N THR E 423 -21.48 -2.65 23.79
CA THR E 423 -21.34 -1.88 22.56
C THR E 423 -19.87 -1.71 22.22
N VAL E 424 -19.59 -1.51 20.94
CA VAL E 424 -18.24 -1.25 20.46
C VAL E 424 -18.26 0.08 19.73
N SER E 425 -17.41 1.00 20.15
CA SER E 425 -17.32 2.33 19.55
C SER E 425 -15.92 2.54 19.01
N ILE E 426 -15.83 3.00 17.76
CA ILE E 426 -14.56 3.19 17.08
C ILE E 426 -14.50 4.62 16.56
N ALA E 427 -13.39 5.31 16.84
CA ALA E 427 -13.12 6.64 16.33
C ALA E 427 -11.71 6.62 15.75
N LYS E 428 -11.59 6.21 14.49
CA LYS E 428 -10.28 6.05 13.86
C LYS E 428 -10.38 6.41 12.39
N ALA E 429 -9.38 7.14 11.89
CA ALA E 429 -9.20 7.40 10.47
C ALA E 429 -10.46 7.96 9.83
N GLY E 430 -11.08 8.93 10.51
CA GLY E 430 -12.27 9.56 9.98
C GLY E 430 -13.52 8.73 10.05
N ILE E 431 -13.54 7.66 10.83
CA ILE E 431 -14.71 6.80 11.00
C ILE E 431 -15.13 6.87 12.45
N VAL E 432 -16.38 7.25 12.70
CA VAL E 432 -16.97 7.24 14.03
C VAL E 432 -18.26 6.44 13.96
N ALA E 433 -18.30 5.31 14.66
CA ALA E 433 -19.44 4.41 14.58
C ALA E 433 -19.56 3.62 15.86
N LYS E 434 -20.76 3.07 16.09
CA LYS E 434 -21.06 2.25 17.24
C LYS E 434 -21.73 0.97 16.78
N LEU E 435 -21.38 -0.15 17.43
CA LEU E 435 -21.90 -1.46 17.06
C LEU E 435 -22.37 -2.19 18.31
N ASN E 436 -23.35 -3.05 18.13
CA ASN E 436 -23.91 -3.84 19.22
C ASN E 436 -23.09 -5.10 19.44
N ALA E 437 -22.81 -5.42 20.69
CA ALA E 437 -22.02 -6.59 21.05
C ALA E 437 -22.63 -7.31 22.24
N ARG E 438 -23.95 -7.49 22.21
CA ARG E 438 -24.66 -8.15 23.31
C ARG E 438 -24.39 -9.64 23.24
N ALA E 439 -23.30 -10.07 23.86
CA ALA E 439 -22.90 -11.47 23.86
C ALA E 439 -22.37 -11.85 25.24
N ALA E 440 -22.48 -13.14 25.56
CA ALA E 440 -21.93 -13.66 26.80
C ALA E 440 -20.50 -14.15 26.54
N VAL E 441 -19.59 -13.79 27.43
CA VAL E 441 -18.18 -14.07 27.26
C VAL E 441 -17.77 -15.15 28.26
N ILE E 442 -17.21 -16.24 27.74
CA ILE E 442 -16.66 -17.32 28.55
C ILE E 442 -15.17 -17.42 28.22
N ALA E 443 -14.33 -17.26 29.22
CA ALA E 443 -12.89 -17.19 29.03
C ALA E 443 -12.19 -18.23 29.88
N ALA E 444 -11.11 -18.79 29.34
CA ALA E 444 -10.29 -19.77 30.05
C ALA E 444 -8.82 -19.40 29.89
N GLY E 445 -8.03 -19.73 30.90
CA GLY E 445 -6.61 -19.42 30.86
C GLY E 445 -5.86 -20.15 31.95
N ASN E 446 -4.55 -20.04 31.89
CA ASN E 446 -3.65 -20.67 32.84
C ASN E 446 -3.16 -19.65 33.86
N PRO E 447 -2.74 -20.10 35.05
CA PRO E 447 -2.20 -19.16 36.04
C PRO E 447 -0.93 -18.48 35.57
N LYS E 448 -0.40 -17.57 36.39
CA LYS E 448 0.76 -16.78 35.98
C LYS E 448 1.97 -17.66 35.73
N PHE E 449 2.22 -18.65 36.58
CA PHE E 449 3.39 -19.50 36.48
C PHE E 449 3.07 -20.85 35.85
N GLY E 450 2.12 -20.89 34.92
CA GLY E 450 1.75 -22.13 34.27
C GLY E 450 0.91 -23.03 35.15
N ARG E 451 1.39 -23.30 36.35
CA ARG E 451 0.67 -24.12 37.32
C ARG E 451 0.41 -23.29 38.57
N TYR E 452 -0.73 -23.56 39.21
CA TYR E 452 -1.08 -22.83 40.41
C TYR E 452 -0.10 -23.15 41.54
N ILE E 453 0.31 -22.12 42.27
CA ILE E 453 1.23 -22.26 43.39
C ILE E 453 0.50 -21.83 44.65
N SER E 454 0.48 -22.71 45.65
CA SER E 454 -0.24 -22.41 46.88
C SER E 454 0.51 -21.40 47.74
N GLU E 455 1.84 -21.37 47.65
CA GLU E 455 2.62 -20.45 48.47
C GLU E 455 2.29 -19.00 48.13
N ARG E 456 2.20 -18.68 46.85
CA ARG E 456 1.86 -17.33 46.44
C ARG E 456 0.40 -17.03 46.76
N PRO E 457 0.06 -15.76 46.97
CA PRO E 457 -1.35 -15.42 47.22
C PRO E 457 -2.21 -15.61 45.98
N VAL E 458 -3.51 -15.37 46.12
CA VAL E 458 -4.41 -15.52 44.98
C VAL E 458 -4.20 -14.40 43.96
N SER E 459 -3.80 -13.22 44.43
CA SER E 459 -3.73 -12.06 43.54
C SER E 459 -2.72 -12.27 42.43
N ASP E 460 -1.48 -12.62 42.77
CA ASP E 460 -0.44 -12.78 41.76
C ASP E 460 -0.57 -14.08 40.99
N ASN E 461 -1.29 -15.06 41.52
CA ASN E 461 -1.53 -16.29 40.77
C ASN E 461 -2.41 -16.03 39.56
N ILE E 462 -3.49 -15.27 39.74
CA ILE E 462 -4.40 -14.96 38.64
C ILE E 462 -3.72 -14.03 37.64
N ASN E 463 -3.07 -12.97 38.15
CA ASN E 463 -2.35 -12.01 37.32
C ASN E 463 -3.29 -11.34 36.32
N LEU E 464 -4.33 -10.71 36.86
CA LEU E 464 -5.28 -9.94 36.08
C LEU E 464 -5.66 -8.68 36.84
N PRO E 465 -5.88 -7.56 36.15
CA PRO E 465 -6.25 -6.34 36.86
C PRO E 465 -7.62 -6.46 37.49
N PRO E 466 -7.85 -5.79 38.62
CA PRO E 466 -9.19 -5.85 39.24
C PRO E 466 -10.29 -5.25 38.39
N THR E 467 -9.95 -4.39 37.43
CA THR E 467 -10.98 -3.77 36.60
C THR E 467 -11.72 -4.81 35.77
N ILE E 468 -10.99 -5.76 35.19
CA ILE E 468 -11.65 -6.77 34.36
C ILE E 468 -12.24 -7.87 35.21
N LEU E 469 -11.70 -8.12 36.40
CA LEU E 469 -12.23 -9.17 37.25
C LEU E 469 -13.63 -8.83 37.76
N SER E 470 -13.90 -7.54 37.98
CA SER E 470 -15.22 -7.15 38.46
C SER E 470 -16.32 -7.40 37.44
N ARG E 471 -15.96 -7.51 36.15
CA ARG E 471 -16.95 -7.73 35.11
C ARG E 471 -17.37 -9.18 34.96
N PHE E 472 -16.68 -10.10 35.63
CA PHE E 472 -16.99 -11.53 35.53
C PHE E 472 -17.93 -11.92 36.66
N ASP E 473 -19.08 -12.49 36.32
CA ASP E 473 -20.04 -12.90 37.33
C ASP E 473 -19.50 -14.01 38.22
N LEU E 474 -18.81 -14.98 37.63
CA LEU E 474 -18.27 -16.10 38.38
C LEU E 474 -16.85 -16.40 37.91
N ILE E 475 -15.97 -16.70 38.87
CA ILE E 475 -14.59 -17.07 38.60
C ILE E 475 -14.29 -18.37 39.33
N PHE E 476 -13.67 -19.32 38.64
CA PHE E 476 -13.35 -20.61 39.22
C PHE E 476 -11.87 -20.92 39.01
N ILE E 477 -11.26 -21.51 40.03
CA ILE E 477 -9.86 -21.91 40.00
C ILE E 477 -9.80 -23.42 39.99
N LEU E 478 -9.11 -23.98 39.00
CA LEU E 478 -8.96 -25.42 38.84
C LEU E 478 -7.55 -25.81 39.20
N LYS E 479 -7.40 -26.71 40.17
CA LYS E 479 -6.11 -27.15 40.66
C LYS E 479 -5.93 -28.63 40.38
N ASP E 480 -4.79 -28.99 39.78
CA ASP E 480 -4.47 -30.38 39.46
C ASP E 480 -3.49 -30.90 40.51
N GLN E 481 -4.04 -31.35 41.63
CA GLN E 481 -3.24 -31.85 42.74
C GLN E 481 -3.31 -33.37 42.78
N PRO E 482 -2.20 -34.07 42.58
CA PRO E 482 -2.24 -35.53 42.66
C PRO E 482 -2.66 -36.01 44.05
N GLY E 483 -3.42 -37.09 44.07
CA GLY E 483 -3.89 -37.65 45.32
C GLY E 483 -4.51 -39.02 45.16
N GLU E 484 -5.57 -39.30 45.92
CA GLU E 484 -6.27 -40.58 45.82
C GLU E 484 -7.34 -40.58 44.74
N GLN E 485 -7.67 -39.42 44.17
CA GLN E 485 -8.70 -39.34 43.14
C GLN E 485 -8.20 -39.73 41.76
N ASP E 486 -6.88 -39.92 41.61
CA ASP E 486 -6.33 -40.27 40.30
C ASP E 486 -6.85 -41.62 39.83
N ARG E 487 -7.04 -42.56 40.76
CA ARG E 487 -7.57 -43.87 40.39
C ARG E 487 -8.98 -43.75 39.82
N GLU E 488 -9.83 -42.94 40.45
CA GLU E 488 -11.17 -42.74 39.93
C GLU E 488 -11.15 -42.05 38.57
N LEU E 489 -10.30 -41.02 38.43
CA LEU E 489 -10.20 -40.33 37.15
C LEU E 489 -9.70 -41.25 36.06
N ALA E 490 -8.69 -42.07 36.36
CA ALA E 490 -8.15 -42.99 35.35
C ALA E 490 -9.20 -44.00 34.91
N ASN E 491 -9.97 -44.53 35.86
CA ASN E 491 -11.01 -45.48 35.50
C ASN E 491 -12.06 -44.84 34.62
N TYR E 492 -12.45 -43.59 34.93
CA TYR E 492 -13.47 -42.92 34.13
C TYR E 492 -12.97 -42.67 32.70
N ILE E 493 -11.72 -42.24 32.55
CA ILE E 493 -11.19 -41.97 31.23
C ILE E 493 -11.10 -43.25 30.41
N LEU E 494 -10.61 -44.33 31.03
CA LEU E 494 -10.50 -45.60 30.32
C LEU E 494 -11.88 -46.14 29.94
N ASP E 495 -12.86 -45.94 30.81
CA ASP E 495 -14.22 -46.36 30.48
C ASP E 495 -14.75 -45.59 29.27
N VAL E 496 -14.43 -44.30 29.19
CA VAL E 496 -14.84 -43.50 28.03
C VAL E 496 -14.17 -44.03 26.77
N HIS E 497 -12.87 -44.35 26.85
CA HIS E 497 -12.17 -44.89 25.70
C HIS E 497 -12.67 -46.28 25.32
N SER E 498 -13.32 -46.98 26.23
CA SER E 498 -13.87 -48.30 25.96
C SER E 498 -15.28 -48.25 25.38
N GLY E 499 -15.82 -47.05 25.16
CA GLY E 499 -17.15 -46.90 24.61
C GLY E 499 -18.28 -46.82 25.60
N LYS E 500 -17.99 -47.02 26.89
CA LYS E 500 -19.03 -46.91 27.90
C LYS E 500 -19.52 -45.47 28.02
N SER E 501 -20.83 -45.30 28.14
CA SER E 501 -21.45 -43.99 28.20
C SER E 501 -22.45 -43.93 29.33
N THR E 502 -22.59 -42.75 29.93
CA THR E 502 -23.56 -42.56 30.99
C THR E 502 -24.97 -42.51 30.43
N LYS E 503 -25.92 -43.08 31.18
CA LYS E 503 -27.31 -43.11 30.78
C LYS E 503 -28.09 -42.03 31.52
N ASN E 504 -29.39 -41.93 31.19
CA ASN E 504 -30.28 -40.92 31.77
C ASN E 504 -29.74 -39.51 31.55
N ILE E 505 -29.18 -39.27 30.37
CA ILE E 505 -28.61 -37.98 30.00
C ILE E 505 -29.40 -37.42 28.83
N ILE E 506 -29.77 -36.15 28.92
CA ILE E 506 -30.41 -35.48 27.80
C ILE E 506 -29.39 -35.29 26.68
N ASP E 507 -29.75 -35.71 25.48
CA ASP E 507 -28.80 -35.73 24.37
C ASP E 507 -28.57 -34.30 23.87
N ILE E 508 -27.83 -34.17 22.77
CA ILE E 508 -27.37 -32.86 22.33
C ILE E 508 -28.50 -32.05 21.70
N ASP E 509 -29.09 -32.57 20.62
CA ASP E 509 -29.99 -31.74 19.83
C ASP E 509 -31.25 -31.34 20.59
N THR E 510 -31.82 -32.24 21.40
CA THR E 510 -32.99 -31.84 22.17
C THR E 510 -32.60 -30.85 23.27
N LEU E 511 -31.38 -30.92 23.78
CA LEU E 511 -30.91 -29.92 24.73
C LEU E 511 -30.76 -28.56 24.05
N ARG E 512 -30.25 -28.56 22.82
CA ARG E 512 -30.13 -27.31 22.07
C ARG E 512 -31.50 -26.68 21.82
N LYS E 513 -32.49 -27.50 21.48
CA LYS E 513 -33.84 -26.99 21.30
C LYS E 513 -34.40 -26.45 22.59
N TYR E 514 -34.12 -27.12 23.71
CA TYR E 514 -34.61 -26.67 25.01
C TYR E 514 -34.06 -25.29 25.36
N ILE E 515 -32.76 -25.07 25.12
CA ILE E 515 -32.17 -23.78 25.43
C ILE E 515 -32.73 -22.70 24.53
N ALA E 516 -32.85 -22.97 23.24
CA ALA E 516 -33.38 -21.98 22.31
C ALA E 516 -34.81 -21.60 22.65
N TYR E 517 -35.64 -22.58 23.00
CA TYR E 517 -37.02 -22.29 23.38
C TYR E 517 -37.07 -21.45 24.65
N ALA E 518 -36.26 -21.79 25.65
CA ALA E 518 -36.31 -21.09 26.93
C ALA E 518 -35.88 -19.63 26.78
N ARG E 519 -34.86 -19.37 25.97
CA ARG E 519 -34.32 -18.03 25.86
C ARG E 519 -35.33 -17.04 25.28
N LYS E 520 -36.08 -17.46 24.27
CA LYS E 520 -36.96 -16.56 23.54
C LYS E 520 -38.42 -16.64 24.00
N TYR E 521 -38.71 -17.38 25.07
CA TYR E 521 -40.08 -17.51 25.52
C TYR E 521 -40.28 -17.37 27.02
N VAL E 522 -39.22 -17.36 27.83
CA VAL E 522 -39.34 -17.31 29.28
C VAL E 522 -38.69 -16.02 29.78
N THR E 523 -39.44 -15.25 30.54
CA THR E 523 -38.95 -13.99 31.12
C THR E 523 -39.34 -13.95 32.59
N PRO E 524 -38.52 -14.51 33.47
CA PRO E 524 -38.85 -14.53 34.90
C PRO E 524 -38.83 -13.13 35.49
N LYS E 525 -39.58 -12.96 36.58
CA LYS E 525 -39.68 -11.69 37.28
C LYS E 525 -39.37 -11.89 38.75
N ILE E 526 -38.79 -10.86 39.37
CA ILE E 526 -38.36 -10.94 40.75
C ILE E 526 -39.55 -10.72 41.68
N THR E 527 -39.67 -11.56 42.69
CA THR E 527 -40.71 -11.42 43.70
C THR E 527 -40.15 -10.77 44.96
N SER E 528 -41.06 -10.48 45.90
CA SER E 528 -40.64 -9.85 47.15
C SER E 528 -39.79 -10.78 47.99
N GLU E 529 -40.08 -12.08 47.96
CA GLU E 529 -39.28 -13.03 48.74
C GLU E 529 -37.83 -13.05 48.26
N ALA E 530 -37.62 -13.03 46.94
CA ALA E 530 -36.27 -13.04 46.41
C ALA E 530 -35.55 -11.72 46.70
N LYS E 531 -36.28 -10.62 46.75
CA LYS E 531 -35.65 -9.33 47.01
C LYS E 531 -34.96 -9.29 48.36
N ASN E 532 -35.63 -9.80 49.40
CA ASN E 532 -35.07 -9.74 50.74
C ASN E 532 -33.82 -10.60 50.87
N LEU E 533 -33.85 -11.80 50.27
CA LEU E 533 -32.70 -12.70 50.37
C LEU E 533 -31.48 -12.11 49.67
N ILE E 534 -31.66 -11.56 48.48
CA ILE E 534 -30.54 -11.01 47.73
C ILE E 534 -29.98 -9.79 48.43
N THR E 535 -30.84 -8.91 48.94
CA THR E 535 -30.38 -7.71 49.62
C THR E 535 -29.54 -8.05 50.84
N ASP E 536 -29.98 -9.02 51.63
CA ASP E 536 -29.25 -9.38 52.84
C ASP E 536 -27.87 -9.92 52.51
N PHE E 537 -27.78 -10.77 51.48
CA PHE E 537 -26.49 -11.35 51.12
C PHE E 537 -25.52 -10.29 50.62
N PHE E 538 -26.00 -9.34 49.82
CA PHE E 538 -25.12 -8.31 49.28
C PHE E 538 -24.54 -7.45 50.39
N VAL E 539 -25.35 -7.09 51.38
CA VAL E 539 -24.85 -6.30 52.50
C VAL E 539 -23.79 -7.08 53.26
N GLU E 540 -24.04 -8.37 53.51
CA GLU E 540 -23.07 -9.19 54.23
C GLU E 540 -21.79 -9.38 53.40
N MET E 541 -21.93 -9.48 52.09
CA MET E 541 -20.74 -9.59 51.23
C MET E 541 -19.89 -8.33 51.31
N ARG E 542 -20.53 -7.16 51.27
CA ARG E 542 -19.77 -5.91 51.33
C ARG E 542 -19.03 -5.77 52.65
N LYS E 543 -19.67 -6.15 53.76
CA LYS E 543 -19.02 -6.06 55.06
C LYS E 543 -17.79 -6.94 55.14
N LYS E 544 -17.90 -8.17 54.61
CA LYS E 544 -16.77 -9.09 54.64
C LYS E 544 -15.61 -8.57 53.82
N SER E 545 -15.90 -7.99 52.65
CA SER E 545 -14.84 -7.43 51.82
C SER E 545 -14.13 -6.27 52.52
N SER E 546 -14.89 -5.43 53.21
CA SER E 546 -14.29 -4.32 53.94
C SER E 546 -13.38 -4.81 55.06
N GLU E 547 -13.68 -5.99 55.62
CA GLU E 547 -12.88 -6.50 56.72
C GLU E 547 -11.45 -6.80 56.28
N THR E 548 -11.29 -7.44 55.13
CA THR E 548 -9.96 -7.79 54.62
C THR E 548 -9.60 -6.93 53.43
N PRO E 549 -8.63 -6.03 53.56
CA PRO E 549 -8.24 -5.19 52.41
C PRO E 549 -7.31 -5.89 51.43
N ASP E 550 -6.83 -7.09 51.75
CA ASP E 550 -5.90 -7.81 50.90
C ASP E 550 -6.59 -8.72 49.89
N SER E 551 -7.92 -8.72 49.85
CA SER E 551 -8.63 -9.59 48.93
C SER E 551 -8.36 -9.17 47.49
N PRO E 552 -8.20 -10.14 46.57
CA PRO E 552 -7.95 -9.79 45.17
C PRO E 552 -9.21 -9.50 44.38
N ILE E 553 -10.39 -9.56 45.01
CA ILE E 553 -11.66 -9.38 44.33
C ILE E 553 -12.38 -8.20 44.96
N LEU E 554 -12.83 -7.27 44.11
CA LEU E 554 -13.59 -6.12 44.56
C LEU E 554 -15.08 -6.44 44.53
N ILE E 555 -15.77 -6.09 45.61
CA ILE E 555 -17.22 -6.31 45.72
C ILE E 555 -17.87 -4.98 45.37
N THR E 556 -18.20 -4.82 44.10
CA THR E 556 -18.84 -3.63 43.56
C THR E 556 -20.33 -3.87 43.38
N PRO E 557 -21.10 -2.85 43.04
CA PRO E 557 -22.51 -3.08 42.71
C PRO E 557 -22.71 -4.03 41.54
N ARG E 558 -21.69 -4.25 40.71
CA ARG E 558 -21.80 -5.27 39.67
C ARG E 558 -22.08 -6.64 40.25
N GLN E 559 -21.55 -6.93 41.44
CA GLN E 559 -21.81 -8.21 42.09
C GLN E 559 -23.26 -8.36 42.48
N LEU E 560 -23.92 -7.27 42.90
CA LEU E 560 -25.34 -7.35 43.23
C LEU E 560 -26.17 -7.73 42.02
N GLU E 561 -25.87 -7.14 40.86
CA GLU E 561 -26.61 -7.49 39.65
C GLU E 561 -26.26 -8.88 39.14
N ALA E 562 -25.07 -9.38 39.48
CA ALA E 562 -24.75 -10.76 39.15
C ALA E 562 -25.67 -11.73 39.87
N LEU E 563 -26.01 -11.42 41.12
CA LEU E 563 -26.96 -12.26 41.86
C LEU E 563 -28.33 -12.27 41.18
N ILE E 564 -28.78 -11.11 40.71
CA ILE E 564 -30.06 -11.04 40.02
C ILE E 564 -30.03 -11.85 38.73
N ARG E 565 -28.95 -11.70 37.96
CA ARG E 565 -28.84 -12.42 36.70
C ARG E 565 -28.81 -13.93 36.91
N ILE E 566 -28.05 -14.39 37.91
CA ILE E 566 -27.96 -15.82 38.17
C ILE E 566 -29.30 -16.38 38.61
N SER E 567 -30.00 -15.67 39.50
CA SER E 567 -31.28 -16.15 39.99
C SER E 567 -32.30 -16.27 38.86
N GLU E 568 -32.30 -15.32 37.93
CA GLU E 568 -33.20 -15.39 36.80
C GLU E 568 -32.90 -16.58 35.91
N ALA E 569 -31.62 -16.90 35.73
CA ALA E 569 -31.24 -18.02 34.88
C ALA E 569 -31.74 -19.34 35.47
N TYR E 570 -31.70 -19.47 36.80
CA TYR E 570 -32.22 -20.69 37.43
C TYR E 570 -33.70 -20.84 37.17
N ALA E 571 -34.47 -19.75 37.28
CA ALA E 571 -35.89 -19.81 36.96
C ALA E 571 -36.11 -20.11 35.49
N LYS E 572 -35.32 -19.49 34.61
CA LYS E 572 -35.44 -19.76 33.18
C LYS E 572 -35.08 -21.21 32.86
N MET E 573 -34.23 -21.82 33.68
CA MET E 573 -33.81 -23.19 33.43
C MET E 573 -34.95 -24.17 33.62
N ALA E 574 -35.93 -23.84 34.47
CA ALA E 574 -37.08 -24.69 34.71
C ALA E 574 -38.34 -24.18 34.02
N LEU E 575 -38.20 -23.23 33.09
CA LEU E 575 -39.34 -22.64 32.38
C LEU E 575 -40.36 -22.04 33.35
N LYS E 576 -39.86 -21.40 34.39
CA LYS E 576 -40.71 -20.73 35.38
C LYS E 576 -40.88 -19.26 35.03
N ALA E 577 -42.07 -18.74 35.31
CA ALA E 577 -42.41 -17.38 34.95
C ALA E 577 -41.98 -16.35 35.97
N GLU E 578 -41.50 -16.77 37.14
CA GLU E 578 -41.10 -15.83 38.17
C GLU E 578 -39.99 -16.44 39.02
N VAL E 579 -39.24 -15.59 39.69
CA VAL E 579 -38.14 -16.01 40.55
C VAL E 579 -38.70 -16.18 41.96
N THR E 580 -38.57 -17.38 42.51
CA THR E 580 -39.11 -17.72 43.81
C THR E 580 -37.98 -17.79 44.84
N ARG E 581 -38.33 -18.20 46.06
CA ARG E 581 -37.35 -18.25 47.14
C ARG E 581 -36.25 -19.28 46.84
N GLU E 582 -36.62 -20.43 46.29
CA GLU E 582 -35.64 -21.48 46.06
C GLU E 582 -34.58 -21.04 45.05
N ASP E 583 -35.00 -20.32 44.00
CA ASP E 583 -34.05 -19.86 42.99
C ASP E 583 -33.04 -18.88 43.60
N ALA E 584 -33.52 -17.99 44.47
CA ALA E 584 -32.61 -17.06 45.13
C ALA E 584 -31.61 -17.81 46.01
N GLU E 585 -32.07 -18.82 46.72
CA GLU E 585 -31.17 -19.61 47.56
C GLU E 585 -30.12 -20.31 46.73
N ARG E 586 -30.51 -20.85 45.57
CA ARG E 586 -29.54 -21.47 44.67
C ARG E 586 -28.52 -20.45 44.17
N ALA E 587 -28.98 -19.24 43.84
CA ALA E 587 -28.07 -18.20 43.37
C ALA E 587 -27.08 -17.81 44.46
N ILE E 588 -27.55 -17.70 45.70
CA ILE E 588 -26.64 -17.36 46.79
C ILE E 588 -25.63 -18.47 47.01
N ASN E 589 -26.07 -19.73 46.92
CA ASN E 589 -25.18 -20.85 47.18
C ASN E 589 -24.03 -20.91 46.19
N ILE E 590 -24.33 -20.71 44.90
CA ILE E 590 -23.27 -20.75 43.90
C ILE E 590 -22.32 -19.57 44.06
N MET E 591 -22.82 -18.43 44.55
CA MET E 591 -21.95 -17.29 44.81
C MET E 591 -20.98 -17.60 45.94
N ARG E 592 -21.43 -18.35 46.95
CA ARG E 592 -20.55 -18.71 48.06
C ARG E 592 -19.37 -19.55 47.58
N LEU E 593 -19.62 -20.49 46.68
CA LEU E 593 -18.54 -21.34 46.17
C LEU E 593 -17.52 -20.51 45.41
N PHE E 594 -17.99 -19.55 44.61
CA PHE E 594 -17.06 -18.68 43.87
C PHE E 594 -16.20 -17.87 44.83
N LEU E 595 -16.80 -17.33 45.89
CA LEU E 595 -16.03 -16.56 46.86
C LEU E 595 -15.00 -17.43 47.57
N GLU E 596 -15.39 -18.65 47.93
CA GLU E 596 -14.45 -19.56 48.57
C GLU E 596 -13.33 -19.98 47.63
N SER E 597 -13.64 -20.11 46.34
CA SER E 597 -12.64 -20.52 45.37
C SER E 597 -11.52 -19.49 45.21
N VAL E 598 -11.76 -18.24 45.59
CA VAL E 598 -10.76 -17.20 45.50
C VAL E 598 -10.26 -16.78 46.89
N GLY E 599 -10.47 -17.62 47.88
CA GLY E 599 -9.95 -17.37 49.21
C GLY E 599 -10.76 -16.43 50.07
N VAL E 600 -11.92 -15.98 49.61
CA VAL E 600 -12.77 -15.09 50.38
C VAL E 600 -13.76 -15.96 51.14
N ASP E 601 -13.48 -16.19 52.42
CA ASP E 601 -14.38 -16.96 53.26
C ASP E 601 -15.58 -16.12 53.68
N MET E 602 -16.64 -16.79 54.10
CA MET E 602 -17.88 -16.10 54.44
C MET E 602 -18.48 -16.67 55.72
N GLN F 8 -6.04 -46.75 -43.28
CA GLN F 8 -6.64 -47.46 -44.41
C GLN F 8 -7.34 -48.73 -43.95
N ILE F 9 -6.57 -49.67 -43.40
CA ILE F 9 -7.13 -50.92 -42.92
C ILE F 9 -7.96 -50.66 -41.67
N ASP F 10 -9.20 -51.16 -41.66
CA ASP F 10 -10.09 -50.97 -40.53
C ASP F 10 -9.57 -51.74 -39.33
N TYR F 11 -8.99 -51.04 -38.37
CA TYR F 11 -8.47 -51.66 -37.16
C TYR F 11 -9.55 -51.88 -36.11
N ARG F 12 -10.79 -51.49 -36.39
CA ARG F 12 -11.87 -51.65 -35.42
C ARG F 12 -12.05 -53.12 -35.07
N ASP F 13 -12.10 -53.98 -36.08
CA ASP F 13 -12.15 -55.43 -35.82
C ASP F 13 -10.90 -55.90 -35.11
N VAL F 14 -9.73 -55.39 -35.52
CA VAL F 14 -8.48 -55.77 -34.88
C VAL F 14 -8.47 -55.33 -33.42
N PHE F 15 -8.98 -54.12 -33.15
CA PHE F 15 -9.04 -53.64 -31.78
C PHE F 15 -9.96 -54.50 -30.93
N ILE F 16 -11.12 -54.88 -31.46
CA ILE F 16 -12.09 -55.65 -30.68
C ILE F 16 -11.52 -57.02 -30.33
N GLU F 17 -10.94 -57.72 -31.31
CA GLU F 17 -10.37 -59.03 -31.03
C GLU F 17 -9.15 -58.92 -30.12
N PHE F 18 -8.39 -57.82 -30.23
CA PHE F 18 -7.26 -57.62 -29.35
C PHE F 18 -7.70 -57.51 -27.89
N LEU F 19 -8.80 -56.78 -27.65
CA LEU F 19 -9.31 -56.68 -26.28
C LEU F 19 -9.80 -58.02 -25.76
N THR F 20 -10.48 -58.80 -26.62
CA THR F 20 -11.07 -60.05 -26.19
C THR F 20 -10.08 -61.21 -26.19
N THR F 21 -8.94 -61.06 -26.84
CA THR F 21 -7.96 -62.15 -26.94
C THR F 21 -6.58 -61.68 -26.54
N PHE F 22 -6.48 -60.92 -25.45
CA PHE F 22 -5.20 -60.44 -24.96
C PHE F 22 -4.65 -61.41 -23.94
N LYS F 23 -3.48 -61.99 -24.23
CA LYS F 23 -2.83 -62.93 -23.32
C LYS F 23 -2.11 -62.14 -22.24
N GLY F 24 -2.70 -62.10 -21.04
CA GLY F 24 -2.11 -61.38 -19.92
C GLY F 24 -0.95 -62.13 -19.30
N ASN F 25 -0.78 -61.96 -18.00
CA ASN F 25 0.26 -62.68 -17.28
C ASN F 25 0.01 -64.19 -17.30
N ASN F 26 -1.25 -64.60 -17.36
CA ASN F 26 -1.60 -66.01 -17.45
C ASN F 26 -2.70 -66.25 -18.48
N ASN F 27 -2.74 -65.42 -19.54
CA ASN F 27 -3.76 -65.51 -20.59
C ASN F 27 -5.17 -65.41 -20.01
N GLN F 28 -5.34 -64.54 -19.02
CA GLN F 28 -6.62 -64.36 -18.36
C GLN F 28 -7.53 -63.36 -19.06
N ASN F 29 -7.03 -62.67 -20.09
CA ASN F 29 -7.78 -61.64 -20.79
C ASN F 29 -8.28 -60.57 -19.81
N LYS F 30 -7.33 -59.91 -19.16
CA LYS F 30 -7.67 -58.90 -18.16
C LYS F 30 -8.44 -57.73 -18.75
N TYR F 31 -8.32 -57.48 -20.05
CA TYR F 31 -9.07 -56.39 -20.67
C TYR F 31 -10.57 -56.65 -20.61
N ILE F 32 -10.98 -57.91 -20.79
CA ILE F 32 -12.39 -58.24 -20.64
C ILE F 32 -12.82 -58.05 -19.19
N GLU F 33 -11.95 -58.37 -18.24
CA GLU F 33 -12.29 -58.22 -16.83
C GLU F 33 -12.56 -56.77 -16.47
N ARG F 34 -11.72 -55.86 -16.94
CA ARG F 34 -11.93 -54.44 -16.65
C ARG F 34 -13.08 -53.87 -17.47
N ILE F 35 -13.34 -54.42 -18.66
CA ILE F 35 -14.50 -54.01 -19.42
C ILE F 35 -15.78 -54.34 -18.67
N ASN F 36 -15.85 -55.55 -18.10
CA ASN F 36 -17.00 -55.91 -17.27
C ASN F 36 -17.09 -55.02 -16.04
N GLU F 37 -15.94 -54.72 -15.42
CA GLU F 37 -15.93 -53.80 -14.29
C GLU F 37 -16.41 -52.42 -14.71
N LEU F 38 -16.01 -51.97 -15.91
CA LEU F 38 -16.46 -50.67 -16.41
C LEU F 38 -17.98 -50.64 -16.56
N VAL F 39 -18.55 -51.73 -17.10
CA VAL F 39 -20.01 -51.79 -17.27
C VAL F 39 -20.69 -51.83 -15.91
N ALA F 40 -20.08 -52.51 -14.93
CA ALA F 40 -20.70 -52.66 -13.62
C ALA F 40 -20.89 -51.31 -12.93
N TYR F 41 -19.90 -50.44 -12.99
CA TYR F 41 -19.95 -49.15 -12.30
C TYR F 41 -20.11 -47.97 -13.25
N ARG F 42 -20.28 -48.21 -14.55
CA ARG F 42 -20.50 -47.14 -15.54
C ARG F 42 -19.35 -46.13 -15.49
N LYS F 43 -18.15 -46.63 -15.79
CA LYS F 43 -16.94 -45.81 -15.68
C LYS F 43 -16.65 -45.01 -16.94
N LYS F 44 -17.09 -45.47 -18.11
CA LYS F 44 -17.02 -44.77 -19.38
C LYS F 44 -15.59 -44.49 -19.85
N SER F 45 -14.59 -44.95 -19.10
CA SER F 45 -13.19 -44.70 -19.45
C SER F 45 -12.42 -46.01 -19.38
N LEU F 46 -11.87 -46.44 -20.50
CA LEU F 46 -11.03 -47.63 -20.58
C LEU F 46 -9.61 -47.23 -20.91
N ILE F 47 -8.66 -47.67 -20.08
CA ILE F 47 -7.24 -47.41 -20.30
C ILE F 47 -6.57 -48.68 -20.78
N ILE F 48 -5.64 -48.52 -21.72
CA ILE F 48 -4.89 -49.63 -22.27
C ILE F 48 -3.41 -49.27 -22.28
N GLU F 49 -2.57 -50.30 -22.33
CA GLU F 49 -1.12 -50.14 -22.29
C GLU F 49 -0.56 -50.21 -23.71
N PHE F 50 0.34 -49.28 -24.03
CA PHE F 50 0.93 -49.26 -25.37
C PHE F 50 1.80 -50.49 -25.61
N SER F 51 2.42 -51.03 -24.57
CA SER F 51 3.25 -52.23 -24.73
C SER F 51 2.41 -53.41 -25.18
N ASP F 52 1.22 -53.58 -24.59
CA ASP F 52 0.35 -54.69 -24.98
C ASP F 52 -0.09 -54.55 -26.44
N VAL F 53 -0.45 -53.33 -26.86
CA VAL F 53 -0.86 -53.12 -28.24
C VAL F 53 0.28 -53.41 -29.19
N LEU F 54 1.48 -52.94 -28.87
CA LEU F 54 2.64 -53.19 -29.73
C LEU F 54 2.95 -54.67 -29.81
N SER F 55 2.91 -55.37 -28.68
CA SER F 55 3.16 -56.80 -28.69
C SER F 55 2.09 -57.56 -29.47
N PHE F 56 0.83 -57.19 -29.29
CA PHE F 56 -0.25 -57.85 -30.01
C PHE F 56 -0.20 -57.53 -31.50
N ASN F 57 -0.08 -56.24 -31.84
CA ASN F 57 0.00 -55.83 -33.25
C ASN F 57 0.73 -54.48 -33.28
N GLU F 58 2.01 -54.52 -33.67
CA GLU F 58 2.79 -53.28 -33.71
C GLU F 58 2.23 -52.29 -34.72
N ASN F 59 1.59 -52.79 -35.79
CA ASN F 59 1.00 -51.90 -36.78
C ASN F 59 -0.11 -51.05 -36.16
N LEU F 60 -0.94 -51.66 -35.31
CA LEU F 60 -1.97 -50.91 -34.62
C LEU F 60 -1.36 -49.88 -33.67
N ALA F 61 -0.26 -50.26 -32.99
CA ALA F 61 0.37 -49.36 -32.05
C ALA F 61 0.91 -48.11 -32.74
N TYR F 62 1.52 -48.27 -33.92
CA TYR F 62 2.07 -47.12 -34.63
C TYR F 62 0.97 -46.17 -35.07
N GLU F 63 -0.18 -46.70 -35.50
CA GLU F 63 -1.28 -45.84 -35.91
C GLU F 63 -1.80 -45.01 -34.75
N ILE F 64 -1.87 -45.60 -33.55
CA ILE F 64 -2.31 -44.87 -32.38
C ILE F 64 -1.36 -43.73 -32.07
N ILE F 65 -0.05 -44.00 -32.11
CA ILE F 65 0.96 -43.01 -31.73
C ILE F 65 1.22 -41.98 -32.82
N ASN F 66 0.76 -42.21 -34.04
CA ASN F 66 1.02 -41.29 -35.15
C ASN F 66 -0.21 -40.55 -35.62
N ASN F 67 -1.36 -41.21 -35.71
CA ASN F 67 -2.56 -40.56 -36.22
C ASN F 67 -3.66 -40.56 -35.15
N THR F 68 -3.30 -40.20 -33.93
CA THR F 68 -4.27 -40.21 -32.83
C THR F 68 -5.41 -39.23 -33.04
N LYS F 69 -5.23 -38.22 -33.90
CA LYS F 69 -6.31 -37.27 -34.15
C LYS F 69 -7.45 -37.92 -34.92
N ILE F 70 -7.12 -38.84 -35.83
CA ILE F 70 -8.10 -39.40 -36.75
C ILE F 70 -8.68 -40.70 -36.23
N ILE F 71 -7.84 -41.63 -35.80
CA ILE F 71 -8.30 -42.99 -35.50
C ILE F 71 -8.86 -43.14 -34.09
N LEU F 72 -8.56 -42.23 -33.17
CA LEU F 72 -9.06 -42.37 -31.81
C LEU F 72 -10.59 -42.34 -31.73
N PRO F 73 -11.30 -41.41 -32.38
CA PRO F 73 -12.77 -41.50 -32.38
C PRO F 73 -13.28 -42.79 -33.01
N ILE F 74 -12.58 -43.32 -34.01
CA ILE F 74 -13.02 -44.55 -34.64
C ILE F 74 -12.95 -45.72 -33.67
N LEU F 75 -11.86 -45.81 -32.90
CA LEU F 75 -11.72 -46.90 -31.93
C LEU F 75 -12.77 -46.79 -30.83
N GLU F 76 -13.07 -45.57 -30.39
CA GLU F 76 -14.08 -45.39 -29.34
C GLU F 76 -15.45 -45.84 -29.82
N GLY F 77 -15.78 -45.56 -31.08
CA GLY F 77 -17.05 -46.02 -31.61
C GLY F 77 -17.15 -47.54 -31.64
N ALA F 78 -16.06 -48.21 -32.02
CA ALA F 78 -16.06 -49.67 -32.03
C ALA F 78 -16.22 -50.23 -30.62
N LEU F 79 -15.53 -49.64 -29.64
CA LEU F 79 -15.66 -50.10 -28.27
C LEU F 79 -17.08 -49.86 -27.74
N TYR F 80 -17.67 -48.71 -28.08
CA TYR F 80 -19.02 -48.40 -27.60
C TYR F 80 -20.03 -49.41 -28.13
N ASP F 81 -19.91 -49.77 -29.41
CA ASP F 81 -20.82 -50.76 -29.99
C ASP F 81 -20.65 -52.11 -29.30
N HIS F 82 -19.41 -52.50 -29.00
CA HIS F 82 -19.18 -53.76 -28.31
C HIS F 82 -19.79 -53.74 -26.91
N ILE F 83 -19.68 -52.62 -26.20
CA ILE F 83 -20.18 -52.54 -24.83
C ILE F 83 -21.70 -52.63 -24.81
N LEU F 84 -22.37 -51.86 -25.66
CA LEU F 84 -23.83 -51.90 -25.69
C LEU F 84 -24.33 -53.25 -26.18
N GLN F 85 -23.61 -53.88 -27.10
CA GLN F 85 -23.95 -55.23 -27.51
C GLN F 85 -23.79 -56.21 -26.35
N LEU F 86 -22.71 -56.08 -25.59
CA LEU F 86 -22.52 -56.94 -24.42
C LEU F 86 -23.58 -56.67 -23.36
N ASP F 87 -23.90 -55.40 -23.12
CA ASP F 87 -24.88 -55.03 -22.12
C ASP F 87 -25.73 -53.86 -22.61
N PRO F 88 -26.96 -54.13 -23.07
CA PRO F 88 -27.83 -53.02 -23.51
C PRO F 88 -28.11 -51.98 -22.44
N THR F 89 -28.05 -52.34 -21.16
CA THR F 89 -28.36 -51.40 -20.09
C THR F 89 -27.35 -50.26 -20.00
N TYR F 90 -26.17 -50.41 -20.61
CA TYR F 90 -25.21 -49.32 -20.60
C TYR F 90 -25.73 -48.10 -21.35
N GLN F 91 -26.61 -48.30 -22.33
CA GLN F 91 -27.24 -47.19 -23.02
C GLN F 91 -28.12 -46.40 -22.06
N ARG F 92 -28.51 -45.20 -22.49
CA ARG F 92 -29.31 -44.24 -21.72
C ARG F 92 -28.57 -43.72 -20.50
N ASP F 93 -27.33 -44.14 -20.27
CA ASP F 93 -26.51 -43.63 -19.18
C ASP F 93 -25.24 -42.95 -19.68
N ILE F 94 -24.53 -43.58 -20.61
CA ILE F 94 -23.32 -43.02 -21.20
C ILE F 94 -23.47 -43.06 -22.71
N GLU F 95 -23.35 -41.90 -23.35
CA GLU F 95 -23.45 -41.81 -24.80
C GLU F 95 -22.10 -41.79 -25.49
N LYS F 96 -21.00 -41.78 -24.74
CA LYS F 96 -19.66 -41.72 -25.32
C LYS F 96 -18.68 -42.32 -24.34
N VAL F 97 -18.01 -43.40 -24.75
CA VAL F 97 -16.97 -44.02 -23.94
C VAL F 97 -15.63 -43.35 -24.27
N HIS F 98 -14.66 -43.54 -23.39
CA HIS F 98 -13.34 -42.95 -23.55
C HIS F 98 -12.29 -44.05 -23.51
N VAL F 99 -11.35 -44.01 -24.46
CA VAL F 99 -10.20 -44.88 -24.50
C VAL F 99 -8.94 -44.03 -24.35
N ARG F 100 -8.07 -44.41 -23.42
CA ARG F 100 -6.87 -43.64 -23.12
C ARG F 100 -5.66 -44.54 -23.20
N ILE F 101 -4.57 -44.01 -23.75
CA ILE F 101 -3.33 -44.74 -23.93
C ILE F 101 -2.34 -44.31 -22.86
N VAL F 102 -1.56 -45.26 -22.36
CA VAL F 102 -0.53 -44.98 -21.36
C VAL F 102 0.76 -45.65 -21.81
N GLY F 103 1.86 -45.23 -21.19
CA GLY F 103 3.17 -45.78 -21.51
C GLY F 103 3.66 -45.46 -22.91
N ILE F 104 3.39 -44.27 -23.40
CA ILE F 104 3.89 -43.87 -24.72
C ILE F 104 5.40 -43.72 -24.66
N PRO F 105 6.16 -44.36 -25.56
CA PRO F 105 7.62 -44.23 -25.52
C PRO F 105 8.11 -42.82 -25.80
N ARG F 106 7.31 -41.98 -26.45
CA ARG F 106 7.72 -40.63 -26.83
C ARG F 106 7.66 -39.72 -25.60
N VAL F 107 8.72 -39.74 -24.82
CA VAL F 107 8.83 -38.95 -23.61
C VAL F 107 9.73 -37.76 -23.89
N ILE F 108 9.23 -36.56 -23.58
CA ILE F 108 9.94 -35.32 -23.84
C ILE F 108 10.12 -34.58 -22.52
N GLU F 109 11.33 -34.10 -22.27
CA GLU F 109 11.55 -33.22 -21.13
C GLU F 109 10.83 -31.90 -21.35
N LEU F 110 10.35 -31.31 -20.25
CA LEU F 110 9.51 -30.12 -20.35
C LEU F 110 10.28 -28.96 -20.96
N ARG F 111 11.53 -28.76 -20.54
CA ARG F 111 12.32 -27.65 -21.06
C ARG F 111 12.72 -27.85 -22.52
N LYS F 112 12.65 -29.08 -23.03
CA LYS F 112 13.12 -29.39 -24.37
C LYS F 112 12.03 -29.30 -25.42
N ILE F 113 10.83 -28.87 -25.05
CA ILE F 113 9.72 -28.81 -26.01
C ILE F 113 10.00 -27.70 -27.03
N ARG F 114 9.86 -28.03 -28.31
CA ARG F 114 10.05 -27.09 -29.39
C ARG F 114 8.84 -27.15 -30.32
N SER F 115 8.91 -26.36 -31.40
CA SER F 115 7.77 -26.26 -32.32
C SER F 115 7.49 -27.55 -33.07
N THR F 116 8.47 -28.44 -33.19
CA THR F 116 8.27 -29.67 -33.94
C THR F 116 7.37 -30.66 -33.21
N ASP F 117 7.11 -30.46 -31.92
CA ASP F 117 6.32 -31.38 -31.14
C ASP F 117 4.85 -31.00 -31.06
N ILE F 118 4.45 -29.94 -31.73
CA ILE F 118 3.05 -29.50 -31.70
C ILE F 118 2.21 -30.44 -32.55
N GLY F 119 1.10 -30.90 -31.99
CA GLY F 119 0.19 -31.77 -32.72
C GLY F 119 0.53 -33.24 -32.68
N LYS F 120 1.44 -33.68 -31.81
CA LYS F 120 1.81 -35.07 -31.69
C LYS F 120 1.55 -35.56 -30.27
N LEU F 121 1.34 -36.86 -30.13
CA LEU F 121 1.06 -37.46 -28.84
C LEU F 121 2.38 -37.63 -28.08
N ILE F 122 2.52 -36.90 -26.97
CA ILE F 122 3.73 -36.93 -26.16
C ILE F 122 3.32 -37.07 -24.70
N THR F 123 4.28 -37.45 -23.87
CA THR F 123 4.05 -37.59 -22.43
C THR F 123 5.05 -36.73 -21.67
N ILE F 124 4.60 -36.19 -20.54
CA ILE F 124 5.39 -35.27 -19.73
C ILE F 124 5.32 -35.73 -18.28
N ASP F 125 6.44 -35.60 -17.58
CA ASP F 125 6.52 -35.91 -16.15
C ASP F 125 6.82 -34.62 -15.39
N GLY F 126 6.07 -34.39 -14.32
CA GLY F 126 6.24 -33.16 -13.57
C GLY F 126 5.47 -33.19 -12.28
N ILE F 127 5.30 -32.00 -11.69
CA ILE F 127 4.63 -31.82 -10.41
C ILE F 127 3.45 -30.89 -10.59
N LEU F 128 2.29 -31.29 -10.08
CA LEU F 128 1.14 -30.40 -10.07
C LEU F 128 1.30 -29.34 -8.99
N VAL F 129 1.01 -28.09 -9.34
CA VAL F 129 1.15 -26.97 -8.42
C VAL F 129 -0.18 -26.27 -8.17
N LYS F 130 -0.98 -26.08 -9.22
CA LYS F 130 -2.25 -25.39 -9.11
C LYS F 130 -3.35 -26.20 -9.78
N VAL F 131 -4.54 -26.22 -9.17
CA VAL F 131 -5.70 -26.88 -9.74
C VAL F 131 -6.90 -25.97 -9.56
N THR F 132 -7.57 -25.62 -10.65
CA THR F 132 -8.75 -24.77 -10.60
C THR F 132 -9.98 -25.59 -10.25
N PRO F 133 -11.02 -24.95 -9.72
CA PRO F 133 -12.28 -25.67 -9.47
C PRO F 133 -12.91 -26.12 -10.78
N VAL F 134 -13.72 -27.18 -10.69
CA VAL F 134 -14.34 -27.75 -11.88
C VAL F 134 -15.34 -26.77 -12.47
N LYS F 135 -15.26 -26.56 -13.78
CA LYS F 135 -16.18 -25.66 -14.47
C LYS F 135 -16.84 -26.37 -15.65
N GLU F 136 -17.59 -25.63 -16.46
CA GLU F 136 -18.29 -26.19 -17.60
C GLU F 136 -17.86 -25.50 -18.87
N ARG F 137 -17.69 -26.28 -19.94
CA ARG F 137 -17.29 -25.75 -21.24
C ARG F 137 -18.34 -26.11 -22.28
N ILE F 138 -18.64 -25.17 -23.15
CA ILE F 138 -19.62 -25.37 -24.22
C ILE F 138 -18.93 -25.98 -25.42
N TYR F 139 -19.46 -27.09 -25.91
CA TYR F 139 -18.99 -27.69 -27.16
C TYR F 139 -20.05 -27.76 -28.23
N LYS F 140 -21.31 -27.43 -27.91
CA LYS F 140 -22.36 -27.35 -28.92
C LYS F 140 -23.43 -26.42 -28.37
N ALA F 141 -23.43 -25.17 -28.84
CA ALA F 141 -24.34 -24.14 -28.35
C ALA F 141 -25.60 -24.07 -29.20
N THR F 142 -26.64 -23.48 -28.62
CA THR F 142 -27.90 -23.24 -29.29
C THR F 142 -28.21 -21.75 -29.25
N TYR F 143 -28.51 -21.18 -30.41
CA TYR F 143 -28.74 -19.75 -30.53
C TYR F 143 -30.14 -19.48 -31.07
N LYS F 144 -30.66 -18.31 -30.73
CA LYS F 144 -31.95 -17.83 -31.23
C LYS F 144 -31.76 -16.49 -31.91
N HIS F 145 -32.26 -16.35 -33.13
CA HIS F 145 -32.11 -15.11 -33.88
C HIS F 145 -33.19 -14.13 -33.44
N ILE F 146 -32.78 -13.02 -32.83
CA ILE F 146 -33.73 -12.00 -32.36
C ILE F 146 -33.93 -11.04 -33.52
N HIS F 147 -34.83 -11.39 -34.42
CA HIS F 147 -35.21 -10.57 -35.55
C HIS F 147 -36.69 -10.76 -35.81
N PRO F 148 -37.50 -9.69 -35.73
CA PRO F 148 -38.95 -9.85 -35.51
C PRO F 148 -39.67 -10.80 -36.45
N ASP F 149 -38.98 -11.28 -37.48
CA ASP F 149 -39.56 -12.24 -38.41
C ASP F 149 -39.00 -13.65 -38.27
N CYS F 150 -37.96 -13.86 -37.46
CA CYS F 150 -37.29 -15.17 -37.43
C CYS F 150 -37.83 -16.07 -36.33
N MET F 151 -37.62 -15.70 -35.07
CA MET F 151 -37.88 -16.57 -33.92
C MET F 151 -37.49 -18.03 -34.23
N GLN F 152 -36.22 -18.21 -34.57
CA GLN F 152 -35.70 -19.51 -34.95
C GLN F 152 -34.53 -19.90 -34.05
N GLU F 153 -34.45 -21.18 -33.72
CA GLU F 153 -33.39 -21.72 -32.89
C GLU F 153 -32.53 -22.68 -33.71
N PHE F 154 -31.23 -22.66 -33.47
CA PHE F 154 -30.31 -23.51 -34.21
C PHE F 154 -29.04 -23.70 -33.40
N GLU F 155 -28.25 -24.70 -33.78
CA GLU F 155 -26.95 -24.95 -33.18
C GLU F 155 -25.89 -24.37 -34.12
N TRP F 156 -25.23 -23.31 -33.68
CA TRP F 156 -24.32 -22.58 -34.56
C TRP F 156 -23.16 -23.43 -35.05
N PRO F 157 -22.36 -24.08 -34.20
CA PRO F 157 -21.23 -24.86 -34.74
C PRO F 157 -21.74 -26.09 -35.48
N GLU F 158 -22.25 -25.87 -36.68
CA GLU F 158 -22.83 -26.95 -37.46
C GLU F 158 -21.73 -27.91 -37.92
N ASP F 159 -22.05 -29.21 -37.88
CA ASP F 159 -21.18 -30.30 -38.30
C ASP F 159 -19.74 -30.11 -37.84
N GLU F 160 -19.56 -29.57 -36.63
CA GLU F 160 -18.23 -29.30 -36.11
C GLU F 160 -18.36 -28.97 -34.63
N GLU F 161 -17.42 -29.45 -33.83
CA GLU F 161 -17.40 -29.11 -32.42
C GLU F 161 -17.09 -27.62 -32.24
N MET F 162 -17.71 -27.02 -31.25
CA MET F 162 -17.50 -25.60 -30.99
C MET F 162 -16.05 -25.37 -30.59
N PRO F 163 -15.32 -24.49 -31.27
CA PRO F 163 -13.91 -24.28 -30.94
C PRO F 163 -13.75 -23.64 -29.57
N GLU F 164 -12.51 -23.65 -29.08
CA GLU F 164 -12.20 -23.07 -27.78
C GLU F 164 -12.50 -21.57 -27.74
N VAL F 165 -12.59 -20.92 -28.89
CA VAL F 165 -12.96 -19.51 -28.95
C VAL F 165 -14.46 -19.42 -29.17
N LEU F 166 -15.16 -18.83 -28.20
CA LEU F 166 -16.61 -18.69 -28.30
C LEU F 166 -16.95 -17.71 -29.39
N GLU F 167 -17.50 -18.21 -30.50
CA GLU F 167 -17.87 -17.38 -31.63
C GLU F 167 -19.36 -17.52 -31.90
N MET F 168 -20.01 -16.40 -32.12
CA MET F 168 -21.42 -16.23 -32.40
C MET F 168 -21.66 -16.07 -33.89
N PRO F 169 -22.70 -16.72 -34.43
CA PRO F 169 -22.95 -16.60 -35.88
C PRO F 169 -23.26 -15.17 -36.28
N THR F 170 -22.82 -14.82 -37.49
CA THR F 170 -23.06 -13.51 -38.06
C THR F 170 -24.30 -13.47 -38.94
N ILE F 171 -24.60 -14.55 -39.65
CA ILE F 171 -25.77 -14.65 -40.51
C ILE F 171 -26.62 -15.80 -40.00
N CYS F 172 -27.90 -15.53 -39.79
CA CYS F 172 -28.82 -16.57 -39.34
C CYS F 172 -28.94 -17.64 -40.41
N PRO F 173 -28.46 -18.87 -40.18
CA PRO F 173 -28.55 -19.89 -41.23
C PRO F 173 -29.96 -20.22 -41.66
N LYS F 174 -30.93 -20.12 -40.75
CA LYS F 174 -32.30 -20.48 -41.07
C LYS F 174 -32.98 -19.43 -41.94
N CYS F 175 -32.64 -18.16 -41.77
CA CYS F 175 -33.27 -17.09 -42.54
C CYS F 175 -32.30 -16.34 -43.44
N GLY F 176 -30.99 -16.62 -43.36
CA GLY F 176 -30.03 -15.97 -44.23
C GLY F 176 -29.93 -14.47 -44.04
N LYS F 177 -30.04 -14.01 -42.79
CA LYS F 177 -29.98 -12.59 -42.48
C LYS F 177 -29.05 -12.36 -41.30
N PRO F 178 -28.46 -11.18 -41.21
CA PRO F 178 -27.69 -10.82 -40.02
C PRO F 178 -28.64 -10.33 -38.92
N GLY F 179 -28.05 -9.89 -37.81
CA GLY F 179 -28.85 -9.37 -36.71
C GLY F 179 -28.32 -9.72 -35.34
N GLN F 180 -29.23 -9.90 -34.39
CA GLN F 180 -28.89 -10.16 -33.00
C GLN F 180 -29.29 -11.57 -32.63
N PHE F 181 -28.38 -12.30 -31.98
CA PHE F 181 -28.58 -13.69 -31.61
C PHE F 181 -28.48 -13.85 -30.10
N ARG F 182 -29.35 -14.69 -29.54
CA ARG F 182 -29.41 -14.91 -28.11
C ARG F 182 -29.14 -16.39 -27.82
N LEU F 183 -28.27 -16.64 -26.85
CA LEU F 183 -27.93 -18.00 -26.45
C LEU F 183 -29.06 -18.62 -25.64
N ILE F 184 -29.26 -19.91 -25.81
CA ILE F 184 -30.27 -20.67 -25.10
C ILE F 184 -29.55 -21.72 -24.25
N PRO F 185 -29.33 -21.44 -22.96
CA PRO F 185 -28.62 -22.41 -22.11
C PRO F 185 -29.30 -23.76 -21.99
N GLU F 186 -30.64 -23.79 -22.05
CA GLU F 186 -31.37 -25.03 -21.83
C GLU F 186 -31.11 -26.06 -22.94
N LYS F 187 -30.74 -25.61 -24.13
CA LYS F 187 -30.50 -26.50 -25.26
C LYS F 187 -29.02 -26.51 -25.66
N THR F 188 -28.14 -26.22 -24.71
CA THR F 188 -26.71 -26.13 -24.96
C THR F 188 -26.00 -27.32 -24.32
N LYS F 189 -25.16 -27.99 -25.10
CA LYS F 189 -24.38 -29.12 -24.60
C LYS F 189 -23.17 -28.62 -23.82
N LEU F 190 -22.88 -29.28 -22.70
CA LEU F 190 -21.80 -28.88 -21.83
C LEU F 190 -20.91 -30.08 -21.52
N ILE F 191 -19.65 -29.80 -21.20
CA ILE F 191 -18.68 -30.81 -20.81
C ILE F 191 -17.86 -30.27 -19.66
N ASP F 192 -17.55 -31.15 -18.69
CA ASP F 192 -16.76 -30.74 -17.54
C ASP F 192 -15.37 -30.29 -17.98
N TRP F 193 -14.85 -29.28 -17.30
CA TRP F 193 -13.61 -28.63 -17.72
C TRP F 193 -12.84 -28.18 -16.50
N GLN F 194 -11.55 -28.54 -16.45
CA GLN F 194 -10.67 -28.16 -15.36
C GLN F 194 -9.31 -27.80 -15.91
N LYS F 195 -8.64 -26.86 -15.23
CA LYS F 195 -7.33 -26.38 -15.63
C LYS F 195 -6.33 -26.63 -14.51
N ALA F 196 -5.17 -27.17 -14.86
CA ALA F 196 -4.11 -27.43 -13.89
C ALA F 196 -2.79 -26.98 -14.48
N VAL F 197 -1.83 -26.73 -13.59
CA VAL F 197 -0.49 -26.29 -13.96
C VAL F 197 0.51 -27.33 -13.50
N ILE F 198 1.40 -27.74 -14.41
CA ILE F 198 2.42 -28.73 -14.12
C ILE F 198 3.79 -28.05 -14.17
N GLN F 199 4.63 -28.37 -13.20
CA GLN F 199 5.95 -27.77 -13.06
C GLN F 199 7.01 -28.85 -13.10
N GLU F 200 8.13 -28.55 -13.77
CA GLU F 200 9.21 -29.52 -13.88
C GLU F 200 9.86 -29.76 -12.52
N ARG F 201 10.37 -30.98 -12.34
CA ARG F 201 10.99 -31.34 -11.09
C ARG F 201 12.31 -30.59 -10.89
N PRO F 202 12.67 -30.28 -9.65
CA PRO F 202 13.92 -29.53 -9.42
C PRO F 202 15.16 -30.26 -9.86
N GLU F 203 15.11 -31.59 -10.00
CA GLU F 203 16.30 -32.34 -10.41
C GLU F 203 16.75 -31.95 -11.81
N GLU F 204 15.80 -31.76 -12.72
CA GLU F 204 16.10 -31.51 -14.12
C GLU F 204 16.25 -30.03 -14.45
N VAL F 205 16.13 -29.15 -13.47
CA VAL F 205 16.31 -27.71 -13.71
C VAL F 205 17.80 -27.43 -13.89
N PRO F 206 18.20 -26.78 -14.98
CA PRO F 206 19.62 -26.46 -15.17
C PRO F 206 20.08 -25.41 -14.17
N SER F 207 21.39 -25.35 -13.98
CA SER F 207 21.98 -24.46 -12.99
C SER F 207 21.69 -23.00 -13.34
N GLY F 208 21.32 -22.22 -12.32
CA GLY F 208 21.11 -20.80 -12.50
C GLY F 208 19.87 -20.44 -13.28
N GLN F 209 18.88 -21.33 -13.35
CA GLN F 209 17.66 -21.08 -14.12
C GLN F 209 16.44 -21.35 -13.24
N LEU F 210 15.35 -20.69 -13.58
CA LEU F 210 14.10 -20.90 -12.88
C LEU F 210 13.31 -22.05 -13.49
N PRO F 211 12.54 -22.78 -12.70
CA PRO F 211 11.77 -23.90 -13.25
C PRO F 211 10.71 -23.43 -14.23
N ARG F 212 10.48 -24.25 -15.24
CA ARG F 212 9.46 -23.97 -16.24
C ARG F 212 8.11 -24.49 -15.80
N GLN F 213 7.07 -24.02 -16.47
CA GLN F 213 5.70 -24.41 -16.17
C GLN F 213 4.95 -24.68 -17.46
N LEU F 214 3.89 -25.47 -17.35
CA LEU F 214 3.05 -25.80 -18.49
C LEU F 214 1.60 -25.90 -18.03
N GLU F 215 0.69 -25.41 -18.86
CA GLU F 215 -0.73 -25.44 -18.57
C GLU F 215 -1.36 -26.67 -19.22
N ILE F 216 -2.10 -27.44 -18.44
CA ILE F 216 -2.77 -28.63 -18.92
C ILE F 216 -4.26 -28.50 -18.66
N ILE F 217 -5.05 -29.10 -19.54
CA ILE F 217 -6.51 -29.01 -19.47
C ILE F 217 -7.07 -30.40 -19.23
N LEU F 218 -7.83 -30.55 -18.16
CA LEU F 218 -8.52 -31.80 -17.84
C LEU F 218 -9.99 -31.66 -18.16
N GLU F 219 -10.54 -32.62 -18.89
CA GLU F 219 -11.91 -32.57 -19.34
C GLU F 219 -12.59 -33.90 -19.08
N ASP F 220 -13.93 -33.83 -18.97
CA ASP F 220 -14.79 -35.01 -18.79
C ASP F 220 -14.42 -35.67 -17.47
N ASP F 221 -14.27 -36.99 -17.43
CA ASP F 221 -14.01 -37.71 -16.18
C ASP F 221 -12.63 -37.43 -15.60
N LEU F 222 -11.73 -36.81 -16.37
CA LEU F 222 -10.39 -36.54 -15.88
C LEU F 222 -10.34 -35.46 -14.81
N VAL F 223 -11.44 -34.75 -14.56
CA VAL F 223 -11.45 -33.70 -13.56
C VAL F 223 -11.26 -34.31 -12.17
N ASP F 224 -10.55 -33.57 -11.31
CA ASP F 224 -10.29 -33.99 -9.94
C ASP F 224 -9.63 -35.36 -9.88
N SER F 225 -8.72 -35.62 -10.81
CA SER F 225 -8.00 -36.88 -10.86
C SER F 225 -6.69 -36.86 -10.08
N ALA F 226 -6.27 -35.70 -9.56
CA ALA F 226 -5.00 -35.62 -8.86
C ALA F 226 -5.01 -34.40 -7.95
N ARG F 227 -4.64 -34.61 -6.68
CA ARG F 227 -4.51 -33.51 -5.75
C ARG F 227 -3.28 -32.67 -6.10
N PRO F 228 -3.33 -31.36 -5.88
CA PRO F 228 -2.13 -30.53 -6.09
C PRO F 228 -0.96 -31.00 -5.22
N GLY F 229 0.24 -30.90 -5.78
CA GLY F 229 1.43 -31.34 -5.08
C GLY F 229 1.81 -32.79 -5.32
N ASP F 230 1.30 -33.42 -6.37
CA ASP F 230 1.56 -34.81 -6.66
C ASP F 230 2.39 -34.94 -7.93
N ARG F 231 3.31 -35.91 -7.93
CA ARG F 231 4.10 -36.19 -9.12
C ARG F 231 3.30 -37.08 -10.05
N VAL F 232 3.05 -36.61 -11.27
CA VAL F 232 2.18 -37.30 -12.21
C VAL F 232 2.84 -37.40 -13.57
N LYS F 233 2.33 -38.30 -14.39
CA LYS F 233 2.72 -38.43 -15.79
C LYS F 233 1.51 -38.12 -16.66
N VAL F 234 1.67 -37.19 -17.59
CA VAL F 234 0.57 -36.66 -18.39
C VAL F 234 0.85 -36.94 -19.86
N THR F 235 -0.14 -37.49 -20.56
CA THR F 235 -0.04 -37.77 -21.98
C THR F 235 -1.16 -37.05 -22.72
N GLY F 236 -0.83 -36.48 -23.88
CA GLY F 236 -1.82 -35.77 -24.66
C GLY F 236 -1.18 -35.05 -25.83
N ILE F 237 -1.86 -34.00 -26.28
CA ILE F 237 -1.45 -33.23 -27.46
C ILE F 237 -1.19 -31.79 -27.04
N LEU F 238 -0.18 -31.19 -27.66
CA LEU F 238 0.16 -29.79 -27.41
C LEU F 238 -0.50 -28.89 -28.46
N ASP F 239 -0.87 -27.69 -28.04
CA ASP F 239 -1.49 -26.72 -28.93
C ASP F 239 -1.21 -25.32 -28.43
N ILE F 240 -1.33 -24.35 -29.33
CA ILE F 240 -1.04 -22.96 -28.99
C ILE F 240 -2.25 -22.36 -28.29
N LYS F 241 -2.00 -21.69 -27.17
CA LYS F 241 -3.07 -21.04 -26.42
C LYS F 241 -3.53 -19.79 -27.13
N GLN F 242 -4.83 -19.52 -27.03
CA GLN F 242 -5.45 -18.31 -27.60
C GLN F 242 -6.28 -17.66 -26.49
N ASP F 243 -5.61 -16.82 -25.68
CA ASP F 243 -6.31 -16.19 -24.56
C ASP F 243 -7.26 -15.11 -25.03
N SER F 244 -6.87 -14.36 -26.07
CA SER F 244 -7.69 -13.26 -26.58
C SER F 244 -7.38 -13.03 -28.05
N PRO F 245 -8.03 -13.77 -28.97
CA PRO F 245 -7.73 -13.60 -30.39
C PRO F 245 -8.08 -12.22 -30.93
N VAL F 246 -8.98 -11.48 -30.28
CA VAL F 246 -9.38 -10.16 -30.76
C VAL F 246 -8.48 -9.05 -30.25
N LYS F 247 -7.40 -9.38 -29.56
CA LYS F 247 -6.50 -8.38 -28.99
C LYS F 247 -5.42 -8.05 -30.02
N ARG F 248 -5.56 -6.91 -30.67
CA ARG F 248 -4.54 -6.44 -31.60
C ARG F 248 -3.38 -5.81 -30.81
N GLY F 249 -2.33 -5.42 -31.53
CA GLY F 249 -1.12 -4.97 -30.86
C GLY F 249 0.05 -5.88 -31.16
N SER F 250 0.08 -6.42 -32.39
CA SER F 250 1.12 -7.33 -32.84
C SER F 250 1.10 -8.61 -32.01
N ARG F 251 2.12 -8.78 -31.16
CA ARG F 251 2.28 -9.94 -30.28
C ARG F 251 1.87 -11.24 -30.98
N ALA F 252 2.54 -11.51 -32.09
CA ALA F 252 2.28 -12.73 -32.85
C ALA F 252 2.83 -13.97 -32.18
N VAL F 253 3.32 -13.86 -30.95
CA VAL F 253 3.85 -15.00 -30.21
C VAL F 253 2.74 -15.55 -29.32
N PHE F 254 2.81 -16.86 -29.08
CA PHE F 254 1.79 -17.55 -28.29
C PHE F 254 2.45 -18.53 -27.35
N ASP F 255 1.77 -18.81 -26.23
CA ASP F 255 2.16 -19.89 -25.35
C ASP F 255 1.57 -21.20 -25.87
N ILE F 256 1.91 -22.30 -25.22
CA ILE F 256 1.41 -23.62 -25.59
C ILE F 256 0.84 -24.31 -24.37
N TYR F 257 -0.19 -25.12 -24.59
CA TYR F 257 -0.84 -25.88 -23.53
C TYR F 257 -1.08 -27.29 -24.01
N MET F 258 -1.47 -28.15 -23.08
CA MET F 258 -1.60 -29.58 -23.32
C MET F 258 -3.04 -30.03 -23.11
N LYS F 259 -3.58 -30.75 -24.09
CA LYS F 259 -4.88 -31.38 -23.95
C LYS F 259 -4.68 -32.79 -23.40
N VAL F 260 -4.99 -32.96 -22.12
CA VAL F 260 -4.70 -34.22 -21.45
C VAL F 260 -5.60 -35.33 -21.99
N SER F 261 -4.99 -36.46 -22.33
CA SER F 261 -5.74 -37.64 -22.72
C SER F 261 -5.63 -38.79 -21.72
N SER F 262 -4.59 -38.80 -20.90
CA SER F 262 -4.43 -39.81 -19.87
C SER F 262 -3.45 -39.28 -18.83
N ILE F 263 -3.74 -39.54 -17.56
CA ILE F 263 -2.93 -39.05 -16.45
C ILE F 263 -2.64 -40.21 -15.51
N GLU F 264 -1.38 -40.36 -15.12
CA GLU F 264 -0.95 -41.38 -14.18
C GLU F 264 -0.31 -40.73 -12.97
N VAL F 265 -0.76 -41.10 -11.78
CA VAL F 265 -0.25 -40.54 -10.54
C VAL F 265 0.88 -41.41 -10.03
N SER F 266 2.00 -40.78 -9.68
CA SER F 266 3.18 -41.48 -9.17
C SER F 266 3.69 -42.52 -10.15
N SER F 273 -2.51 -53.44 -4.64
CA SER F 273 -2.97 -54.63 -5.34
C SER F 273 -3.35 -55.73 -4.36
N GLU F 274 -4.12 -56.72 -4.84
CA GLU F 274 -4.53 -57.83 -3.99
C GLU F 274 -3.32 -58.67 -3.58
N GLU F 275 -2.34 -58.81 -4.47
CA GLU F 275 -1.14 -59.57 -4.11
C GLU F 275 -0.39 -58.90 -2.97
N ASP F 276 -0.38 -57.57 -2.94
CA ASP F 276 0.29 -56.86 -1.84
C ASP F 276 -0.37 -57.17 -0.51
N GLU F 277 -1.70 -57.24 -0.47
CA GLU F 277 -2.39 -57.53 0.77
C GLU F 277 -2.01 -58.91 1.30
N LYS F 278 -1.89 -59.90 0.42
CA LYS F 278 -1.49 -61.23 0.85
C LYS F 278 -0.08 -61.22 1.42
N LYS F 279 0.85 -60.52 0.77
CA LYS F 279 2.22 -60.48 1.26
C LYS F 279 2.33 -59.62 2.52
N ILE F 280 1.47 -58.62 2.67
CA ILE F 280 1.46 -57.82 3.89
C ILE F 280 1.00 -58.65 5.07
N LYS F 281 -0.09 -59.40 4.89
CA LYS F 281 -0.56 -60.28 5.96
C LYS F 281 0.46 -61.37 6.27
N ASP F 282 1.10 -61.91 5.23
CA ASP F 282 2.15 -62.90 5.45
C ASP F 282 3.32 -62.32 6.22
N LEU F 283 3.70 -61.07 5.91
CA LEU F 283 4.79 -60.44 6.62
C LEU F 283 4.46 -60.24 8.10
N ALA F 284 3.17 -60.10 8.43
CA ALA F 284 2.75 -59.92 9.81
C ALA F 284 2.68 -61.23 10.58
N LYS F 285 2.86 -62.38 9.91
CA LYS F 285 2.78 -63.66 10.60
C LYS F 285 3.98 -63.90 11.50
N ASP F 286 5.11 -63.28 11.22
CA ASP F 286 6.31 -63.48 12.04
C ASP F 286 6.11 -62.88 13.41
N PRO F 287 6.29 -63.64 14.49
CA PRO F 287 6.14 -63.07 15.84
C PRO F 287 7.16 -61.98 16.14
N TRP F 288 8.28 -61.93 15.42
CA TRP F 288 9.28 -60.90 15.60
C TRP F 288 9.11 -59.73 14.65
N ILE F 289 7.90 -59.52 14.13
CA ILE F 289 7.67 -58.46 13.16
C ILE F 289 7.89 -57.09 13.80
N ARG F 290 7.54 -56.95 15.07
CA ARG F 290 7.69 -55.65 15.75
C ARG F 290 9.15 -55.22 15.76
N ASP F 291 10.05 -56.13 16.13
CA ASP F 291 11.47 -55.77 16.16
C ASP F 291 12.02 -55.56 14.76
N ARG F 292 11.52 -56.30 13.76
CA ARG F 292 11.96 -56.10 12.39
C ARG F 292 11.60 -54.70 11.90
N ILE F 293 10.41 -54.23 12.24
CA ILE F 293 10.01 -52.87 11.85
C ILE F 293 10.92 -51.85 12.51
N ILE F 294 11.26 -52.05 13.78
CA ILE F 294 12.18 -51.15 14.47
C ILE F 294 13.53 -51.12 13.76
N SER F 295 14.03 -52.29 13.38
CA SER F 295 15.31 -52.35 12.66
C SER F 295 15.21 -51.67 11.31
N SER F 296 14.08 -51.83 10.61
CA SER F 296 13.92 -51.27 9.28
C SER F 296 13.89 -49.75 9.28
N ILE F 297 13.66 -49.12 10.43
CA ILE F 297 13.55 -47.67 10.49
C ILE F 297 14.94 -47.06 10.47
N ALA F 298 15.20 -46.23 9.47
CA ALA F 298 16.49 -45.55 9.29
C ALA F 298 17.66 -46.53 9.39
N PRO F 299 17.78 -47.48 8.47
CA PRO F 299 18.88 -48.44 8.53
C PRO F 299 20.26 -47.80 8.40
N SER F 300 20.34 -46.60 7.82
CA SER F 300 21.63 -45.94 7.68
C SER F 300 22.25 -45.61 9.04
N ILE F 301 21.44 -45.15 9.97
CA ILE F 301 21.93 -44.72 11.29
C ILE F 301 21.91 -45.90 12.23
N TYR F 302 23.04 -46.15 12.90
CA TYR F 302 23.15 -47.22 13.88
C TYR F 302 22.82 -46.71 15.27
N GLY F 303 22.39 -47.63 16.13
CA GLY F 303 22.01 -47.25 17.48
C GLY F 303 20.71 -46.48 17.48
N HIS F 304 20.55 -45.66 18.54
CA HIS F 304 19.36 -44.84 18.72
C HIS F 304 18.09 -45.68 18.67
N TRP F 305 18.12 -46.84 19.33
CA TRP F 305 17.00 -47.76 19.29
C TRP F 305 15.76 -47.15 19.92
N GLU F 306 15.93 -46.44 21.04
CA GLU F 306 14.79 -45.80 21.69
C GLU F 306 14.16 -44.75 20.79
N LEU F 307 14.99 -43.92 20.15
CA LEU F 307 14.47 -42.93 19.21
C LEU F 307 13.82 -43.60 18.00
N LYS F 308 14.43 -44.68 17.50
CA LYS F 308 13.84 -45.41 16.39
C LYS F 308 12.50 -46.01 16.77
N GLU F 309 12.41 -46.56 17.98
CA GLU F 309 11.16 -47.20 18.41
C GLU F 309 10.02 -46.20 18.48
N ALA F 310 10.30 -44.99 18.98
CA ALA F 310 9.26 -43.97 19.07
C ALA F 310 8.75 -43.57 17.70
N LEU F 311 9.66 -43.40 16.73
CA LEU F 311 9.25 -42.97 15.40
C LEU F 311 8.35 -44.00 14.73
N ALA F 312 8.61 -45.28 14.97
CA ALA F 312 7.76 -46.33 14.41
C ALA F 312 6.35 -46.23 14.97
N LEU F 313 6.22 -45.96 16.27
CA LEU F 313 4.91 -45.82 16.87
C LEU F 313 4.17 -44.61 16.31
N ALA F 314 4.90 -43.52 16.07
CA ALA F 314 4.26 -42.30 15.57
C ALA F 314 3.65 -42.53 14.19
N LEU F 315 4.33 -43.26 13.32
CA LEU F 315 3.80 -43.51 11.98
C LEU F 315 2.50 -44.31 12.04
N PHE F 316 2.45 -45.33 12.89
CA PHE F 316 1.23 -46.11 13.03
C PHE F 316 0.13 -45.29 13.73
N GLY F 317 0.48 -44.65 14.83
CA GLY F 317 -0.47 -43.82 15.55
C GLY F 317 -1.51 -44.61 16.31
N GLY F 318 -2.33 -43.93 17.11
CA GLY F 318 -3.42 -44.55 17.82
C GLY F 318 -4.71 -44.49 17.01
N VAL F 319 -5.79 -44.87 17.67
CA VAL F 319 -7.12 -44.85 17.08
C VAL F 319 -7.89 -43.67 17.67
N PRO F 320 -8.25 -42.66 16.88
CA PRO F 320 -9.04 -41.54 17.41
C PRO F 320 -10.42 -41.99 17.81
N LYS F 321 -10.97 -41.34 18.82
CA LYS F 321 -12.31 -41.62 19.32
C LYS F 321 -13.20 -40.43 19.02
N VAL F 322 -14.31 -40.68 18.32
CA VAL F 322 -15.29 -39.66 18.01
C VAL F 322 -16.56 -40.01 18.77
N LEU F 323 -16.94 -39.16 19.71
CA LEU F 323 -18.09 -39.40 20.56
C LEU F 323 -19.20 -38.41 20.23
N GLU F 324 -20.32 -38.53 20.95
CA GLU F 324 -21.46 -37.66 20.71
C GLU F 324 -21.13 -36.20 21.01
N ASP F 325 -20.40 -35.96 22.09
CA ASP F 325 -20.15 -34.60 22.56
C ASP F 325 -18.69 -34.16 22.45
N THR F 326 -17.76 -35.08 22.23
CA THR F 326 -16.35 -34.72 22.24
C THR F 326 -15.58 -35.62 21.28
N ARG F 327 -14.38 -35.16 20.93
CA ARG F 327 -13.45 -35.91 20.10
C ARG F 327 -12.13 -36.03 20.83
N ILE F 328 -11.51 -37.21 20.75
CA ILE F 328 -10.27 -37.50 21.45
C ILE F 328 -9.17 -37.73 20.42
N ARG F 329 -8.05 -37.04 20.62
CA ARG F 329 -6.94 -37.12 19.68
C ARG F 329 -6.37 -38.54 19.65
N GLY F 330 -6.08 -39.03 18.45
CA GLY F 330 -5.48 -40.35 18.30
C GLY F 330 -4.05 -40.29 17.80
N ASP F 331 -3.58 -39.10 17.45
CA ASP F 331 -2.23 -38.94 16.93
C ASP F 331 -1.22 -38.90 18.06
N ILE F 332 0.04 -39.12 17.71
CA ILE F 332 1.15 -39.13 18.66
C ILE F 332 2.16 -38.07 18.22
N HIS F 333 2.55 -37.21 19.16
CA HIS F 333 3.48 -36.12 18.90
C HIS F 333 4.83 -36.46 19.51
N ILE F 334 5.89 -36.26 18.75
CA ILE F 334 7.25 -36.58 19.17
C ILE F 334 8.10 -35.32 19.05
N LEU F 335 8.87 -35.03 20.09
CA LEU F 335 9.80 -33.91 20.11
C LEU F 335 11.21 -34.43 20.27
N ILE F 336 12.13 -33.93 19.44
CA ILE F 336 13.54 -34.31 19.48
C ILE F 336 14.37 -33.06 19.70
N ILE F 337 15.22 -33.08 20.73
CA ILE F 337 16.13 -31.98 21.02
C ILE F 337 17.54 -32.55 20.91
N GLY F 338 18.20 -32.29 19.79
CA GLY F 338 19.53 -32.81 19.54
C GLY F 338 20.55 -31.72 19.41
N ASP F 339 21.77 -32.01 19.86
CA ASP F 339 22.88 -31.09 19.71
C ASP F 339 23.23 -30.93 18.24
N PRO F 340 23.85 -29.80 17.88
CA PRO F 340 24.28 -29.63 16.48
C PRO F 340 25.26 -30.72 16.08
N GLY F 341 25.12 -31.20 14.85
CA GLY F 341 25.97 -32.27 14.35
C GLY F 341 25.53 -33.67 14.74
N THR F 342 24.42 -33.82 15.46
CA THR F 342 23.93 -35.13 15.83
C THR F 342 23.14 -35.80 14.71
N ALA F 343 23.14 -35.20 13.52
CA ALA F 343 22.48 -35.77 12.35
C ALA F 343 20.99 -36.02 12.61
N LYS F 344 20.33 -35.05 13.24
CA LYS F 344 18.90 -35.16 13.51
C LYS F 344 18.06 -35.03 12.25
N SER F 345 18.66 -34.62 11.13
CA SER F 345 17.92 -34.46 9.88
C SER F 345 17.92 -35.70 9.00
N GLN F 346 18.65 -36.76 9.40
CA GLN F 346 18.72 -37.96 8.58
C GLN F 346 17.41 -38.74 8.64
N MET F 347 17.02 -39.20 9.83
CA MET F 347 15.76 -39.92 9.95
C MET F 347 14.56 -39.04 9.65
N LEU F 348 14.65 -37.73 9.88
CA LEU F 348 13.56 -36.83 9.50
C LEU F 348 13.31 -36.89 8.01
N GLN F 349 14.37 -36.86 7.21
CA GLN F 349 14.22 -37.07 5.77
C GLN F 349 13.75 -38.48 5.48
N PHE F 350 14.23 -39.46 6.25
CA PHE F 350 13.77 -40.84 6.08
C PHE F 350 12.29 -40.95 6.41
N ILE F 351 11.84 -40.26 7.46
CA ILE F 351 10.43 -40.32 7.85
C ILE F 351 9.54 -39.79 6.73
N SER F 352 9.95 -38.69 6.09
CA SER F 352 9.16 -38.12 5.01
C SER F 352 9.00 -39.11 3.87
N ARG F 353 10.07 -39.81 3.50
CA ARG F 353 10.00 -40.76 2.39
C ARG F 353 9.15 -41.96 2.75
N VAL F 354 9.28 -42.48 3.97
CA VAL F 354 8.59 -43.71 4.33
C VAL F 354 7.12 -43.46 4.64
N ALA F 355 6.77 -42.25 5.06
CA ALA F 355 5.38 -41.95 5.39
C ALA F 355 4.53 -41.95 4.13
N PRO F 356 3.37 -42.60 4.13
CA PRO F 356 2.51 -42.55 2.94
C PRO F 356 2.07 -41.15 2.57
N ARG F 357 1.85 -40.28 3.55
CA ARG F 357 1.50 -38.89 3.30
C ARG F 357 2.16 -38.04 4.38
N ALA F 358 3.10 -37.19 3.97
CA ALA F 358 3.84 -36.36 4.90
C ALA F 358 4.08 -34.98 4.30
N VAL F 359 4.26 -34.01 5.17
CA VAL F 359 4.55 -32.63 4.79
C VAL F 359 5.82 -32.19 5.50
N TYR F 360 6.79 -31.68 4.75
CA TYR F 360 8.06 -31.23 5.29
C TYR F 360 8.09 -29.71 5.30
N THR F 361 8.42 -29.13 6.45
CA THR F 361 8.45 -27.68 6.59
C THR F 361 9.35 -27.32 7.76
N THR F 362 9.45 -26.02 8.02
CA THR F 362 10.24 -25.48 9.12
C THR F 362 9.32 -24.80 10.13
N GLY F 363 9.92 -24.18 11.14
CA GLY F 363 9.14 -23.51 12.15
C GLY F 363 8.36 -22.32 11.61
N LYS F 364 8.98 -21.54 10.73
CA LYS F 364 8.31 -20.39 10.15
C LYS F 364 7.33 -20.75 9.05
N GLY F 365 7.29 -22.01 8.63
CA GLY F 365 6.40 -22.39 7.54
C GLY F 365 6.91 -21.87 6.21
N SER F 366 6.02 -21.89 5.22
CA SER F 366 6.33 -21.46 3.87
C SER F 366 5.57 -20.21 3.46
N THR F 367 4.24 -20.23 3.56
CA THR F 367 3.43 -19.09 3.16
C THR F 367 3.25 -18.13 4.33
N ALA F 368 2.34 -17.17 4.18
CA ALA F 368 2.02 -16.27 5.28
C ALA F 368 1.43 -17.05 6.46
N ALA F 369 0.60 -18.05 6.16
CA ALA F 369 0.09 -18.96 7.17
C ALA F 369 1.23 -19.85 7.63
N GLY F 370 1.82 -19.51 8.78
CA GLY F 370 2.99 -20.22 9.27
C GLY F 370 2.76 -21.70 9.48
N LEU F 371 1.90 -22.05 10.41
CA LEU F 371 1.63 -23.45 10.68
C LEU F 371 0.14 -23.78 10.68
N THR F 372 -0.71 -22.88 11.18
CA THR F 372 -2.12 -23.20 11.33
C THR F 372 -2.95 -22.72 10.14
N ALA F 373 -3.01 -21.41 9.93
CA ALA F 373 -3.84 -20.81 8.90
C ALA F 373 -3.63 -19.30 8.92
N ALA F 374 -4.22 -18.63 7.94
CA ALA F 374 -4.18 -17.17 7.87
C ALA F 374 -5.32 -16.67 7.01
N VAL F 375 -5.63 -15.39 7.15
CA VAL F 375 -6.65 -14.71 6.36
C VAL F 375 -5.96 -13.65 5.51
N VAL F 376 -6.15 -13.71 4.20
CA VAL F 376 -5.48 -12.84 3.26
C VAL F 376 -6.50 -12.10 2.42
N ARG F 377 -6.33 -10.80 2.27
CA ARG F 377 -7.14 -10.02 1.34
C ARG F 377 -6.82 -10.43 -0.09
N GLU F 378 -7.84 -10.37 -0.95
CA GLU F 378 -7.63 -10.64 -2.36
C GLU F 378 -6.78 -9.52 -2.97
N LYS F 379 -5.80 -9.92 -3.78
CA LYS F 379 -4.92 -8.95 -4.41
C LYS F 379 -5.68 -8.05 -5.38
N GLY F 380 -6.66 -8.61 -6.09
CA GLY F 380 -7.40 -7.86 -7.07
C GLY F 380 -8.63 -7.15 -6.52
N THR F 381 -9.48 -7.88 -5.81
CA THR F 381 -10.74 -7.35 -5.32
C THR F 381 -10.74 -6.95 -3.86
N GLY F 382 -9.71 -7.36 -3.10
CA GLY F 382 -9.67 -7.05 -1.68
C GLY F 382 -10.49 -7.95 -0.80
N GLU F 383 -11.17 -8.95 -1.36
CA GLU F 383 -12.00 -9.85 -0.58
C GLU F 383 -11.14 -10.75 0.30
N TYR F 384 -11.68 -11.11 1.46
CA TYR F 384 -10.98 -11.94 2.43
C TYR F 384 -11.23 -13.41 2.16
N TYR F 385 -10.17 -14.21 2.20
CA TYR F 385 -10.26 -15.65 2.05
C TYR F 385 -9.25 -16.31 2.98
N LEU F 386 -9.21 -17.63 2.97
CA LEU F 386 -8.42 -18.40 3.92
C LEU F 386 -7.27 -19.10 3.21
N GLU F 387 -6.12 -19.16 3.88
CA GLU F 387 -4.95 -19.89 3.39
C GLU F 387 -4.58 -20.94 4.42
N ALA F 388 -4.49 -22.19 3.96
CA ALA F 388 -4.21 -23.30 4.86
C ALA F 388 -2.75 -23.29 5.29
N GLY F 389 -2.51 -23.58 6.57
CA GLY F 389 -1.17 -23.70 7.10
C GLY F 389 -0.61 -25.09 6.92
N ALA F 390 0.58 -25.30 7.47
CA ALA F 390 1.24 -26.60 7.35
C ALA F 390 0.45 -27.68 8.06
N LEU F 391 -0.10 -27.38 9.24
CA LEU F 391 -0.85 -28.38 9.99
C LEU F 391 -2.12 -28.79 9.25
N VAL F 392 -2.82 -27.83 8.64
CA VAL F 392 -4.05 -28.14 7.93
C VAL F 392 -3.75 -28.98 6.69
N LEU F 393 -2.70 -28.62 5.94
CA LEU F 393 -2.36 -29.36 4.73
C LEU F 393 -1.92 -30.78 5.02
N ALA F 394 -1.49 -31.07 6.25
CA ALA F 394 -1.04 -32.40 6.63
C ALA F 394 -2.13 -33.23 7.28
N ASP F 395 -3.39 -32.79 7.17
CA ASP F 395 -4.49 -33.50 7.83
C ASP F 395 -4.56 -34.94 7.36
N GLY F 396 -4.68 -35.86 8.32
CA GLY F 396 -4.73 -37.27 8.04
C GLY F 396 -3.38 -37.92 7.81
N GLY F 397 -2.28 -37.18 7.92
CA GLY F 397 -0.95 -37.71 7.69
C GLY F 397 0.00 -37.30 8.79
N ILE F 398 1.24 -37.03 8.40
CA ILE F 398 2.31 -36.67 9.32
C ILE F 398 2.87 -35.31 8.92
N ALA F 399 3.10 -34.44 9.90
CA ALA F 399 3.68 -33.13 9.67
C ALA F 399 5.06 -33.10 10.33
N VAL F 400 6.10 -33.15 9.51
CA VAL F 400 7.48 -33.09 10.00
C VAL F 400 7.92 -31.64 9.97
N ILE F 401 8.25 -31.09 11.13
CA ILE F 401 8.57 -29.68 11.27
C ILE F 401 9.97 -29.59 11.88
N ASP F 402 10.98 -29.44 11.03
CA ASP F 402 12.32 -29.16 11.51
C ASP F 402 12.40 -27.74 12.05
N GLU F 403 13.27 -27.55 13.04
CA GLU F 403 13.51 -26.24 13.65
C GLU F 403 12.22 -25.66 14.22
N ILE F 404 11.71 -26.34 15.24
CA ILE F 404 10.46 -25.93 15.87
C ILE F 404 10.64 -24.76 16.83
N ASP F 405 11.88 -24.44 17.21
CA ASP F 405 12.10 -23.46 18.27
C ASP F 405 12.02 -22.01 17.80
N LYS F 406 11.88 -21.76 16.50
CA LYS F 406 11.78 -20.40 15.98
C LYS F 406 10.54 -20.26 15.11
N MET F 407 9.40 -20.73 15.61
CA MET F 407 8.14 -20.51 14.94
C MET F 407 7.72 -19.05 15.07
N ARG F 408 6.75 -18.66 14.24
CA ARG F 408 6.24 -17.29 14.29
C ARG F 408 5.56 -17.02 15.63
N ASP F 409 5.63 -15.76 16.08
CA ASP F 409 5.04 -15.40 17.36
C ASP F 409 3.52 -15.56 17.33
N GLU F 410 2.89 -15.35 16.17
CA GLU F 410 1.44 -15.55 16.07
C GLU F 410 1.07 -17.01 16.28
N ASP F 411 1.87 -17.94 15.76
CA ASP F 411 1.57 -19.35 15.88
C ASP F 411 1.89 -19.92 17.25
N ARG F 412 2.62 -19.19 18.09
CA ARG F 412 2.99 -19.72 19.40
C ARG F 412 1.79 -19.90 20.31
N VAL F 413 0.66 -19.27 20.01
CA VAL F 413 -0.55 -19.41 20.79
C VAL F 413 -1.56 -20.33 20.10
N ALA F 414 -1.73 -20.16 18.79
CA ALA F 414 -2.69 -20.97 18.06
C ALA F 414 -2.29 -22.43 17.99
N ILE F 415 -1.01 -22.74 18.19
CA ILE F 415 -0.56 -24.13 18.14
C ILE F 415 -1.09 -24.94 19.32
N HIS F 416 -1.51 -24.27 20.40
CA HIS F 416 -2.05 -24.99 21.55
C HIS F 416 -3.32 -25.74 21.18
N GLU F 417 -4.22 -25.11 20.43
CA GLU F 417 -5.45 -25.77 20.04
C GLU F 417 -5.20 -26.78 18.93
N ALA F 418 -4.32 -26.46 17.98
CA ALA F 418 -4.09 -27.35 16.85
C ALA F 418 -3.47 -28.67 17.28
N MET F 419 -2.58 -28.64 18.26
CA MET F 419 -1.90 -29.86 18.69
C MET F 419 -2.71 -30.70 19.66
N GLU F 420 -3.79 -30.16 20.22
CA GLU F 420 -4.62 -30.90 21.18
C GLU F 420 -6.03 -31.13 20.68
N GLN F 421 -6.74 -30.08 20.28
CA GLN F 421 -8.08 -30.21 19.74
C GLN F 421 -8.08 -30.52 18.25
N GLN F 422 -6.92 -30.39 17.59
CA GLN F 422 -6.76 -30.73 16.18
C GLN F 422 -7.69 -29.91 15.28
N THR F 423 -8.00 -28.69 15.69
CA THR F 423 -8.81 -27.78 14.91
C THR F 423 -8.17 -26.41 14.88
N VAL F 424 -8.46 -25.65 13.82
CA VAL F 424 -8.06 -24.26 13.69
C VAL F 424 -9.32 -23.42 13.55
N SER F 425 -9.49 -22.44 14.42
CA SER F 425 -10.69 -21.62 14.47
C SER F 425 -10.32 -20.17 14.11
N ILE F 426 -11.11 -19.58 13.22
CA ILE F 426 -10.89 -18.22 12.77
C ILE F 426 -12.17 -17.41 13.03
N ALA F 427 -12.01 -16.25 13.66
CA ALA F 427 -13.10 -15.32 13.91
C ALA F 427 -12.66 -13.90 13.62
N LYS F 428 -11.97 -13.70 12.51
CA LYS F 428 -11.32 -12.44 12.18
C LYS F 428 -11.83 -11.93 10.83
N ALA F 429 -11.96 -10.60 10.73
CA ALA F 429 -12.33 -9.93 9.48
C ALA F 429 -13.67 -10.43 8.96
N GLY F 430 -14.62 -10.67 9.87
CA GLY F 430 -15.95 -11.08 9.45
C GLY F 430 -16.06 -12.49 8.95
N ILE F 431 -15.03 -13.32 9.14
CA ILE F 431 -15.03 -14.70 8.67
C ILE F 431 -14.99 -15.62 9.88
N VAL F 432 -15.93 -16.55 9.94
CA VAL F 432 -15.98 -17.56 10.98
C VAL F 432 -15.80 -18.92 10.31
N ALA F 433 -14.76 -19.64 10.72
CA ALA F 433 -14.45 -20.92 10.10
C ALA F 433 -13.76 -21.82 11.11
N LYS F 434 -13.80 -23.12 10.83
CA LYS F 434 -13.16 -24.14 11.66
C LYS F 434 -12.60 -25.21 10.75
N LEU F 435 -11.28 -25.38 10.80
CA LEU F 435 -10.57 -26.29 9.90
C LEU F 435 -9.96 -27.43 10.69
N ASN F 436 -10.12 -28.66 10.18
CA ASN F 436 -9.54 -29.82 10.83
C ASN F 436 -8.03 -29.85 10.63
N ALA F 437 -7.31 -30.27 11.66
CA ALA F 437 -5.85 -30.37 11.61
C ALA F 437 -5.38 -31.66 12.27
N ARG F 438 -6.07 -32.77 11.98
CA ARG F 438 -5.75 -34.06 12.60
C ARG F 438 -4.49 -34.61 11.95
N ALA F 439 -3.35 -34.11 12.41
CA ALA F 439 -2.06 -34.51 11.87
C ALA F 439 -1.08 -34.76 13.02
N ALA F 440 -0.40 -35.89 12.98
CA ALA F 440 0.67 -36.16 13.94
C ALA F 440 1.85 -35.25 13.66
N VAL F 441 2.45 -34.72 14.72
CA VAL F 441 3.52 -33.73 14.61
C VAL F 441 4.82 -34.36 15.10
N ILE F 442 5.83 -34.32 14.24
CA ILE F 442 7.19 -34.73 14.59
C ILE F 442 8.09 -33.53 14.39
N ALA F 443 8.67 -33.01 15.46
CA ALA F 443 9.44 -31.78 15.42
C ALA F 443 10.81 -31.99 16.05
N ALA F 444 11.77 -31.21 15.58
CA ALA F 444 13.12 -31.21 16.10
C ALA F 444 13.57 -29.78 16.37
N GLY F 445 14.24 -29.57 17.49
CA GLY F 445 14.69 -28.24 17.86
C GLY F 445 16.04 -28.21 18.53
N ASN F 446 16.85 -27.21 18.18
CA ASN F 446 18.16 -27.09 18.77
C ASN F 446 18.07 -26.54 20.18
N PRO F 447 19.01 -26.93 21.06
CA PRO F 447 19.02 -26.35 22.41
C PRO F 447 19.26 -24.85 22.36
N LYS F 448 18.64 -24.14 23.32
CA LYS F 448 18.75 -22.69 23.34
C LYS F 448 20.13 -22.21 23.76
N PHE F 449 20.96 -23.09 24.32
CA PHE F 449 22.31 -22.73 24.76
C PHE F 449 23.38 -23.42 23.91
N GLY F 450 23.08 -23.72 22.65
CA GLY F 450 24.02 -24.39 21.80
C GLY F 450 24.14 -25.88 22.10
N ARG F 451 24.62 -26.20 23.29
CA ARG F 451 24.73 -27.57 23.75
C ARG F 451 23.76 -27.81 24.90
N TYR F 452 23.16 -28.99 24.92
CA TYR F 452 22.19 -29.33 25.96
C TYR F 452 22.85 -29.39 27.33
N ILE F 453 22.11 -28.96 28.35
CA ILE F 453 22.56 -28.98 29.73
C ILE F 453 21.71 -30.01 30.48
N SER F 454 22.37 -30.97 31.11
CA SER F 454 21.65 -32.06 31.76
C SER F 454 20.99 -31.60 33.05
N GLU F 455 21.69 -30.79 33.84
CA GLU F 455 21.15 -30.38 35.14
C GLU F 455 19.96 -29.46 34.99
N ARG F 456 19.93 -28.63 33.95
CA ARG F 456 18.81 -27.73 33.75
C ARG F 456 17.57 -28.50 33.30
N PRO F 457 16.37 -27.99 33.60
CA PRO F 457 15.14 -28.65 33.12
C PRO F 457 14.99 -28.58 31.61
N VAL F 458 13.90 -29.15 31.10
CA VAL F 458 13.70 -29.17 29.66
C VAL F 458 13.10 -27.86 29.16
N SER F 459 12.27 -27.21 29.97
CA SER F 459 11.59 -25.99 29.52
C SER F 459 12.58 -24.88 29.20
N ASP F 460 13.60 -24.71 30.05
CA ASP F 460 14.62 -23.70 29.83
C ASP F 460 15.77 -24.21 28.97
N ASN F 461 15.53 -25.23 28.16
CA ASN F 461 16.55 -25.77 27.26
C ASN F 461 16.12 -25.79 25.80
N ILE F 462 14.86 -25.48 25.48
CA ILE F 462 14.35 -25.62 24.13
C ILE F 462 13.65 -24.33 23.71
N ASN F 463 13.41 -23.44 24.66
CA ASN F 463 12.72 -22.17 24.42
C ASN F 463 11.30 -22.41 23.90
N LEU F 464 10.54 -23.14 24.69
CA LEU F 464 9.12 -23.38 24.43
C LEU F 464 8.37 -23.33 25.75
N PRO F 465 7.10 -22.90 25.72
CA PRO F 465 6.33 -22.86 26.96
C PRO F 465 6.13 -24.26 27.52
N PRO F 466 6.09 -24.40 28.85
CA PRO F 466 5.88 -25.73 29.44
C PRO F 466 4.55 -26.35 29.05
N THR F 467 3.54 -25.54 28.71
CA THR F 467 2.26 -26.10 28.28
C THR F 467 2.42 -26.89 26.99
N ILE F 468 3.26 -26.40 26.08
CA ILE F 468 3.50 -27.11 24.82
C ILE F 468 4.16 -28.46 25.10
N LEU F 469 5.06 -28.50 26.07
CA LEU F 469 5.76 -29.75 26.39
C LEU F 469 4.78 -30.83 26.84
N SER F 470 3.74 -30.44 27.57
CA SER F 470 2.73 -31.40 28.00
C SER F 470 1.96 -32.00 26.83
N ARG F 471 1.96 -31.34 25.68
CA ARG F 471 1.24 -31.85 24.52
C ARG F 471 2.04 -32.86 23.72
N PHE F 472 3.30 -33.10 24.05
CA PHE F 472 4.15 -34.05 23.35
C PHE F 472 4.13 -35.37 24.11
N ASP F 473 3.74 -36.44 23.42
CA ASP F 473 3.67 -37.75 24.06
C ASP F 473 5.04 -38.22 24.51
N LEU F 474 6.07 -38.01 23.69
CA LEU F 474 7.42 -38.43 24.02
C LEU F 474 8.40 -37.33 23.63
N ILE F 475 9.43 -37.16 24.47
CA ILE F 475 10.50 -36.20 24.22
C ILE F 475 11.83 -36.93 24.37
N PHE F 476 12.72 -36.73 23.42
CA PHE F 476 14.02 -37.39 23.42
C PHE F 476 15.13 -36.35 23.25
N ILE F 477 16.25 -36.59 23.92
CA ILE F 477 17.40 -35.69 23.89
C ILE F 477 18.56 -36.43 23.23
N LEU F 478 19.16 -35.79 22.24
CA LEU F 478 20.32 -36.33 21.54
C LEU F 478 21.54 -35.50 21.88
N LYS F 479 22.57 -36.14 22.42
CA LYS F 479 23.79 -35.47 22.84
C LYS F 479 24.97 -36.03 22.07
N ASP F 480 25.82 -35.15 21.57
CA ASP F 480 27.03 -35.55 20.85
C ASP F 480 28.13 -35.79 21.88
N GLN F 481 28.09 -36.97 22.48
CA GLN F 481 29.05 -37.32 23.51
C GLN F 481 30.39 -37.67 22.89
N PRO F 482 31.48 -36.99 23.25
CA PRO F 482 32.80 -37.31 22.69
C PRO F 482 33.47 -38.49 23.39
N GLY F 483 32.80 -39.64 23.36
CA GLY F 483 33.30 -40.84 24.00
C GLY F 483 34.12 -41.69 23.06
N GLU F 484 34.20 -42.99 23.38
CA GLU F 484 34.92 -43.93 22.54
C GLU F 484 34.31 -44.07 21.17
N GLN F 485 33.01 -43.79 21.03
CA GLN F 485 32.32 -43.95 19.76
C GLN F 485 32.82 -42.99 18.68
N ASP F 486 33.61 -41.98 19.05
CA ASP F 486 34.08 -41.01 18.07
C ASP F 486 34.86 -41.69 16.94
N ARG F 487 35.76 -42.62 17.29
CA ARG F 487 36.47 -43.36 16.26
C ARG F 487 35.51 -44.17 15.40
N GLU F 488 34.58 -44.88 16.05
CA GLU F 488 33.56 -45.59 15.29
C GLU F 488 32.69 -44.63 14.50
N LEU F 489 32.29 -43.52 15.11
CA LEU F 489 31.49 -42.53 14.40
C LEU F 489 32.26 -41.93 13.22
N ALA F 490 33.55 -41.63 13.43
CA ALA F 490 34.36 -41.12 12.33
C ALA F 490 34.49 -42.14 11.22
N ASN F 491 34.71 -43.41 11.57
CA ASN F 491 34.69 -44.46 10.56
C ASN F 491 33.31 -44.60 9.95
N TYR F 492 32.26 -44.52 10.78
CA TYR F 492 30.90 -44.63 10.27
C TYR F 492 30.59 -43.51 9.28
N ILE F 493 31.00 -42.28 9.60
CA ILE F 493 30.75 -41.15 8.71
C ILE F 493 31.43 -41.36 7.37
N LEU F 494 32.70 -41.78 7.40
CA LEU F 494 33.42 -42.02 6.16
C LEU F 494 32.86 -43.23 5.41
N ASP F 495 32.37 -44.24 6.14
CA ASP F 495 31.75 -45.37 5.48
C ASP F 495 30.49 -44.96 4.73
N VAL F 496 29.72 -44.02 5.28
CA VAL F 496 28.56 -43.50 4.58
C VAL F 496 29.00 -42.76 3.32
N HIS F 497 30.14 -42.07 3.39
CA HIS F 497 30.67 -41.38 2.22
C HIS F 497 31.02 -42.37 1.11
N SER F 498 31.64 -43.48 1.48
CA SER F 498 31.97 -44.50 0.47
C SER F 498 30.71 -45.25 0.03
N GLY F 499 29.83 -45.59 0.98
CA GLY F 499 28.63 -46.33 0.66
C GLY F 499 28.57 -47.69 1.31
N LYS F 500 27.53 -47.93 2.11
CA LYS F 500 27.38 -49.19 2.81
C LYS F 500 25.91 -49.36 3.19
N SER F 501 25.53 -50.61 3.44
CA SER F 501 24.15 -50.93 3.80
C SER F 501 24.14 -52.14 4.71
N THR F 502 23.03 -52.31 5.42
CA THR F 502 22.85 -53.41 6.36
C THR F 502 22.04 -54.53 5.71
N LYS F 503 21.71 -55.56 6.49
CA LYS F 503 21.03 -56.74 5.99
C LYS F 503 19.83 -57.06 6.87
N ASN F 504 18.92 -57.85 6.31
CA ASN F 504 17.72 -58.33 7.00
C ASN F 504 16.87 -57.15 7.50
N ILE F 505 16.40 -56.35 6.56
CA ILE F 505 15.52 -55.23 6.83
C ILE F 505 14.34 -55.30 5.86
N ILE F 506 13.45 -54.32 5.96
CA ILE F 506 12.31 -54.18 5.07
C ILE F 506 12.47 -52.89 4.30
N ASP F 507 12.36 -52.96 2.98
CA ASP F 507 12.52 -51.77 2.14
C ASP F 507 11.38 -50.79 2.41
N ILE F 508 11.66 -49.51 2.10
CA ILE F 508 10.69 -48.46 2.36
C ILE F 508 9.42 -48.68 1.55
N ASP F 509 9.57 -49.16 0.32
CA ASP F 509 8.40 -49.35 -0.55
C ASP F 509 7.44 -50.38 0.04
N THR F 510 7.96 -51.51 0.51
CA THR F 510 7.09 -52.51 1.15
C THR F 510 6.62 -52.03 2.52
N LEU F 511 7.47 -51.30 3.24
CA LEU F 511 7.07 -50.77 4.53
C LEU F 511 5.96 -49.74 4.40
N ARG F 512 6.03 -48.90 3.36
CA ARG F 512 5.05 -47.82 3.21
C ARG F 512 3.64 -48.37 3.06
N LYS F 513 3.48 -49.39 2.22
CA LYS F 513 2.16 -49.99 2.05
C LYS F 513 1.74 -50.77 3.29
N TYR F 514 2.71 -51.28 4.06
CA TYR F 514 2.38 -51.96 5.31
C TYR F 514 1.78 -50.98 6.31
N ILE F 515 2.37 -49.79 6.44
CA ILE F 515 1.84 -48.78 7.35
C ILE F 515 0.46 -48.33 6.88
N ALA F 516 0.31 -48.11 5.57
CA ALA F 516 -0.97 -47.64 5.04
C ALA F 516 -2.07 -48.66 5.28
N TYR F 517 -1.78 -49.94 5.09
CA TYR F 517 -2.79 -50.97 5.32
C TYR F 517 -3.20 -51.02 6.79
N ALA F 518 -2.23 -50.92 7.70
CA ALA F 518 -2.54 -51.00 9.12
C ALA F 518 -3.41 -49.83 9.57
N ARG F 519 -3.11 -48.64 9.07
CA ARG F 519 -3.87 -47.45 9.47
C ARG F 519 -5.29 -47.44 8.93
N LYS F 520 -5.63 -48.35 8.00
CA LYS F 520 -6.94 -48.35 7.39
C LYS F 520 -7.83 -49.51 7.81
N TYR F 521 -7.28 -50.55 8.43
CA TYR F 521 -8.07 -51.73 8.74
C TYR F 521 -7.84 -52.27 10.14
N VAL F 522 -6.99 -51.66 10.96
CA VAL F 522 -6.70 -52.15 12.31
C VAL F 522 -7.17 -51.09 13.31
N THR F 523 -8.11 -51.47 14.17
CA THR F 523 -8.61 -50.61 15.23
C THR F 523 -8.59 -51.42 16.53
N PRO F 524 -7.45 -51.46 17.21
CA PRO F 524 -7.34 -52.29 18.41
C PRO F 524 -8.26 -51.81 19.52
N LYS F 525 -8.69 -52.75 20.36
CA LYS F 525 -9.53 -52.47 21.50
C LYS F 525 -8.80 -52.79 22.79
N ILE F 526 -9.14 -52.07 23.85
CA ILE F 526 -8.48 -52.22 25.14
C ILE F 526 -9.15 -53.34 25.92
N THR F 527 -8.35 -54.26 26.46
CA THR F 527 -8.86 -55.33 27.28
C THR F 527 -8.75 -54.96 28.76
N SER F 528 -9.36 -55.78 29.61
CA SER F 528 -9.35 -55.52 31.04
C SER F 528 -7.94 -55.60 31.61
N GLU F 529 -7.15 -56.58 31.16
CA GLU F 529 -5.79 -56.72 31.67
C GLU F 529 -4.94 -55.51 31.34
N ALA F 530 -5.05 -55.01 30.10
CA ALA F 530 -4.33 -53.80 29.73
C ALA F 530 -4.84 -52.60 30.51
N LYS F 531 -6.15 -52.54 30.76
CA LYS F 531 -6.73 -51.43 31.50
C LYS F 531 -6.16 -51.35 32.91
N ASN F 532 -6.05 -52.50 33.60
CA ASN F 532 -5.54 -52.49 34.95
C ASN F 532 -4.07 -52.10 35.00
N LEU F 533 -3.28 -52.57 34.03
CA LEU F 533 -1.86 -52.26 34.02
C LEU F 533 -1.61 -50.76 33.84
N ILE F 534 -2.37 -50.14 32.94
CA ILE F 534 -2.16 -48.72 32.67
C ILE F 534 -2.59 -47.88 33.87
N THR F 535 -3.68 -48.27 34.54
CA THR F 535 -4.17 -47.52 35.69
C THR F 535 -3.13 -47.47 36.80
N ASP F 536 -2.49 -48.61 37.09
CA ASP F 536 -1.52 -48.65 38.17
C ASP F 536 -0.31 -47.79 37.86
N PHE F 537 0.17 -47.79 36.62
CA PHE F 537 1.33 -46.99 36.27
C PHE F 537 1.03 -45.50 36.38
N PHE F 538 -0.16 -45.07 35.94
CA PHE F 538 -0.49 -43.66 36.00
C PHE F 538 -0.54 -43.15 37.43
N VAL F 539 -1.14 -43.94 38.33
CA VAL F 539 -1.14 -43.58 39.75
C VAL F 539 0.28 -43.50 40.28
N GLU F 540 1.13 -44.46 39.88
CA GLU F 540 2.52 -44.44 40.29
C GLU F 540 3.25 -43.22 39.74
N MET F 541 2.97 -42.88 38.47
CA MET F 541 3.63 -41.71 37.87
C MET F 541 3.26 -40.43 38.59
N ARG F 542 1.99 -40.26 38.95
CA ARG F 542 1.55 -39.05 39.64
C ARG F 542 2.21 -38.95 41.02
N LYS F 543 2.33 -40.08 41.72
CA LYS F 543 2.91 -40.06 43.05
C LYS F 543 4.36 -39.60 43.02
N LYS F 544 5.14 -40.11 42.07
CA LYS F 544 6.56 -39.74 41.99
C LYS F 544 6.72 -38.26 41.71
N SER F 545 5.93 -37.72 40.79
CA SER F 545 6.01 -36.30 40.48
C SER F 545 5.54 -35.45 41.66
N SER F 546 4.56 -35.93 42.42
CA SER F 546 4.09 -35.18 43.58
C SER F 546 5.17 -35.06 44.64
N GLU F 547 5.95 -36.13 44.84
CA GLU F 547 6.98 -36.11 45.88
C GLU F 547 8.04 -35.05 45.57
N THR F 548 8.47 -34.96 44.32
CA THR F 548 9.47 -33.97 43.95
C THR F 548 8.81 -32.61 43.79
N PRO F 549 9.21 -31.60 44.55
CA PRO F 549 8.61 -30.26 44.38
C PRO F 549 9.16 -29.48 43.20
N ASP F 550 10.18 -30.00 42.51
CA ASP F 550 10.82 -29.34 41.39
C ASP F 550 10.94 -30.29 40.20
N SER F 551 9.83 -30.97 39.89
CA SER F 551 9.84 -31.92 38.79
C SER F 551 10.10 -31.19 37.47
N PRO F 552 11.01 -31.69 36.63
CA PRO F 552 11.29 -31.01 35.37
C PRO F 552 10.17 -31.11 34.35
N ILE F 553 9.21 -32.01 34.55
CA ILE F 553 8.11 -32.19 33.62
C ILE F 553 6.80 -32.25 34.40
N LEU F 554 5.71 -32.00 33.69
CA LEU F 554 4.37 -32.01 34.29
C LEU F 554 3.67 -33.32 33.97
N ILE F 555 3.07 -33.93 34.98
CA ILE F 555 2.32 -35.17 34.79
C ILE F 555 0.84 -34.87 34.86
N THR F 556 0.23 -34.63 33.71
CA THR F 556 -1.18 -34.31 33.57
C THR F 556 -1.95 -35.51 33.04
N PRO F 557 -3.29 -35.45 33.04
CA PRO F 557 -4.06 -36.54 32.42
C PRO F 557 -3.74 -36.76 30.96
N ARG F 558 -3.08 -35.81 30.29
CA ARG F 558 -2.60 -36.05 28.93
C ARG F 558 -1.66 -37.23 28.87
N GLN F 559 -0.87 -37.43 29.93
CA GLN F 559 0.05 -38.57 29.96
C GLN F 559 -0.70 -39.90 29.94
N LEU F 560 -1.85 -39.95 30.63
CA LEU F 560 -2.67 -41.16 30.60
C LEU F 560 -3.15 -41.46 29.20
N GLU F 561 -3.52 -40.42 28.44
CA GLU F 561 -3.93 -40.62 27.06
C GLU F 561 -2.76 -41.12 26.22
N ALA F 562 -1.55 -40.66 26.50
CA ALA F 562 -0.39 -41.11 25.76
C ALA F 562 -0.16 -42.61 25.95
N LEU F 563 -0.36 -43.10 27.17
CA LEU F 563 -0.23 -44.54 27.41
C LEU F 563 -1.23 -45.33 26.58
N ILE F 564 -2.47 -44.86 26.51
CA ILE F 564 -3.49 -45.55 25.72
C ILE F 564 -3.12 -45.51 24.23
N ARG F 565 -2.71 -44.35 23.74
CA ARG F 565 -2.37 -44.22 22.32
C ARG F 565 -1.16 -45.06 21.96
N ILE F 566 -0.12 -45.05 22.79
CA ILE F 566 1.10 -45.79 22.48
C ILE F 566 0.82 -47.28 22.46
N SER F 567 0.06 -47.78 23.44
CA SER F 567 -0.22 -49.20 23.50
C SER F 567 -1.01 -49.66 22.28
N GLU F 568 -1.93 -48.83 21.80
CA GLU F 568 -2.70 -49.18 20.61
C GLU F 568 -1.81 -49.26 19.38
N ALA F 569 -0.80 -48.39 19.29
CA ALA F 569 0.11 -48.42 18.15
C ALA F 569 0.89 -49.73 18.11
N TYR F 570 1.30 -50.23 19.28
CA TYR F 570 2.00 -51.51 19.32
C TYR F 570 1.12 -52.63 18.79
N ALA F 571 -0.16 -52.65 19.20
CA ALA F 571 -1.08 -53.64 18.67
C ALA F 571 -1.29 -53.44 17.17
N LYS F 572 -1.39 -52.18 16.73
CA LYS F 572 -1.54 -51.91 15.31
C LYS F 572 -0.30 -52.32 14.52
N MET F 573 0.87 -52.30 15.15
CA MET F 573 2.09 -52.68 14.46
C MET F 573 2.06 -54.16 14.06
N ALA F 574 1.48 -55.00 14.89
CA ALA F 574 1.35 -56.43 14.60
C ALA F 574 -0.02 -56.78 14.02
N LEU F 575 -0.81 -55.78 13.63
CA LEU F 575 -2.14 -55.98 13.07
C LEU F 575 -3.03 -56.77 14.03
N LYS F 576 -2.89 -56.50 15.33
CA LYS F 576 -3.68 -57.18 16.34
C LYS F 576 -5.05 -56.53 16.49
N ALA F 577 -6.07 -57.37 16.68
CA ALA F 577 -7.42 -56.86 16.85
C ALA F 577 -7.64 -56.26 18.23
N GLU F 578 -6.89 -56.74 19.24
CA GLU F 578 -7.06 -56.28 20.60
C GLU F 578 -5.70 -55.88 21.18
N VAL F 579 -5.75 -55.13 22.27
CA VAL F 579 -4.56 -54.75 23.03
C VAL F 579 -4.45 -55.70 24.21
N THR F 580 -3.31 -56.38 24.32
CA THR F 580 -3.07 -57.35 25.37
C THR F 580 -2.05 -56.81 26.37
N ARG F 581 -1.66 -57.66 27.32
CA ARG F 581 -0.69 -57.25 28.33
C ARG F 581 0.65 -56.91 27.70
N GLU F 582 1.08 -57.68 26.69
CA GLU F 582 2.38 -57.45 26.08
C GLU F 582 2.44 -56.06 25.44
N ASP F 583 1.37 -55.65 24.77
CA ASP F 583 1.33 -54.31 24.20
C ASP F 583 1.40 -53.24 25.28
N ALA F 584 0.66 -53.44 26.38
CA ALA F 584 0.69 -52.49 27.47
C ALA F 584 2.05 -52.43 28.14
N GLU F 585 2.69 -53.59 28.34
CA GLU F 585 3.99 -53.62 29.00
C GLU F 585 5.03 -52.87 28.20
N ARG F 586 5.02 -53.03 26.87
CA ARG F 586 5.93 -52.25 26.02
C ARG F 586 5.64 -50.76 26.12
N ALA F 587 4.37 -50.40 26.19
CA ALA F 587 4.00 -48.99 26.31
C ALA F 587 4.51 -48.40 27.61
N ILE F 588 4.42 -49.15 28.71
CA ILE F 588 4.94 -48.67 29.98
C ILE F 588 6.45 -48.51 29.91
N ASN F 589 7.15 -49.47 29.30
CA ASN F 589 8.60 -49.44 29.29
C ASN F 589 9.12 -48.24 28.50
N ILE F 590 8.54 -47.95 27.34
CA ILE F 590 9.02 -46.84 26.54
C ILE F 590 8.76 -45.52 27.25
N MET F 591 7.64 -45.42 27.97
CA MET F 591 7.39 -44.22 28.77
C MET F 591 8.38 -44.11 29.93
N ARG F 592 8.78 -45.25 30.51
CA ARG F 592 9.77 -45.22 31.57
C ARG F 592 11.09 -44.64 31.08
N LEU F 593 11.53 -45.04 29.88
CA LEU F 593 12.77 -44.51 29.33
C LEU F 593 12.65 -43.02 29.05
N PHE F 594 11.47 -42.58 28.60
CA PHE F 594 11.27 -41.16 28.33
C PHE F 594 11.41 -40.33 29.60
N LEU F 595 10.87 -40.81 30.72
CA LEU F 595 11.01 -40.09 31.98
C LEU F 595 12.44 -40.10 32.48
N GLU F 596 13.19 -41.17 32.20
CA GLU F 596 14.61 -41.18 32.56
C GLU F 596 15.38 -40.17 31.72
N SER F 597 15.02 -40.02 30.45
CA SER F 597 15.74 -39.11 29.56
C SER F 597 15.66 -37.68 30.05
N VAL F 598 14.48 -37.24 30.49
CA VAL F 598 14.32 -35.89 31.00
C VAL F 598 14.82 -35.73 32.42
N GLY F 599 15.16 -36.84 33.09
CA GLY F 599 15.70 -36.76 34.43
C GLY F 599 14.66 -36.88 35.52
N VAL F 600 13.81 -37.90 35.44
CA VAL F 600 12.79 -38.18 36.45
C VAL F 600 13.01 -39.58 36.98
N ASP F 601 13.14 -39.71 38.29
CA ASP F 601 13.35 -41.01 38.93
C ASP F 601 12.01 -41.73 39.00
N MET F 602 11.83 -42.69 38.10
CA MET F 602 10.57 -43.44 38.05
C MET F 602 10.56 -44.52 39.12
ZN ZN H . -14.41 -16.46 -48.61
MG MG I . 35.42 -2.83 4.02
PA 08T J . 39.39 -1.76 2.82
PB 08T J . 38.28 -2.90 5.26
BE 08T J . 36.28 -1.42 6.71
C5' 08T J . 41.07 0.22 3.19
O5' 08T J . 40.85 -1.11 2.66
C4' 08T J . 42.46 0.69 2.81
O4' 08T J . 43.43 -0.08 3.57
C3' 08T J . 42.86 0.51 1.34
O3' 08T J . 43.50 1.68 0.88
C2' 08T J . 43.86 -0.64 1.40
O2' 08T J . 44.77 -0.68 0.32
C1' 08T J . 44.53 -0.34 2.73
N1 08T J . 48.28 -3.77 2.02
O1A 08T J . 39.28 -2.95 1.93
O1B 08T J . 38.93 -3.74 6.31
F1 08T J . 35.25 -1.85 5.71
C2 08T J . 47.80 -2.79 1.25
O2A 08T J . 38.36 -0.68 2.70
O2B 08T J . 37.22 -3.48 4.39
F2 08T J . 36.16 0.05 7.07
N3 08T J . 46.82 -1.93 1.50
O3A 08T J . 39.43 -2.26 4.34
O3B 08T J . 37.68 -1.59 5.95
F3 08T J . 36.34 -2.31 7.92
C4 08T J . 46.29 -2.14 2.72
C5 08T J . 46.67 -3.11 3.62
C6 08T J . 47.73 -3.97 3.24
N6 08T J . 48.20 -4.93 4.02
N7 08T J . 45.90 -3.02 4.77
C8 08T J . 45.08 -2.03 4.55
N9 08T J . 45.27 -1.46 3.31
ZN ZN K . -3.37 1.06 -53.41
MG MG L . 25.10 24.51 11.07
PA 08T M . 26.40 28.60 11.06
PB 08T M . 27.12 26.28 12.67
BE 08T M . 25.19 24.80 14.22
C5' 08T M . 25.79 30.75 12.43
O5' 08T M . 26.66 30.13 11.46
C4' 08T M . 26.13 32.21 12.53
O4' 08T M . 27.43 32.34 13.18
C3' 08T M . 26.25 32.97 11.21
O3' 08T M . 25.63 34.25 11.33
C2' 08T M . 27.76 33.16 11.07
O2' 08T M . 28.14 34.23 10.23
C1' 08T M . 28.15 33.36 12.53
N1 08T M . 32.94 34.82 11.44
O1A 08T M . 24.93 28.33 11.02
O1B 08T M . 28.43 26.03 13.34
F1 08T M . 24.62 24.23 12.94
C2 08T M . 31.75 35.23 10.99
O2A 08T M . 27.22 28.24 9.86
O2B 08T M . 26.73 25.50 11.47
F2 08T M . 24.13 25.23 15.19
N3 08T M . 30.53 34.80 11.32
O3A 08T M . 27.02 27.84 12.33
O3B 08T M . 25.95 26.13 13.75
F3 08T M . 26.23 23.90 14.84
C4 08T M . 30.61 33.83 12.23
C5 08T M . 31.75 33.30 12.79
C6 08T M . 32.98 33.83 12.37
N6 08T M . 34.16 33.42 12.82
N7 08T M . 31.42 32.31 13.71
C8 08T M . 30.11 32.25 13.68
N9 08T M . 29.56 33.15 12.81
ZN ZN N . -11.56 19.40 -48.08
MG MG O . -1.41 26.99 25.11
PA 08T P . -3.86 30.13 26.90
PB 08T P . -1.37 28.84 27.66
BE 08T P . -1.11 26.00 28.11
C5' 08T P . -5.69 30.26 28.78
O5' 08T P . -4.82 30.98 27.85
C4' 08T P . -6.61 31.25 29.45
O4' 08T P . -5.82 32.09 30.34
C3' 08T P . -7.35 32.22 28.53
O3' 08T P . -8.72 32.30 28.92
C2' 08T P . -6.66 33.56 28.80
O2' 08T P . -7.46 34.69 28.51
C1' 08T P . -6.33 33.40 30.27
N1 08T P . -4.88 38.29 30.80
O1A 08T P . -4.58 28.90 26.44
O1B 08T P . -0.26 29.45 28.44
F1 08T P . -1.21 25.78 26.62
C2 08T P . -5.97 37.73 30.28
O2A 08T P . -3.26 31.03 25.88
O2B 08T P . -1.23 28.60 26.20
F2 08T P . -1.93 25.02 28.91
N3 08T P . -6.29 36.44 30.18
O3A 08T P . -2.70 29.69 27.91
O3B 08T P . -1.77 27.44 28.35
F3 08T P . 0.32 26.11 28.59
C4 08T P . -5.32 35.67 30.68
C5 08T P . -4.14 36.09 31.25
C6 08T P . -3.91 37.48 31.30
N6 08T P . -2.82 38.03 31.82
N7 08T P . -3.38 35.00 31.67
C8 08T P . -4.12 33.95 31.35
N9 08T P . -5.30 34.30 30.75
ZN ZN Q . -29.92 19.99 -38.33
MG MG R . -17.09 2.31 32.77
PA 08T S . -20.63 1.20 34.88
PB 08T S . -18.03 2.22 35.74
BE 08T S . -15.73 0.64 35.07
C5' 08T S . -21.56 -0.78 36.30
O5' 08T S . -21.75 0.57 35.83
C4' 08T S . -22.79 -1.22 37.05
O4' 08T S . -22.84 -0.53 38.32
C3' 08T S . -24.14 -0.93 36.37
O3' 08T S . -24.98 -2.08 36.45
C2' 08T S . -24.72 0.19 37.25
O2' 08T S . -26.13 0.27 37.21
C1' 08T S . -24.18 -0.22 38.61
N1 08T S . -27.01 3.23 41.13
O1A 08T S . -21.17 2.43 34.22
O1B 08T S . -17.62 2.95 36.97
F1 08T S . -15.79 1.17 33.65
C2 08T S . -27.33 2.30 40.22
O2A 08T S . -20.05 0.13 34.02
O2B 08T S . -17.96 2.90 34.41
F2 08T S . -15.46 -0.85 35.12
N3 08T S . -26.53 1.44 39.59
O3A 08T S . -19.53 1.67 35.95
O3B 08T S . -17.20 0.86 35.64
F3 08T S . -14.79 1.44 35.94
C4 08T S . -25.26 1.57 40.01
C5 08T S . -24.79 2.48 40.94
C6 08T S . -25.73 3.35 41.53
N6 08T S . -25.41 4.26 42.44
N7 08T S . -23.42 2.33 41.10
C8 08T S . -23.10 1.35 40.28
N9 08T S . -24.17 0.87 39.59
ZN ZN T . -40.41 2.72 -33.57
MG MG U . -6.75 -25.91 26.60
PA 08T V . -7.89 -29.98 27.37
PB 08T V . -6.86 -27.84 29.06
BE 08T V . -4.35 -26.51 28.55
C5' 08T V . -6.61 -32.25 27.62
O5' 08T V . -7.87 -31.54 27.72
C4' 08T V . -6.84 -33.71 27.93
O4' 08T V . -7.18 -33.84 29.35
C3' 08T V . -7.98 -34.41 27.19
O3' 08T V . -7.56 -35.71 26.77
C2' 08T V . -9.05 -34.56 28.26
O2' 08T V . -9.99 -35.59 28.02
C1' 08T V . -8.17 -34.82 29.48
N1 08T V . -12.19 -36.04 32.42
O1A 08T V . -9.30 -29.50 27.32
O1B 08T V . -7.10 -27.65 30.53
F1 08T V . -4.98 -25.78 27.39
C2 08T V . -11.84 -36.40 31.18
O2A 08T V . -7.01 -29.72 26.19
O2B 08T V . -7.53 -26.94 28.08
F2 08T V . -2.97 -27.03 28.25
N3 08T V . -10.78 -36.04 30.47
O3A 08T V . -7.20 -29.36 28.67
O3B 08T V . -5.29 -27.79 28.78
F3 08T V . -4.41 -25.72 29.83
C4 08T V . -10.00 -35.20 31.17
C5 08T V . -10.22 -34.74 32.44
C6 08T V . -11.39 -35.19 33.10
N6 08T V . -11.73 -34.82 34.33
N7 08T V . -9.19 -33.88 32.84
C8 08T V . -8.39 -33.86 31.81
N9 08T V . -8.83 -34.63 30.76
ZN ZN W . -32.85 -15.62 -38.80
#